data_6K7X
#
_entry.id   6K7X
#
_cell.length_a   1.00
_cell.length_b   1.00
_cell.length_c   1.00
_cell.angle_alpha   90.00
_cell.angle_beta   90.00
_cell.angle_gamma   90.00
#
_symmetry.space_group_name_H-M   'P 1'
#
loop_
_entity.id
_entity.type
_entity.pdbx_description
1 polymer 'Calcium uniporter protein, mitochondrial'
2 polymer 'Essential MCU regulator, mitochondrial'
3 non-polymer CARDIOLIPIN
4 non-polymer (9R,11S)-9-({[(1S)-1-HYDROXYHEXADECYL]OXY}METHYL)-2,2-DIMETHYL-5,7,10-TRIOXA-2LAMBDA~5~-AZA-6LAMBDA~5~-PHOSPHAOCTACOSANE-6,6,11-TRIOL
5 non-polymer 'CALCIUM ION'
#
loop_
_entity_poly.entity_id
_entity_poly.type
_entity_poly.pdbx_seq_one_letter_code
_entity_poly.pdbx_strand_id
1 'polypeptide(L)'
;DDVTVVYQNGLPVISVRLPSRRERCQFTLKPISDSVGVFLRQLQEEDRGIDRVAIYSPDGVRVAASTGIDLLLLDDFKLV
INDLTYHVRPPKRDLLSHENAATLNDVKTLVQQLYTTLCIEQHQLNKERELIERLEDLKEQLAPLEKVRIEISRKAEKRT
TLVLWGGLAYMATQFGILARLTWWEYSWDIMEPVTYFITYGSAMAMYAYFVMTRQEYVYPEARDRQYLLFFHKGAKKSRF
DLEKYNQLKDAIAQAEMDLKRLRDPLQVHLPLRQIG
;
C,A,B,D,K,L,M,N
2 'polypeptide(L)' VIVTRSGAILPKPVKMSFGLLRVFSIVIPFLYVGTLISKNFAALLEEHDIFVPE H,E,F,G,O,P,Q,R
#
loop_
_chem_comp.id
_chem_comp.type
_chem_comp.name
_chem_comp.formula
CA non-polymer 'CALCIUM ION' 'Ca 2'
CDL non-polymer CARDIOLIPIN 'C81 H156 O17 P2 -2'
PLX non-polymer (9R,11S)-9-({[(1S)-1-HYDROXYHEXADECYL]OXY}METHYL)-2,2-DIMETHYL-5,7,10-TRIOXA-2LAMBDA~5~-AZA-6LAMBDA~5~-PHOSPHAOCTACOSANE-6,6,11-TRIOL 'C42 H89 N O8 P 1'
#
# COMPACT_ATOMS: atom_id res chain seq x y z
N ASP A 1 1.72 -52.40 -1.12
CA ASP A 1 2.18 -51.59 -2.22
C ASP A 1 3.63 -51.17 -2.04
N ASP A 2 4.39 -51.23 -3.12
CA ASP A 2 5.78 -50.77 -3.16
C ASP A 2 5.85 -49.49 -3.97
N VAL A 3 7.06 -48.93 -4.06
CA VAL A 3 7.36 -47.86 -5.00
C VAL A 3 8.25 -48.47 -6.08
N THR A 4 7.77 -48.48 -7.30
CA THR A 4 8.46 -49.12 -8.41
C THR A 4 9.02 -48.07 -9.35
N VAL A 5 10.30 -48.18 -9.66
CA VAL A 5 10.95 -47.34 -10.66
C VAL A 5 11.30 -48.23 -11.85
N VAL A 6 10.66 -47.97 -12.99
CA VAL A 6 10.98 -48.70 -14.21
C VAL A 6 11.48 -47.70 -15.23
N TYR A 7 11.89 -48.19 -16.40
CA TYR A 7 12.39 -47.33 -17.47
C TYR A 7 11.52 -47.51 -18.71
N GLN A 8 10.96 -46.42 -19.20
CA GLN A 8 10.20 -46.42 -20.44
C GLN A 8 10.72 -45.31 -21.32
N ASN A 9 11.07 -45.67 -22.56
CA ASN A 9 11.56 -44.73 -23.60
C ASN A 9 12.80 -43.97 -23.15
N GLY A 10 13.64 -44.60 -22.34
CA GLY A 10 14.83 -43.96 -21.81
C GLY A 10 14.60 -43.05 -20.63
N LEU A 11 13.36 -42.87 -20.18
CA LEU A 11 13.09 -42.04 -19.02
C LEU A 11 12.62 -42.90 -17.85
N PRO A 12 13.02 -42.57 -16.63
CA PRO A 12 12.51 -43.30 -15.46
C PRO A 12 11.07 -42.91 -15.14
N VAL A 13 10.28 -43.92 -14.82
CA VAL A 13 8.89 -43.75 -14.41
C VAL A 13 8.77 -44.34 -13.01
N ILE A 14 8.39 -43.50 -12.06
CA ILE A 14 8.28 -43.90 -10.66
C ILE A 14 6.82 -43.87 -10.25
N SER A 15 6.34 -44.99 -9.70
CA SER A 15 4.91 -45.17 -9.44
C SER A 15 4.67 -45.21 -7.94
N VAL A 16 4.19 -44.10 -7.37
CA VAL A 16 4.05 -43.96 -5.94
C VAL A 16 2.57 -43.81 -5.61
N ARG A 17 2.19 -44.18 -4.38
CA ARG A 17 0.79 -44.20 -3.97
C ARG A 17 0.45 -42.93 -3.20
N LEU A 18 -0.54 -42.21 -3.67
CA LEU A 18 -0.97 -40.95 -3.08
C LEU A 18 -1.94 -41.23 -1.94
N PRO A 19 -1.91 -40.45 -0.86
CA PRO A 19 -2.68 -40.80 0.33
C PRO A 19 -4.16 -40.44 0.28
N SER A 20 -4.54 -39.35 -0.37
CA SER A 20 -5.89 -38.84 -0.19
C SER A 20 -6.93 -39.57 -1.01
N ARG A 21 -6.54 -40.27 -2.07
CA ARG A 21 -7.46 -41.11 -2.82
C ARG A 21 -7.06 -42.57 -2.82
N ARG A 22 -5.84 -42.88 -2.38
CA ARG A 22 -5.29 -44.24 -2.31
C ARG A 22 -5.32 -44.92 -3.68
N GLU A 23 -4.81 -44.20 -4.68
CA GLU A 23 -4.56 -44.75 -6.00
C GLU A 23 -3.15 -44.39 -6.41
N ARG A 24 -2.51 -45.27 -7.17
CA ARG A 24 -1.14 -45.02 -7.55
C ARG A 24 -1.07 -43.92 -8.61
N CYS A 25 0.13 -43.40 -8.81
CA CYS A 25 0.34 -42.31 -9.75
C CYS A 25 1.77 -42.41 -10.23
N GLN A 26 1.98 -42.38 -11.54
CA GLN A 26 3.30 -42.52 -12.11
C GLN A 26 3.84 -41.18 -12.56
N PHE A 27 5.09 -40.91 -12.19
CA PHE A 27 5.78 -39.66 -12.46
C PHE A 27 6.91 -39.96 -13.43
N THR A 28 6.96 -39.22 -14.53
CA THR A 28 8.03 -39.35 -15.50
C THR A 28 9.13 -38.36 -15.17
N LEU A 29 10.32 -38.86 -14.88
CA LEU A 29 11.43 -38.03 -14.47
C LEU A 29 12.41 -37.84 -15.63
N LYS A 30 13.03 -36.67 -15.66
CA LYS A 30 14.07 -36.39 -16.64
C LYS A 30 15.40 -36.36 -15.92
N PRO A 31 16.33 -37.26 -16.22
CA PRO A 31 17.50 -37.45 -15.34
C PRO A 31 18.50 -36.32 -15.35
N ILE A 32 18.50 -35.46 -16.36
CA ILE A 32 19.47 -34.37 -16.46
C ILE A 32 18.83 -33.03 -16.12
N SER A 33 17.67 -32.75 -16.68
CA SER A 33 17.05 -31.44 -16.51
C SER A 33 16.34 -31.27 -15.17
N ASP A 34 16.01 -32.35 -14.48
CA ASP A 34 15.21 -32.27 -13.26
C ASP A 34 16.05 -32.52 -12.02
N SER A 35 15.55 -32.02 -10.90
CA SER A 35 16.17 -32.13 -9.59
C SER A 35 15.24 -32.86 -8.64
N VAL A 36 15.68 -32.98 -7.39
CA VAL A 36 14.87 -33.69 -6.38
C VAL A 36 13.69 -32.82 -5.97
N GLY A 37 13.93 -31.54 -5.72
CA GLY A 37 12.90 -30.68 -5.20
C GLY A 37 11.80 -30.36 -6.21
N VAL A 38 12.08 -30.52 -7.50
CA VAL A 38 11.00 -30.34 -8.46
C VAL A 38 10.17 -31.61 -8.53
N PHE A 39 10.75 -32.77 -8.22
CA PHE A 39 9.97 -33.99 -8.15
C PHE A 39 9.08 -33.98 -6.91
N LEU A 40 9.59 -33.47 -5.79
CA LEU A 40 8.74 -33.33 -4.61
C LEU A 40 7.69 -32.26 -4.79
N ARG A 41 7.97 -31.23 -5.59
CA ARG A 41 6.95 -30.22 -5.86
C ARG A 41 5.85 -30.77 -6.76
N GLN A 42 6.20 -31.61 -7.74
CA GLN A 42 5.17 -32.30 -8.53
C GLN A 42 4.37 -33.27 -7.68
N LEU A 43 5.03 -33.92 -6.72
CA LEU A 43 4.35 -34.86 -5.84
C LEU A 43 3.38 -34.16 -4.90
N GLN A 44 3.70 -32.92 -4.51
CA GLN A 44 2.73 -32.16 -3.72
C GLN A 44 1.68 -31.48 -4.58
N GLU A 45 1.95 -31.28 -5.87
CA GLU A 45 0.94 -30.71 -6.74
C GLU A 45 -0.11 -31.74 -7.14
N GLU A 46 0.26 -33.02 -7.16
CA GLU A 46 -0.71 -34.02 -7.57
C GLU A 46 -1.73 -34.33 -6.48
N ASP A 47 -1.34 -34.16 -5.22
CA ASP A 47 -2.23 -34.40 -4.10
C ASP A 47 -1.91 -33.42 -3.00
N ARG A 48 -2.94 -32.70 -2.51
CA ARG A 48 -2.73 -31.68 -1.50
C ARG A 48 -2.67 -32.21 -0.08
N GLY A 49 -2.79 -33.53 0.11
CA GLY A 49 -2.67 -34.09 1.44
C GLY A 49 -1.28 -34.63 1.70
N ILE A 50 -0.29 -34.09 0.98
CA ILE A 50 1.10 -34.53 1.06
C ILE A 50 1.91 -33.36 1.62
N ASP A 51 1.38 -32.73 2.66
CA ASP A 51 2.04 -31.60 3.32
C ASP A 51 3.47 -31.90 3.79
N ARG A 52 3.77 -33.13 4.19
CA ARG A 52 5.08 -33.49 4.69
C ARG A 52 5.72 -34.47 3.71
N VAL A 53 6.77 -34.04 3.01
CA VAL A 53 7.54 -34.90 2.14
C VAL A 53 9.00 -34.81 2.56
N ALA A 54 9.73 -35.91 2.39
CA ALA A 54 11.19 -35.92 2.60
C ALA A 54 11.77 -37.06 1.78
N ILE A 55 13.08 -36.99 1.58
CA ILE A 55 13.77 -38.04 0.84
C ILE A 55 15.19 -38.22 1.38
N TYR A 56 15.51 -39.44 1.81
CA TYR A 56 16.71 -39.71 2.56
C TYR A 56 17.60 -40.71 1.85
N SER A 57 18.90 -40.47 1.93
CA SER A 57 19.88 -41.50 1.62
C SER A 57 19.73 -42.65 2.62
N PRO A 58 19.94 -43.91 2.20
CA PRO A 58 19.48 -45.05 3.01
C PRO A 58 20.26 -45.27 4.31
N ASP A 59 21.34 -44.54 4.55
CA ASP A 59 22.04 -44.61 5.82
C ASP A 59 21.49 -43.63 6.86
N GLY A 60 20.55 -42.78 6.49
CA GLY A 60 19.84 -41.92 7.42
C GLY A 60 19.97 -40.44 7.15
N VAL A 61 20.95 -40.02 6.36
CA VAL A 61 21.12 -38.59 6.11
C VAL A 61 20.12 -38.14 5.05
N ARG A 62 19.87 -36.83 5.01
CA ARG A 62 18.89 -36.25 4.10
C ARG A 62 19.55 -35.84 2.79
N VAL A 63 18.80 -35.97 1.70
CA VAL A 63 19.22 -35.52 0.39
C VAL A 63 18.77 -34.07 0.22
N ALA A 64 19.66 -33.22 -0.27
CA ALA A 64 19.37 -31.79 -0.40
C ALA A 64 18.40 -31.55 -1.55
N ALA A 65 17.99 -30.29 -1.68
CA ALA A 65 16.93 -29.93 -2.62
C ALA A 65 17.40 -30.01 -4.06
N SER A 66 18.46 -29.27 -4.40
CA SER A 66 18.90 -29.20 -5.79
C SER A 66 19.95 -30.25 -6.11
N THR A 67 19.65 -31.50 -5.78
CA THR A 67 20.44 -32.64 -6.21
C THR A 67 19.84 -33.19 -7.49
N GLY A 68 20.70 -33.51 -8.46
CA GLY A 68 20.22 -34.01 -9.73
C GLY A 68 19.58 -35.38 -9.60
N ILE A 69 18.65 -35.66 -10.52
CA ILE A 69 17.93 -36.93 -10.49
C ILE A 69 18.85 -38.09 -10.87
N ASP A 70 19.77 -37.87 -11.82
CA ASP A 70 20.67 -38.93 -12.26
C ASP A 70 21.64 -39.37 -11.17
N LEU A 71 21.98 -38.46 -10.25
CA LEU A 71 22.76 -38.85 -9.09
C LEU A 71 21.93 -39.64 -8.09
N LEU A 72 20.61 -39.44 -8.09
CA LEU A 72 19.76 -40.01 -7.04
C LEU A 72 19.55 -41.51 -7.22
N LEU A 73 19.26 -41.97 -8.44
CA LEU A 73 18.97 -43.38 -8.65
C LEU A 73 20.20 -44.25 -8.83
N LEU A 74 21.35 -43.85 -8.32
CA LEU A 74 22.49 -44.76 -8.35
C LEU A 74 22.32 -45.86 -7.31
N ASP A 75 22.20 -45.50 -6.05
CA ASP A 75 21.92 -46.45 -4.98
C ASP A 75 20.46 -46.32 -4.55
N ASP A 76 20.12 -46.96 -3.45
CA ASP A 76 18.76 -46.92 -2.92
C ASP A 76 18.46 -45.56 -2.31
N PHE A 77 17.20 -45.34 -1.96
CA PHE A 77 16.80 -44.20 -1.15
C PHE A 77 15.48 -44.52 -0.47
N LYS A 78 15.12 -43.66 0.47
CA LYS A 78 13.88 -43.77 1.22
C LYS A 78 13.03 -42.53 1.01
N LEU A 79 11.80 -42.73 0.57
CA LEU A 79 10.86 -41.65 0.31
C LEU A 79 9.87 -41.58 1.45
N VAL A 80 9.82 -40.45 2.14
CA VAL A 80 8.97 -40.28 3.31
C VAL A 80 7.79 -39.41 2.93
N ILE A 81 6.60 -39.99 2.97
CA ILE A 81 5.35 -39.28 2.88
C ILE A 81 4.85 -39.22 4.32
N ASN A 82 3.79 -38.43 4.57
CA ASN A 82 3.35 -37.86 5.85
C ASN A 82 3.58 -38.69 7.10
N ASP A 83 3.28 -39.99 7.02
CA ASP A 83 3.57 -40.91 8.09
C ASP A 83 4.31 -42.16 7.62
N LEU A 84 4.46 -42.37 6.33
CA LEU A 84 4.95 -43.62 5.78
C LEU A 84 6.34 -43.44 5.18
N THR A 85 7.15 -44.49 5.29
CA THR A 85 8.49 -44.50 4.70
C THR A 85 8.55 -45.65 3.71
N TYR A 86 8.64 -45.32 2.43
CA TYR A 86 8.82 -46.32 1.39
C TYR A 86 10.30 -46.47 1.07
N HIS A 87 10.73 -47.69 0.84
CA HIS A 87 12.13 -47.99 0.58
C HIS A 87 12.27 -48.30 -0.91
N VAL A 88 12.66 -47.30 -1.69
CA VAL A 88 12.66 -47.43 -3.14
C VAL A 88 13.90 -48.18 -3.57
N ARG A 89 13.75 -49.05 -4.56
CA ARG A 89 14.90 -49.73 -5.17
C ARG A 89 14.98 -49.44 -6.65
N PRO A 90 15.85 -48.53 -7.07
CA PRO A 90 15.99 -48.26 -8.50
C PRO A 90 16.73 -49.40 -9.18
N PRO A 91 16.39 -49.71 -10.43
CA PRO A 91 17.05 -50.83 -11.11
C PRO A 91 18.40 -50.39 -11.64
N LYS A 92 19.09 -51.33 -12.27
CA LYS A 92 20.41 -51.09 -12.83
C LYS A 92 20.26 -51.00 -14.34
N ARG A 93 20.70 -49.88 -14.90
CA ARG A 93 20.62 -49.63 -16.34
C ARG A 93 21.91 -50.11 -16.99
N ASP A 94 22.03 -51.43 -17.08
CA ASP A 94 23.26 -52.05 -17.56
C ASP A 94 23.32 -52.15 -19.08
N LEU A 95 22.43 -51.47 -19.79
CA LEU A 95 22.43 -51.48 -21.25
C LEU A 95 23.36 -50.38 -21.77
N LEU A 96 24.65 -50.58 -21.56
CA LEU A 96 25.68 -49.68 -22.06
C LEU A 96 26.52 -50.47 -23.04
N SER A 97 26.12 -50.41 -24.31
CA SER A 97 26.87 -51.06 -25.36
C SER A 97 27.80 -50.02 -25.96
N HIS A 98 29.06 -50.40 -26.18
CA HIS A 98 29.97 -49.49 -26.87
C HIS A 98 29.80 -49.65 -28.37
N GLU A 99 29.92 -50.88 -28.85
CA GLU A 99 29.56 -51.18 -30.22
C GLU A 99 28.04 -51.13 -30.34
N ASN A 100 27.56 -50.86 -31.56
CA ASN A 100 26.15 -50.62 -31.90
C ASN A 100 25.60 -49.42 -31.13
N ALA A 101 26.48 -48.47 -30.80
CA ALA A 101 26.08 -47.19 -30.23
C ALA A 101 26.80 -46.00 -30.85
N ALA A 102 27.77 -46.21 -31.73
CA ALA A 102 28.26 -45.16 -32.59
C ALA A 102 27.48 -45.08 -33.88
N THR A 103 26.53 -46.00 -34.06
CA THR A 103 25.54 -45.96 -35.10
C THR A 103 24.17 -45.54 -34.57
N LEU A 104 23.99 -45.55 -33.26
CA LEU A 104 22.82 -44.93 -32.68
C LEU A 104 22.98 -43.42 -32.52
N ASN A 105 24.21 -42.95 -32.31
CA ASN A 105 24.43 -41.51 -32.19
C ASN A 105 24.22 -40.74 -33.49
N ASP A 106 24.52 -41.33 -34.65
CA ASP A 106 24.27 -40.61 -35.89
C ASP A 106 22.77 -40.52 -36.23
N VAL A 107 22.00 -41.58 -35.98
CA VAL A 107 20.57 -41.50 -36.21
C VAL A 107 19.93 -40.54 -35.22
N LYS A 108 20.41 -40.55 -33.96
CA LYS A 108 19.87 -39.61 -32.98
C LYS A 108 20.24 -38.17 -33.31
N THR A 109 21.37 -37.94 -33.98
CA THR A 109 21.69 -36.57 -34.38
C THR A 109 21.12 -36.21 -35.74
N LEU A 110 20.61 -37.18 -36.49
CA LEU A 110 19.89 -36.88 -37.72
C LEU A 110 18.44 -36.52 -37.43
N VAL A 111 17.84 -37.19 -36.44
CA VAL A 111 16.46 -36.89 -36.07
C VAL A 111 16.35 -35.49 -35.49
N GLN A 112 17.40 -35.03 -34.80
CA GLN A 112 17.41 -33.66 -34.28
C GLN A 112 17.49 -32.65 -35.41
N GLN A 113 18.29 -32.93 -36.44
CA GLN A 113 18.38 -32.02 -37.57
C GLN A 113 17.12 -32.06 -38.42
N LEU A 114 16.39 -33.16 -38.40
CA LEU A 114 15.11 -33.20 -39.10
C LEU A 114 14.02 -32.48 -38.34
N TYR A 115 14.06 -32.51 -37.01
CA TYR A 115 13.08 -31.80 -36.21
C TYR A 115 13.33 -30.30 -36.20
N THR A 116 14.61 -29.91 -36.26
CA THR A 116 14.98 -28.51 -36.19
C THR A 116 14.44 -27.74 -37.38
N THR A 117 14.57 -28.28 -38.58
CA THR A 117 14.07 -27.59 -39.76
C THR A 117 12.56 -27.57 -39.82
N LEU A 118 11.89 -28.50 -39.14
CA LEU A 118 10.44 -28.41 -39.05
C LEU A 118 10.04 -27.31 -38.08
N CYS A 119 10.86 -27.00 -37.08
CA CYS A 119 10.43 -25.99 -36.11
C CYS A 119 11.39 -24.82 -35.97
N ILE A 120 11.86 -24.26 -37.08
CA ILE A 120 12.80 -23.15 -37.02
C ILE A 120 12.25 -21.85 -37.59
N GLU A 121 11.24 -21.87 -38.46
CA GLU A 121 10.80 -20.59 -38.99
C GLU A 121 9.68 -19.99 -38.15
N GLN A 122 8.91 -20.82 -37.45
CA GLN A 122 7.96 -20.29 -36.48
C GLN A 122 8.63 -19.96 -35.15
N HIS A 123 9.86 -20.41 -34.94
CA HIS A 123 10.61 -20.02 -33.75
C HIS A 123 11.27 -18.66 -33.92
N GLN A 124 11.82 -18.41 -35.10
CA GLN A 124 12.50 -17.16 -35.41
C GLN A 124 11.55 -16.04 -35.80
N LEU A 125 10.24 -16.23 -35.64
CA LEU A 125 9.31 -15.12 -35.65
C LEU A 125 8.91 -14.72 -34.24
N ASN A 126 8.76 -15.69 -33.34
CA ASN A 126 8.56 -15.39 -31.93
C ASN A 126 9.78 -14.69 -31.34
N LYS A 127 10.98 -15.14 -31.71
CA LYS A 127 12.18 -14.46 -31.24
C LYS A 127 12.31 -13.08 -31.86
N GLU A 128 11.85 -12.91 -33.11
CA GLU A 128 11.91 -11.59 -33.74
C GLU A 128 11.01 -10.58 -33.05
N ARG A 129 9.76 -10.97 -32.77
CA ARG A 129 8.88 -10.03 -32.11
C ARG A 129 9.26 -9.80 -30.65
N GLU A 130 9.87 -10.81 -30.00
CA GLU A 130 10.36 -10.59 -28.65
C GLU A 130 11.57 -9.66 -28.64
N LEU A 131 12.39 -9.71 -29.69
CA LEU A 131 13.51 -8.78 -29.80
C LEU A 131 13.04 -7.37 -30.06
N ILE A 132 12.01 -7.20 -30.90
CA ILE A 132 11.48 -5.86 -31.15
C ILE A 132 10.83 -5.28 -29.91
N GLU A 133 10.12 -6.11 -29.14
CA GLU A 133 9.50 -5.63 -27.90
C GLU A 133 10.54 -5.29 -26.84
N ARG A 134 11.62 -6.07 -26.75
CA ARG A 134 12.66 -5.73 -25.78
C ARG A 134 13.46 -4.52 -26.22
N LEU A 135 13.62 -4.32 -27.53
CA LEU A 135 14.34 -3.14 -28.01
C LEU A 135 13.55 -1.87 -27.72
N GLU A 136 12.26 -1.88 -28.00
CA GLU A 136 11.46 -0.70 -27.71
C GLU A 136 11.14 -0.54 -26.23
N ASP A 137 11.44 -1.53 -25.39
CA ASP A 137 11.40 -1.28 -23.97
C ASP A 137 12.72 -0.72 -23.44
N LEU A 138 13.84 -1.22 -23.95
CA LEU A 138 15.16 -0.73 -23.56
C LEU A 138 15.38 0.72 -23.99
N LYS A 139 14.82 1.11 -25.13
CA LYS A 139 14.96 2.51 -25.55
C LYS A 139 14.23 3.46 -24.61
N GLU A 140 13.04 3.08 -24.16
CA GLU A 140 12.30 3.95 -23.23
C GLU A 140 12.89 3.89 -21.84
N GLN A 141 13.59 2.82 -21.49
CA GLN A 141 14.28 2.82 -20.21
C GLN A 141 15.57 3.62 -20.27
N LEU A 142 16.19 3.73 -21.45
CA LEU A 142 17.41 4.50 -21.59
C LEU A 142 17.15 6.00 -21.71
N ALA A 143 16.04 6.37 -22.36
CA ALA A 143 15.81 7.77 -22.72
C ALA A 143 15.76 8.80 -21.58
N PRO A 144 15.42 8.48 -20.32
CA PRO A 144 15.68 9.46 -19.26
C PRO A 144 17.16 9.67 -18.96
N LEU A 145 17.99 8.64 -19.05
CA LEU A 145 19.40 8.78 -18.73
C LEU A 145 20.19 9.50 -19.82
N GLU A 146 19.65 9.55 -21.04
CA GLU A 146 20.39 10.14 -22.15
C GLU A 146 20.53 11.66 -21.99
N LYS A 147 19.46 12.36 -21.59
CA LYS A 147 19.56 13.80 -21.41
C LYS A 147 20.43 14.17 -20.23
N VAL A 148 20.59 13.27 -19.26
CA VAL A 148 21.55 13.53 -18.21
C VAL A 148 22.96 13.27 -18.73
N ARG A 149 23.13 12.29 -19.63
CA ARG A 149 24.47 11.98 -20.13
C ARG A 149 25.00 13.07 -21.05
N ILE A 150 24.13 13.70 -21.84
CA ILE A 150 24.58 14.74 -22.76
C ILE A 150 25.06 15.97 -22.01
N GLU A 151 24.42 16.30 -20.90
CA GLU A 151 24.81 17.49 -20.14
C GLU A 151 26.04 17.28 -19.26
N ILE A 152 26.63 16.09 -19.25
CA ILE A 152 27.90 15.86 -18.57
C ILE A 152 28.98 15.86 -19.63
N SER A 153 28.64 15.39 -20.82
CA SER A 153 29.56 15.45 -21.94
C SER A 153 29.52 16.79 -22.67
N ARG A 154 28.90 17.81 -22.09
CA ARG A 154 29.02 19.17 -22.59
C ARG A 154 29.94 20.03 -21.73
N LYS A 155 29.94 19.81 -20.41
CA LYS A 155 30.94 20.45 -19.57
C LYS A 155 32.31 19.82 -19.76
N ALA A 156 32.35 18.51 -19.97
CA ALA A 156 33.62 17.82 -20.15
C ALA A 156 34.26 18.12 -21.50
N GLU A 157 33.51 18.66 -22.45
CA GLU A 157 34.10 19.08 -23.70
C GLU A 157 34.47 20.56 -23.70
N LYS A 158 33.82 21.36 -22.87
CA LYS A 158 34.23 22.75 -22.72
C LYS A 158 35.48 22.86 -21.87
N ARG A 159 35.63 21.97 -20.89
CA ARG A 159 36.86 21.95 -20.13
C ARG A 159 38.01 21.35 -20.92
N THR A 160 37.73 20.70 -22.05
CA THR A 160 38.78 20.17 -22.90
C THR A 160 39.17 21.18 -23.97
N THR A 161 38.23 22.02 -24.39
CA THR A 161 38.64 23.08 -25.29
C THR A 161 39.32 24.23 -24.57
N LEU A 162 39.10 24.37 -23.26
CA LEU A 162 39.95 25.32 -22.53
C LEU A 162 41.40 24.85 -22.44
N VAL A 163 41.65 23.55 -22.34
CA VAL A 163 43.02 23.05 -22.35
C VAL A 163 43.62 23.17 -23.74
N LEU A 164 42.83 22.86 -24.77
CA LEU A 164 43.35 22.92 -26.14
C LEU A 164 43.62 24.35 -26.59
N TRP A 165 42.85 25.33 -26.13
CA TRP A 165 43.22 26.70 -26.44
C TRP A 165 44.28 27.26 -25.51
N GLY A 166 44.39 26.75 -24.29
CA GLY A 166 45.45 27.29 -23.46
C GLY A 166 46.81 26.70 -23.73
N GLY A 167 46.88 25.64 -24.53
CA GLY A 167 48.18 25.19 -24.98
C GLY A 167 48.70 26.11 -26.06
N LEU A 168 47.81 26.53 -26.95
CA LEU A 168 48.18 27.49 -27.98
C LEU A 168 48.52 28.85 -27.38
N ALA A 169 47.78 29.25 -26.33
CA ALA A 169 48.11 30.50 -25.66
C ALA A 169 49.45 30.43 -24.92
N TYR A 170 49.81 29.27 -24.38
CA TYR A 170 51.12 29.14 -23.75
C TYR A 170 52.25 29.18 -24.76
N MET A 171 52.09 28.50 -25.90
CA MET A 171 53.13 28.56 -26.92
C MET A 171 53.27 29.96 -27.50
N ALA A 172 52.17 30.69 -27.65
CA ALA A 172 52.26 32.04 -28.19
C ALA A 172 52.86 33.02 -27.19
N THR A 173 52.66 32.79 -25.89
CA THR A 173 53.32 33.71 -24.97
C THR A 173 54.78 33.33 -24.72
N GLN A 174 55.15 32.08 -24.94
CA GLN A 174 56.57 31.74 -24.87
C GLN A 174 57.33 32.28 -26.08
N PHE A 175 56.69 32.24 -27.25
CA PHE A 175 57.23 32.92 -28.43
C PHE A 175 57.39 34.41 -28.19
N GLY A 176 56.41 35.06 -27.56
CA GLY A 176 56.54 36.49 -27.34
C GLY A 176 57.54 36.86 -26.28
N ILE A 177 57.76 35.97 -25.30
CA ILE A 177 58.81 36.21 -24.31
C ILE A 177 60.19 36.13 -24.95
N LEU A 178 60.44 35.07 -25.71
CA LEU A 178 61.79 34.91 -26.28
C LEU A 178 62.05 35.94 -27.38
N ALA A 179 61.02 36.28 -28.16
CA ALA A 179 61.22 37.27 -29.20
C ALA A 179 61.35 38.68 -28.64
N ARG A 180 60.81 38.95 -27.46
CA ARG A 180 61.10 40.24 -26.85
C ARG A 180 62.51 40.25 -26.28
N LEU A 181 62.90 39.18 -25.61
CA LEU A 181 64.14 39.19 -24.87
C LEU A 181 65.35 38.90 -25.73
N THR A 182 65.16 38.55 -27.01
CA THR A 182 66.27 38.27 -27.90
C THR A 182 66.71 39.49 -28.70
N TRP A 183 65.78 40.31 -29.17
CA TRP A 183 66.15 41.45 -30.01
C TRP A 183 66.22 42.76 -29.27
N TRP A 184 65.66 42.87 -28.06
CA TRP A 184 65.56 44.15 -27.39
C TRP A 184 66.49 44.27 -26.18
N GLU A 185 66.37 43.39 -25.20
CA GLU A 185 67.13 43.58 -23.96
C GLU A 185 68.47 42.87 -23.99
N TYR A 186 68.47 41.55 -24.14
CA TYR A 186 69.70 40.77 -24.17
C TYR A 186 69.91 40.27 -25.59
N SER A 187 71.14 39.88 -25.91
CA SER A 187 71.41 39.47 -27.29
C SER A 187 71.05 38.01 -27.50
N TRP A 188 71.15 37.57 -28.76
CA TRP A 188 70.89 36.18 -29.08
C TRP A 188 71.98 35.26 -28.55
N ASP A 189 73.22 35.75 -28.46
CA ASP A 189 74.30 34.97 -27.87
C ASP A 189 74.10 34.74 -26.38
N ILE A 190 73.26 35.54 -25.73
CA ILE A 190 72.93 35.32 -24.34
C ILE A 190 71.71 34.41 -24.22
N MET A 191 70.78 34.51 -25.16
CA MET A 191 69.49 33.84 -25.06
C MET A 191 69.34 32.65 -26.00
N GLU A 192 70.44 32.10 -26.51
CA GLU A 192 70.39 30.83 -27.22
C GLU A 192 70.32 29.59 -26.31
N PRO A 193 71.15 29.45 -25.23
CA PRO A 193 71.04 28.22 -24.43
C PRO A 193 69.74 28.09 -23.67
N VAL A 194 69.05 29.19 -23.40
CA VAL A 194 67.72 29.12 -22.81
C VAL A 194 66.75 28.41 -23.74
N THR A 195 66.81 28.73 -25.03
CA THR A 195 65.96 28.05 -26.00
C THR A 195 66.36 26.58 -26.17
N TYR A 196 67.66 26.30 -26.14
CA TYR A 196 68.07 24.90 -26.26
C TYR A 196 67.62 24.06 -25.08
N PHE A 197 67.73 24.59 -23.85
CA PHE A 197 67.27 23.80 -22.73
C PHE A 197 65.76 23.80 -22.58
N ILE A 198 65.05 24.78 -23.15
CA ILE A 198 63.60 24.68 -23.28
C ILE A 198 63.24 23.50 -24.17
N THR A 199 63.95 23.35 -25.29
CA THR A 199 63.71 22.25 -26.22
C THR A 199 64.03 20.90 -25.57
N TYR A 200 65.13 20.81 -24.84
CA TYR A 200 65.48 19.55 -24.19
C TYR A 200 64.55 19.22 -23.02
N GLY A 201 64.07 20.23 -22.30
CA GLY A 201 63.10 19.99 -21.27
C GLY A 201 61.76 19.53 -21.80
N SER A 202 61.38 20.04 -22.97
CA SER A 202 60.17 19.52 -23.62
C SER A 202 60.36 18.08 -24.07
N ALA A 203 61.55 17.75 -24.58
CA ALA A 203 61.84 16.37 -24.97
C ALA A 203 61.97 15.43 -23.77
N MET A 204 62.18 15.98 -22.57
CA MET A 204 62.14 15.18 -21.36
C MET A 204 60.74 15.04 -20.78
N ALA A 205 59.92 16.09 -20.88
CA ALA A 205 58.55 16.00 -20.39
C ALA A 205 57.69 15.10 -21.27
N MET A 206 57.98 15.03 -22.56
CA MET A 206 57.25 14.11 -23.44
C MET A 206 57.57 12.65 -23.14
N TYR A 207 58.73 12.38 -22.53
CA TYR A 207 59.04 11.03 -22.09
C TYR A 207 58.49 10.74 -20.70
N ALA A 208 58.44 11.75 -19.83
CA ALA A 208 57.80 11.58 -18.53
C ALA A 208 56.29 11.34 -18.66
N TYR A 209 55.66 11.88 -19.72
CA TYR A 209 54.26 11.55 -19.98
C TYR A 209 54.09 10.07 -20.30
N PHE A 210 55.05 9.49 -21.00
CA PHE A 210 54.95 8.08 -21.34
C PHE A 210 55.24 7.22 -20.13
N VAL A 211 56.19 7.66 -19.31
CA VAL A 211 56.57 6.88 -18.10
C VAL A 211 55.42 6.94 -17.10
N MET A 212 54.56 7.96 -17.13
CA MET A 212 53.48 7.99 -16.16
C MET A 212 52.17 7.44 -16.68
N THR A 213 51.92 7.46 -17.98
CA THR A 213 50.60 7.08 -18.48
C THR A 213 50.60 5.81 -19.32
N ARG A 214 51.77 5.25 -19.62
CA ARG A 214 51.96 4.09 -20.50
C ARG A 214 51.35 4.31 -21.88
N GLN A 215 51.43 5.55 -22.34
CA GLN A 215 50.80 5.97 -23.57
C GLN A 215 51.67 7.04 -24.20
N GLU A 216 51.87 6.96 -25.50
CA GLU A 216 52.76 7.89 -26.18
C GLU A 216 52.08 9.25 -26.35
N TYR A 217 52.85 10.31 -26.18
CA TYR A 217 52.30 11.66 -26.23
C TYR A 217 52.10 12.07 -27.68
N VAL A 218 50.90 11.81 -28.20
CA VAL A 218 50.45 12.42 -29.42
C VAL A 218 49.24 13.28 -29.06
N TYR A 219 48.81 14.12 -30.02
CA TYR A 219 47.76 15.10 -29.72
C TYR A 219 46.39 14.48 -29.46
N PRO A 220 45.77 13.71 -30.38
CA PRO A 220 44.38 13.32 -30.13
C PRO A 220 44.21 12.25 -29.07
N GLU A 221 45.21 11.41 -28.83
CA GLU A 221 45.09 10.44 -27.75
C GLU A 221 45.18 11.10 -26.39
N ALA A 222 46.05 12.11 -26.25
CA ALA A 222 46.10 12.87 -25.02
C ALA A 222 44.84 13.70 -24.81
N ARG A 223 44.26 14.21 -25.90
CA ARG A 223 42.98 14.92 -25.78
C ARG A 223 41.86 14.00 -25.33
N ASP A 224 41.80 12.78 -25.89
CA ASP A 224 40.76 11.83 -25.48
C ASP A 224 40.97 11.37 -24.04
N ARG A 225 42.22 11.21 -23.60
CA ARG A 225 42.48 10.82 -22.23
C ARG A 225 42.08 11.90 -21.25
N GLN A 226 42.41 13.16 -21.55
CA GLN A 226 42.01 14.26 -20.69
C GLN A 226 40.50 14.45 -20.67
N TYR A 227 39.84 14.21 -21.81
CA TYR A 227 38.39 14.29 -21.87
C TYR A 227 37.75 13.23 -21.00
N LEU A 228 38.27 12.00 -21.05
CA LEU A 228 37.69 10.94 -20.23
C LEU A 228 37.94 11.18 -18.75
N LEU A 229 39.07 11.77 -18.39
CA LEU A 229 39.31 12.11 -16.99
C LEU A 229 38.42 13.25 -16.52
N PHE A 230 38.04 14.16 -17.40
CA PHE A 230 37.05 15.17 -17.04
C PHE A 230 35.66 14.57 -16.89
N PHE A 231 35.31 13.65 -17.80
CA PHE A 231 33.98 13.06 -17.78
C PHE A 231 33.78 12.19 -16.55
N HIS A 232 34.78 11.44 -16.16
CA HIS A 232 34.60 10.53 -15.04
C HIS A 232 34.66 11.22 -13.68
N LYS A 233 34.81 12.54 -13.64
CA LYS A 233 34.56 13.31 -12.43
C LYS A 233 33.31 14.16 -12.54
N GLY A 234 32.94 14.59 -13.75
CA GLY A 234 31.64 15.21 -13.93
C GLY A 234 30.50 14.24 -13.67
N ALA A 235 30.67 12.99 -14.07
CA ALA A 235 29.67 11.95 -13.84
C ALA A 235 29.74 11.37 -12.44
N LYS A 236 30.70 11.80 -11.63
CA LYS A 236 30.74 11.44 -10.21
C LYS A 236 30.21 12.54 -9.33
N LYS A 237 30.44 13.81 -9.70
CA LYS A 237 29.91 14.92 -8.92
C LYS A 237 28.39 14.99 -9.01
N SER A 238 27.83 14.77 -10.19
CA SER A 238 26.41 14.97 -10.42
C SER A 238 25.56 13.75 -10.09
N ARG A 239 26.13 12.75 -9.38
CA ARG A 239 25.44 11.54 -8.93
C ARG A 239 24.83 10.76 -10.09
N PHE A 240 25.69 10.29 -10.97
CA PHE A 240 25.30 9.62 -12.21
C PHE A 240 25.96 8.25 -12.25
N ASP A 241 25.16 7.21 -12.42
CA ASP A 241 25.67 5.84 -12.48
C ASP A 241 26.02 5.52 -13.93
N LEU A 242 27.31 5.29 -14.17
CA LEU A 242 27.75 4.92 -15.51
C LEU A 242 27.53 3.45 -15.79
N GLU A 243 27.39 2.63 -14.76
CA GLU A 243 27.30 1.19 -14.97
C GLU A 243 25.94 0.81 -15.54
N LYS A 244 24.88 1.42 -15.04
CA LYS A 244 23.56 1.16 -15.59
C LYS A 244 23.41 1.71 -16.99
N TYR A 245 24.08 2.82 -17.30
CA TYR A 245 24.04 3.37 -18.65
C TYR A 245 24.83 2.49 -19.62
N ASN A 246 25.94 1.92 -19.15
CA ASN A 246 26.71 1.04 -20.03
C ASN A 246 26.01 -0.30 -20.23
N GLN A 247 25.32 -0.80 -19.22
CA GLN A 247 24.59 -2.04 -19.42
C GLN A 247 23.25 -1.82 -20.09
N LEU A 248 22.76 -0.59 -20.16
CA LEU A 248 21.62 -0.25 -21.00
C LEU A 248 22.05 0.11 -22.41
N LYS A 249 23.34 0.29 -22.64
CA LYS A 249 23.84 0.61 -23.97
C LYS A 249 24.43 -0.58 -24.68
N ASP A 250 24.92 -1.58 -23.95
CA ASP A 250 25.38 -2.80 -24.59
C ASP A 250 24.25 -3.79 -24.82
N ALA A 251 23.19 -3.71 -24.03
CA ALA A 251 22.04 -4.58 -24.25
C ALA A 251 21.26 -4.18 -25.49
N ILE A 252 21.23 -2.88 -25.83
CA ILE A 252 20.57 -2.43 -27.05
C ILE A 252 21.34 -2.91 -28.28
N ALA A 253 22.67 -2.77 -28.27
CA ALA A 253 23.48 -3.24 -29.40
C ALA A 253 23.43 -4.76 -29.52
N GLN A 254 23.36 -5.48 -28.40
CA GLN A 254 23.22 -6.93 -28.45
C GLN A 254 21.85 -7.33 -28.99
N ALA A 255 20.80 -6.62 -28.59
CA ALA A 255 19.46 -6.95 -29.06
C ALA A 255 19.22 -6.56 -30.50
N GLU A 256 19.96 -5.60 -31.04
CA GLU A 256 19.74 -5.22 -32.43
C GLU A 256 20.79 -5.80 -33.37
N MET A 257 21.84 -6.44 -32.85
CA MET A 257 22.70 -7.25 -33.72
C MET A 257 22.03 -8.56 -34.09
N ASP A 258 21.31 -9.16 -33.13
CA ASP A 258 20.57 -10.38 -33.41
C ASP A 258 19.39 -10.13 -34.32
N LEU A 259 18.86 -8.89 -34.33
CA LEU A 259 17.76 -8.58 -35.22
C LEU A 259 18.21 -8.54 -36.68
N LYS A 260 19.46 -8.16 -36.93
CA LYS A 260 19.99 -8.20 -38.27
C LYS A 260 20.69 -9.51 -38.60
N ARG A 261 20.95 -10.36 -37.61
CA ARG A 261 21.28 -11.75 -37.91
C ARG A 261 20.07 -12.55 -38.37
N LEU A 262 18.86 -12.07 -38.09
CA LEU A 262 17.64 -12.69 -38.59
C LEU A 262 17.27 -12.21 -39.99
N ARG A 263 18.11 -11.41 -40.63
CA ARG A 263 17.80 -10.99 -42.00
C ARG A 263 18.01 -12.14 -42.97
N ASP A 264 19.03 -12.98 -42.74
CA ASP A 264 19.29 -14.12 -43.61
C ASP A 264 18.14 -15.13 -43.65
N PRO A 265 17.72 -15.76 -42.55
CA PRO A 265 16.72 -16.83 -42.70
C PRO A 265 15.29 -16.35 -42.81
N LEU A 266 15.04 -15.03 -42.79
CA LEU A 266 13.70 -14.51 -42.92
C LEU A 266 13.50 -13.63 -44.14
N GLN A 267 14.55 -13.12 -44.75
CA GLN A 267 14.43 -12.26 -45.93
C GLN A 267 14.87 -12.95 -47.21
N VAL A 268 15.97 -13.69 -47.17
CA VAL A 268 16.53 -14.33 -48.36
C VAL A 268 16.61 -15.85 -48.23
N HIS A 269 16.24 -16.40 -47.06
CA HIS A 269 16.15 -17.84 -46.79
C HIS A 269 17.50 -18.54 -46.97
N LEU A 270 18.54 -17.95 -46.41
CA LEU A 270 19.86 -18.53 -46.27
C LEU A 270 20.10 -18.92 -44.81
N PRO A 271 20.96 -19.89 -44.53
CA PRO A 271 21.22 -20.25 -43.12
C PRO A 271 22.00 -19.16 -42.42
N LEU A 272 21.58 -18.85 -41.20
CA LEU A 272 22.13 -17.72 -40.47
C LEU A 272 23.52 -18.04 -39.95
N ARG A 273 24.28 -17.00 -39.66
CA ARG A 273 25.66 -17.14 -39.26
C ARG A 273 25.78 -17.28 -37.76
N GLN A 274 26.82 -17.98 -37.31
CA GLN A 274 26.99 -18.27 -35.89
C GLN A 274 27.50 -17.04 -35.15
N ILE A 275 27.62 -17.19 -33.83
CA ILE A 275 28.09 -16.12 -32.96
C ILE A 275 29.60 -16.00 -33.16
N GLY A 276 30.02 -15.02 -33.97
CA GLY A 276 31.43 -14.83 -34.26
C GLY A 276 31.77 -15.03 -35.73
N ASP B 1 -21.25 -41.05 -28.35
CA ASP B 1 -20.13 -40.12 -28.27
C ASP B 1 -18.87 -40.82 -27.77
N ASP B 2 -17.74 -40.44 -28.36
CA ASP B 2 -16.46 -41.02 -28.00
C ASP B 2 -15.36 -40.02 -28.33
N VAL B 3 -14.28 -40.09 -27.56
CA VAL B 3 -13.17 -39.16 -27.72
C VAL B 3 -12.29 -39.65 -28.86
N THR B 4 -12.09 -38.80 -29.87
CA THR B 4 -11.39 -39.20 -31.08
C THR B 4 -10.13 -38.37 -31.27
N VAL B 5 -9.01 -39.03 -31.53
CA VAL B 5 -7.75 -38.36 -31.86
C VAL B 5 -7.49 -38.52 -33.35
N VAL B 6 -7.36 -37.41 -34.06
CA VAL B 6 -7.14 -37.40 -35.51
C VAL B 6 -5.97 -36.47 -35.79
N TYR B 7 -4.99 -36.95 -36.54
CA TYR B 7 -3.84 -36.11 -36.87
C TYR B 7 -4.20 -35.20 -38.02
N GLN B 8 -4.24 -33.89 -37.77
CA GLN B 8 -4.51 -32.89 -38.77
C GLN B 8 -3.37 -31.88 -38.77
N ASN B 9 -2.81 -31.63 -39.97
CA ASN B 9 -1.74 -30.66 -40.21
C ASN B 9 -0.48 -30.97 -39.40
N GLY B 10 -0.24 -32.24 -39.10
CA GLY B 10 0.90 -32.63 -38.30
C GLY B 10 0.70 -32.50 -36.81
N LEU B 11 -0.50 -32.13 -36.35
CA LEU B 11 -0.79 -31.99 -34.94
C LEU B 11 -1.97 -32.86 -34.55
N PRO B 12 -1.97 -33.45 -33.36
CA PRO B 12 -3.12 -34.24 -32.95
C PRO B 12 -4.28 -33.33 -32.54
N VAL B 13 -5.46 -33.63 -33.07
CA VAL B 13 -6.69 -32.94 -32.73
C VAL B 13 -7.55 -33.93 -31.97
N ILE B 14 -7.85 -33.63 -30.72
CA ILE B 14 -8.62 -34.51 -29.86
C ILE B 14 -10.00 -33.92 -29.67
N SER B 15 -11.02 -34.73 -29.93
CA SER B 15 -12.40 -34.30 -29.92
C SER B 15 -13.11 -34.99 -28.76
N VAL B 16 -13.61 -34.18 -27.83
CA VAL B 16 -14.27 -34.67 -26.63
C VAL B 16 -15.68 -34.11 -26.61
N ARG B 17 -16.49 -34.60 -25.66
CA ARG B 17 -17.84 -34.08 -25.45
C ARG B 17 -17.92 -33.45 -24.07
N LEU B 18 -18.28 -32.17 -24.03
CA LEU B 18 -18.32 -31.41 -22.79
C LEU B 18 -19.69 -31.53 -22.13
N PRO B 19 -19.76 -31.60 -20.79
CA PRO B 19 -21.00 -32.02 -20.16
C PRO B 19 -22.06 -30.95 -19.98
N SER B 20 -21.71 -29.66 -19.93
CA SER B 20 -22.70 -28.64 -19.58
C SER B 20 -23.70 -28.42 -20.71
N ARG B 21 -23.22 -27.93 -21.85
CA ARG B 21 -23.95 -28.04 -23.10
C ARG B 21 -23.41 -29.27 -23.79
N ARG B 22 -24.27 -30.25 -24.05
CA ARG B 22 -23.81 -31.55 -24.55
C ARG B 22 -23.39 -31.38 -26.01
N GLU B 23 -22.17 -30.87 -26.19
CA GLU B 23 -21.62 -30.59 -27.50
C GLU B 23 -20.17 -31.02 -27.50
N ARG B 24 -19.65 -31.27 -28.70
CA ARG B 24 -18.28 -31.72 -28.83
C ARG B 24 -17.35 -30.52 -29.01
N CYS B 25 -16.06 -30.75 -28.75
CA CYS B 25 -15.07 -29.71 -28.78
C CYS B 25 -13.76 -30.29 -29.29
N GLN B 26 -13.07 -29.51 -30.12
CA GLN B 26 -11.84 -29.92 -30.78
C GLN B 26 -10.66 -29.18 -30.18
N PHE B 27 -9.81 -29.89 -29.44
CA PHE B 27 -8.60 -29.33 -28.87
C PHE B 27 -7.42 -29.68 -29.74
N THR B 28 -6.66 -28.68 -30.15
CA THR B 28 -5.46 -28.87 -30.96
C THR B 28 -4.24 -28.85 -30.05
N LEU B 29 -3.64 -30.01 -29.87
CA LEU B 29 -2.53 -30.18 -28.95
C LEU B 29 -1.19 -30.07 -29.67
N LYS B 30 -0.21 -29.52 -28.99
CA LYS B 30 1.15 -29.45 -29.53
C LYS B 30 2.02 -30.37 -28.72
N PRO B 31 2.47 -31.51 -29.27
CA PRO B 31 3.02 -32.58 -28.42
C PRO B 31 4.41 -32.30 -27.87
N ILE B 32 5.17 -31.40 -28.47
CA ILE B 32 6.52 -31.18 -28.00
C ILE B 32 6.60 -30.20 -26.84
N SER B 33 5.59 -29.36 -26.65
CA SER B 33 5.67 -28.30 -25.64
C SER B 33 4.44 -28.25 -24.74
N ASP B 34 3.63 -29.30 -24.69
CA ASP B 34 2.46 -29.34 -23.83
C ASP B 34 2.52 -30.58 -22.95
N SER B 35 2.17 -30.42 -21.69
CA SER B 35 2.05 -31.53 -20.77
C SER B 35 0.59 -31.93 -20.64
N VAL B 36 0.33 -32.91 -19.76
CA VAL B 36 -1.04 -33.33 -19.49
C VAL B 36 -1.80 -32.23 -18.78
N GLY B 37 -1.15 -31.55 -17.84
CA GLY B 37 -1.78 -30.50 -17.05
C GLY B 37 -2.12 -29.25 -17.82
N VAL B 38 -1.59 -29.09 -19.03
CA VAL B 38 -2.03 -27.99 -19.89
C VAL B 38 -3.31 -28.36 -20.61
N PHE B 39 -3.40 -29.61 -21.08
CA PHE B 39 -4.60 -30.07 -21.75
C PHE B 39 -5.78 -30.18 -20.79
N LEU B 40 -5.52 -30.64 -19.55
CA LEU B 40 -6.62 -30.78 -18.60
C LEU B 40 -7.09 -29.44 -18.06
N ARG B 41 -6.31 -28.38 -18.21
CA ARG B 41 -6.82 -27.08 -17.82
C ARG B 41 -7.36 -26.29 -18.99
N GLN B 42 -6.95 -26.61 -20.23
CA GLN B 42 -7.73 -26.12 -21.37
C GLN B 42 -9.11 -26.76 -21.36
N LEU B 43 -9.18 -28.01 -20.89
CA LEU B 43 -10.45 -28.71 -20.81
C LEU B 43 -11.30 -28.17 -19.68
N GLN B 44 -10.68 -27.71 -18.59
CA GLN B 44 -11.50 -27.15 -17.53
C GLN B 44 -11.90 -25.70 -17.81
N GLU B 45 -11.08 -24.96 -18.56
CA GLU B 45 -11.40 -23.59 -18.90
C GLU B 45 -12.30 -23.48 -20.11
N GLU B 46 -12.62 -24.58 -20.77
CA GLU B 46 -13.59 -24.49 -21.86
C GLU B 46 -15.01 -24.72 -21.38
N ASP B 47 -15.22 -25.55 -20.37
CA ASP B 47 -16.56 -25.89 -19.91
C ASP B 47 -16.90 -25.28 -18.56
N ARG B 48 -15.99 -25.37 -17.59
CA ARG B 48 -16.05 -24.88 -16.21
C ARG B 48 -17.05 -25.61 -15.33
N GLY B 49 -17.83 -26.54 -15.87
CA GLY B 49 -18.58 -27.45 -15.05
C GLY B 49 -17.82 -28.71 -14.76
N ILE B 50 -16.62 -28.83 -15.33
CA ILE B 50 -15.74 -29.97 -15.14
C ILE B 50 -14.94 -29.72 -13.87
N ASP B 51 -15.33 -30.35 -12.76
CA ASP B 51 -14.65 -30.11 -11.49
C ASP B 51 -13.58 -31.15 -11.17
N ARG B 52 -13.65 -32.34 -11.77
CA ARG B 52 -12.69 -33.41 -11.49
C ARG B 52 -12.36 -34.11 -12.79
N VAL B 53 -11.20 -33.79 -13.37
CA VAL B 53 -10.78 -34.37 -14.64
C VAL B 53 -9.41 -35.01 -14.44
N ALA B 54 -9.24 -36.21 -14.99
CA ALA B 54 -7.97 -36.93 -14.83
C ALA B 54 -7.73 -37.83 -16.02
N ILE B 55 -6.47 -38.24 -16.18
CA ILE B 55 -6.06 -39.14 -17.25
C ILE B 55 -5.41 -40.35 -16.59
N TYR B 56 -5.93 -41.54 -16.88
CA TYR B 56 -5.45 -42.77 -16.29
C TYR B 56 -4.82 -43.65 -17.35
N SER B 57 -3.78 -44.38 -16.96
CA SER B 57 -3.23 -45.42 -17.81
C SER B 57 -4.22 -46.58 -17.92
N PRO B 58 -4.13 -47.40 -18.97
CA PRO B 58 -5.07 -48.53 -19.09
C PRO B 58 -4.91 -49.58 -18.01
N ASP B 59 -3.78 -49.63 -17.31
CA ASP B 59 -3.66 -50.48 -16.14
C ASP B 59 -4.42 -49.92 -14.94
N GLY B 60 -4.69 -48.61 -14.92
CA GLY B 60 -5.47 -48.00 -13.87
C GLY B 60 -4.75 -46.95 -13.05
N VAL B 61 -3.44 -46.77 -13.19
CA VAL B 61 -2.74 -45.79 -12.38
C VAL B 61 -2.88 -44.42 -13.02
N ARG B 62 -2.79 -43.37 -12.21
CA ARG B 62 -2.96 -42.02 -12.73
C ARG B 62 -1.71 -41.60 -13.47
N VAL B 63 -1.84 -40.60 -14.33
CA VAL B 63 -0.74 -40.01 -15.07
C VAL B 63 -0.58 -38.58 -14.59
N ALA B 64 0.61 -38.25 -14.09
CA ALA B 64 0.83 -36.96 -13.47
C ALA B 64 0.87 -35.84 -14.50
N ALA B 65 0.58 -34.63 -14.04
CA ALA B 65 0.35 -33.48 -14.92
C ALA B 65 1.63 -32.90 -15.51
N SER B 66 2.79 -33.48 -15.25
CA SER B 66 4.01 -33.06 -15.92
C SER B 66 4.42 -34.00 -17.04
N THR B 67 3.69 -35.09 -17.24
CA THR B 67 3.93 -35.98 -18.35
C THR B 67 3.57 -35.29 -19.66
N GLY B 68 4.48 -35.33 -20.64
CA GLY B 68 4.24 -34.70 -21.91
C GLY B 68 3.16 -35.41 -22.71
N ILE B 69 2.58 -34.66 -23.65
CA ILE B 69 1.52 -35.22 -24.49
C ILE B 69 2.09 -36.26 -25.45
N ASP B 70 3.32 -36.04 -25.91
CA ASP B 70 3.95 -36.96 -26.86
C ASP B 70 4.28 -38.30 -26.22
N LEU B 71 4.50 -38.33 -24.90
CA LEU B 71 4.62 -39.60 -24.21
C LEU B 71 3.27 -40.22 -23.92
N LEU B 72 2.22 -39.41 -23.89
CA LEU B 72 0.90 -39.92 -23.56
C LEU B 72 0.26 -40.60 -24.77
N LEU B 73 0.46 -40.05 -25.96
CA LEU B 73 -0.18 -40.54 -27.17
C LEU B 73 0.52 -41.74 -27.79
N LEU B 74 1.40 -42.42 -27.07
CA LEU B 74 2.00 -43.64 -27.58
C LEU B 74 1.27 -44.89 -27.13
N ASP B 75 0.16 -44.75 -26.41
CA ASP B 75 -0.62 -45.88 -25.91
C ASP B 75 -2.03 -45.37 -25.64
N ASP B 76 -2.93 -46.30 -25.36
CA ASP B 76 -4.30 -45.94 -25.00
C ASP B 76 -4.30 -45.29 -23.63
N PHE B 77 -5.39 -44.60 -23.31
CA PHE B 77 -5.57 -44.10 -21.95
C PHE B 77 -7.06 -43.94 -21.68
N LYS B 78 -7.38 -43.56 -20.45
CA LYS B 78 -8.75 -43.28 -20.06
C LYS B 78 -8.83 -41.83 -19.61
N LEU B 79 -9.90 -41.16 -20.00
CA LEU B 79 -10.10 -39.76 -19.65
C LEU B 79 -11.37 -39.66 -18.82
N VAL B 80 -11.23 -39.21 -17.57
CA VAL B 80 -12.35 -39.02 -16.67
C VAL B 80 -12.67 -37.54 -16.62
N ILE B 81 -13.93 -37.19 -16.91
CA ILE B 81 -14.33 -35.80 -17.05
C ILE B 81 -15.16 -35.30 -15.86
N ASN B 82 -16.25 -35.98 -15.53
CA ASN B 82 -16.79 -35.82 -14.19
C ASN B 82 -16.90 -37.15 -13.46
N ASP B 83 -17.65 -38.08 -14.03
CA ASP B 83 -17.80 -39.44 -13.56
C ASP B 83 -17.78 -40.43 -14.70
N LEU B 84 -17.79 -39.96 -15.94
CA LEU B 84 -17.77 -40.80 -17.11
C LEU B 84 -16.34 -41.00 -17.57
N THR B 85 -15.95 -42.24 -17.81
CA THR B 85 -14.60 -42.59 -18.23
C THR B 85 -14.67 -42.94 -19.71
N TYR B 86 -14.05 -42.10 -20.54
CA TYR B 86 -13.96 -42.37 -21.97
C TYR B 86 -12.64 -43.04 -22.27
N HIS B 87 -12.68 -44.17 -22.96
CA HIS B 87 -11.47 -44.92 -23.27
C HIS B 87 -10.89 -44.38 -24.56
N VAL B 88 -9.87 -43.52 -24.46
CA VAL B 88 -9.29 -42.90 -25.63
C VAL B 88 -8.26 -43.85 -26.23
N ARG B 89 -8.33 -44.03 -27.55
CA ARG B 89 -7.51 -44.96 -28.31
C ARG B 89 -6.89 -44.19 -29.45
N PRO B 90 -5.67 -43.68 -29.28
CA PRO B 90 -5.09 -42.82 -30.31
C PRO B 90 -4.60 -43.63 -31.49
N PRO B 91 -4.54 -43.03 -32.68
CA PRO B 91 -4.02 -43.76 -33.84
C PRO B 91 -2.51 -43.82 -33.80
N LYS B 92 -1.98 -44.98 -33.42
CA LYS B 92 -0.56 -45.14 -33.20
C LYS B 92 0.06 -45.89 -34.39
N ARG B 93 1.35 -45.67 -34.58
CA ARG B 93 2.06 -46.30 -35.66
C ARG B 93 2.59 -47.64 -35.13
N ASP B 94 3.19 -48.43 -36.00
CA ASP B 94 3.69 -49.72 -35.57
C ASP B 94 4.95 -49.57 -34.72
N LEU B 95 5.20 -50.59 -33.90
CA LEU B 95 6.43 -50.66 -33.14
C LEU B 95 7.24 -51.92 -33.44
N LEU B 96 6.77 -52.69 -34.41
CA LEU B 96 7.47 -53.92 -34.86
C LEU B 96 8.39 -53.53 -36.02
N SER B 97 7.85 -52.80 -37.00
CA SER B 97 8.62 -52.32 -38.14
C SER B 97 9.16 -50.93 -37.88
N HIS B 98 9.25 -50.54 -36.61
CA HIS B 98 9.77 -49.26 -36.18
C HIS B 98 11.25 -49.30 -35.88
N GLU B 99 12.00 -50.18 -36.53
CA GLU B 99 13.44 -50.03 -36.54
C GLU B 99 13.75 -48.70 -37.21
N ASN B 100 14.61 -47.92 -36.56
CA ASN B 100 14.77 -46.52 -36.92
C ASN B 100 15.37 -46.31 -38.30
N ALA B 101 16.16 -47.26 -38.79
CA ALA B 101 16.67 -47.11 -40.15
C ALA B 101 15.58 -47.37 -41.18
N ALA B 102 14.53 -48.10 -40.81
CA ALA B 102 13.40 -48.27 -41.71
C ALA B 102 12.47 -47.08 -41.66
N THR B 103 12.33 -46.47 -40.49
CA THR B 103 11.52 -45.28 -40.39
C THR B 103 12.19 -44.11 -41.09
N LEU B 104 13.52 -44.06 -41.04
CA LEU B 104 14.25 -43.08 -41.83
C LEU B 104 14.18 -43.39 -43.32
N ASN B 105 14.07 -44.67 -43.71
CA ASN B 105 13.84 -44.94 -45.11
C ASN B 105 12.43 -44.56 -45.55
N ASP B 106 11.49 -44.47 -44.61
CA ASP B 106 10.17 -43.95 -44.95
C ASP B 106 10.19 -42.44 -45.07
N VAL B 107 10.95 -41.76 -44.21
CA VAL B 107 11.08 -40.30 -44.31
C VAL B 107 11.84 -39.91 -45.58
N LYS B 108 12.87 -40.69 -45.94
CA LYS B 108 13.60 -40.44 -47.18
C LYS B 108 12.73 -40.66 -48.42
N THR B 109 11.94 -41.74 -48.46
CA THR B 109 11.06 -41.96 -49.60
C THR B 109 9.99 -40.88 -49.71
N LEU B 110 9.44 -40.44 -48.58
CA LEU B 110 8.39 -39.42 -48.65
C LEU B 110 8.94 -38.06 -49.07
N VAL B 111 10.10 -37.67 -48.54
CA VAL B 111 10.65 -36.37 -48.93
C VAL B 111 11.16 -36.40 -50.36
N GLN B 112 11.72 -37.52 -50.83
CA GLN B 112 12.13 -37.58 -52.23
C GLN B 112 10.94 -37.70 -53.17
N GLN B 113 9.78 -38.10 -52.66
CA GLN B 113 8.58 -38.01 -53.49
C GLN B 113 8.10 -36.57 -53.58
N LEU B 114 8.04 -35.87 -52.44
CA LEU B 114 7.61 -34.47 -52.43
C LEU B 114 8.59 -33.55 -53.15
N TYR B 115 9.87 -33.91 -53.22
CA TYR B 115 10.87 -33.08 -53.88
C TYR B 115 10.71 -33.09 -55.39
N THR B 116 10.11 -34.13 -55.96
CA THR B 116 9.88 -34.19 -57.39
C THR B 116 8.43 -33.95 -57.79
N THR B 117 7.47 -34.19 -56.90
CA THR B 117 6.08 -33.86 -57.21
C THR B 117 5.88 -32.36 -57.29
N LEU B 118 6.52 -31.61 -56.40
CA LEU B 118 6.63 -30.17 -56.53
C LEU B 118 7.93 -29.84 -57.24
N CYS B 119 7.88 -28.89 -58.17
CA CYS B 119 9.07 -28.53 -58.95
C CYS B 119 9.98 -27.69 -58.07
N ILE B 120 10.77 -28.38 -57.24
CA ILE B 120 11.63 -27.70 -56.28
C ILE B 120 12.96 -27.30 -56.92
N GLU B 121 13.45 -28.08 -57.90
CA GLU B 121 14.63 -27.68 -58.64
C GLU B 121 14.35 -26.43 -59.46
N GLN B 122 13.14 -26.33 -60.01
CA GLN B 122 12.74 -25.12 -60.71
C GLN B 122 12.56 -23.96 -59.75
N HIS B 123 12.15 -24.24 -58.51
CA HIS B 123 12.05 -23.19 -57.50
C HIS B 123 13.42 -22.64 -57.14
N GLN B 124 14.41 -23.52 -56.99
CA GLN B 124 15.78 -23.07 -56.71
C GLN B 124 16.37 -22.33 -57.90
N LEU B 125 16.07 -22.78 -59.11
CA LEU B 125 16.56 -22.11 -60.30
C LEU B 125 15.95 -20.73 -60.46
N ASN B 126 14.66 -20.58 -60.15
CA ASN B 126 14.06 -19.25 -60.20
C ASN B 126 14.56 -18.35 -59.08
N LYS B 127 14.85 -18.90 -57.91
CA LYS B 127 15.43 -18.09 -56.84
C LYS B 127 16.85 -17.63 -57.18
N GLU B 128 17.59 -18.46 -57.92
CA GLU B 128 18.94 -18.08 -58.31
C GLU B 128 18.91 -17.08 -59.46
N ARG B 129 17.98 -17.25 -60.40
CA ARG B 129 17.88 -16.30 -61.49
C ARG B 129 17.34 -14.96 -61.02
N GLU B 130 16.49 -14.96 -59.99
CA GLU B 130 16.06 -13.70 -59.40
C GLU B 130 17.21 -12.99 -58.69
N LEU B 131 18.06 -13.75 -57.98
CA LEU B 131 19.23 -13.13 -57.37
C LEU B 131 20.26 -12.67 -58.40
N ILE B 132 20.27 -13.28 -59.58
CA ILE B 132 21.12 -12.78 -60.66
C ILE B 132 20.56 -11.48 -61.22
N GLU B 133 19.27 -11.47 -61.57
CA GLU B 133 18.72 -10.35 -62.31
C GLU B 133 18.53 -9.13 -61.43
N ARG B 134 18.32 -9.30 -60.11
CA ARG B 134 18.27 -8.14 -59.23
C ARG B 134 19.62 -7.44 -59.19
N LEU B 135 20.70 -8.22 -59.10
CA LEU B 135 22.04 -7.65 -59.13
C LEU B 135 22.34 -7.00 -60.47
N GLU B 136 21.85 -7.59 -61.56
CA GLU B 136 22.06 -7.01 -62.89
C GLU B 136 21.32 -5.68 -63.04
N ASP B 137 20.08 -5.63 -62.57
CA ASP B 137 19.28 -4.40 -62.64
C ASP B 137 19.87 -3.33 -61.75
N LEU B 138 20.40 -3.72 -60.59
CA LEU B 138 20.97 -2.75 -59.67
C LEU B 138 22.31 -2.24 -60.16
N LYS B 139 23.07 -3.06 -60.88
CA LYS B 139 24.33 -2.61 -61.47
C LYS B 139 24.14 -1.77 -62.73
N GLU B 140 23.06 -2.01 -63.49
CA GLU B 140 22.78 -1.15 -64.64
C GLU B 140 22.40 0.26 -64.20
N GLN B 141 21.83 0.40 -63.01
CA GLN B 141 21.49 1.69 -62.43
C GLN B 141 22.72 2.49 -62.00
N LEU B 142 23.91 1.89 -62.02
CA LEU B 142 25.09 2.52 -61.43
C LEU B 142 25.94 3.31 -62.42
N ALA B 143 26.03 2.84 -63.66
CA ALA B 143 26.95 3.44 -64.63
C ALA B 143 26.69 4.92 -64.98
N PRO B 144 25.45 5.43 -65.06
CA PRO B 144 25.29 6.89 -65.16
C PRO B 144 25.74 7.68 -63.95
N LEU B 145 25.97 7.05 -62.81
CA LEU B 145 26.59 7.75 -61.69
C LEU B 145 28.10 7.59 -61.66
N GLU B 146 28.61 6.43 -62.10
CA GLU B 146 30.05 6.23 -62.18
C GLU B 146 30.69 7.14 -63.21
N LYS B 147 30.02 7.35 -64.34
CA LYS B 147 30.61 8.22 -65.35
C LYS B 147 30.53 9.70 -64.99
N VAL B 148 29.85 10.07 -63.91
CA VAL B 148 30.02 11.40 -63.35
C VAL B 148 31.07 11.40 -62.23
N ARG B 149 31.11 10.32 -61.44
CA ARG B 149 32.00 10.29 -60.29
C ARG B 149 33.45 10.24 -60.72
N ILE B 150 33.74 9.63 -61.87
CA ILE B 150 35.12 9.58 -62.34
C ILE B 150 35.63 10.97 -62.70
N GLU B 151 34.81 11.77 -63.38
CA GLU B 151 35.22 13.12 -63.72
C GLU B 151 35.12 14.10 -62.56
N ILE B 152 34.51 13.72 -61.44
CA ILE B 152 34.68 14.56 -60.25
C ILE B 152 35.93 14.17 -59.46
N SER B 153 36.24 12.87 -59.38
CA SER B 153 37.45 12.44 -58.70
C SER B 153 38.71 12.86 -59.44
N ARG B 154 38.63 13.00 -60.76
CA ARG B 154 39.77 13.47 -61.53
C ARG B 154 40.10 14.93 -61.20
N LYS B 155 39.06 15.75 -61.04
CA LYS B 155 39.26 17.15 -60.70
C LYS B 155 39.78 17.29 -59.27
N ALA B 156 39.25 16.47 -58.36
CA ALA B 156 39.73 16.47 -56.98
C ALA B 156 41.12 15.88 -56.83
N GLU B 157 41.59 15.11 -57.81
CA GLU B 157 42.97 14.66 -57.78
C GLU B 157 43.92 15.69 -58.37
N LYS B 158 43.49 16.35 -59.45
CA LYS B 158 44.32 17.35 -60.08
C LYS B 158 44.56 18.55 -59.17
N ARG B 159 43.60 18.88 -58.29
CA ARG B 159 43.88 19.96 -57.36
C ARG B 159 44.80 19.51 -56.22
N THR B 160 44.60 18.30 -55.71
CA THR B 160 45.39 17.87 -54.56
C THR B 160 46.80 17.45 -54.92
N THR B 161 47.13 17.30 -56.20
CA THR B 161 48.56 17.21 -56.51
C THR B 161 49.20 18.58 -56.60
N LEU B 162 48.44 19.59 -57.01
CA LEU B 162 48.99 20.95 -57.08
C LEU B 162 49.24 21.51 -55.69
N VAL B 163 48.46 21.09 -54.69
CA VAL B 163 48.74 21.48 -53.31
C VAL B 163 50.07 20.91 -52.84
N LEU B 164 50.36 19.65 -53.20
CA LEU B 164 51.59 19.00 -52.80
C LEU B 164 52.81 19.62 -53.46
N TRP B 165 52.72 19.91 -54.76
CA TRP B 165 53.84 20.53 -55.44
C TRP B 165 54.02 21.99 -55.01
N GLY B 166 52.94 22.67 -54.63
CA GLY B 166 53.09 24.01 -54.10
C GLY B 166 53.75 24.03 -52.74
N GLY B 167 53.49 23.01 -51.93
CA GLY B 167 54.21 22.88 -50.67
C GLY B 167 55.70 22.67 -50.85
N LEU B 168 56.07 21.82 -51.82
CA LEU B 168 57.49 21.61 -52.09
C LEU B 168 58.15 22.86 -52.65
N ALA B 169 57.44 23.61 -53.49
CA ALA B 169 57.96 24.88 -54.00
C ALA B 169 58.14 25.90 -52.88
N TYR B 170 57.24 25.91 -51.90
CA TYR B 170 57.37 26.83 -50.77
C TYR B 170 58.58 26.50 -49.92
N MET B 171 58.82 25.20 -49.67
CA MET B 171 60.01 24.84 -48.89
C MET B 171 61.29 25.17 -49.63
N ALA B 172 61.28 25.03 -50.96
CA ALA B 172 62.47 25.37 -51.74
C ALA B 172 62.74 26.86 -51.74
N THR B 173 61.71 27.70 -51.85
CA THR B 173 61.99 29.14 -51.86
C THR B 173 62.33 29.65 -50.46
N GLN B 174 61.86 28.99 -49.39
CA GLN B 174 62.32 29.37 -48.06
C GLN B 174 63.79 29.03 -47.85
N PHE B 175 64.20 27.86 -48.38
CA PHE B 175 65.63 27.52 -48.42
C PHE B 175 66.44 28.56 -49.16
N GLY B 176 65.92 29.04 -50.30
CA GLY B 176 66.67 30.02 -51.07
C GLY B 176 66.77 31.38 -50.42
N ILE B 177 65.74 31.78 -49.67
CA ILE B 177 65.80 33.05 -48.94
C ILE B 177 66.81 32.96 -47.81
N LEU B 178 66.71 31.91 -46.99
CA LEU B 178 67.61 31.81 -45.84
C LEU B 178 69.03 31.45 -46.24
N ALA B 179 69.24 30.93 -47.44
CA ALA B 179 70.60 30.68 -47.91
C ALA B 179 71.21 31.91 -48.57
N ARG B 180 70.40 32.77 -49.18
CA ARG B 180 71.00 33.98 -49.73
C ARG B 180 71.34 34.98 -48.63
N LEU B 181 70.43 35.15 -47.66
CA LEU B 181 70.66 36.16 -46.63
C LEU B 181 71.77 35.78 -45.66
N THR B 182 72.15 34.51 -45.58
CA THR B 182 73.17 34.10 -44.63
C THR B 182 74.57 34.40 -45.14
N TRP B 183 74.85 34.09 -46.41
CA TRP B 183 76.22 34.12 -46.89
C TRP B 183 76.54 35.32 -47.78
N TRP B 184 75.56 36.06 -48.25
CA TRP B 184 75.80 37.18 -49.13
C TRP B 184 75.51 38.52 -48.47
N GLU B 185 74.29 38.74 -47.99
CA GLU B 185 73.94 40.05 -47.45
C GLU B 185 74.37 40.19 -46.00
N TYR B 186 73.79 39.38 -45.12
CA TYR B 186 74.01 39.48 -43.69
C TYR B 186 74.99 38.41 -43.25
N SER B 187 75.13 38.24 -41.94
CA SER B 187 75.92 37.18 -41.35
C SER B 187 75.00 36.14 -40.71
N TRP B 188 75.62 35.03 -40.29
CA TRP B 188 74.88 34.01 -39.57
C TRP B 188 74.52 34.47 -38.16
N ASP B 189 75.33 35.37 -37.60
CA ASP B 189 75.03 35.94 -36.29
C ASP B 189 73.79 36.83 -36.31
N ILE B 190 73.35 37.26 -37.48
CA ILE B 190 72.06 37.91 -37.62
C ILE B 190 70.95 36.90 -37.85
N MET B 191 71.18 35.92 -38.74
CA MET B 191 70.12 35.06 -39.23
C MET B 191 69.90 33.80 -38.43
N GLU B 192 70.62 33.57 -37.33
CA GLU B 192 70.28 32.40 -36.52
C GLU B 192 68.96 32.52 -35.75
N PRO B 193 68.63 33.64 -35.07
CA PRO B 193 67.35 33.69 -34.37
C PRO B 193 66.13 33.64 -35.27
N VAL B 194 66.19 34.17 -36.49
CA VAL B 194 65.02 34.10 -37.35
C VAL B 194 64.80 32.67 -37.84
N THR B 195 65.87 31.88 -37.95
CA THR B 195 65.71 30.47 -38.29
C THR B 195 65.12 29.70 -37.12
N TYR B 196 65.56 30.01 -35.90
CA TYR B 196 64.96 29.36 -34.73
C TYR B 196 63.49 29.71 -34.58
N PHE B 197 63.13 30.96 -34.83
CA PHE B 197 61.73 31.33 -34.68
C PHE B 197 60.86 30.86 -35.83
N ILE B 198 61.45 30.63 -37.01
CA ILE B 198 60.71 29.98 -38.08
C ILE B 198 60.46 28.52 -37.73
N THR B 199 61.44 27.86 -37.12
CA THR B 199 61.24 26.49 -36.64
C THR B 199 60.16 26.41 -35.56
N TYR B 200 60.19 27.34 -34.60
CA TYR B 200 59.20 27.29 -33.53
C TYR B 200 57.81 27.71 -34.00
N GLY B 201 57.72 28.62 -34.97
CA GLY B 201 56.41 28.93 -35.51
C GLY B 201 55.86 27.85 -36.41
N SER B 202 56.73 27.04 -37.00
CA SER B 202 56.21 25.87 -37.69
C SER B 202 55.86 24.76 -36.71
N ALA B 203 56.45 24.78 -35.51
CA ALA B 203 55.97 23.87 -34.47
C ALA B 203 54.63 24.32 -33.91
N MET B 204 54.34 25.62 -33.97
CA MET B 204 53.02 26.10 -33.55
C MET B 204 51.96 25.90 -34.63
N ALA B 205 52.36 25.82 -35.89
CA ALA B 205 51.37 25.71 -36.96
C ALA B 205 50.76 24.32 -37.00
N MET B 206 51.56 23.27 -36.76
CA MET B 206 50.98 21.94 -36.74
C MET B 206 50.28 21.61 -35.44
N TYR B 207 50.26 22.52 -34.47
CA TYR B 207 49.37 22.42 -33.33
C TYR B 207 48.08 23.18 -33.56
N ALA B 208 48.16 24.31 -34.28
CA ALA B 208 46.94 24.98 -34.72
C ALA B 208 46.15 24.10 -35.69
N TYR B 209 46.83 23.31 -36.52
CA TYR B 209 46.17 22.32 -37.35
C TYR B 209 45.43 21.29 -36.51
N PHE B 210 45.99 20.91 -35.37
CA PHE B 210 45.32 19.93 -34.53
C PHE B 210 44.10 20.52 -33.84
N VAL B 211 44.21 21.76 -33.34
CA VAL B 211 43.05 22.32 -32.68
C VAL B 211 41.97 22.73 -33.67
N MET B 212 42.30 22.90 -34.95
CA MET B 212 41.25 23.23 -35.91
C MET B 212 40.65 22.02 -36.61
N THR B 213 41.40 20.93 -36.76
CA THR B 213 40.89 19.80 -37.52
C THR B 213 40.63 18.56 -36.67
N ARG B 214 40.96 18.60 -35.37
CA ARG B 214 40.78 17.49 -34.42
C ARG B 214 41.52 16.22 -34.85
N GLN B 215 42.61 16.37 -35.61
CA GLN B 215 43.44 15.24 -35.96
C GLN B 215 44.87 15.72 -36.14
N GLU B 216 45.81 14.80 -35.98
CA GLU B 216 47.22 15.15 -35.99
C GLU B 216 47.68 15.42 -37.42
N TYR B 217 48.66 16.30 -37.55
CA TYR B 217 49.17 16.67 -38.86
C TYR B 217 50.25 15.69 -39.28
N VAL B 218 49.88 14.70 -40.08
CA VAL B 218 50.83 13.89 -40.82
C VAL B 218 50.49 14.03 -42.29
N TYR B 219 51.39 13.51 -43.13
CA TYR B 219 51.26 13.75 -44.57
C TYR B 219 50.09 13.03 -45.24
N PRO B 220 49.91 11.69 -45.13
CA PRO B 220 48.84 11.07 -45.91
C PRO B 220 47.44 11.38 -45.40
N GLU B 221 47.27 11.58 -44.09
CA GLU B 221 45.97 11.94 -43.56
C GLU B 221 45.56 13.33 -43.99
N ALA B 222 46.50 14.27 -44.02
CA ALA B 222 46.18 15.62 -44.49
C ALA B 222 45.92 15.63 -46.00
N ARG B 223 46.62 14.78 -46.75
CA ARG B 223 46.34 14.67 -48.18
C ARG B 223 44.94 14.12 -48.44
N ASP B 224 44.55 13.09 -47.70
CA ASP B 224 43.21 12.53 -47.88
C ASP B 224 42.13 13.48 -47.39
N ARG B 225 42.40 14.29 -46.36
CA ARG B 225 41.40 15.25 -45.91
C ARG B 225 41.22 16.37 -46.92
N GLN B 226 42.31 16.83 -47.53
CA GLN B 226 42.20 17.80 -48.60
C GLN B 226 41.52 17.24 -49.84
N TYR B 227 41.74 15.95 -50.13
CA TYR B 227 41.05 15.30 -51.24
C TYR B 227 39.55 15.22 -50.99
N LEU B 228 39.16 14.90 -49.76
CA LEU B 228 37.72 14.81 -49.47
C LEU B 228 37.07 16.18 -49.47
N LEU B 229 37.78 17.21 -49.01
CA LEU B 229 37.21 18.56 -49.09
C LEU B 229 37.15 19.09 -50.52
N PHE B 230 37.98 18.57 -51.44
CA PHE B 230 37.83 18.96 -52.84
C PHE B 230 36.71 18.18 -53.52
N PHE B 231 36.60 16.89 -53.24
CA PHE B 231 35.58 16.06 -53.85
C PHE B 231 34.18 16.45 -53.39
N HIS B 232 34.02 16.79 -52.11
CA HIS B 232 32.70 17.17 -51.63
C HIS B 232 32.32 18.58 -52.00
N LYS B 233 33.24 19.37 -52.55
CA LYS B 233 32.87 20.65 -53.15
C LYS B 233 32.51 20.48 -54.61
N GLY B 234 33.25 19.62 -55.31
CA GLY B 234 32.87 19.29 -56.68
C GLY B 234 31.54 18.57 -56.78
N ALA B 235 31.20 17.78 -55.77
CA ALA B 235 29.93 17.08 -55.78
C ALA B 235 28.75 17.98 -55.41
N LYS B 236 29.00 19.14 -54.80
CA LYS B 236 27.95 20.13 -54.64
C LYS B 236 27.86 21.07 -55.82
N LYS B 237 28.96 21.27 -56.55
CA LYS B 237 28.87 22.11 -57.74
C LYS B 237 28.14 21.40 -58.86
N SER B 238 28.37 20.09 -59.03
CA SER B 238 27.75 19.34 -60.11
C SER B 238 26.37 18.79 -59.77
N ARG B 239 25.94 18.89 -58.50
CA ARG B 239 24.69 18.34 -57.97
C ARG B 239 24.61 16.83 -58.23
N PHE B 240 25.51 16.11 -57.57
CA PHE B 240 25.85 14.76 -57.98
C PHE B 240 24.92 13.70 -57.41
N ASP B 241 24.16 14.02 -56.36
CA ASP B 241 23.26 13.10 -55.63
C ASP B 241 24.05 11.90 -55.08
N LEU B 242 24.91 12.23 -54.12
CA LEU B 242 25.91 11.30 -53.61
C LEU B 242 25.30 10.14 -52.85
N GLU B 243 24.17 10.35 -52.16
CA GLU B 243 23.68 9.29 -51.28
C GLU B 243 23.01 8.17 -52.03
N LYS B 244 22.42 8.45 -53.21
CA LYS B 244 21.93 7.35 -54.04
C LYS B 244 23.09 6.52 -54.55
N TYR B 245 24.23 7.17 -54.84
CA TYR B 245 25.44 6.46 -55.23
C TYR B 245 25.95 5.58 -54.09
N ASN B 246 25.96 6.11 -52.87
CA ASN B 246 26.46 5.33 -51.74
C ASN B 246 25.52 4.17 -51.40
N GLN B 247 24.21 4.38 -51.48
CA GLN B 247 23.33 3.26 -51.16
C GLN B 247 23.27 2.22 -52.27
N LEU B 248 23.47 2.61 -53.53
CA LEU B 248 23.64 1.60 -54.57
C LEU B 248 24.94 0.84 -54.41
N LYS B 249 26.02 1.53 -54.01
CA LYS B 249 27.30 0.85 -53.89
C LYS B 249 27.30 -0.10 -52.70
N ASP B 250 26.54 0.20 -51.65
CA ASP B 250 26.38 -0.76 -50.57
C ASP B 250 25.41 -1.88 -50.95
N ALA B 251 24.38 -1.57 -51.72
CA ALA B 251 23.37 -2.56 -52.06
C ALA B 251 23.90 -3.60 -53.03
N ILE B 252 24.76 -3.23 -53.98
CA ILE B 252 25.32 -4.27 -54.84
C ILE B 252 26.36 -5.10 -54.11
N ALA B 253 27.00 -4.56 -53.06
CA ALA B 253 27.90 -5.40 -52.28
C ALA B 253 27.13 -6.37 -51.42
N GLN B 254 25.92 -5.97 -50.98
CA GLN B 254 25.08 -6.90 -50.24
C GLN B 254 24.47 -7.95 -51.15
N ALA B 255 24.10 -7.57 -52.37
CA ALA B 255 23.53 -8.54 -53.28
C ALA B 255 24.57 -9.50 -53.82
N GLU B 256 25.83 -9.07 -53.91
CA GLU B 256 26.87 -10.01 -54.27
C GLU B 256 27.26 -10.89 -53.10
N MET B 257 27.14 -10.39 -51.87
CA MET B 257 27.46 -11.20 -50.70
C MET B 257 26.44 -12.32 -50.53
N ASP B 258 25.15 -11.99 -50.57
CA ASP B 258 24.20 -13.09 -50.42
C ASP B 258 23.99 -13.89 -51.69
N LEU B 259 24.45 -13.43 -52.85
CA LEU B 259 24.47 -14.32 -54.00
C LEU B 259 25.63 -15.30 -53.89
N LYS B 260 26.80 -14.83 -53.44
CA LYS B 260 27.94 -15.72 -53.28
C LYS B 260 27.76 -16.72 -52.15
N ARG B 261 26.92 -16.42 -51.16
CA ARG B 261 26.59 -17.40 -50.14
C ARG B 261 25.47 -18.33 -50.56
N LEU B 262 24.90 -18.14 -51.74
CA LEU B 262 23.92 -19.08 -52.28
C LEU B 262 24.56 -20.08 -53.22
N ARG B 263 25.62 -19.70 -53.92
CA ARG B 263 26.38 -20.63 -54.75
C ARG B 263 27.52 -21.25 -53.94
N ASP B 264 27.20 -21.77 -52.78
CA ASP B 264 28.22 -22.38 -51.95
C ASP B 264 28.50 -23.78 -52.47
N PRO B 265 29.77 -24.17 -52.62
CA PRO B 265 30.05 -25.56 -53.02
C PRO B 265 29.76 -26.56 -51.92
N LEU B 266 29.69 -26.12 -50.66
CA LEU B 266 29.40 -27.02 -49.56
C LEU B 266 27.90 -27.18 -49.34
N GLN B 267 27.17 -26.07 -49.26
CA GLN B 267 25.74 -26.13 -49.10
C GLN B 267 25.12 -26.56 -50.42
N VAL B 268 24.24 -27.56 -50.38
CA VAL B 268 23.57 -28.04 -51.59
C VAL B 268 22.31 -27.20 -51.76
N HIS B 269 22.48 -26.04 -52.39
CA HIS B 269 21.36 -25.13 -52.64
C HIS B 269 20.87 -25.19 -54.08
N LEU B 270 21.72 -25.60 -55.02
CA LEU B 270 21.39 -25.63 -56.42
C LEU B 270 21.57 -27.03 -56.99
N PRO B 271 20.60 -27.55 -57.72
CA PRO B 271 20.70 -28.91 -58.26
C PRO B 271 21.59 -28.90 -59.49
N LEU B 272 21.79 -30.11 -60.07
CA LEU B 272 22.62 -30.33 -61.26
C LEU B 272 24.07 -29.86 -61.06
N ARG B 273 24.54 -29.96 -59.82
CA ARG B 273 25.87 -29.54 -59.42
C ARG B 273 26.37 -30.37 -58.25
N ASP C 1 -3.90 21.37 -38.57
CA ASP C 1 -4.49 20.04 -38.62
C ASP C 1 -3.42 18.97 -38.52
N ASP C 2 -3.74 17.86 -37.85
CA ASP C 2 -2.83 16.72 -37.79
C ASP C 2 -3.05 15.88 -39.03
N VAL C 3 -2.41 16.27 -40.12
CA VAL C 3 -2.46 15.46 -41.33
C VAL C 3 -1.40 14.36 -41.29
N THR C 4 -0.41 14.48 -40.41
CA THR C 4 0.71 13.56 -40.42
C THR C 4 1.20 13.32 -38.99
N VAL C 5 2.00 12.26 -38.86
CA VAL C 5 2.72 11.99 -37.63
C VAL C 5 4.18 12.32 -37.89
N VAL C 6 4.99 12.30 -36.84
CA VAL C 6 6.42 12.55 -36.94
C VAL C 6 7.15 11.30 -36.48
N TYR C 7 8.14 10.86 -37.26
CA TYR C 7 8.99 9.74 -36.90
C TYR C 7 10.22 10.25 -36.15
N GLN C 8 10.53 9.61 -35.03
CA GLN C 8 11.68 9.97 -34.20
C GLN C 8 12.39 8.69 -33.80
N ASN C 9 13.54 8.43 -34.43
CA ASN C 9 14.41 7.25 -34.29
C ASN C 9 13.68 5.91 -34.21
N GLY C 10 12.62 5.76 -34.99
CA GLY C 10 11.86 4.53 -35.03
C GLY C 10 10.56 4.54 -34.24
N LEU C 11 10.21 5.66 -33.60
CA LEU C 11 8.98 5.72 -32.84
C LEU C 11 8.08 6.84 -33.37
N PRO C 12 6.78 6.64 -33.40
CA PRO C 12 5.88 7.69 -33.89
C PRO C 12 5.50 8.67 -32.80
N VAL C 13 5.10 9.88 -33.24
CA VAL C 13 4.50 10.88 -32.36
C VAL C 13 3.40 11.58 -33.16
N ILE C 14 2.21 11.64 -32.58
CA ILE C 14 1.05 12.29 -33.18
C ILE C 14 0.96 13.70 -32.62
N SER C 15 0.86 14.69 -33.52
CA SER C 15 0.70 16.08 -33.09
C SER C 15 -0.78 16.46 -33.19
N VAL C 16 -1.55 15.97 -32.23
CA VAL C 16 -3.00 16.14 -32.28
C VAL C 16 -3.40 17.48 -31.70
N ARG C 17 -4.15 18.28 -32.46
CA ARG C 17 -4.62 19.54 -31.93
C ARG C 17 -5.81 19.24 -31.02
N LEU C 18 -5.65 19.52 -29.73
CA LEU C 18 -6.66 19.19 -28.72
C LEU C 18 -7.89 20.10 -28.83
N PRO C 19 -9.09 19.60 -28.42
CA PRO C 19 -10.34 20.37 -28.65
C PRO C 19 -10.46 21.68 -27.88
N SER C 20 -10.28 21.65 -26.56
CA SER C 20 -10.56 22.81 -25.72
C SER C 20 -9.30 23.58 -25.34
N ARG C 21 -8.17 23.25 -25.92
CA ARG C 21 -6.95 24.02 -25.74
C ARG C 21 -6.28 24.14 -27.10
N ARG C 22 -6.07 25.37 -27.56
CA ARG C 22 -5.68 25.64 -28.95
C ARG C 22 -4.18 25.42 -29.14
N GLU C 23 -3.78 24.15 -29.05
CA GLU C 23 -2.38 23.77 -29.07
C GLU C 23 -2.23 22.46 -29.82
N ARG C 24 -1.02 22.22 -30.33
CA ARG C 24 -0.69 21.00 -31.06
C ARG C 24 0.04 20.09 -30.08
N CYS C 25 -0.71 19.30 -29.33
CA CYS C 25 -0.12 18.45 -28.32
C CYS C 25 0.59 17.26 -28.94
N GLN C 26 1.85 17.05 -28.56
CA GLN C 26 2.63 15.93 -29.05
C GLN C 26 2.26 14.68 -28.27
N PHE C 27 2.38 13.53 -28.93
CA PHE C 27 2.04 12.25 -28.31
C PHE C 27 2.97 11.17 -28.86
N THR C 28 4.01 10.83 -28.13
CA THR C 28 4.85 9.72 -28.56
C THR C 28 4.18 8.39 -28.22
N LEU C 29 4.49 7.37 -29.02
CA LEU C 29 3.81 6.09 -28.87
C LEU C 29 4.77 4.93 -29.09
N LYS C 30 4.53 3.85 -28.36
CA LYS C 30 5.17 2.56 -28.63
C LYS C 30 4.29 1.76 -29.58
N PRO C 31 4.76 1.39 -30.77
CA PRO C 31 3.86 0.76 -31.74
C PRO C 31 3.51 -0.68 -31.39
N ILE C 32 4.42 -1.43 -30.78
CA ILE C 32 4.20 -2.85 -30.57
C ILE C 32 3.49 -3.11 -29.24
N SER C 33 3.80 -2.34 -28.20
CA SER C 33 3.33 -2.65 -26.86
C SER C 33 2.19 -1.74 -26.39
N ASP C 34 1.41 -1.21 -27.32
CA ASP C 34 0.26 -0.36 -27.01
C ASP C 34 -0.88 -0.68 -27.97
N SER C 35 -2.10 -0.45 -27.51
CA SER C 35 -3.30 -0.66 -28.31
C SER C 35 -3.94 0.69 -28.63
N VAL C 36 -5.06 0.65 -29.33
CA VAL C 36 -5.79 1.87 -29.66
C VAL C 36 -6.46 2.43 -28.40
N GLY C 37 -7.03 1.55 -27.57
CA GLY C 37 -7.71 1.98 -26.36
C GLY C 37 -6.79 2.65 -25.35
N VAL C 38 -5.53 2.26 -25.32
CA VAL C 38 -4.54 2.94 -24.48
C VAL C 38 -4.33 4.37 -24.98
N PHE C 39 -4.24 4.55 -26.29
CA PHE C 39 -4.02 5.87 -26.88
C PHE C 39 -5.24 6.77 -26.72
N LEU C 40 -6.44 6.20 -26.74
CA LEU C 40 -7.63 6.99 -26.46
C LEU C 40 -7.79 7.26 -24.97
N ARG C 41 -7.27 6.37 -24.12
CA ARG C 41 -7.30 6.63 -22.68
C ARG C 41 -6.36 7.76 -22.31
N GLN C 42 -5.16 7.80 -22.90
CA GLN C 42 -4.18 8.82 -22.56
C GLN C 42 -4.31 10.07 -23.41
N LEU C 43 -5.12 10.04 -24.47
CA LEU C 43 -5.40 11.27 -25.20
C LEU C 43 -6.38 12.14 -24.42
N GLN C 44 -7.38 11.52 -23.81
CA GLN C 44 -8.37 12.27 -23.04
C GLN C 44 -7.91 12.59 -21.62
N GLU C 45 -6.73 12.14 -21.19
CA GLU C 45 -6.21 12.59 -19.90
C GLU C 45 -5.73 14.03 -19.93
N GLU C 46 -5.49 14.58 -21.13
CA GLU C 46 -4.86 15.90 -21.23
C GLU C 46 -5.83 17.03 -20.92
N ASP C 47 -7.01 17.02 -21.54
CA ASP C 47 -7.89 18.18 -21.39
C ASP C 47 -9.24 17.87 -20.75
N ARG C 48 -9.82 16.71 -21.04
CA ARG C 48 -11.21 16.37 -20.69
C ARG C 48 -12.22 17.40 -21.18
N GLY C 49 -11.98 17.93 -22.38
CA GLY C 49 -13.01 18.65 -23.08
C GLY C 49 -13.47 17.77 -24.23
N ILE C 50 -13.50 16.48 -23.95
CA ILE C 50 -13.72 15.44 -24.94
C ILE C 50 -15.01 14.69 -24.59
N ASP C 51 -16.06 14.92 -25.37
CA ASP C 51 -17.29 14.17 -25.26
C ASP C 51 -17.40 13.04 -26.26
N ARG C 52 -16.52 13.00 -27.25
CA ARG C 52 -16.47 11.92 -28.23
C ARG C 52 -15.06 11.83 -28.78
N VAL C 53 -14.44 10.66 -28.66
CA VAL C 53 -13.18 10.37 -29.33
C VAL C 53 -13.22 8.95 -29.89
N ALA C 54 -12.89 8.80 -31.17
CA ALA C 54 -13.02 7.50 -31.81
C ALA C 54 -12.12 7.44 -33.04
N ILE C 55 -11.33 6.38 -33.15
CA ILE C 55 -10.48 6.19 -34.32
C ILE C 55 -11.23 5.35 -35.33
N TYR C 56 -11.37 5.85 -36.55
CA TYR C 56 -12.14 5.20 -37.59
C TYR C 56 -11.21 4.58 -38.63
N SER C 57 -11.81 4.06 -39.70
CA SER C 57 -11.11 3.57 -40.88
C SER C 57 -11.31 4.54 -42.02
N PRO C 58 -10.52 4.44 -43.09
CA PRO C 58 -10.85 5.20 -44.31
C PRO C 58 -12.18 4.85 -44.92
N ASP C 59 -12.63 3.61 -44.79
CA ASP C 59 -13.91 3.20 -45.34
C ASP C 59 -15.09 3.66 -44.49
N GLY C 60 -14.87 3.96 -43.22
CA GLY C 60 -15.91 4.48 -42.36
C GLY C 60 -16.38 3.55 -41.26
N VAL C 61 -15.84 2.35 -41.16
CA VAL C 61 -16.21 1.45 -40.08
C VAL C 61 -15.32 1.74 -38.88
N ARG C 62 -15.84 1.49 -37.70
CA ARG C 62 -15.09 1.76 -36.49
C ARG C 62 -13.96 0.75 -36.31
N VAL C 63 -12.85 1.22 -35.77
CA VAL C 63 -11.72 0.36 -35.42
C VAL C 63 -11.82 0.00 -33.95
N ALA C 64 -11.64 -1.28 -33.64
CA ALA C 64 -11.74 -1.77 -32.27
C ALA C 64 -10.65 -1.18 -31.40
N ALA C 65 -10.97 -1.05 -30.11
CA ALA C 65 -10.07 -0.42 -29.16
C ALA C 65 -9.00 -1.37 -28.64
N SER C 66 -8.83 -2.54 -29.25
CA SER C 66 -7.83 -3.49 -28.82
C SER C 66 -6.80 -3.81 -29.88
N THR C 67 -6.94 -3.26 -31.09
CA THR C 67 -5.94 -3.47 -32.13
C THR C 67 -4.69 -2.68 -31.79
N GLY C 68 -3.52 -3.26 -32.07
CA GLY C 68 -2.29 -2.57 -31.79
C GLY C 68 -2.05 -1.41 -32.73
N ILE C 69 -1.19 -0.49 -32.29
CA ILE C 69 -0.95 0.71 -33.08
C ILE C 69 -0.05 0.43 -34.28
N ASP C 70 0.77 -0.62 -34.22
CA ASP C 70 1.54 -1.01 -35.39
C ASP C 70 0.64 -1.56 -36.49
N LEU C 71 -0.43 -2.25 -36.11
CA LEU C 71 -1.42 -2.68 -37.10
C LEU C 71 -2.29 -1.53 -37.56
N LEU C 72 -2.38 -0.45 -36.78
CA LEU C 72 -3.14 0.71 -37.19
C LEU C 72 -2.32 1.59 -38.12
N LEU C 73 -1.03 1.73 -37.85
CA LEU C 73 -0.16 2.64 -38.60
C LEU C 73 0.36 2.03 -39.90
N LEU C 74 -0.21 0.90 -40.34
CA LEU C 74 0.14 0.39 -41.66
C LEU C 74 -0.44 1.28 -42.75
N ASP C 75 -1.74 1.48 -42.72
CA ASP C 75 -2.41 2.38 -43.66
C ASP C 75 -2.70 3.71 -42.97
N ASP C 76 -3.41 4.58 -43.68
CA ASP C 76 -3.90 5.84 -43.15
C ASP C 76 -5.24 5.63 -42.47
N PHE C 77 -5.72 6.64 -41.75
CA PHE C 77 -6.96 6.46 -40.99
C PHE C 77 -7.59 7.81 -40.71
N LYS C 78 -8.65 7.82 -39.92
CA LYS C 78 -9.31 9.03 -39.46
C LYS C 78 -9.35 9.01 -37.95
N LEU C 79 -9.18 10.18 -37.33
CA LEU C 79 -9.36 10.34 -35.90
C LEU C 79 -10.51 11.32 -35.70
N VAL C 80 -11.62 10.84 -35.18
CA VAL C 80 -12.79 11.68 -34.96
C VAL C 80 -12.74 12.19 -33.54
N ILE C 81 -12.50 13.49 -33.41
CA ILE C 81 -12.75 14.22 -32.20
C ILE C 81 -14.14 14.84 -32.35
N ASN C 82 -14.70 15.33 -31.25
CA ASN C 82 -16.13 15.49 -31.05
C ASN C 82 -16.86 16.39 -32.06
N ASP C 83 -16.16 17.13 -32.93
CA ASP C 83 -16.88 17.77 -34.01
C ASP C 83 -16.20 17.62 -35.36
N LEU C 84 -14.88 17.50 -35.36
CA LEU C 84 -14.09 17.48 -36.58
C LEU C 84 -13.33 16.16 -36.71
N THR C 85 -13.20 15.69 -37.94
CA THR C 85 -12.58 14.41 -38.28
C THR C 85 -11.22 14.66 -38.92
N TYR C 86 -10.15 14.57 -38.14
CA TYR C 86 -8.81 14.78 -38.67
C TYR C 86 -8.39 13.53 -39.44
N HIS C 87 -8.28 13.66 -40.76
CA HIS C 87 -7.71 12.61 -41.59
C HIS C 87 -6.20 12.55 -41.34
N VAL C 88 -5.70 11.38 -40.99
CA VAL C 88 -4.29 11.18 -40.68
C VAL C 88 -3.70 10.28 -41.77
N ARG C 89 -2.60 10.72 -42.37
CA ARG C 89 -1.84 9.94 -43.35
C ARG C 89 -0.40 9.80 -42.87
N PRO C 90 -0.07 8.70 -42.18
CA PRO C 90 1.29 8.53 -41.68
C PRO C 90 2.24 8.21 -42.83
N PRO C 91 3.54 8.46 -42.67
CA PRO C 91 4.48 8.12 -43.74
C PRO C 91 4.62 6.62 -43.89
N LYS C 92 4.77 6.18 -45.14
CA LYS C 92 4.77 4.77 -45.47
C LYS C 92 6.11 4.15 -45.07
N ARG C 93 6.05 2.98 -44.45
CA ARG C 93 7.24 2.24 -44.08
C ARG C 93 7.40 1.04 -45.00
N ASP C 94 8.53 0.35 -44.86
CA ASP C 94 8.81 -0.84 -45.65
C ASP C 94 8.38 -2.11 -44.90
N LEU C 95 9.01 -2.37 -43.76
CA LEU C 95 8.74 -3.55 -42.94
C LEU C 95 9.39 -3.34 -41.59
N LEU C 96 8.72 -3.85 -40.54
CA LEU C 96 9.33 -3.99 -39.23
C LEU C 96 9.46 -5.43 -38.80
N SER C 97 8.36 -6.19 -38.85
CA SER C 97 8.36 -7.63 -38.61
C SER C 97 8.03 -8.35 -39.91
N HIS C 98 8.86 -9.32 -40.28
CA HIS C 98 8.62 -10.12 -41.48
C HIS C 98 7.66 -11.26 -41.14
N GLU C 99 6.41 -10.88 -40.87
CA GLU C 99 5.40 -11.82 -40.45
C GLU C 99 4.13 -11.57 -41.25
N ASN C 100 3.57 -12.65 -41.80
CA ASN C 100 2.28 -12.63 -42.48
C ASN C 100 1.74 -14.05 -42.48
N ALA C 101 0.77 -14.33 -43.33
CA ALA C 101 0.14 -15.64 -43.38
C ALA C 101 1.02 -16.64 -44.14
N ALA C 102 0.53 -17.87 -44.29
CA ALA C 102 1.31 -18.89 -44.97
C ALA C 102 1.33 -18.66 -46.48
N THR C 103 2.34 -19.25 -47.12
CA THR C 103 2.56 -19.08 -48.55
C THR C 103 2.99 -20.44 -49.10
N LEU C 104 2.78 -20.66 -50.40
CA LEU C 104 3.31 -21.85 -51.05
C LEU C 104 4.84 -21.82 -51.13
N ASN C 105 5.42 -20.62 -51.14
CA ASN C 105 6.89 -20.54 -51.12
C ASN C 105 7.46 -21.02 -49.80
N ASP C 106 6.71 -20.89 -48.71
CA ASP C 106 7.19 -21.38 -47.41
C ASP C 106 7.25 -22.90 -47.38
N VAL C 107 6.23 -23.58 -47.89
CA VAL C 107 6.26 -25.03 -47.90
C VAL C 107 7.25 -25.53 -48.96
N LYS C 108 7.41 -24.80 -50.06
CA LYS C 108 8.41 -25.20 -51.04
C LYS C 108 9.85 -24.97 -50.55
N THR C 109 10.06 -24.06 -49.61
CA THR C 109 11.38 -23.96 -49.00
C THR C 109 11.54 -24.85 -47.79
N LEU C 110 10.42 -25.35 -47.26
CA LEU C 110 10.48 -26.30 -46.16
C LEU C 110 10.86 -27.68 -46.68
N VAL C 111 10.27 -28.11 -47.79
CA VAL C 111 10.70 -29.40 -48.34
C VAL C 111 12.09 -29.29 -48.94
N GLN C 112 12.53 -28.07 -49.27
CA GLN C 112 13.91 -27.87 -49.72
C GLN C 112 14.89 -28.09 -48.59
N GLN C 113 14.60 -27.55 -47.41
CA GLN C 113 15.49 -27.78 -46.27
C GLN C 113 15.38 -29.22 -45.76
N LEU C 114 14.21 -29.83 -45.86
CA LEU C 114 14.07 -31.23 -45.51
C LEU C 114 14.80 -32.15 -46.49
N TYR C 115 14.96 -31.72 -47.73
CA TYR C 115 15.78 -32.47 -48.67
C TYR C 115 17.26 -32.20 -48.44
N THR C 116 17.60 -31.00 -47.96
CA THR C 116 19.00 -30.66 -47.72
C THR C 116 19.57 -31.45 -46.56
N THR C 117 18.84 -31.50 -45.44
CA THR C 117 19.41 -32.17 -44.27
C THR C 117 19.40 -33.69 -44.35
N LEU C 118 18.84 -34.30 -45.37
CA LEU C 118 19.02 -35.74 -45.54
C LEU C 118 20.26 -36.10 -46.34
N CYS C 119 20.74 -35.23 -47.21
CA CYS C 119 21.85 -35.57 -48.09
C CYS C 119 23.05 -34.65 -47.90
N ILE C 120 23.04 -33.79 -46.88
CA ILE C 120 24.17 -32.90 -46.73
C ILE C 120 25.38 -33.60 -46.13
N GLU C 121 25.19 -34.73 -45.43
CA GLU C 121 26.35 -35.43 -44.89
C GLU C 121 27.04 -36.22 -45.99
N GLN C 122 26.25 -36.95 -46.80
CA GLN C 122 26.79 -37.69 -47.94
C GLN C 122 27.25 -36.80 -49.08
N HIS C 123 26.94 -35.50 -49.04
CA HIS C 123 27.54 -34.59 -49.99
C HIS C 123 28.78 -33.91 -49.42
N GLN C 124 28.79 -33.61 -48.13
CA GLN C 124 29.95 -32.98 -47.51
C GLN C 124 31.13 -33.95 -47.37
N LEU C 125 30.87 -35.23 -47.12
CA LEU C 125 31.98 -36.18 -47.11
C LEU C 125 32.53 -36.42 -48.51
N ASN C 126 31.67 -36.44 -49.52
CA ASN C 126 32.13 -36.55 -50.89
C ASN C 126 32.80 -35.27 -51.37
N LYS C 127 32.60 -34.15 -50.68
CA LYS C 127 33.36 -32.95 -50.98
C LYS C 127 34.69 -32.90 -50.24
N GLU C 128 34.73 -33.39 -48.99
CA GLU C 128 35.99 -33.47 -48.26
C GLU C 128 36.95 -34.46 -48.89
N ARG C 129 36.44 -35.56 -49.45
CA ARG C 129 37.29 -36.49 -50.17
C ARG C 129 37.91 -35.84 -51.41
N GLU C 130 37.19 -34.92 -52.05
CA GLU C 130 37.77 -34.20 -53.17
C GLU C 130 38.79 -33.17 -52.70
N LEU C 131 38.52 -32.53 -51.56
CA LEU C 131 39.40 -31.48 -51.06
C LEU C 131 40.74 -32.04 -50.58
N ILE C 132 40.73 -33.19 -49.92
CA ILE C 132 41.97 -33.78 -49.44
C ILE C 132 42.85 -34.34 -50.55
N GLU C 133 42.32 -34.50 -51.76
CA GLU C 133 43.11 -34.86 -52.92
C GLU C 133 43.57 -33.63 -53.69
N ARG C 134 42.69 -32.64 -53.78
CA ARG C 134 42.99 -31.40 -54.47
C ARG C 134 44.07 -30.60 -53.77
N LEU C 135 44.06 -30.59 -52.43
CA LEU C 135 45.11 -29.89 -51.70
C LEU C 135 46.48 -30.51 -51.90
N GLU C 136 46.59 -31.84 -51.87
CA GLU C 136 47.89 -32.46 -52.11
C GLU C 136 48.34 -32.32 -53.56
N ASP C 137 47.38 -32.21 -54.49
CA ASP C 137 47.75 -31.96 -55.87
C ASP C 137 48.25 -30.54 -56.05
N LEU C 138 47.63 -29.57 -55.37
CA LEU C 138 48.08 -28.19 -55.52
C LEU C 138 49.43 -28.02 -54.87
N LYS C 139 49.64 -28.68 -53.72
CA LYS C 139 50.89 -28.55 -52.99
C LYS C 139 52.03 -29.28 -53.67
N GLU C 140 51.75 -30.25 -54.54
CA GLU C 140 52.84 -30.84 -55.31
C GLU C 140 53.00 -30.19 -56.67
N GLN C 141 52.00 -29.44 -57.13
CA GLN C 141 52.18 -28.65 -58.34
C GLN C 141 53.08 -27.45 -58.08
N LEU C 142 53.12 -26.98 -56.84
CA LEU C 142 53.83 -25.76 -56.47
C LEU C 142 55.32 -26.00 -56.19
N ALA C 143 55.73 -27.24 -55.96
CA ALA C 143 57.10 -27.61 -55.60
C ALA C 143 58.23 -27.13 -56.52
N PRO C 144 58.06 -26.99 -57.84
CA PRO C 144 59.13 -26.32 -58.60
C PRO C 144 59.19 -24.81 -58.37
N LEU C 145 58.07 -24.17 -58.04
CA LEU C 145 58.05 -22.71 -57.96
C LEU C 145 58.65 -22.18 -56.66
N GLU C 146 58.51 -22.93 -55.56
CA GLU C 146 59.05 -22.45 -54.29
C GLU C 146 60.57 -22.49 -54.28
N LYS C 147 61.15 -23.40 -55.05
CA LYS C 147 62.61 -23.50 -55.14
C LYS C 147 63.21 -22.30 -55.87
N VAL C 148 62.43 -21.67 -56.74
CA VAL C 148 62.90 -20.50 -57.45
C VAL C 148 62.59 -19.24 -56.67
N ARG C 149 61.42 -19.21 -56.01
CA ARG C 149 61.02 -18.01 -55.28
C ARG C 149 61.90 -17.81 -54.05
N ILE C 150 62.44 -18.89 -53.47
CA ILE C 150 63.35 -18.71 -52.34
C ILE C 150 64.67 -18.11 -52.81
N GLU C 151 65.16 -18.53 -53.97
CA GLU C 151 66.38 -17.96 -54.51
C GLU C 151 66.19 -16.54 -55.02
N ILE C 152 64.96 -16.12 -55.30
CA ILE C 152 64.77 -14.72 -55.65
C ILE C 152 64.61 -13.87 -54.39
N SER C 153 63.89 -14.38 -53.40
CA SER C 153 63.68 -13.65 -52.16
C SER C 153 64.87 -13.72 -51.21
N ARG C 154 65.94 -14.40 -51.60
CA ARG C 154 67.18 -14.29 -50.85
C ARG C 154 68.13 -13.29 -51.47
N LYS C 155 68.04 -13.09 -52.79
CA LYS C 155 68.81 -12.03 -53.43
C LYS C 155 68.25 -10.66 -53.08
N ALA C 156 66.91 -10.55 -53.05
CA ALA C 156 66.32 -9.25 -52.72
C ALA C 156 66.58 -8.88 -51.26
N GLU C 157 66.62 -9.88 -50.37
CA GLU C 157 66.96 -9.64 -48.97
C GLU C 157 68.43 -9.26 -48.84
N LYS C 158 69.32 -9.93 -49.55
CA LYS C 158 70.73 -9.57 -49.42
C LYS C 158 71.08 -8.26 -50.13
N ARG C 159 70.19 -7.73 -50.97
CA ARG C 159 70.42 -6.37 -51.46
C ARG C 159 69.84 -5.31 -50.53
N THR C 160 68.66 -5.53 -49.96
CA THR C 160 68.12 -4.54 -49.04
C THR C 160 68.89 -4.48 -47.72
N THR C 161 69.58 -5.56 -47.36
CA THR C 161 70.48 -5.51 -46.20
C THR C 161 71.63 -4.55 -46.43
N LEU C 162 72.25 -4.62 -47.62
CA LEU C 162 73.29 -3.68 -47.98
C LEU C 162 72.78 -2.25 -48.09
N VAL C 163 71.52 -2.07 -48.49
CA VAL C 163 70.95 -0.71 -48.50
C VAL C 163 70.82 -0.16 -47.09
N LEU C 164 70.39 -0.99 -46.13
CA LEU C 164 70.27 -0.55 -44.74
C LEU C 164 71.64 -0.20 -44.14
N TRP C 165 72.61 -1.11 -44.26
CA TRP C 165 73.92 -0.81 -43.69
C TRP C 165 74.64 0.30 -44.44
N GLY C 166 74.34 0.52 -45.72
CA GLY C 166 74.91 1.64 -46.43
C GLY C 166 74.35 2.97 -45.97
N GLY C 167 73.06 2.99 -45.63
CA GLY C 167 72.50 4.20 -45.04
C GLY C 167 73.11 4.52 -43.68
N LEU C 168 73.36 3.48 -42.88
CA LEU C 168 74.04 3.70 -41.60
C LEU C 168 75.47 4.20 -41.80
N ALA C 169 76.18 3.68 -42.80
CA ALA C 169 77.53 4.14 -43.07
C ALA C 169 77.55 5.57 -43.61
N TYR C 170 76.52 5.98 -44.36
CA TYR C 170 76.45 7.36 -44.82
C TYR C 170 76.21 8.32 -43.66
N MET C 171 75.26 7.99 -42.78
CA MET C 171 75.05 8.91 -41.68
C MET C 171 76.14 8.81 -40.61
N ALA C 172 77.01 7.80 -40.68
CA ALA C 172 78.21 7.82 -39.84
C ALA C 172 79.40 8.51 -40.50
N THR C 173 79.45 8.63 -41.83
CA THR C 173 80.52 9.42 -42.42
C THR C 173 80.23 10.91 -42.37
N GLN C 174 78.95 11.30 -42.43
CA GLN C 174 78.60 12.72 -42.33
C GLN C 174 79.01 13.28 -40.97
N PHE C 175 78.85 12.47 -39.91
CA PHE C 175 79.35 12.80 -38.58
C PHE C 175 80.85 13.05 -38.59
N GLY C 176 81.61 12.17 -39.24
CA GLY C 176 83.05 12.31 -39.25
C GLY C 176 83.51 13.54 -40.01
N ILE C 177 82.84 13.85 -41.13
CA ILE C 177 83.18 15.04 -41.91
C ILE C 177 82.92 16.30 -41.09
N LEU C 178 81.74 16.40 -40.49
CA LEU C 178 81.40 17.61 -39.74
C LEU C 178 82.23 17.72 -38.46
N ALA C 179 82.52 16.62 -37.79
CA ALA C 179 83.33 16.69 -36.59
C ALA C 179 84.81 16.91 -36.89
N ARG C 180 85.24 16.65 -38.12
CA ARG C 180 86.59 17.05 -38.48
C ARG C 180 86.65 18.53 -38.81
N LEU C 181 85.59 19.07 -39.42
CA LEU C 181 85.64 20.47 -39.82
C LEU C 181 85.51 21.43 -38.65
N THR C 182 84.73 21.12 -37.62
CA THR C 182 84.43 22.13 -36.62
C THR C 182 85.50 22.26 -35.56
N TRP C 183 86.45 21.36 -35.48
CA TRP C 183 87.37 21.35 -34.37
C TRP C 183 88.83 21.39 -34.78
N TRP C 184 89.19 20.80 -35.91
CA TRP C 184 90.57 20.86 -36.38
C TRP C 184 90.78 22.00 -37.37
N GLU C 185 90.05 21.95 -38.49
CA GLU C 185 90.37 22.82 -39.62
C GLU C 185 89.73 24.20 -39.47
N TYR C 186 88.40 24.25 -39.44
CA TYR C 186 87.64 25.47 -39.26
C TYR C 186 87.03 25.47 -37.86
N SER C 187 86.15 26.42 -37.60
CA SER C 187 85.50 26.51 -36.31
C SER C 187 83.99 26.45 -36.46
N TRP C 188 83.30 26.44 -35.32
CA TRP C 188 81.85 26.30 -35.30
C TRP C 188 81.14 27.53 -35.84
N ASP C 189 81.79 28.69 -35.82
CA ASP C 189 81.24 29.88 -36.43
C ASP C 189 81.17 29.78 -37.95
N ILE C 190 81.93 28.88 -38.56
CA ILE C 190 81.79 28.61 -39.98
C ILE C 190 80.80 27.50 -40.25
N MET C 191 80.88 26.42 -39.48
CA MET C 191 80.12 25.21 -39.75
C MET C 191 78.75 25.15 -39.10
N GLU C 192 78.29 26.21 -38.45
CA GLU C 192 76.90 26.14 -37.98
C GLU C 192 75.86 26.30 -39.09
N PRO C 193 75.98 27.21 -40.09
CA PRO C 193 74.93 27.25 -41.12
C PRO C 193 74.90 26.04 -42.03
N VAL C 194 76.04 25.39 -42.27
CA VAL C 194 76.05 24.17 -43.05
C VAL C 194 75.31 23.06 -42.31
N THR C 195 75.46 23.01 -40.99
CA THR C 195 74.70 22.09 -40.15
C THR C 195 73.20 22.36 -40.23
N TYR C 196 72.81 23.64 -40.23
CA TYR C 196 71.38 23.95 -40.29
C TYR C 196 70.80 23.62 -41.65
N PHE C 197 71.53 23.90 -42.72
CA PHE C 197 70.98 23.65 -44.04
C PHE C 197 71.03 22.18 -44.42
N ILE C 198 71.92 21.40 -43.81
CA ILE C 198 71.86 19.95 -43.97
C ILE C 198 70.63 19.40 -43.29
N THR C 199 70.31 19.91 -42.09
CA THR C 199 69.08 19.47 -41.41
C THR C 199 67.83 19.85 -42.18
N TYR C 200 67.80 21.06 -42.74
CA TYR C 200 66.64 21.48 -43.53
C TYR C 200 66.56 20.75 -44.86
N GLY C 201 67.69 20.39 -45.47
CA GLY C 201 67.67 19.59 -46.67
C GLY C 201 67.17 18.18 -46.43
N SER C 202 67.50 17.61 -45.27
CA SER C 202 66.94 16.31 -44.92
C SER C 202 65.45 16.39 -44.69
N ALA C 203 64.99 17.47 -44.03
CA ALA C 203 63.55 17.64 -43.83
C ALA C 203 62.81 17.96 -45.12
N MET C 204 63.50 18.46 -46.14
CA MET C 204 62.88 18.65 -47.45
C MET C 204 62.84 17.35 -48.26
N ALA C 205 63.90 16.55 -48.15
CA ALA C 205 63.94 15.28 -48.88
C ALA C 205 62.94 14.28 -48.32
N MET C 206 62.67 14.32 -47.01
CA MET C 206 61.66 13.44 -46.45
C MET C 206 60.25 13.81 -46.88
N TYR C 207 60.01 15.05 -47.31
CA TYR C 207 58.73 15.42 -47.89
C TYR C 207 58.67 15.10 -49.38
N ALA C 208 59.78 15.25 -50.08
CA ALA C 208 59.81 14.85 -51.50
C ALA C 208 59.62 13.35 -51.67
N TYR C 209 60.07 12.55 -50.69
CA TYR C 209 59.76 11.13 -50.69
C TYR C 209 58.27 10.88 -50.61
N PHE C 210 57.56 11.66 -49.80
CA PHE C 210 56.12 11.50 -49.69
C PHE C 210 55.42 11.94 -50.97
N VAL C 211 55.91 13.00 -51.61
CA VAL C 211 55.29 13.46 -52.85
C VAL C 211 55.48 12.42 -53.96
N MET C 212 56.64 11.77 -54.01
CA MET C 212 56.84 10.82 -55.08
C MET C 212 56.20 9.46 -54.82
N THR C 213 56.30 8.93 -53.60
CA THR C 213 55.87 7.57 -53.36
C THR C 213 54.46 7.47 -52.79
N ARG C 214 53.82 8.61 -52.50
CA ARG C 214 52.45 8.70 -51.98
C ARG C 214 52.28 7.96 -50.66
N GLN C 215 53.36 7.91 -49.86
CA GLN C 215 53.29 7.32 -48.53
C GLN C 215 54.31 8.03 -47.66
N GLU C 216 54.12 7.93 -46.35
CA GLU C 216 54.99 8.62 -45.42
C GLU C 216 56.32 7.91 -45.33
N TYR C 217 57.36 8.66 -45.00
CA TYR C 217 58.70 8.09 -44.89
C TYR C 217 58.90 7.64 -43.45
N VAL C 218 58.56 6.39 -43.19
CA VAL C 218 58.94 5.73 -41.95
C VAL C 218 59.87 4.60 -42.33
N TYR C 219 60.59 4.09 -41.33
CA TYR C 219 61.64 3.12 -41.61
C TYR C 219 61.13 1.75 -42.06
N PRO C 220 60.25 1.04 -41.35
CA PRO C 220 59.90 -0.32 -41.78
C PRO C 220 58.95 -0.38 -42.96
N GLU C 221 58.46 0.75 -43.46
CA GLU C 221 57.71 0.75 -44.71
C GLU C 221 58.59 1.13 -45.90
N ALA C 222 59.53 2.05 -45.70
CA ALA C 222 60.51 2.33 -46.74
C ALA C 222 61.50 1.20 -46.92
N ARG C 223 61.63 0.31 -45.94
CA ARG C 223 62.43 -0.89 -46.18
C ARG C 223 61.66 -1.88 -47.04
N ASP C 224 60.38 -2.10 -46.73
CA ASP C 224 59.60 -3.10 -47.45
C ASP C 224 59.29 -2.67 -48.87
N ARG C 225 59.15 -1.36 -49.12
CA ARG C 225 58.92 -0.87 -50.47
C ARG C 225 60.12 -1.18 -51.36
N GLN C 226 61.32 -0.87 -50.87
CA GLN C 226 62.53 -1.15 -51.64
C GLN C 226 62.78 -2.64 -51.77
N TYR C 227 62.35 -3.43 -50.79
CA TYR C 227 62.45 -4.88 -50.92
C TYR C 227 61.54 -5.40 -52.01
N LEU C 228 60.32 -4.87 -52.10
CA LEU C 228 59.42 -5.31 -53.16
C LEU C 228 59.88 -4.84 -54.52
N LEU C 229 60.54 -3.67 -54.59
CA LEU C 229 61.09 -3.25 -55.87
C LEU C 229 62.26 -4.12 -56.30
N PHE C 230 63.09 -4.57 -55.34
CA PHE C 230 64.16 -5.50 -55.68
C PHE C 230 63.63 -6.85 -56.08
N PHE C 231 62.53 -7.29 -55.45
CA PHE C 231 61.96 -8.58 -55.77
C PHE C 231 61.34 -8.57 -57.16
N HIS C 232 60.55 -7.54 -57.47
CA HIS C 232 59.90 -7.52 -58.77
C HIS C 232 60.86 -7.19 -59.90
N LYS C 233 61.99 -6.52 -59.62
CA LYS C 233 62.95 -6.36 -60.69
C LYS C 233 63.85 -7.57 -60.84
N GLY C 234 63.96 -8.38 -59.79
CA GLY C 234 64.79 -9.57 -59.86
C GLY C 234 64.05 -10.76 -60.42
N ALA C 235 62.74 -10.82 -60.20
CA ALA C 235 61.90 -11.89 -60.73
C ALA C 235 61.54 -11.69 -62.19
N LYS C 236 61.90 -10.56 -62.78
CA LYS C 236 61.71 -10.35 -64.20
C LYS C 236 62.96 -10.72 -64.99
N LYS C 237 64.13 -10.64 -64.37
CA LYS C 237 65.36 -11.08 -64.99
C LYS C 237 65.69 -12.53 -64.64
N SER C 238 64.71 -13.30 -64.22
CA SER C 238 64.88 -14.72 -63.95
C SER C 238 63.76 -15.55 -64.56
N ARG C 239 62.86 -14.91 -65.32
CA ARG C 239 61.73 -15.55 -66.03
C ARG C 239 60.83 -16.31 -65.07
N PHE C 240 60.42 -15.63 -64.00
CA PHE C 240 59.56 -16.21 -62.97
C PHE C 240 58.20 -15.53 -63.04
N ASP C 241 57.16 -16.31 -63.33
CA ASP C 241 55.80 -15.79 -63.44
C ASP C 241 55.14 -15.78 -62.06
N LEU C 242 54.86 -14.58 -61.55
CA LEU C 242 54.20 -14.49 -60.26
C LEU C 242 52.70 -14.73 -60.37
N GLU C 243 52.12 -14.59 -61.56
CA GLU C 243 50.68 -14.77 -61.73
C GLU C 243 50.26 -16.22 -61.58
N LYS C 244 51.19 -17.16 -61.71
CA LYS C 244 50.91 -18.56 -61.40
C LYS C 244 51.11 -18.85 -59.92
N TYR C 245 52.18 -18.31 -59.34
CA TYR C 245 52.53 -18.59 -57.95
C TYR C 245 51.49 -18.00 -56.99
N ASN C 246 51.02 -16.79 -57.27
CA ASN C 246 50.05 -16.14 -56.39
C ASN C 246 48.72 -16.86 -56.44
N GLN C 247 48.29 -17.28 -57.62
CA GLN C 247 47.02 -17.99 -57.71
C GLN C 247 47.13 -19.42 -57.20
N LEU C 248 48.34 -19.98 -57.14
CA LEU C 248 48.49 -21.26 -56.48
C LEU C 248 48.41 -21.12 -54.97
N LYS C 249 49.04 -20.08 -54.42
CA LYS C 249 49.02 -19.93 -52.96
C LYS C 249 47.65 -19.52 -52.44
N ASP C 250 46.96 -18.62 -53.13
CA ASP C 250 45.61 -18.30 -52.66
C ASP C 250 44.62 -19.45 -52.90
N ALA C 251 44.82 -20.26 -53.95
CA ALA C 251 43.95 -21.42 -54.13
C ALA C 251 44.18 -22.46 -53.05
N ILE C 252 45.44 -22.64 -52.63
CA ILE C 252 45.76 -23.55 -51.53
C ILE C 252 45.12 -23.06 -50.23
N ALA C 253 45.21 -21.76 -49.98
CA ALA C 253 44.61 -21.21 -48.75
C ALA C 253 43.10 -21.29 -48.78
N GLN C 254 42.48 -21.11 -49.95
CA GLN C 254 41.02 -21.22 -50.03
C GLN C 254 40.55 -22.65 -49.81
N ALA C 255 41.30 -23.63 -50.35
CA ALA C 255 40.95 -25.03 -50.13
C ALA C 255 41.15 -25.42 -48.67
N GLU C 256 42.21 -24.91 -48.03
CA GLU C 256 42.42 -25.20 -46.61
C GLU C 256 41.38 -24.53 -45.73
N MET C 257 40.95 -23.33 -46.11
CA MET C 257 39.91 -22.63 -45.36
C MET C 257 38.58 -23.35 -45.47
N ASP C 258 38.23 -23.85 -46.67
CA ASP C 258 37.00 -24.61 -46.80
C ASP C 258 37.08 -25.96 -46.09
N LEU C 259 38.28 -26.54 -46.02
CA LEU C 259 38.44 -27.82 -45.31
C LEU C 259 38.28 -27.63 -43.81
N LYS C 260 38.93 -26.60 -43.26
CA LYS C 260 38.79 -26.34 -41.84
C LYS C 260 37.42 -25.79 -41.49
N ARG C 261 36.70 -25.24 -42.46
CA ARG C 261 35.36 -24.75 -42.21
C ARG C 261 34.31 -25.85 -42.27
N LEU C 262 34.59 -26.95 -42.97
CA LEU C 262 33.63 -28.04 -42.95
C LEU C 262 34.00 -29.16 -41.98
N ARG C 263 35.29 -29.32 -41.64
CA ARG C 263 35.68 -30.49 -40.85
C ARG C 263 35.24 -30.38 -39.39
N ASP C 264 35.19 -29.17 -38.85
CA ASP C 264 34.75 -28.99 -37.46
C ASP C 264 33.24 -29.16 -37.26
N PRO C 265 32.37 -28.78 -38.21
CA PRO C 265 30.98 -29.26 -38.13
C PRO C 265 30.82 -30.77 -38.18
N LEU C 266 31.77 -31.51 -38.76
CA LEU C 266 31.72 -32.96 -38.66
C LEU C 266 32.09 -33.43 -37.25
N GLN C 267 32.89 -32.64 -36.52
CA GLN C 267 33.20 -32.98 -35.13
C GLN C 267 32.04 -32.64 -34.21
N VAL C 268 31.63 -31.38 -34.17
CA VAL C 268 30.76 -30.90 -33.10
C VAL C 268 29.31 -30.73 -33.53
N HIS C 269 28.98 -31.10 -34.77
CA HIS C 269 27.61 -31.16 -35.30
C HIS C 269 26.89 -29.81 -35.23
N LEU C 270 27.63 -28.74 -35.46
CA LEU C 270 27.07 -27.41 -35.56
C LEU C 270 27.03 -26.97 -37.02
N PRO C 271 26.29 -25.91 -37.35
CA PRO C 271 26.42 -25.33 -38.70
C PRO C 271 27.80 -24.72 -38.92
N LEU C 272 28.07 -24.43 -40.19
CA LEU C 272 29.46 -24.23 -40.63
C LEU C 272 29.98 -22.84 -40.25
N ARG C 273 29.34 -21.79 -40.77
CA ARG C 273 29.84 -20.44 -40.56
C ARG C 273 29.33 -19.86 -39.25
N ASP D 1 -25.87 -7.15 -39.48
CA ASP D 1 -25.96 -7.50 -40.89
C ASP D 1 -25.27 -8.84 -41.15
N ASP D 2 -24.00 -8.76 -41.56
CA ASP D 2 -23.24 -9.92 -41.96
C ASP D 2 -21.83 -9.77 -41.41
N VAL D 3 -21.07 -10.85 -41.44
CA VAL D 3 -19.69 -10.85 -40.95
C VAL D 3 -18.79 -11.13 -42.14
N THR D 4 -17.94 -10.17 -42.49
CA THR D 4 -17.04 -10.28 -43.62
C THR D 4 -15.60 -10.38 -43.16
N VAL D 5 -14.81 -11.14 -43.90
CA VAL D 5 -13.38 -11.28 -43.65
C VAL D 5 -12.66 -10.91 -44.93
N VAL D 6 -11.79 -9.91 -44.86
CA VAL D 6 -10.96 -9.53 -46.00
C VAL D 6 -9.51 -9.48 -45.56
N TYR D 7 -8.61 -9.71 -46.50
CA TYR D 7 -7.18 -9.69 -46.23
C TYR D 7 -6.64 -8.33 -46.64
N GLN D 8 -6.00 -7.64 -45.69
CA GLN D 8 -5.32 -6.38 -45.95
C GLN D 8 -3.91 -6.49 -45.42
N ASN D 9 -2.94 -6.23 -46.30
CA ASN D 9 -1.50 -6.29 -46.00
C ASN D 9 -1.09 -7.66 -45.49
N GLY D 10 -1.72 -8.71 -46.02
CA GLY D 10 -1.46 -10.07 -45.57
C GLY D 10 -2.07 -10.43 -44.24
N LEU D 11 -2.92 -9.57 -43.67
CA LEU D 11 -3.52 -9.81 -42.38
C LEU D 11 -5.04 -9.89 -42.48
N PRO D 12 -5.67 -10.81 -41.75
CA PRO D 12 -7.13 -10.90 -41.78
C PRO D 12 -7.78 -9.78 -40.99
N VAL D 13 -8.87 -9.27 -41.55
CA VAL D 13 -9.64 -8.16 -41.01
C VAL D 13 -11.09 -8.60 -41.02
N ILE D 14 -11.67 -8.75 -39.83
CA ILE D 14 -13.03 -9.23 -39.65
C ILE D 14 -13.90 -8.06 -39.23
N SER D 15 -15.00 -7.84 -39.94
CA SER D 15 -15.87 -6.71 -39.65
C SER D 15 -17.20 -7.23 -39.13
N VAL D 16 -17.47 -6.99 -37.86
CA VAL D 16 -18.59 -7.60 -37.14
C VAL D 16 -19.60 -6.53 -36.77
N ARG D 17 -20.88 -6.84 -36.93
CA ARG D 17 -21.95 -5.98 -36.40
C ARG D 17 -22.21 -6.34 -34.95
N LEU D 18 -22.16 -5.35 -34.07
CA LEU D 18 -22.27 -5.60 -32.64
C LEU D 18 -23.70 -5.41 -32.16
N PRO D 19 -24.14 -6.17 -31.15
CA PRO D 19 -25.56 -6.14 -30.78
C PRO D 19 -25.99 -4.87 -30.08
N SER D 20 -25.20 -4.38 -29.12
CA SER D 20 -25.69 -3.34 -28.22
C SER D 20 -25.66 -1.97 -28.90
N ARG D 21 -24.53 -1.60 -29.48
CA ARG D 21 -24.34 -0.27 -30.03
C ARG D 21 -24.71 -0.17 -31.50
N ARG D 22 -24.76 -1.30 -32.21
CA ARG D 22 -25.27 -1.43 -33.58
C ARG D 22 -24.48 -0.58 -34.57
N GLU D 23 -23.15 -0.63 -34.45
CA GLU D 23 -22.25 -0.09 -35.47
C GLU D 23 -21.24 -1.16 -35.84
N ARG D 24 -20.77 -1.10 -37.07
CA ARG D 24 -19.90 -2.14 -37.60
C ARG D 24 -18.49 -1.92 -37.08
N CYS D 25 -18.04 -2.77 -36.17
CA CYS D 25 -16.69 -2.69 -35.67
C CYS D 25 -15.78 -3.58 -36.50
N GLN D 26 -14.47 -3.37 -36.35
CA GLN D 26 -13.48 -4.03 -37.19
C GLN D 26 -12.30 -4.50 -36.35
N PHE D 27 -11.93 -5.77 -36.52
CA PHE D 27 -10.87 -6.42 -35.76
C PHE D 27 -9.84 -6.97 -36.73
N THR D 28 -8.60 -6.51 -36.62
CA THR D 28 -7.51 -7.02 -37.44
C THR D 28 -6.63 -7.93 -36.59
N LEU D 29 -6.31 -9.10 -37.12
CA LEU D 29 -5.77 -10.18 -36.30
C LEU D 29 -4.46 -10.72 -36.87
N LYS D 30 -3.51 -11.00 -35.97
CA LYS D 30 -2.25 -11.60 -36.39
C LYS D 30 -2.44 -13.08 -36.61
N PRO D 31 -2.09 -13.63 -37.78
CA PRO D 31 -2.50 -14.99 -38.10
C PRO D 31 -1.72 -16.11 -37.44
N ILE D 32 -0.60 -15.86 -36.77
CA ILE D 32 0.17 -16.93 -36.14
C ILE D 32 0.08 -16.88 -34.61
N SER D 33 0.31 -15.71 -34.00
CA SER D 33 0.41 -15.65 -32.55
C SER D 33 -0.95 -15.52 -31.87
N ASP D 34 -1.96 -15.04 -32.57
CA ASP D 34 -3.27 -14.91 -31.93
C ASP D 34 -3.95 -16.27 -31.87
N SER D 35 -5.10 -16.28 -31.20
CA SER D 35 -5.83 -17.51 -30.95
C SER D 35 -7.29 -17.25 -31.24
N VAL D 36 -8.13 -18.26 -31.00
CA VAL D 36 -9.56 -18.02 -31.01
C VAL D 36 -9.97 -17.24 -29.77
N GLY D 37 -9.39 -17.58 -28.62
CA GLY D 37 -9.76 -16.93 -27.37
C GLY D 37 -9.40 -15.47 -27.30
N VAL D 38 -8.34 -15.05 -27.99
CA VAL D 38 -7.97 -13.64 -28.04
C VAL D 38 -9.00 -12.86 -28.83
N PHE D 39 -9.45 -13.39 -29.97
CA PHE D 39 -10.50 -12.75 -30.75
C PHE D 39 -11.82 -12.74 -30.01
N LEU D 40 -12.12 -13.80 -29.25
CA LEU D 40 -13.37 -13.84 -28.51
C LEU D 40 -13.37 -12.85 -27.35
N ARG D 41 -12.25 -12.69 -26.67
CA ARG D 41 -12.27 -11.71 -25.61
C ARG D 41 -12.04 -10.29 -26.09
N GLN D 42 -11.60 -10.10 -27.34
CA GLN D 42 -11.66 -8.75 -27.91
C GLN D 42 -13.08 -8.39 -28.30
N LEU D 43 -13.85 -9.37 -28.78
CA LEU D 43 -15.26 -9.16 -29.06
C LEU D 43 -16.02 -8.89 -27.77
N GLN D 44 -15.68 -9.63 -26.72
CA GLN D 44 -16.44 -9.56 -25.49
C GLN D 44 -16.11 -8.30 -24.71
N GLU D 45 -14.87 -7.80 -24.80
CA GLU D 45 -14.56 -6.53 -24.16
C GLU D 45 -14.87 -5.33 -25.03
N GLU D 46 -15.28 -5.54 -26.29
CA GLU D 46 -15.52 -4.40 -27.16
C GLU D 46 -16.79 -3.64 -26.78
N ASP D 47 -17.92 -4.34 -26.69
CA ASP D 47 -19.18 -3.65 -26.46
C ASP D 47 -19.94 -4.04 -25.20
N ARG D 48 -19.49 -5.04 -24.46
CA ARG D 48 -19.94 -5.43 -23.12
C ARG D 48 -21.37 -5.98 -23.07
N GLY D 49 -22.11 -5.98 -24.16
CA GLY D 49 -23.43 -6.57 -24.16
C GLY D 49 -23.45 -8.01 -24.57
N ILE D 50 -22.28 -8.58 -24.80
CA ILE D 50 -22.12 -9.95 -25.24
C ILE D 50 -21.78 -10.77 -24.01
N ASP D 51 -22.70 -11.64 -23.59
CA ASP D 51 -22.45 -12.51 -22.45
C ASP D 51 -22.01 -13.90 -22.85
N ARG D 52 -22.38 -14.35 -24.04
CA ARG D 52 -21.91 -15.62 -24.59
C ARG D 52 -21.45 -15.37 -26.02
N VAL D 53 -20.23 -15.80 -26.32
CA VAL D 53 -19.70 -15.77 -27.68
C VAL D 53 -18.94 -17.07 -27.89
N ALA D 54 -19.08 -17.66 -29.08
CA ALA D 54 -18.43 -18.93 -29.37
C ALA D 54 -18.20 -19.05 -30.86
N ILE D 55 -17.26 -19.91 -31.24
CA ILE D 55 -16.95 -20.19 -32.64
C ILE D 55 -17.09 -21.68 -32.88
N TYR D 56 -17.93 -22.05 -33.83
CA TYR D 56 -18.24 -23.43 -34.15
C TYR D 56 -17.71 -23.78 -35.54
N SER D 57 -17.35 -25.04 -35.72
CA SER D 57 -17.05 -25.56 -37.04
C SER D 57 -18.36 -25.71 -37.81
N PRO D 58 -18.31 -25.76 -39.15
CA PRO D 58 -19.58 -25.85 -39.91
C PRO D 58 -20.28 -27.20 -39.82
N ASP D 59 -19.69 -28.21 -39.18
CA ASP D 59 -20.34 -29.48 -38.98
C ASP D 59 -20.79 -29.67 -37.52
N GLY D 60 -20.92 -28.58 -36.77
CA GLY D 60 -21.53 -28.65 -35.47
C GLY D 60 -20.60 -28.49 -34.28
N VAL D 61 -19.39 -29.03 -34.36
CA VAL D 61 -18.48 -28.99 -33.20
C VAL D 61 -17.92 -27.58 -33.05
N ARG D 62 -17.41 -27.30 -31.86
CA ARG D 62 -16.83 -25.99 -31.58
C ARG D 62 -15.32 -26.09 -31.51
N VAL D 63 -14.65 -25.03 -31.91
CA VAL D 63 -13.21 -24.95 -31.79
C VAL D 63 -12.86 -24.40 -30.41
N ALA D 64 -11.72 -24.82 -29.89
CA ALA D 64 -11.31 -24.41 -28.56
C ALA D 64 -10.68 -23.02 -28.63
N ALA D 65 -10.48 -22.43 -27.45
CA ALA D 65 -9.93 -21.08 -27.38
C ALA D 65 -8.42 -21.04 -27.50
N SER D 66 -7.75 -22.18 -27.50
CA SER D 66 -6.32 -22.24 -27.72
C SER D 66 -5.95 -22.63 -29.13
N THR D 67 -6.93 -22.91 -29.98
CA THR D 67 -6.67 -23.18 -31.39
C THR D 67 -6.14 -21.93 -32.07
N GLY D 68 -5.05 -22.07 -32.81
CA GLY D 68 -4.51 -20.96 -33.55
C GLY D 68 -5.47 -20.52 -34.65
N ILE D 69 -5.31 -19.27 -35.08
CA ILE D 69 -6.29 -18.70 -35.97
C ILE D 69 -6.02 -19.02 -37.43
N ASP D 70 -4.76 -19.33 -37.79
CA ASP D 70 -4.49 -19.78 -39.16
C ASP D 70 -5.04 -21.17 -39.43
N LEU D 71 -5.28 -21.97 -38.38
CA LEU D 71 -6.02 -23.21 -38.56
C LEU D 71 -7.51 -22.96 -38.68
N LEU D 72 -7.98 -21.86 -38.08
CA LEU D 72 -9.40 -21.54 -38.11
C LEU D 72 -9.80 -20.99 -39.46
N LEU D 73 -8.96 -20.15 -40.05
CA LEU D 73 -9.33 -19.39 -41.24
C LEU D 73 -9.15 -20.16 -42.54
N LEU D 74 -9.12 -21.49 -42.50
CA LEU D 74 -9.03 -22.26 -43.73
C LEU D 74 -10.39 -22.66 -44.27
N ASP D 75 -11.29 -23.08 -43.39
CA ASP D 75 -12.66 -23.42 -43.75
C ASP D 75 -13.60 -22.33 -43.27
N ASP D 76 -14.89 -22.52 -43.55
CA ASP D 76 -15.91 -21.63 -43.00
C ASP D 76 -16.05 -21.88 -41.50
N PHE D 77 -16.75 -20.97 -40.81
CA PHE D 77 -17.13 -21.26 -39.44
C PHE D 77 -18.42 -20.53 -39.11
N LYS D 78 -18.91 -20.75 -37.89
CA LYS D 78 -20.08 -20.07 -37.37
C LYS D 78 -19.68 -19.29 -36.13
N LEU D 79 -20.04 -18.02 -36.10
CA LEU D 79 -19.73 -17.15 -34.97
C LEU D 79 -21.06 -16.92 -34.24
N VAL D 80 -21.17 -17.48 -33.05
CA VAL D 80 -22.36 -17.33 -32.24
C VAL D 80 -22.14 -16.14 -31.31
N ILE D 81 -22.90 -15.07 -31.53
CA ILE D 81 -22.86 -13.88 -30.68
C ILE D 81 -24.25 -13.80 -30.05
N ASN D 82 -24.33 -14.25 -28.80
CA ASN D 82 -25.33 -13.91 -27.79
C ASN D 82 -26.72 -14.48 -28.05
N ASP D 83 -27.11 -14.65 -29.32
CA ASP D 83 -28.28 -15.42 -29.70
C ASP D 83 -28.09 -15.99 -31.09
N LEU D 84 -27.21 -15.35 -31.87
CA LEU D 84 -27.29 -15.36 -33.32
C LEU D 84 -26.05 -16.02 -33.89
N THR D 85 -26.25 -16.95 -34.81
CA THR D 85 -25.15 -17.62 -35.49
C THR D 85 -24.94 -16.94 -36.83
N TYR D 86 -23.88 -16.15 -36.94
CA TYR D 86 -23.47 -15.60 -38.21
C TYR D 86 -22.60 -16.63 -38.89
N HIS D 87 -22.83 -16.87 -40.17
CA HIS D 87 -22.03 -17.82 -40.92
C HIS D 87 -20.93 -17.05 -41.64
N VAL D 88 -19.68 -17.38 -41.33
CA VAL D 88 -18.52 -16.66 -41.83
C VAL D 88 -17.82 -17.54 -42.85
N ARG D 89 -17.55 -16.97 -44.02
CA ARG D 89 -16.88 -17.68 -45.11
C ARG D 89 -15.63 -16.91 -45.49
N PRO D 90 -14.46 -17.35 -45.06
CA PRO D 90 -13.22 -16.64 -45.37
C PRO D 90 -12.83 -16.84 -46.82
N PRO D 91 -11.95 -15.99 -47.36
CA PRO D 91 -11.46 -16.21 -48.72
C PRO D 91 -10.51 -17.40 -48.77
N LYS D 92 -10.68 -18.23 -49.79
CA LYS D 92 -9.82 -19.39 -49.95
C LYS D 92 -8.43 -18.95 -50.41
N ARG D 93 -7.44 -19.74 -50.00
CA ARG D 93 -6.04 -19.46 -50.23
C ARG D 93 -5.44 -20.35 -51.32
N ASP D 94 -4.19 -20.02 -51.64
CA ASP D 94 -3.34 -20.79 -52.53
C ASP D 94 -2.68 -21.87 -51.69
N LEU D 95 -3.06 -23.13 -51.92
CA LEU D 95 -2.69 -24.18 -50.99
C LEU D 95 -1.98 -25.36 -51.66
N LEU D 96 -1.76 -26.41 -50.87
CA LEU D 96 -1.28 -27.70 -51.33
C LEU D 96 -2.47 -28.52 -51.83
N SER D 97 -2.17 -29.53 -52.63
CA SER D 97 -3.23 -30.45 -53.04
C SER D 97 -3.61 -31.35 -51.87
N HIS D 98 -4.64 -32.16 -52.05
CA HIS D 98 -5.02 -33.07 -50.98
C HIS D 98 -4.15 -34.32 -50.91
N GLU D 99 -3.27 -34.53 -51.89
CA GLU D 99 -2.32 -35.63 -51.85
C GLU D 99 -0.94 -35.22 -51.37
N ASN D 100 -0.58 -33.94 -51.52
CA ASN D 100 0.67 -33.43 -51.00
C ASN D 100 0.56 -33.06 -49.53
N ALA D 101 -0.60 -32.57 -49.11
CA ALA D 101 -0.79 -32.18 -47.73
C ALA D 101 -0.80 -33.39 -46.80
N ALA D 102 -1.32 -34.52 -47.27
CA ALA D 102 -1.24 -35.74 -46.46
C ALA D 102 0.18 -36.25 -46.35
N THR D 103 0.99 -36.08 -47.40
CA THR D 103 2.39 -36.50 -47.35
C THR D 103 3.19 -35.63 -46.41
N LEU D 104 2.99 -34.31 -46.47
CA LEU D 104 3.67 -33.41 -45.55
C LEU D 104 3.20 -33.64 -44.12
N ASN D 105 1.91 -33.94 -43.94
CA ASN D 105 1.38 -34.27 -42.61
C ASN D 105 2.01 -35.53 -42.08
N ASP D 106 2.20 -36.53 -42.93
CA ASP D 106 2.80 -37.78 -42.48
C ASP D 106 4.28 -37.61 -42.16
N VAL D 107 4.98 -36.74 -42.90
CA VAL D 107 6.37 -36.42 -42.55
C VAL D 107 6.44 -35.70 -41.21
N LYS D 108 5.55 -34.72 -41.00
CA LYS D 108 5.56 -33.94 -39.77
C LYS D 108 5.18 -34.77 -38.56
N THR D 109 4.36 -35.81 -38.73
CA THR D 109 4.06 -36.67 -37.61
C THR D 109 4.96 -37.89 -37.53
N LEU D 110 5.80 -38.12 -38.53
CA LEU D 110 6.76 -39.22 -38.48
C LEU D 110 8.10 -38.79 -37.92
N VAL D 111 8.48 -37.53 -38.10
CA VAL D 111 9.66 -37.01 -37.43
C VAL D 111 9.41 -36.89 -35.93
N GLN D 112 8.23 -36.41 -35.55
CA GLN D 112 7.93 -36.13 -34.16
C GLN D 112 7.72 -37.41 -33.34
N GLN D 113 7.32 -38.51 -33.98
CA GLN D 113 7.29 -39.78 -33.25
C GLN D 113 8.65 -40.45 -33.17
N LEU D 114 9.67 -39.90 -33.80
CA LEU D 114 11.04 -40.34 -33.59
C LEU D 114 11.79 -39.47 -32.63
N TYR D 115 11.37 -38.21 -32.47
CA TYR D 115 11.95 -37.32 -31.47
C TYR D 115 11.58 -37.72 -30.05
N THR D 116 10.56 -38.56 -29.88
CA THR D 116 10.08 -38.97 -28.57
C THR D 116 10.58 -40.36 -28.18
N THR D 117 10.51 -41.33 -29.08
CA THR D 117 10.91 -42.69 -28.72
C THR D 117 12.41 -42.87 -28.69
N LEU D 118 13.18 -41.96 -29.29
CA LEU D 118 14.63 -42.01 -29.20
C LEU D 118 15.18 -41.16 -28.06
N CYS D 119 14.32 -40.38 -27.40
CA CYS D 119 14.67 -39.52 -26.26
C CYS D 119 15.76 -38.51 -26.63
N ILE D 120 15.42 -37.64 -27.56
CA ILE D 120 16.41 -36.75 -28.17
C ILE D 120 16.73 -35.56 -27.27
N GLU D 121 15.76 -35.09 -26.48
CA GLU D 121 15.98 -33.94 -25.61
C GLU D 121 17.02 -34.23 -24.54
N GLN D 122 16.95 -35.41 -23.93
CA GLN D 122 17.98 -35.80 -22.98
C GLN D 122 19.32 -36.02 -23.67
N HIS D 123 19.33 -36.38 -24.94
CA HIS D 123 20.58 -36.49 -25.69
C HIS D 123 21.22 -35.13 -25.90
N GLN D 124 20.41 -34.10 -26.19
CA GLN D 124 20.96 -32.76 -26.35
C GLN D 124 21.45 -32.18 -25.02
N LEU D 125 20.70 -32.42 -23.94
CA LEU D 125 21.17 -31.95 -22.64
C LEU D 125 22.39 -32.73 -22.15
N ASN D 126 22.51 -34.00 -22.55
CA ASN D 126 23.73 -34.75 -22.30
C ASN D 126 24.89 -34.17 -23.07
N LYS D 127 24.63 -33.69 -24.29
CA LYS D 127 25.68 -33.06 -25.09
C LYS D 127 26.17 -31.76 -24.46
N GLU D 128 25.26 -30.91 -23.98
CA GLU D 128 25.73 -29.70 -23.33
C GLU D 128 26.36 -29.98 -21.98
N ARG D 129 25.96 -31.07 -21.30
CA ARG D 129 26.61 -31.41 -20.04
C ARG D 129 28.03 -31.90 -20.28
N GLU D 130 28.24 -32.61 -21.39
CA GLU D 130 29.58 -33.02 -21.79
C GLU D 130 30.44 -31.82 -22.15
N LEU D 131 29.85 -30.81 -22.83
CA LEU D 131 30.60 -29.61 -23.16
C LEU D 131 30.97 -28.80 -21.91
N ILE D 132 30.04 -28.67 -20.98
CA ILE D 132 30.31 -27.94 -19.74
C ILE D 132 31.37 -28.66 -18.91
N GLU D 133 31.32 -29.99 -18.88
CA GLU D 133 32.32 -30.73 -18.13
C GLU D 133 33.69 -30.65 -18.77
N ARG D 134 33.76 -30.65 -20.10
CA ARG D 134 35.06 -30.50 -20.76
C ARG D 134 35.63 -29.10 -20.56
N LEU D 135 34.76 -28.09 -20.58
CA LEU D 135 35.23 -26.72 -20.33
C LEU D 135 35.72 -26.55 -18.90
N GLU D 136 34.96 -27.03 -17.91
CA GLU D 136 35.41 -26.85 -16.53
C GLU D 136 36.47 -27.87 -16.11
N ASP D 137 36.81 -28.85 -16.94
CA ASP D 137 38.01 -29.66 -16.71
C ASP D 137 39.22 -29.18 -17.49
N LEU D 138 39.05 -28.33 -18.51
CA LEU D 138 40.21 -27.64 -19.07
C LEU D 138 40.67 -26.51 -18.16
N LYS D 139 39.76 -25.93 -17.38
CA LYS D 139 40.14 -24.93 -16.39
C LYS D 139 40.68 -25.54 -15.11
N GLU D 140 40.74 -26.86 -15.02
CA GLU D 140 41.27 -27.51 -13.84
C GLU D 140 42.79 -27.62 -13.91
N GLN D 141 43.33 -27.95 -15.08
CA GLN D 141 44.78 -28.06 -15.23
C GLN D 141 45.42 -26.75 -15.69
N LEU D 142 44.68 -25.64 -15.65
CA LEU D 142 45.25 -24.34 -15.93
C LEU D 142 45.62 -23.58 -14.66
N ALA D 143 44.86 -23.77 -13.59
CA ALA D 143 45.11 -23.04 -12.35
C ALA D 143 46.45 -23.30 -11.66
N PRO D 144 47.10 -24.46 -11.79
CA PRO D 144 48.52 -24.52 -11.40
C PRO D 144 49.43 -23.63 -12.23
N LEU D 145 49.15 -23.46 -13.52
CA LEU D 145 50.09 -22.75 -14.38
C LEU D 145 50.00 -21.23 -14.24
N GLU D 146 48.80 -20.69 -14.01
CA GLU D 146 48.70 -19.25 -13.88
C GLU D 146 49.31 -18.73 -12.58
N LYS D 147 49.41 -19.57 -11.54
CA LYS D 147 50.09 -19.15 -10.33
C LYS D 147 51.58 -18.94 -10.57
N VAL D 148 52.15 -19.66 -11.53
CA VAL D 148 53.53 -19.40 -11.92
C VAL D 148 53.60 -18.24 -12.90
N ARG D 149 52.64 -18.15 -13.81
CA ARG D 149 52.69 -17.14 -14.87
C ARG D 149 52.51 -15.73 -14.30
N ILE D 150 51.67 -15.59 -13.28
CA ILE D 150 51.46 -14.28 -12.67
C ILE D 150 52.72 -13.84 -11.95
N GLU D 151 53.44 -14.79 -11.34
CA GLU D 151 54.72 -14.49 -10.68
C GLU D 151 55.75 -14.02 -11.69
N ILE D 152 55.85 -14.72 -12.83
CA ILE D 152 56.84 -14.38 -13.85
C ILE D 152 56.52 -13.02 -14.48
N SER D 153 55.25 -12.79 -14.81
CA SER D 153 54.87 -11.50 -15.38
C SER D 153 55.05 -10.35 -14.40
N ARG D 154 54.84 -10.59 -13.11
CA ARG D 154 55.04 -9.55 -12.11
C ARG D 154 56.52 -9.20 -11.97
N LYS D 155 57.38 -10.20 -11.88
CA LYS D 155 58.80 -9.90 -11.76
C LYS D 155 59.47 -9.64 -13.10
N ALA D 156 58.71 -9.60 -14.21
CA ALA D 156 59.20 -9.00 -15.43
C ALA D 156 58.78 -7.54 -15.60
N GLU D 157 57.56 -7.21 -15.19
CA GLU D 157 57.18 -5.79 -15.20
C GLU D 157 57.96 -4.99 -14.17
N LYS D 158 58.32 -5.62 -13.04
CA LYS D 158 59.14 -4.96 -12.05
C LYS D 158 60.55 -4.67 -12.55
N ARG D 159 61.02 -5.38 -13.58
CA ARG D 159 62.28 -5.04 -14.21
C ARG D 159 62.13 -4.11 -15.40
N THR D 160 60.96 -4.07 -16.03
CA THR D 160 60.75 -3.11 -17.11
C THR D 160 60.64 -1.68 -16.58
N THR D 161 59.97 -1.50 -15.43
CA THR D 161 59.91 -0.16 -14.85
C THR D 161 61.27 0.36 -14.40
N LEU D 162 62.20 -0.54 -14.09
CA LEU D 162 63.55 -0.12 -13.75
C LEU D 162 64.25 0.56 -14.94
N VAL D 163 64.12 -0.02 -16.13
CA VAL D 163 64.78 0.62 -17.27
C VAL D 163 64.03 1.86 -17.73
N LEU D 164 62.72 1.95 -17.48
CA LEU D 164 62.01 3.20 -17.80
C LEU D 164 62.47 4.35 -16.91
N TRP D 165 62.50 4.12 -15.58
CA TRP D 165 63.00 5.16 -14.68
C TRP D 165 64.48 5.42 -14.86
N GLY D 166 65.24 4.42 -15.32
CA GLY D 166 66.65 4.65 -15.60
C GLY D 166 66.86 5.52 -16.81
N GLY D 167 66.02 5.38 -17.83
CA GLY D 167 66.10 6.28 -18.97
C GLY D 167 65.74 7.71 -18.62
N LEU D 168 64.75 7.87 -17.74
CA LEU D 168 64.43 9.23 -17.27
C LEU D 168 65.57 9.83 -16.45
N ALA D 169 66.19 9.03 -15.59
CA ALA D 169 67.32 9.51 -14.81
C ALA D 169 68.53 9.83 -15.68
N TYR D 170 68.72 9.09 -16.78
CA TYR D 170 69.80 9.40 -17.69
C TYR D 170 69.58 10.72 -18.41
N MET D 171 68.34 10.98 -18.85
CA MET D 171 68.06 12.27 -19.49
C MET D 171 68.24 13.43 -18.51
N ALA D 172 67.88 13.23 -17.24
CA ALA D 172 68.12 14.27 -16.24
C ALA D 172 69.61 14.48 -15.99
N THR D 173 70.40 13.40 -16.02
CA THR D 173 71.85 13.51 -15.81
C THR D 173 72.51 14.25 -16.96
N GLN D 174 72.06 13.99 -18.19
CA GLN D 174 72.60 14.71 -19.34
C GLN D 174 72.21 16.18 -19.33
N PHE D 175 71.00 16.49 -18.85
CA PHE D 175 70.62 17.88 -18.62
C PHE D 175 71.55 18.56 -17.63
N GLY D 176 71.88 17.88 -16.53
CA GLY D 176 72.76 18.49 -15.54
C GLY D 176 74.18 18.70 -16.05
N ILE D 177 74.72 17.72 -16.79
CA ILE D 177 76.07 17.83 -17.33
C ILE D 177 76.15 18.95 -18.37
N LEU D 178 75.17 19.04 -19.27
CA LEU D 178 75.21 20.11 -20.24
C LEU D 178 74.77 21.45 -19.67
N ALA D 179 74.17 21.49 -18.49
CA ALA D 179 73.78 22.77 -17.93
C ALA D 179 74.86 23.37 -17.05
N ARG D 180 75.74 22.54 -16.49
CA ARG D 180 76.82 23.08 -15.68
C ARG D 180 77.87 23.81 -16.51
N LEU D 181 78.26 23.24 -17.66
CA LEU D 181 79.37 23.79 -18.41
C LEU D 181 79.04 25.06 -19.20
N THR D 182 77.80 25.22 -19.67
CA THR D 182 77.53 26.38 -20.49
C THR D 182 77.43 27.67 -19.70
N TRP D 183 77.23 27.59 -18.40
CA TRP D 183 77.11 28.82 -17.63
C TRP D 183 78.17 28.99 -16.56
N TRP D 184 78.58 27.91 -15.90
CA TRP D 184 79.57 28.05 -14.83
C TRP D 184 80.99 28.02 -15.36
N GLU D 185 81.41 26.92 -15.98
CA GLU D 185 82.82 26.76 -16.34
C GLU D 185 83.14 27.35 -17.72
N TYR D 186 82.53 26.83 -18.76
CA TYR D 186 82.84 27.27 -20.12
C TYR D 186 81.76 28.23 -20.59
N SER D 187 81.77 28.54 -21.87
CA SER D 187 80.77 29.39 -22.47
C SER D 187 79.91 28.55 -23.41
N TRP D 188 78.90 29.20 -24.00
CA TRP D 188 78.06 28.53 -24.97
C TRP D 188 78.80 28.32 -26.29
N ASP D 189 79.79 29.17 -26.57
CA ASP D 189 80.58 29.05 -27.79
C ASP D 189 81.52 27.85 -27.79
N ILE D 190 81.72 27.21 -26.65
CA ILE D 190 82.44 25.95 -26.58
C ILE D 190 81.52 24.76 -26.60
N MET D 191 80.38 24.85 -25.90
CA MET D 191 79.50 23.71 -25.73
C MET D 191 78.39 23.58 -26.76
N GLU D 192 78.25 24.54 -27.67
CA GLU D 192 77.20 24.38 -28.67
C GLU D 192 77.48 23.27 -29.70
N PRO D 193 78.69 23.11 -30.27
CA PRO D 193 78.88 21.96 -31.19
C PRO D 193 78.86 20.61 -30.50
N VAL D 194 79.21 20.53 -29.22
CA VAL D 194 79.09 19.28 -28.48
C VAL D 194 77.63 18.89 -28.35
N THR D 195 76.78 19.85 -28.08
CA THR D 195 75.39 19.52 -27.89
C THR D 195 74.65 19.39 -29.21
N TYR D 196 75.24 19.83 -30.32
CA TYR D 196 74.68 19.40 -31.61
C TYR D 196 75.05 17.95 -31.92
N PHE D 197 76.31 17.59 -31.70
CA PHE D 197 76.73 16.24 -32.08
C PHE D 197 76.14 15.18 -31.17
N ILE D 198 75.76 15.54 -29.94
CA ILE D 198 74.99 14.62 -29.10
C ILE D 198 73.63 14.33 -29.71
N THR D 199 72.97 15.36 -30.24
CA THR D 199 71.69 15.19 -30.92
C THR D 199 71.82 14.33 -32.17
N TYR D 200 72.86 14.57 -32.96
CA TYR D 200 73.04 13.76 -34.16
C TYR D 200 73.45 12.32 -33.82
N GLY D 201 74.16 12.11 -32.72
CA GLY D 201 74.43 10.75 -32.28
C GLY D 201 73.20 10.02 -31.81
N SER D 202 72.27 10.74 -31.17
CA SER D 202 71.00 10.14 -30.80
C SER D 202 70.18 9.78 -32.02
N ALA D 203 70.22 10.63 -33.05
CA ALA D 203 69.55 10.32 -34.31
C ALA D 203 70.19 9.16 -35.04
N MET D 204 71.49 8.94 -34.85
CA MET D 204 72.13 7.74 -35.40
C MET D 204 71.74 6.49 -34.62
N ALA D 205 71.66 6.60 -33.30
CA ALA D 205 71.32 5.44 -32.48
C ALA D 205 69.89 4.98 -32.69
N MET D 206 68.97 5.92 -32.92
CA MET D 206 67.59 5.52 -33.19
C MET D 206 67.42 4.87 -34.56
N TYR D 207 68.35 5.08 -35.48
CA TYR D 207 68.34 4.36 -36.75
C TYR D 207 69.03 3.01 -36.64
N ALA D 208 70.10 2.92 -35.85
CA ALA D 208 70.74 1.63 -35.62
C ALA D 208 69.81 0.68 -34.89
N TYR D 209 68.91 1.22 -34.06
CA TYR D 209 67.86 0.41 -33.45
C TYR D 209 66.94 -0.19 -34.51
N PHE D 210 66.63 0.57 -35.56
CA PHE D 210 65.78 0.05 -36.61
C PHE D 210 66.48 -0.99 -37.46
N VAL D 211 67.76 -0.78 -37.75
CA VAL D 211 68.48 -1.76 -38.58
C VAL D 211 68.65 -3.06 -37.82
N MET D 212 68.93 -2.97 -36.54
CA MET D 212 69.21 -4.16 -35.75
C MET D 212 67.94 -4.88 -35.30
N THR D 213 66.87 -4.15 -34.98
CA THR D 213 65.69 -4.73 -34.35
C THR D 213 64.54 -4.97 -35.33
N ARG D 214 64.66 -4.48 -36.57
CA ARG D 214 63.65 -4.56 -37.64
C ARG D 214 62.32 -3.92 -37.25
N GLN D 215 62.33 -2.96 -36.33
CA GLN D 215 61.14 -2.19 -36.04
C GLN D 215 61.55 -0.81 -35.57
N GLU D 216 60.64 0.14 -35.69
CA GLU D 216 60.96 1.53 -35.41
C GLU D 216 61.02 1.77 -33.90
N TYR D 217 61.74 2.82 -33.52
CA TYR D 217 61.92 3.13 -32.10
C TYR D 217 60.84 4.11 -31.67
N VAL D 218 59.74 3.57 -31.15
CA VAL D 218 58.75 4.35 -30.44
C VAL D 218 58.61 3.75 -29.06
N TYR D 219 58.12 4.57 -28.13
CA TYR D 219 58.12 4.17 -26.72
C TYR D 219 57.21 2.98 -26.38
N PRO D 220 55.90 2.97 -26.69
CA PRO D 220 55.08 1.85 -26.22
C PRO D 220 55.26 0.56 -26.99
N GLU D 221 56.11 0.51 -28.01
CA GLU D 221 56.48 -0.75 -28.63
C GLU D 221 57.83 -1.27 -28.17
N ALA D 222 58.77 -0.36 -27.91
CA ALA D 222 60.02 -0.76 -27.28
C ALA D 222 59.80 -1.28 -25.86
N ARG D 223 58.83 -0.71 -25.14
CA ARG D 223 58.52 -1.22 -23.81
C ARG D 223 57.94 -2.63 -23.88
N ASP D 224 57.05 -2.88 -24.84
CA ASP D 224 56.46 -4.21 -24.96
C ASP D 224 57.48 -5.24 -25.42
N ARG D 225 58.39 -4.86 -26.32
CA ARG D 225 59.40 -5.80 -26.77
C ARG D 225 60.35 -6.15 -25.62
N GLN D 226 60.78 -5.14 -24.86
CA GLN D 226 61.65 -5.37 -23.71
C GLN D 226 60.95 -6.23 -22.65
N TYR D 227 59.64 -6.03 -22.48
CA TYR D 227 58.88 -6.84 -21.53
C TYR D 227 58.82 -8.28 -21.98
N LEU D 228 58.64 -8.51 -23.29
CA LEU D 228 58.60 -9.89 -23.78
C LEU D 228 59.96 -10.56 -23.67
N LEU D 229 61.04 -9.81 -23.85
CA LEU D 229 62.36 -10.40 -23.68
C LEU D 229 62.64 -10.75 -22.23
N PHE D 230 62.22 -9.90 -21.29
CA PHE D 230 62.35 -10.21 -19.87
C PHE D 230 61.50 -11.42 -19.48
N PHE D 231 60.28 -11.50 -20.03
CA PHE D 231 59.40 -12.63 -19.73
C PHE D 231 59.95 -13.92 -20.29
N HIS D 232 60.46 -13.90 -21.52
CA HIS D 232 60.96 -15.14 -22.09
C HIS D 232 62.33 -15.52 -21.56
N LYS D 233 63.05 -14.59 -20.92
CA LYS D 233 64.22 -15.03 -20.17
C LYS D 233 63.81 -15.67 -18.86
N GLY D 234 62.86 -15.05 -18.15
CA GLY D 234 62.43 -15.59 -16.87
C GLY D 234 61.67 -16.90 -16.96
N ALA D 235 60.94 -17.11 -18.06
CA ALA D 235 60.21 -18.36 -18.22
C ALA D 235 61.14 -19.51 -18.54
N LYS D 236 62.30 -19.23 -19.13
CA LYS D 236 63.29 -20.27 -19.34
C LYS D 236 64.14 -20.46 -18.10
N LYS D 237 64.29 -19.41 -17.28
CA LYS D 237 65.05 -19.56 -16.05
C LYS D 237 64.29 -20.37 -15.02
N SER D 238 62.97 -20.20 -14.95
CA SER D 238 62.15 -20.92 -14.00
C SER D 238 61.61 -22.23 -14.57
N ARG D 239 62.05 -22.62 -15.77
CA ARG D 239 61.69 -23.87 -16.45
C ARG D 239 60.17 -23.98 -16.63
N PHE D 240 59.55 -22.88 -17.04
CA PHE D 240 58.12 -22.84 -17.24
C PHE D 240 57.72 -23.57 -18.52
N ASP D 241 56.56 -24.22 -18.49
CA ASP D 241 56.06 -25.01 -19.61
C ASP D 241 55.11 -24.15 -20.41
N LEU D 242 55.69 -23.34 -21.29
CA LEU D 242 54.92 -22.30 -21.98
C LEU D 242 53.98 -22.88 -23.04
N GLU D 243 54.39 -23.97 -23.70
CA GLU D 243 53.62 -24.48 -24.82
C GLU D 243 52.32 -25.12 -24.36
N LYS D 244 52.35 -25.82 -23.22
CA LYS D 244 51.13 -26.35 -22.63
C LYS D 244 50.21 -25.24 -22.18
N TYR D 245 50.77 -24.12 -21.70
CA TYR D 245 49.96 -22.97 -21.33
C TYR D 245 49.27 -22.35 -22.54
N ASN D 246 49.98 -22.24 -23.66
CA ASN D 246 49.36 -21.68 -24.86
C ASN D 246 48.31 -22.63 -25.43
N GLN D 247 48.55 -23.94 -25.34
CA GLN D 247 47.57 -24.92 -25.80
C GLN D 247 46.30 -24.87 -24.95
N LEU D 248 46.45 -24.72 -23.63
CA LEU D 248 45.27 -24.61 -22.77
C LEU D 248 44.54 -23.30 -23.00
N LYS D 249 45.27 -22.20 -23.21
CA LYS D 249 44.62 -20.92 -23.44
C LYS D 249 43.96 -20.85 -24.81
N ASP D 250 44.38 -21.66 -25.76
CA ASP D 250 43.63 -21.76 -27.01
C ASP D 250 42.42 -22.67 -26.88
N ALA D 251 42.58 -23.81 -26.19
CA ALA D 251 41.50 -24.79 -26.09
C ALA D 251 40.34 -24.29 -25.25
N ILE D 252 40.62 -23.49 -24.22
CA ILE D 252 39.53 -22.91 -23.42
C ILE D 252 38.75 -21.90 -24.24
N ALA D 253 39.46 -21.07 -25.01
CA ALA D 253 38.79 -20.08 -25.84
C ALA D 253 38.05 -20.71 -27.01
N GLN D 254 38.40 -21.94 -27.39
CA GLN D 254 37.61 -22.64 -28.41
C GLN D 254 36.40 -23.34 -27.79
N ALA D 255 36.56 -23.93 -26.61
CA ALA D 255 35.44 -24.61 -25.97
C ALA D 255 34.38 -23.62 -25.50
N GLU D 256 34.77 -22.42 -25.08
CA GLU D 256 33.78 -21.42 -24.72
C GLU D 256 33.00 -20.93 -25.93
N MET D 257 33.66 -20.84 -27.08
CA MET D 257 32.96 -20.45 -28.30
C MET D 257 32.02 -21.55 -28.78
N ASP D 258 32.43 -22.81 -28.63
CA ASP D 258 31.53 -23.92 -28.98
C ASP D 258 30.32 -23.98 -28.05
N LEU D 259 30.52 -23.68 -26.76
CA LEU D 259 29.41 -23.66 -25.84
C LEU D 259 28.49 -22.48 -26.11
N LYS D 260 29.04 -21.32 -26.48
CA LYS D 260 28.23 -20.18 -26.84
C LYS D 260 27.45 -20.41 -28.13
N ARG D 261 27.99 -21.20 -29.05
CA ARG D 261 27.25 -21.52 -30.25
C ARG D 261 26.23 -22.61 -30.02
N LEU D 262 26.40 -23.44 -28.99
CA LEU D 262 25.42 -24.47 -28.71
C LEU D 262 24.16 -23.89 -28.09
N ARG D 263 24.30 -22.95 -27.14
CA ARG D 263 23.15 -22.37 -26.45
C ARG D 263 22.66 -21.08 -27.11
N ASP D 264 22.82 -20.96 -28.42
CA ASP D 264 22.39 -19.81 -29.20
C ASP D 264 20.87 -19.64 -29.10
N PRO D 265 20.37 -18.49 -28.64
CA PRO D 265 18.92 -18.34 -28.46
C PRO D 265 18.13 -18.28 -29.76
N LEU D 266 18.75 -17.95 -30.89
CA LEU D 266 18.03 -17.93 -32.14
C LEU D 266 17.92 -19.31 -32.78
N GLN D 267 18.61 -20.32 -32.27
CA GLN D 267 18.46 -21.68 -32.73
C GLN D 267 17.75 -22.51 -31.67
N VAL D 268 17.45 -23.77 -32.00
CA VAL D 268 16.63 -24.62 -31.16
C VAL D 268 17.44 -25.85 -30.75
N HIS D 269 18.75 -25.65 -30.58
CA HIS D 269 19.65 -26.73 -30.21
C HIS D 269 19.32 -27.33 -28.86
N LEU D 270 18.84 -26.53 -27.92
CA LEU D 270 18.48 -27.00 -26.59
C LEU D 270 17.10 -26.50 -26.22
N PRO D 271 16.32 -27.31 -25.51
CA PRO D 271 15.00 -26.86 -25.06
C PRO D 271 15.11 -25.78 -24.00
N LEU D 272 14.12 -24.89 -23.99
CA LEU D 272 14.12 -23.77 -23.05
C LEU D 272 13.56 -24.15 -21.68
N ARG D 273 12.98 -25.36 -21.56
CA ARG D 273 12.35 -25.88 -20.33
C ARG D 273 11.21 -24.99 -19.86
N VAL E 1 51.32 -4.99 -28.03
CA VAL E 1 50.47 -5.81 -27.19
C VAL E 1 51.34 -6.95 -26.66
N ILE E 2 50.94 -7.54 -25.54
CA ILE E 2 51.71 -8.60 -24.89
C ILE E 2 51.10 -9.97 -25.13
N VAL E 3 49.78 -10.08 -25.00
CA VAL E 3 49.10 -11.36 -25.12
C VAL E 3 48.27 -11.37 -26.39
N THR E 4 47.86 -12.57 -26.80
CA THR E 4 47.03 -12.75 -27.98
C THR E 4 45.57 -12.51 -27.57
N ARG E 5 44.62 -12.82 -28.46
CA ARG E 5 43.22 -12.59 -28.14
C ARG E 5 42.71 -13.61 -27.12
N SER E 6 43.19 -14.85 -27.20
CA SER E 6 42.77 -15.88 -26.28
C SER E 6 43.43 -15.71 -24.92
N GLY E 7 44.64 -15.18 -24.88
CA GLY E 7 45.36 -15.02 -23.63
C GLY E 7 46.76 -15.56 -23.69
N ALA E 8 47.09 -16.24 -24.78
CA ALA E 8 48.43 -16.81 -24.95
C ALA E 8 49.45 -15.70 -25.13
N ILE E 9 50.68 -15.97 -24.72
CA ILE E 9 51.77 -14.99 -24.80
C ILE E 9 52.39 -15.05 -26.18
N LEU E 10 52.67 -13.87 -26.75
CA LEU E 10 53.38 -13.76 -28.01
C LEU E 10 54.78 -14.36 -27.89
N PRO E 11 55.35 -14.87 -28.98
CA PRO E 11 56.67 -15.51 -28.89
C PRO E 11 57.80 -14.52 -28.64
N LYS E 12 58.99 -15.09 -28.44
CA LYS E 12 60.16 -14.31 -28.10
C LYS E 12 60.61 -13.49 -29.30
N PRO E 13 60.88 -12.19 -29.13
CA PRO E 13 61.30 -11.37 -30.27
C PRO E 13 62.73 -11.70 -30.68
N VAL E 14 62.93 -11.85 -31.98
CA VAL E 14 64.22 -12.27 -32.51
C VAL E 14 65.19 -11.11 -32.50
N LYS E 15 66.43 -11.39 -32.12
CA LYS E 15 67.50 -10.40 -32.09
C LYS E 15 68.67 -10.88 -32.93
N MET E 16 69.45 -9.94 -33.44
CA MET E 16 70.58 -10.28 -34.29
C MET E 16 71.73 -10.79 -33.45
N SER E 17 72.35 -11.87 -33.91
CA SER E 17 73.52 -12.42 -33.23
C SER E 17 74.71 -11.48 -33.39
N PHE E 18 75.34 -11.14 -32.26
CA PHE E 18 76.40 -10.12 -32.15
C PHE E 18 75.95 -8.81 -32.78
N GLY E 19 74.74 -8.39 -32.42
CA GLY E 19 74.14 -7.25 -33.10
C GLY E 19 74.75 -5.91 -32.74
N LEU E 20 75.36 -5.80 -31.56
CA LEU E 20 75.97 -4.54 -31.20
C LEU E 20 77.39 -4.42 -31.70
N LEU E 21 78.07 -5.53 -31.95
CA LEU E 21 79.45 -5.47 -32.40
C LEU E 21 79.52 -5.02 -33.85
N ARG E 22 78.58 -5.49 -34.67
CA ARG E 22 78.58 -5.14 -36.08
C ARG E 22 77.98 -3.76 -36.36
N VAL E 23 77.48 -3.05 -35.35
CA VAL E 23 77.13 -1.65 -35.53
C VAL E 23 78.35 -0.77 -35.34
N PHE E 24 79.13 -1.01 -34.28
CA PHE E 24 80.38 -0.29 -34.11
C PHE E 24 81.43 -0.71 -35.12
N SER E 25 81.27 -1.88 -35.73
CA SER E 25 82.19 -2.36 -36.75
C SER E 25 82.08 -1.58 -38.05
N ILE E 26 81.00 -0.84 -38.26
CA ILE E 26 80.92 0.03 -39.42
C ILE E 26 80.84 1.50 -39.03
N VAL E 27 80.39 1.87 -37.84
CA VAL E 27 80.42 3.30 -37.53
C VAL E 27 81.83 3.76 -37.16
N ILE E 28 82.73 2.89 -36.71
CA ILE E 28 84.09 3.37 -36.43
C ILE E 28 84.93 3.59 -37.70
N PRO E 29 85.02 2.64 -38.65
CA PRO E 29 85.85 2.95 -39.83
C PRO E 29 85.24 3.98 -40.75
N PHE E 30 83.92 4.00 -40.89
CA PHE E 30 83.33 5.00 -41.77
C PHE E 30 83.28 6.38 -41.13
N LEU E 31 83.65 6.51 -39.86
CA LEU E 31 83.89 7.83 -39.30
C LEU E 31 85.34 8.25 -39.51
N TYR E 32 86.26 7.28 -39.45
CA TYR E 32 87.65 7.60 -39.78
C TYR E 32 87.80 8.00 -41.24
N VAL E 33 87.04 7.36 -42.14
CA VAL E 33 87.05 7.74 -43.55
C VAL E 33 86.47 9.14 -43.75
N GLY E 34 85.45 9.50 -42.96
CA GLY E 34 84.90 10.84 -43.07
C GLY E 34 85.87 11.92 -42.62
N THR E 35 86.64 11.64 -41.57
CA THR E 35 87.66 12.63 -41.18
C THR E 35 88.80 12.69 -42.19
N LEU E 36 89.13 11.56 -42.81
CA LEU E 36 90.21 11.57 -43.79
C LEU E 36 89.82 12.35 -45.04
N ILE E 37 88.62 12.12 -45.56
CA ILE E 37 88.16 12.85 -46.74
C ILE E 37 87.71 14.26 -46.43
N SER E 38 87.66 14.66 -45.17
CA SER E 38 87.49 16.08 -44.91
C SER E 38 88.82 16.78 -44.72
N LYS E 39 89.78 16.10 -44.08
CA LYS E 39 91.13 16.65 -43.89
C LYS E 39 91.83 16.87 -45.23
N ASN E 40 91.77 15.88 -46.13
CA ASN E 40 92.43 16.04 -47.41
C ASN E 40 91.73 17.06 -48.30
N PHE E 41 90.41 17.19 -48.16
CA PHE E 41 89.68 18.18 -48.95
C PHE E 41 90.01 19.60 -48.50
N ALA E 42 90.13 19.82 -47.19
CA ALA E 42 90.52 21.15 -46.73
C ALA E 42 91.98 21.45 -47.01
N ALA E 43 92.85 20.43 -46.98
CA ALA E 43 94.24 20.65 -47.35
C ALA E 43 94.42 20.83 -48.85
N LEU E 44 93.46 20.39 -49.65
CA LEU E 44 93.51 20.66 -51.08
C LEU E 44 92.91 22.03 -51.41
N LEU E 45 92.00 22.52 -50.57
CA LEU E 45 91.43 23.83 -50.80
C LEU E 45 92.37 24.94 -50.35
N GLU E 46 93.08 24.74 -49.23
CA GLU E 46 93.98 25.77 -48.73
C GLU E 46 95.21 25.95 -49.63
N GLU E 47 95.64 24.87 -50.30
CA GLU E 47 96.85 24.93 -51.12
C GLU E 47 96.66 25.80 -52.36
N HIS E 48 95.50 25.73 -52.97
CA HIS E 48 95.21 26.42 -54.23
C HIS E 48 94.57 27.77 -54.00
N ASP E 49 94.32 28.12 -52.74
CA ASP E 49 93.95 29.45 -52.26
C ASP E 49 92.62 29.93 -52.86
N ILE E 50 91.60 29.17 -52.51
CA ILE E 50 90.23 29.40 -52.99
C ILE E 50 89.49 30.29 -51.99
N PHE E 51 89.18 29.71 -50.83
CA PHE E 51 88.53 30.40 -49.71
C PHE E 51 88.98 29.71 -48.42
N VAL E 52 90.05 30.24 -47.82
CA VAL E 52 90.54 29.78 -46.54
C VAL E 52 90.40 30.92 -45.54
N PRO E 53 89.74 30.71 -44.41
CA PRO E 53 89.62 31.75 -43.39
C PRO E 53 90.78 31.74 -42.40
N GLU E 54 91.00 32.90 -41.80
CA GLU E 54 92.03 33.09 -40.78
C GLU E 54 91.41 33.27 -39.41
N VAL F 1 39.61 7.85 -29.20
CA VAL F 1 38.22 7.40 -29.20
C VAL F 1 37.70 7.45 -27.76
N ILE F 2 36.45 7.85 -27.59
CA ILE F 2 35.87 8.05 -26.27
C ILE F 2 34.68 7.13 -26.01
N VAL F 3 34.26 6.32 -26.98
CA VAL F 3 33.15 5.38 -26.81
C VAL F 3 33.58 4.02 -27.34
N THR F 4 32.73 3.04 -27.09
CA THR F 4 32.93 1.68 -27.60
C THR F 4 32.21 1.54 -28.95
N ARG F 5 32.01 0.31 -29.42
CA ARG F 5 31.18 0.09 -30.60
C ARG F 5 29.71 0.37 -30.31
N SER F 6 29.31 0.22 -29.05
CA SER F 6 28.04 0.74 -28.57
C SER F 6 28.23 2.20 -28.19
N GLY F 7 27.28 2.77 -27.47
CA GLY F 7 27.52 4.10 -26.95
C GLY F 7 28.15 4.12 -25.58
N ALA F 8 28.59 2.97 -25.06
CA ALA F 8 29.05 2.90 -23.69
C ALA F 8 30.40 3.60 -23.52
N ILE F 9 30.49 4.43 -22.49
CA ILE F 9 31.68 5.24 -22.27
C ILE F 9 32.82 4.35 -21.80
N LEU F 10 34.02 4.63 -22.29
CA LEU F 10 35.21 3.90 -21.89
C LEU F 10 35.49 4.12 -20.40
N PRO F 11 36.17 3.17 -19.74
CA PRO F 11 36.46 3.33 -18.32
C PRO F 11 37.47 4.44 -18.06
N LYS F 12 37.62 4.76 -16.78
CA LYS F 12 38.50 5.85 -16.37
C LYS F 12 39.95 5.52 -16.70
N PRO F 13 40.72 6.48 -17.19
CA PRO F 13 42.15 6.23 -17.42
C PRO F 13 42.89 6.02 -16.11
N VAL F 14 43.74 5.01 -16.08
CA VAL F 14 44.44 4.63 -14.86
C VAL F 14 45.54 5.63 -14.57
N LYS F 15 45.29 6.56 -13.65
CA LYS F 15 46.35 7.43 -13.21
C LYS F 15 47.33 6.67 -12.33
N MET F 16 48.54 7.20 -12.26
CA MET F 16 49.56 6.65 -11.37
C MET F 16 49.51 7.41 -10.05
N SER F 17 49.62 6.68 -8.95
CA SER F 17 49.57 7.28 -7.62
C SER F 17 50.83 8.08 -7.36
N PHE F 18 50.65 9.37 -7.08
CA PHE F 18 51.72 10.36 -6.91
C PHE F 18 52.68 10.37 -8.10
N GLY F 19 52.12 10.56 -9.29
CA GLY F 19 52.95 10.46 -10.49
C GLY F 19 53.88 11.64 -10.66
N LEU F 20 53.41 12.83 -10.32
CA LEU F 20 54.23 14.01 -10.50
C LEU F 20 55.33 14.07 -9.45
N LEU F 21 55.04 13.62 -8.24
CA LEU F 21 56.06 13.57 -7.21
C LEU F 21 57.06 12.46 -7.50
N ARG F 22 56.62 11.35 -8.07
CA ARG F 22 57.55 10.29 -8.44
C ARG F 22 58.44 10.69 -9.62
N VAL F 23 57.99 11.62 -10.45
CA VAL F 23 58.88 12.10 -11.51
C VAL F 23 59.83 13.17 -10.99
N PHE F 24 59.33 14.09 -10.17
CA PHE F 24 60.18 15.14 -9.66
C PHE F 24 61.10 14.69 -8.53
N SER F 25 60.90 13.49 -8.00
CA SER F 25 61.86 12.92 -7.07
C SER F 25 62.92 12.08 -7.75
N ILE F 26 62.81 11.87 -9.06
CA ILE F 26 63.82 11.16 -9.83
C ILE F 26 64.52 12.07 -10.81
N VAL F 27 63.97 13.25 -11.10
CA VAL F 27 64.62 14.20 -11.98
C VAL F 27 65.62 15.06 -11.23
N ILE F 28 65.20 15.65 -10.11
CA ILE F 28 66.01 16.62 -9.36
C ILE F 28 67.27 16.01 -8.73
N PRO F 29 67.24 14.89 -7.96
CA PRO F 29 68.51 14.41 -7.39
C PRO F 29 69.42 13.75 -8.41
N PHE F 30 68.96 13.52 -9.64
CA PHE F 30 69.87 13.10 -10.69
C PHE F 30 70.41 14.29 -11.48
N LEU F 31 69.64 15.36 -11.59
CA LEU F 31 70.17 16.59 -12.16
C LEU F 31 71.26 17.19 -11.27
N TYR F 32 71.14 17.00 -9.96
CA TYR F 32 72.17 17.50 -9.05
C TYR F 32 73.48 16.73 -9.20
N VAL F 33 73.41 15.40 -9.30
CA VAL F 33 74.64 14.63 -9.47
C VAL F 33 75.18 14.82 -10.88
N GLY F 34 74.32 15.11 -11.86
CA GLY F 34 74.82 15.49 -13.17
C GLY F 34 75.51 16.84 -13.18
N THR F 35 75.15 17.71 -12.25
CA THR F 35 75.92 18.94 -12.07
C THR F 35 77.27 18.64 -11.43
N LEU F 36 77.26 17.81 -10.38
CA LEU F 36 78.47 17.54 -9.60
C LEU F 36 79.52 16.78 -10.42
N ILE F 37 79.07 15.85 -11.27
CA ILE F 37 79.98 15.06 -12.09
C ILE F 37 80.72 15.96 -13.07
N SER F 38 79.97 16.85 -13.72
CA SER F 38 80.57 17.75 -14.68
C SER F 38 81.46 18.79 -14.03
N LYS F 39 81.11 19.26 -12.83
CA LYS F 39 81.96 20.18 -12.10
C LYS F 39 83.29 19.55 -11.71
N ASN F 40 83.24 18.33 -11.14
CA ASN F 40 84.47 17.66 -10.75
C ASN F 40 85.32 17.26 -11.95
N PHE F 41 84.69 16.89 -13.07
CA PHE F 41 85.46 16.55 -14.26
C PHE F 41 86.13 17.77 -14.85
N ALA F 42 85.43 18.91 -14.87
CA ALA F 42 86.02 20.13 -15.38
C ALA F 42 87.18 20.60 -14.51
N ALA F 43 87.04 20.49 -13.19
CA ALA F 43 88.12 20.90 -12.30
C ALA F 43 89.31 19.96 -12.40
N LEU F 44 89.05 18.65 -12.52
CA LEU F 44 90.13 17.67 -12.63
C LEU F 44 90.87 17.79 -13.96
N LEU F 45 90.18 18.16 -15.02
CA LEU F 45 90.86 18.36 -16.30
C LEU F 45 91.56 19.71 -16.35
N GLU F 46 91.04 20.71 -15.64
CA GLU F 46 91.69 22.02 -15.63
C GLU F 46 92.97 22.01 -14.79
N GLU F 47 92.98 21.24 -13.68
CA GLU F 47 94.11 21.27 -12.76
C GLU F 47 95.37 20.66 -13.36
N HIS F 48 95.22 19.69 -14.26
CA HIS F 48 96.37 19.03 -14.87
C HIS F 48 96.84 19.71 -16.15
N ASP F 49 96.33 20.92 -16.44
CA ASP F 49 96.78 21.79 -17.54
C ASP F 49 96.61 21.11 -18.90
N ILE F 50 95.40 20.63 -19.16
CA ILE F 50 95.05 20.04 -20.45
C ILE F 50 94.15 20.98 -21.26
N PHE F 51 92.99 21.33 -20.72
CA PHE F 51 92.07 22.23 -21.39
C PHE F 51 91.75 23.41 -20.47
N VAL F 52 92.39 24.55 -20.73
CA VAL F 52 92.03 25.80 -20.09
C VAL F 52 91.64 26.80 -21.18
N PRO F 53 90.44 27.37 -21.13
CA PRO F 53 90.00 28.27 -22.20
C PRO F 53 90.69 29.62 -22.13
N GLU F 54 90.70 30.21 -20.95
CA GLU F 54 91.10 31.61 -20.78
C GLU F 54 92.48 31.70 -20.16
N VAL G 1 42.09 6.88 -45.49
CA VAL G 1 41.60 6.41 -46.78
C VAL G 1 40.54 7.35 -47.29
N ILE G 2 39.95 7.04 -48.44
CA ILE G 2 38.88 7.85 -48.98
C ILE G 2 37.58 7.07 -49.18
N VAL G 3 37.62 5.75 -49.29
CA VAL G 3 36.43 4.94 -49.54
C VAL G 3 36.25 3.96 -48.39
N THR G 4 35.05 3.38 -48.31
CA THR G 4 34.74 2.36 -47.33
C THR G 4 35.22 1.00 -47.86
N ARG G 5 34.78 -0.09 -47.22
CA ARG G 5 35.14 -1.41 -47.72
C ARG G 5 34.39 -1.75 -49.00
N SER G 6 33.24 -1.15 -49.20
CA SER G 6 32.58 -1.13 -50.50
C SER G 6 33.06 0.09 -51.26
N GLY G 7 32.39 0.45 -52.34
CA GLY G 7 32.87 1.61 -53.07
C GLY G 7 32.33 2.95 -52.65
N ALA G 8 31.69 3.05 -51.49
CA ALA G 8 31.05 4.29 -51.10
C ALA G 8 32.11 5.33 -50.72
N ILE G 9 31.67 6.58 -50.58
CA ILE G 9 32.56 7.69 -50.30
C ILE G 9 32.38 8.11 -48.85
N LEU G 10 33.50 8.36 -48.17
CA LEU G 10 33.47 8.87 -46.82
C LEU G 10 32.89 10.29 -46.81
N PRO G 11 32.20 10.69 -45.73
CA PRO G 11 31.53 12.00 -45.74
C PRO G 11 32.49 13.17 -45.64
N LYS G 12 31.95 14.38 -45.74
CA LYS G 12 32.78 15.57 -45.74
C LYS G 12 33.35 15.79 -44.34
N PRO G 13 34.66 16.04 -44.22
CA PRO G 13 35.24 16.27 -42.89
C PRO G 13 34.76 17.58 -42.30
N VAL G 14 34.49 17.57 -40.99
CA VAL G 14 33.92 18.73 -40.33
C VAL G 14 34.94 19.86 -40.26
N LYS G 15 34.42 21.07 -40.35
CA LYS G 15 35.25 22.27 -40.43
C LYS G 15 34.91 23.19 -39.27
N MET G 16 35.94 23.66 -38.58
CA MET G 16 35.73 24.66 -37.55
C MET G 16 35.41 26.00 -38.20
N SER G 17 34.31 26.61 -37.78
CA SER G 17 33.84 27.83 -38.44
C SER G 17 34.71 29.01 -38.08
N PHE G 18 35.22 29.69 -39.11
CA PHE G 18 36.17 30.80 -39.02
C PHE G 18 37.40 30.38 -38.20
N GLY G 19 38.12 29.40 -38.72
CA GLY G 19 39.21 28.81 -37.97
C GLY G 19 40.43 29.70 -37.84
N LEU G 20 40.83 30.35 -38.94
CA LEU G 20 42.05 31.14 -38.90
C LEU G 20 41.89 32.41 -38.07
N LEU G 21 40.72 33.04 -38.10
CA LEU G 21 40.54 34.21 -37.24
C LEU G 21 40.38 33.83 -35.78
N ARG G 22 39.95 32.60 -35.49
CA ARG G 22 39.88 32.17 -34.11
C ARG G 22 41.24 31.77 -33.59
N VAL G 23 42.14 31.32 -34.48
CA VAL G 23 43.50 31.05 -34.05
C VAL G 23 44.27 32.34 -33.89
N PHE G 24 44.14 33.26 -34.86
CA PHE G 24 44.92 34.48 -34.85
C PHE G 24 44.37 35.52 -33.88
N SER G 25 43.18 35.34 -33.33
CA SER G 25 42.74 36.24 -32.27
C SER G 25 43.13 35.75 -30.89
N ILE G 26 43.89 34.67 -30.80
CA ILE G 26 44.35 34.18 -29.52
C ILE G 26 45.87 33.98 -29.60
N VAL G 27 46.40 34.02 -30.81
CA VAL G 27 47.86 33.97 -30.96
C VAL G 27 48.47 35.35 -30.73
N ILE G 28 47.87 36.38 -31.32
CA ILE G 28 48.44 37.73 -31.31
C ILE G 28 48.39 38.39 -29.92
N PRO G 29 47.27 38.48 -29.19
CA PRO G 29 47.34 39.19 -27.90
C PRO G 29 48.09 38.42 -26.81
N PHE G 30 48.24 37.12 -26.94
CA PHE G 30 49.08 36.42 -25.96
C PHE G 30 50.55 36.60 -26.28
N LEU G 31 50.87 36.78 -27.56
CA LEU G 31 52.23 37.14 -27.95
C LEU G 31 52.56 38.53 -27.44
N TYR G 32 51.59 39.44 -27.49
CA TYR G 32 51.82 40.80 -27.01
C TYR G 32 52.00 40.85 -25.50
N VAL G 33 51.19 40.09 -24.75
CA VAL G 33 51.42 40.08 -23.31
C VAL G 33 52.64 39.26 -22.93
N GLY G 34 53.13 38.38 -23.80
CA GLY G 34 54.44 37.78 -23.57
C GLY G 34 55.56 38.78 -23.68
N THR G 35 55.50 39.67 -24.69
CA THR G 35 56.48 40.74 -24.79
C THR G 35 56.38 41.71 -23.62
N LEU G 36 55.16 41.97 -23.14
CA LEU G 36 55.01 42.86 -21.99
C LEU G 36 55.59 42.26 -20.71
N ILE G 37 55.34 40.96 -20.49
CA ILE G 37 55.88 40.27 -19.32
C ILE G 37 57.41 40.27 -19.36
N SER G 38 57.99 39.99 -20.53
CA SER G 38 59.44 39.93 -20.63
C SER G 38 60.09 41.32 -20.49
N LYS G 39 59.45 42.36 -21.03
CA LYS G 39 59.96 43.71 -20.89
C LYS G 39 59.95 44.18 -19.45
N ASN G 40 58.83 43.97 -18.75
CA ASN G 40 58.76 44.40 -17.36
C ASN G 40 59.66 43.57 -16.45
N PHE G 41 59.83 42.28 -16.76
CA PHE G 41 60.73 41.46 -15.94
C PHE G 41 62.18 41.86 -16.14
N ALA G 42 62.59 42.16 -17.37
CA ALA G 42 63.96 42.59 -17.59
C ALA G 42 64.22 43.97 -17.00
N ALA G 43 63.22 44.86 -17.05
CA ALA G 43 63.38 46.18 -16.44
C ALA G 43 63.48 46.09 -14.93
N LEU G 44 62.71 45.18 -14.33
CA LEU G 44 62.78 44.96 -12.89
C LEU G 44 64.12 44.34 -12.51
N LEU G 45 64.62 43.41 -13.31
CA LEU G 45 65.90 42.78 -12.98
C LEU G 45 67.07 43.73 -13.16
N GLU G 46 66.95 44.70 -14.08
CA GLU G 46 68.02 45.66 -14.22
C GLU G 46 67.93 46.76 -13.17
N GLU G 47 66.73 47.11 -12.72
CA GLU G 47 66.57 48.22 -11.78
C GLU G 47 67.04 47.88 -10.38
N HIS G 48 67.04 46.60 -10.01
CA HIS G 48 67.47 46.16 -8.69
C HIS G 48 68.91 45.72 -8.65
N ASP G 49 69.65 45.97 -9.73
CA ASP G 49 71.10 45.76 -9.83
C ASP G 49 71.49 44.30 -9.61
N ILE G 50 70.81 43.42 -10.32
CA ILE G 50 71.11 41.98 -10.29
C ILE G 50 71.77 41.52 -11.58
N PHE G 51 71.08 41.65 -12.70
CA PHE G 51 71.64 41.38 -14.03
C PHE G 51 71.53 42.62 -14.92
N VAL G 52 72.63 43.33 -15.10
CA VAL G 52 72.69 44.49 -15.98
C VAL G 52 73.52 44.10 -17.20
N PRO G 53 73.00 44.26 -18.42
CA PRO G 53 73.80 43.94 -19.62
C PRO G 53 74.90 44.96 -19.83
N GLU G 54 76.14 44.48 -19.88
CA GLU G 54 77.31 45.35 -20.01
C GLU G 54 78.21 44.86 -21.14
N VAL H 1 54.66 -4.82 -44.59
CA VAL H 1 54.44 -6.23 -44.80
C VAL H 1 54.76 -6.53 -46.27
N ILE H 2 55.08 -7.79 -46.57
CA ILE H 2 55.45 -8.18 -47.94
C ILE H 2 54.62 -9.32 -48.49
N VAL H 3 53.88 -10.07 -47.67
CA VAL H 3 53.02 -11.14 -48.13
C VAL H 3 51.60 -10.87 -47.66
N THR H 4 50.66 -11.56 -48.29
CA THR H 4 49.25 -11.41 -47.97
C THR H 4 48.93 -12.39 -46.84
N ARG H 5 47.65 -12.61 -46.54
CA ARG H 5 47.25 -13.63 -45.56
C ARG H 5 47.69 -15.01 -46.02
N SER H 6 47.19 -15.45 -47.17
CA SER H 6 47.88 -16.48 -47.93
C SER H 6 49.23 -15.92 -48.35
N GLY H 7 50.29 -16.73 -48.22
CA GLY H 7 51.59 -16.20 -48.57
C GLY H 7 51.72 -15.96 -50.05
N ALA H 8 51.59 -14.70 -50.45
CA ALA H 8 51.60 -14.33 -51.85
C ALA H 8 52.21 -12.96 -51.94
N ILE H 9 53.06 -12.75 -52.95
CA ILE H 9 53.81 -11.52 -53.03
C ILE H 9 52.90 -10.38 -53.44
N LEU H 10 53.05 -9.24 -52.76
CA LEU H 10 52.29 -8.05 -53.05
C LEU H 10 52.66 -7.51 -54.43
N PRO H 11 51.79 -6.71 -55.05
CA PRO H 11 52.12 -6.15 -56.36
C PRO H 11 53.29 -5.19 -56.30
N LYS H 12 53.86 -4.93 -57.47
CA LYS H 12 54.97 -3.99 -57.57
C LYS H 12 54.48 -2.59 -57.24
N PRO H 13 55.11 -1.90 -56.28
CA PRO H 13 54.62 -0.59 -55.87
C PRO H 13 54.78 0.45 -56.97
N VAL H 14 53.76 1.29 -57.10
CA VAL H 14 53.68 2.21 -58.24
C VAL H 14 54.77 3.25 -58.13
N LYS H 15 55.32 3.63 -59.27
CA LYS H 15 56.46 4.52 -59.36
C LYS H 15 56.11 5.76 -60.16
N MET H 16 56.42 6.93 -59.62
CA MET H 16 56.25 8.15 -60.39
C MET H 16 57.31 8.19 -61.49
N SER H 17 56.86 8.22 -62.74
CA SER H 17 57.78 8.18 -63.88
C SER H 17 58.55 9.50 -63.99
N PHE H 18 59.88 9.38 -64.10
CA PHE H 18 60.83 10.50 -64.00
C PHE H 18 60.60 11.30 -62.73
N GLY H 19 60.79 10.63 -61.60
CA GLY H 19 60.53 11.26 -60.32
C GLY H 19 61.57 12.29 -59.95
N LEU H 20 62.85 11.93 -60.00
CA LEU H 20 63.91 12.83 -59.58
C LEU H 20 64.05 14.03 -60.51
N LEU H 21 63.76 13.84 -61.80
CA LEU H 21 63.78 14.98 -62.71
C LEU H 21 62.65 15.94 -62.40
N ARG H 22 61.46 15.41 -62.10
CA ARG H 22 60.33 16.27 -61.76
C ARG H 22 60.50 16.93 -60.41
N VAL H 23 61.28 16.34 -59.50
CA VAL H 23 61.56 17.00 -58.23
C VAL H 23 62.61 18.09 -58.42
N PHE H 24 63.70 17.77 -59.10
CA PHE H 24 64.79 18.73 -59.26
C PHE H 24 64.50 19.81 -60.29
N SER H 25 63.43 19.69 -61.07
CA SER H 25 63.03 20.77 -61.96
C SER H 25 62.02 21.69 -61.30
N ILE H 26 61.65 21.43 -60.04
CA ILE H 26 60.77 22.29 -59.29
C ILE H 26 61.42 22.77 -57.99
N VAL H 27 62.51 22.14 -57.56
CA VAL H 27 63.25 22.64 -56.40
C VAL H 27 64.14 23.81 -56.81
N ILE H 28 64.97 23.61 -57.84
CA ILE H 28 65.98 24.58 -58.25
C ILE H 28 65.39 25.86 -58.84
N PRO H 29 64.39 25.86 -59.74
CA PRO H 29 63.83 27.15 -60.20
C PRO H 29 63.10 27.92 -59.12
N PHE H 30 62.70 27.29 -58.02
CA PHE H 30 62.17 28.06 -56.91
C PHE H 30 63.23 28.46 -55.92
N LEU H 31 64.32 27.69 -55.81
CA LEU H 31 65.43 28.09 -54.95
C LEU H 31 66.15 29.32 -55.49
N TYR H 32 66.18 29.47 -56.82
CA TYR H 32 66.84 30.65 -57.38
C TYR H 32 65.99 31.89 -57.20
N VAL H 33 64.66 31.73 -57.33
CA VAL H 33 63.72 32.81 -57.03
C VAL H 33 63.80 33.19 -55.55
N GLY H 34 64.00 32.19 -54.69
CA GLY H 34 64.21 32.44 -53.28
C GLY H 34 65.45 33.27 -52.98
N THR H 35 66.52 33.05 -53.74
CA THR H 35 67.69 33.91 -53.52
C THR H 35 67.46 35.32 -54.07
N LEU H 36 66.89 35.44 -55.27
CA LEU H 36 66.79 36.77 -55.88
C LEU H 36 65.77 37.66 -55.17
N ILE H 37 64.72 37.06 -54.59
CA ILE H 37 63.73 37.86 -53.85
C ILE H 37 64.36 38.50 -52.63
N SER H 38 65.10 37.71 -51.85
CA SER H 38 65.74 38.26 -50.67
C SER H 38 66.88 39.21 -51.03
N LYS H 39 67.54 39.02 -52.16
CA LYS H 39 68.58 39.96 -52.58
C LYS H 39 67.97 41.32 -52.92
N ASN H 40 66.89 41.32 -53.71
CA ASN H 40 66.22 42.57 -54.06
C ASN H 40 65.61 43.24 -52.85
N PHE H 41 65.09 42.45 -51.90
CA PHE H 41 64.47 43.02 -50.70
C PHE H 41 65.53 43.64 -49.79
N ALA H 42 66.70 43.02 -49.67
CA ALA H 42 67.74 43.62 -48.84
C ALA H 42 68.36 44.83 -49.51
N ALA H 43 68.41 44.84 -50.84
CA ALA H 43 68.88 46.06 -51.51
C ALA H 43 67.83 47.16 -51.43
N LEU H 44 66.55 46.78 -51.31
CA LEU H 44 65.51 47.78 -51.08
C LEU H 44 65.62 48.37 -49.69
N LEU H 45 66.03 47.56 -48.72
CA LEU H 45 66.08 48.06 -47.34
C LEU H 45 67.31 48.92 -47.11
N GLU H 46 68.43 48.57 -47.76
CA GLU H 46 69.67 49.32 -47.52
C GLU H 46 69.64 50.69 -48.18
N GLU H 47 68.81 50.90 -49.20
CA GLU H 47 68.73 52.21 -49.83
C GLU H 47 67.69 53.15 -49.21
N HIS H 48 66.76 52.62 -48.41
CA HIS H 48 65.79 53.44 -47.71
C HIS H 48 66.15 53.64 -46.25
N ASP H 49 67.28 53.09 -45.81
CA ASP H 49 67.87 53.27 -44.48
C ASP H 49 66.95 52.78 -43.36
N ILE H 50 66.55 51.52 -43.46
CA ILE H 50 65.86 50.83 -42.39
C ILE H 50 66.76 49.81 -41.70
N PHE H 51 67.55 49.07 -42.47
CA PHE H 51 68.58 48.21 -41.91
C PHE H 51 69.82 48.26 -42.79
N VAL H 52 70.97 48.38 -42.15
CA VAL H 52 72.28 48.29 -42.79
C VAL H 52 73.03 47.20 -42.03
N PRO H 53 73.78 46.32 -42.70
CA PRO H 53 74.63 45.38 -41.97
C PRO H 53 75.66 46.11 -41.13
N GLU H 54 75.55 45.96 -39.81
CA GLU H 54 76.32 46.76 -38.88
C GLU H 54 77.74 46.22 -38.71
N ASP I 1 -42.63 -1.03 -30.52
CA ASP I 1 -42.69 -1.31 -29.10
C ASP I 1 -42.85 -0.05 -28.28
N ASP I 2 -43.70 -0.11 -27.27
CA ASP I 2 -43.90 0.98 -26.32
C ASP I 2 -43.30 0.58 -24.98
N VAL I 3 -43.37 1.51 -24.02
CA VAL I 3 -43.09 1.20 -22.63
C VAL I 3 -44.42 1.23 -21.89
N THR I 4 -44.81 0.09 -21.35
CA THR I 4 -46.11 -0.06 -20.70
C THR I 4 -45.94 -0.15 -19.20
N VAL I 5 -46.68 0.67 -18.48
CA VAL I 5 -46.74 0.60 -17.02
C VAL I 5 -48.14 0.11 -16.64
N VAL I 6 -48.21 -1.08 -16.05
CA VAL I 6 -49.49 -1.60 -15.57
C VAL I 6 -49.38 -1.79 -14.07
N TYR I 7 -50.47 -2.20 -13.43
CA TYR I 7 -50.49 -2.43 -12.00
C TYR I 7 -50.87 -3.88 -11.72
N GLN I 8 -50.02 -4.59 -11.00
CA GLN I 8 -50.30 -5.94 -10.57
C GLN I 8 -50.03 -6.04 -9.08
N ASN I 9 -51.03 -6.54 -8.33
CA ASN I 9 -50.98 -6.74 -6.88
C ASN I 9 -50.65 -5.47 -6.12
N GLY I 10 -51.11 -4.33 -6.64
CA GLY I 10 -50.82 -3.04 -6.02
C GLY I 10 -49.46 -2.48 -6.32
N LEU I 11 -48.61 -3.18 -7.08
CA LEU I 11 -47.31 -2.65 -7.44
C LEU I 11 -47.26 -2.34 -8.93
N PRO I 12 -46.57 -1.26 -9.33
CA PRO I 12 -46.41 -0.97 -10.75
C PRO I 12 -45.38 -1.90 -11.39
N VAL I 13 -45.72 -2.37 -12.59
CA VAL I 13 -44.85 -3.21 -13.40
C VAL I 13 -44.61 -2.47 -14.71
N ILE I 14 -43.35 -2.15 -14.98
CA ILE I 14 -42.97 -1.39 -16.17
C ILE I 14 -42.18 -2.30 -17.10
N SER I 15 -42.61 -2.38 -18.35
CA SER I 15 -42.07 -3.36 -19.30
C SER I 15 -41.30 -2.63 -20.40
N VAL I 16 -39.97 -2.63 -20.30
CA VAL I 16 -39.13 -1.86 -21.19
C VAL I 16 -38.28 -2.82 -22.01
N ARG I 17 -37.85 -2.38 -23.19
CA ARG I 17 -37.11 -3.24 -24.12
C ARG I 17 -35.62 -3.00 -23.99
N LEU I 18 -34.88 -4.05 -23.72
CA LEU I 18 -33.45 -3.98 -23.53
C LEU I 18 -32.74 -4.06 -24.88
N PRO I 19 -31.63 -3.36 -25.07
CA PRO I 19 -31.04 -3.25 -26.41
C PRO I 19 -30.20 -4.44 -26.86
N SER I 20 -29.49 -5.10 -25.95
CA SER I 20 -28.47 -6.04 -26.39
C SER I 20 -29.03 -7.39 -26.79
N ARG I 21 -30.22 -7.75 -26.36
CA ARG I 21 -30.88 -8.96 -26.82
C ARG I 21 -32.19 -8.69 -27.53
N ARG I 22 -32.72 -7.47 -27.44
CA ARG I 22 -33.97 -7.03 -28.05
C ARG I 22 -35.14 -7.92 -27.61
N GLU I 23 -35.24 -8.11 -26.30
CA GLU I 23 -36.39 -8.73 -25.67
C GLU I 23 -36.85 -7.85 -24.53
N ARG I 24 -38.15 -7.85 -24.28
CA ARG I 24 -38.68 -6.99 -23.24
C ARG I 24 -38.34 -7.54 -21.86
N CYS I 25 -38.48 -6.70 -20.86
CA CYS I 25 -38.15 -7.07 -19.49
C CYS I 25 -39.02 -6.23 -18.57
N GLN I 26 -39.69 -6.87 -17.62
CA GLN I 26 -40.59 -6.19 -16.72
C GLN I 26 -39.95 -5.99 -15.36
N PHE I 27 -40.06 -4.76 -14.86
CA PHE I 27 -39.48 -4.34 -13.59
C PHE I 27 -40.61 -4.05 -12.63
N THR I 28 -40.55 -4.66 -11.45
CA THR I 28 -41.54 -4.41 -10.41
C THR I 28 -41.03 -3.31 -9.50
N LEU I 29 -41.76 -2.21 -9.44
CA LEU I 29 -41.35 -1.05 -8.67
C LEU I 29 -42.13 -0.97 -7.36
N LYS I 30 -41.47 -0.47 -6.32
CA LYS I 30 -42.11 -0.24 -5.05
C LYS I 30 -42.27 1.26 -4.86
N PRO I 31 -43.50 1.78 -4.78
CA PRO I 31 -43.70 3.23 -4.92
C PRO I 31 -43.20 4.06 -3.75
N ILE I 32 -43.00 3.47 -2.58
CA ILE I 32 -42.56 4.21 -1.41
C ILE I 32 -41.09 3.96 -1.09
N SER I 33 -40.67 2.70 -1.11
CA SER I 33 -39.31 2.36 -0.71
C SER I 33 -38.27 2.63 -1.79
N ASP I 34 -38.67 2.74 -3.05
CA ASP I 34 -37.72 2.86 -4.15
C ASP I 34 -37.68 4.28 -4.70
N SER I 35 -36.56 4.59 -5.34
CA SER I 35 -36.26 5.86 -5.95
C SER I 35 -36.04 5.69 -7.44
N VAL I 36 -35.72 6.80 -8.12
CA VAL I 36 -35.49 6.76 -9.56
C VAL I 36 -34.15 6.11 -9.85
N GLY I 37 -33.11 6.49 -9.11
CA GLY I 37 -31.78 6.01 -9.40
C GLY I 37 -31.56 4.54 -9.08
N VAL I 38 -32.40 3.97 -8.22
CA VAL I 38 -32.29 2.53 -8.00
C VAL I 38 -32.99 1.79 -9.14
N PHE I 39 -34.00 2.41 -9.76
CA PHE I 39 -34.62 1.79 -10.92
C PHE I 39 -33.69 1.85 -12.11
N LEU I 40 -32.96 2.95 -12.27
CA LEU I 40 -31.96 3.01 -13.34
C LEU I 40 -30.78 2.09 -13.07
N ARG I 41 -30.44 1.87 -11.80
CA ARG I 41 -29.38 0.93 -11.48
C ARG I 41 -29.80 -0.51 -11.77
N GLN I 42 -31.07 -0.86 -11.49
CA GLN I 42 -31.57 -2.18 -11.88
C GLN I 42 -31.62 -2.33 -13.40
N LEU I 43 -31.95 -1.23 -14.10
CA LEU I 43 -32.02 -1.27 -15.55
C LEU I 43 -30.64 -1.44 -16.17
N GLN I 44 -29.60 -0.91 -15.52
CA GLN I 44 -28.25 -1.16 -16.01
C GLN I 44 -27.70 -2.49 -15.54
N GLU I 45 -28.25 -3.07 -14.47
CA GLU I 45 -27.81 -4.38 -14.04
C GLU I 45 -28.39 -5.48 -14.90
N GLU I 46 -29.56 -5.25 -15.50
CA GLU I 46 -30.16 -6.30 -16.30
C GLU I 46 -29.49 -6.44 -17.66
N ASP I 47 -28.93 -5.36 -18.18
CA ASP I 47 -28.23 -5.39 -19.46
C ASP I 47 -27.06 -4.43 -19.42
N ARG I 48 -25.88 -4.92 -19.76
CA ARG I 48 -24.67 -4.11 -19.69
C ARG I 48 -24.46 -3.21 -20.89
N GLY I 49 -25.35 -3.23 -21.88
CA GLY I 49 -25.23 -2.34 -23.01
C GLY I 49 -26.08 -1.10 -22.85
N ILE I 50 -26.38 -0.74 -21.61
CA ILE I 50 -27.23 0.39 -21.27
C ILE I 50 -26.37 1.42 -20.53
N ASP I 51 -25.17 1.66 -21.07
CA ASP I 51 -24.23 2.61 -20.49
C ASP I 51 -24.81 4.02 -20.30
N ARG I 52 -25.72 4.46 -21.16
CA ARG I 52 -26.29 5.80 -21.09
C ARG I 52 -27.77 5.67 -20.76
N VAL I 53 -28.17 6.08 -19.56
CA VAL I 53 -29.57 6.13 -19.17
C VAL I 53 -29.88 7.55 -18.70
N ALA I 54 -31.12 7.99 -18.93
CA ALA I 54 -31.59 9.25 -18.38
C ALA I 54 -33.11 9.19 -18.28
N ILE I 55 -33.67 10.10 -17.50
CA ILE I 55 -35.12 10.16 -17.34
C ILE I 55 -35.57 11.61 -17.14
N TYR I 56 -36.46 12.08 -18.01
CA TYR I 56 -36.79 13.49 -18.10
C TYR I 56 -38.27 13.72 -17.83
N SER I 57 -38.56 14.81 -17.13
CA SER I 57 -39.90 15.36 -17.10
C SER I 57 -40.28 15.81 -18.51
N PRO I 58 -41.55 15.68 -18.91
CA PRO I 58 -41.90 15.78 -20.35
C PRO I 58 -41.76 17.17 -20.94
N ASP I 59 -41.51 18.20 -20.15
CA ASP I 59 -41.24 19.53 -20.67
C ASP I 59 -39.77 19.76 -20.99
N GLY I 60 -38.90 18.82 -20.67
CA GLY I 60 -37.50 18.85 -21.07
C GLY I 60 -36.50 18.84 -19.94
N VAL I 61 -36.93 19.15 -18.72
CA VAL I 61 -35.99 19.18 -17.60
C VAL I 61 -35.74 17.75 -17.11
N ARG I 62 -34.61 17.57 -16.41
CA ARG I 62 -34.20 16.26 -15.93
C ARG I 62 -34.74 15.98 -14.53
N VAL I 63 -35.06 14.73 -14.28
CA VAL I 63 -35.48 14.28 -12.96
C VAL I 63 -34.23 13.86 -12.19
N ALA I 64 -34.15 14.29 -10.94
CA ALA I 64 -32.97 14.03 -10.11
C ALA I 64 -32.93 12.57 -9.69
N ALA I 65 -31.83 12.20 -9.02
CA ALA I 65 -31.58 10.81 -8.70
C ALA I 65 -32.50 10.30 -7.61
N SER I 66 -32.49 10.95 -6.45
CA SER I 66 -33.26 10.45 -5.31
C SER I 66 -34.65 11.05 -5.26
N THR I 67 -35.36 10.98 -6.37
CA THR I 67 -36.78 11.30 -6.43
C THR I 67 -37.58 10.02 -6.22
N GLY I 68 -38.62 10.10 -5.40
CA GLY I 68 -39.42 8.93 -5.13
C GLY I 68 -40.19 8.46 -6.34
N ILE I 69 -40.48 7.15 -6.36
CA ILE I 69 -41.18 6.56 -7.49
C ILE I 69 -42.64 7.02 -7.53
N ASP I 70 -43.27 7.17 -6.36
CA ASP I 70 -44.68 7.57 -6.30
C ASP I 70 -44.90 8.99 -6.82
N LEU I 71 -43.88 9.85 -6.69
CA LEU I 71 -43.96 11.17 -7.30
C LEU I 71 -43.78 11.10 -8.81
N LEU I 72 -43.10 10.06 -9.30
CA LEU I 72 -42.73 10.02 -10.71
C LEU I 72 -43.91 9.69 -11.62
N LEU I 73 -44.74 8.70 -11.26
CA LEU I 73 -45.84 8.29 -12.13
C LEU I 73 -47.09 9.13 -11.96
N LEU I 74 -46.99 10.37 -11.51
CA LEU I 74 -48.18 11.22 -11.51
C LEU I 74 -48.49 11.68 -12.93
N ASP I 75 -47.57 12.38 -13.57
CA ASP I 75 -47.71 12.77 -14.96
C ASP I 75 -46.82 11.88 -15.83
N ASP I 76 -46.68 12.27 -17.10
CA ASP I 76 -45.87 11.51 -18.04
C ASP I 76 -44.39 11.70 -17.74
N PHE I 77 -43.55 10.92 -18.42
CA PHE I 77 -42.11 11.14 -18.43
C PHE I 77 -41.53 10.50 -19.67
N LYS I 78 -40.26 10.82 -19.92
CA LYS I 78 -39.51 10.29 -21.05
C LYS I 78 -38.30 9.54 -20.55
N LEU I 79 -38.17 8.28 -20.97
CA LEU I 79 -37.07 7.42 -20.58
C LEU I 79 -36.09 7.34 -21.73
N VAL I 80 -34.85 7.75 -21.50
CA VAL I 80 -33.84 7.80 -22.54
C VAL I 80 -32.86 6.66 -22.32
N ILE I 81 -32.83 5.73 -23.25
CA ILE I 81 -31.82 4.72 -23.35
C ILE I 81 -30.90 5.19 -24.47
N ASN I 82 -29.74 4.53 -24.64
CA ASN I 82 -28.52 4.99 -25.31
C ASN I 82 -28.68 5.91 -26.51
N ASP I 83 -29.62 5.58 -27.39
CA ASP I 83 -29.97 6.44 -28.50
C ASP I 83 -31.46 6.69 -28.62
N LEU I 84 -32.30 6.01 -27.86
CA LEU I 84 -33.74 6.02 -28.04
C LEU I 84 -34.42 6.76 -26.89
N THR I 85 -35.52 7.44 -27.23
CA THR I 85 -36.33 8.14 -26.23
C THR I 85 -37.73 7.54 -26.28
N TYR I 86 -38.11 6.84 -25.22
CA TYR I 86 -39.45 6.31 -25.08
C TYR I 86 -40.30 7.28 -24.27
N HIS I 87 -41.55 7.44 -24.67
CA HIS I 87 -42.46 8.38 -24.03
C HIS I 87 -43.46 7.57 -23.20
N VAL I 88 -43.18 7.43 -21.92
CA VAL I 88 -43.96 6.54 -21.07
C VAL I 88 -45.25 7.24 -20.68
N ARG I 89 -46.35 6.49 -20.64
CA ARG I 89 -47.62 7.00 -20.14
C ARG I 89 -48.11 6.17 -18.97
N PRO I 90 -47.95 6.63 -17.73
CA PRO I 90 -48.45 5.87 -16.60
C PRO I 90 -49.96 6.00 -16.52
N PRO I 91 -50.66 4.96 -16.07
CA PRO I 91 -52.11 5.03 -16.01
C PRO I 91 -52.56 5.79 -14.78
N LYS I 92 -53.86 5.92 -14.62
CA LYS I 92 -54.45 6.62 -13.49
C LYS I 92 -55.03 5.59 -12.55
N ARG I 93 -54.58 5.63 -11.30
CA ARG I 93 -55.02 4.69 -10.27
C ARG I 93 -56.22 5.30 -9.55
N ASP I 94 -57.35 5.30 -10.23
CA ASP I 94 -58.56 5.96 -9.74
C ASP I 94 -59.37 5.08 -8.80
N LEU I 95 -58.80 3.96 -8.35
CA LEU I 95 -59.50 3.06 -7.42
C LEU I 95 -59.24 3.52 -5.98
N LEU I 96 -59.81 4.66 -5.63
CA LEU I 96 -59.74 5.20 -4.28
C LEU I 96 -61.16 5.23 -3.74
N SER I 97 -61.54 4.15 -3.08
CA SER I 97 -62.85 4.07 -2.46
C SER I 97 -62.67 4.48 -1.00
N HIS I 98 -63.56 5.33 -0.52
CA HIS I 98 -63.53 5.66 0.91
C HIS I 98 -64.30 4.60 1.69
N GLU I 99 -65.54 4.36 1.30
CA GLU I 99 -66.27 3.22 1.82
C GLU I 99 -65.69 1.95 1.22
N ASN I 100 -65.86 0.83 1.94
CA ASN I 100 -65.28 -0.48 1.64
C ASN I 100 -63.75 -0.40 1.63
N ALA I 101 -63.19 0.53 2.41
CA ALA I 101 -61.75 0.60 2.65
C ALA I 101 -61.38 0.83 4.09
N ALA I 102 -62.35 1.04 4.99
CA ALA I 102 -62.11 0.95 6.41
C ALA I 102 -62.35 -0.46 6.92
N THR I 103 -62.78 -1.34 6.03
CA THR I 103 -62.85 -2.77 6.25
C THR I 103 -61.73 -3.51 5.53
N LEU I 104 -61.06 -2.84 4.59
CA LEU I 104 -59.83 -3.40 4.06
C LEU I 104 -58.62 -3.12 4.95
N ASN I 105 -58.64 -2.02 5.68
CA ASN I 105 -57.53 -1.72 6.59
C ASN I 105 -57.45 -2.66 7.79
N ASP I 106 -58.58 -3.14 8.31
CA ASP I 106 -58.50 -4.08 9.44
C ASP I 106 -57.98 -5.46 8.99
N VAL I 107 -58.41 -5.96 7.84
CA VAL I 107 -57.88 -7.23 7.36
C VAL I 107 -56.40 -7.10 7.01
N LYS I 108 -56.01 -5.95 6.43
CA LYS I 108 -54.60 -5.75 6.13
C LYS I 108 -53.76 -5.61 7.39
N THR I 109 -54.34 -5.12 8.49
CA THR I 109 -53.56 -5.06 9.72
C THR I 109 -53.69 -6.33 10.55
N LEU I 110 -54.62 -7.23 10.20
CA LEU I 110 -54.66 -8.54 10.83
C LEU I 110 -53.68 -9.49 10.18
N VAL I 111 -53.50 -9.39 8.86
CA VAL I 111 -52.55 -10.25 8.16
C VAL I 111 -51.13 -9.93 8.60
N GLN I 112 -50.85 -8.66 8.93
CA GLN I 112 -49.53 -8.29 9.44
C GLN I 112 -49.29 -8.88 10.82
N GLN I 113 -50.31 -8.89 11.68
CA GLN I 113 -50.16 -9.48 13.00
C GLN I 113 -50.08 -11.00 12.93
N LEU I 114 -50.66 -11.60 11.89
CA LEU I 114 -50.52 -13.04 11.72
C LEU I 114 -49.16 -13.42 11.16
N TYR I 115 -48.58 -12.57 10.32
CA TYR I 115 -47.25 -12.84 9.78
C TYR I 115 -46.16 -12.59 10.81
N THR I 116 -46.39 -11.59 11.69
CA THR I 116 -45.39 -11.21 12.67
C THR I 116 -45.12 -12.35 13.64
N THR I 117 -46.17 -12.99 14.14
CA THR I 117 -45.98 -14.09 15.09
C THR I 117 -45.39 -15.31 14.43
N LEU I 118 -45.55 -15.46 13.11
CA LEU I 118 -44.86 -16.55 12.43
C LEU I 118 -43.37 -16.24 12.30
N CYS I 119 -42.99 -14.96 12.23
CA CYS I 119 -41.57 -14.68 12.03
C CYS I 119 -40.96 -13.79 13.11
N ILE I 120 -41.21 -14.09 14.38
CA ILE I 120 -40.68 -13.27 15.46
C ILE I 120 -39.70 -14.01 16.36
N GLU I 121 -39.73 -15.34 16.43
CA GLU I 121 -38.79 -15.97 17.34
C GLU I 121 -37.49 -16.32 16.65
N GLN I 122 -37.51 -16.53 15.34
CA GLN I 122 -36.27 -16.67 14.59
C GLN I 122 -35.64 -15.32 14.26
N HIS I 123 -36.38 -14.23 14.43
CA HIS I 123 -35.81 -12.91 14.26
C HIS I 123 -35.08 -12.44 15.51
N GLN I 124 -35.66 -12.72 16.67
CA GLN I 124 -35.08 -12.32 17.94
C GLN I 124 -34.00 -13.27 18.44
N LEU I 125 -33.56 -14.22 17.61
CA LEU I 125 -32.31 -14.93 17.85
C LEU I 125 -31.18 -14.37 17.01
N ASN I 126 -31.48 -13.97 15.78
CA ASN I 126 -30.49 -13.25 14.97
C ASN I 126 -30.14 -11.92 15.60
N LYS I 127 -31.15 -11.20 16.11
CA LYS I 127 -30.87 -9.94 16.79
C LYS I 127 -30.11 -10.18 18.10
N GLU I 128 -30.38 -11.29 18.78
CA GLU I 128 -29.66 -11.59 20.01
C GLU I 128 -28.19 -11.85 19.77
N ARG I 129 -27.87 -12.68 18.77
CA ARG I 129 -26.46 -12.94 18.51
C ARG I 129 -25.76 -11.74 17.90
N GLU I 130 -26.49 -10.89 17.15
CA GLU I 130 -25.87 -9.67 16.65
C GLU I 130 -25.61 -8.68 17.78
N LEU I 131 -26.47 -8.67 18.81
CA LEU I 131 -26.22 -7.82 19.97
C LEU I 131 -25.04 -8.31 20.78
N ILE I 132 -24.90 -9.63 20.94
CA ILE I 132 -23.75 -10.16 21.67
C ILE I 132 -22.45 -9.89 20.92
N GLU I 133 -22.47 -10.01 19.59
CA GLU I 133 -21.27 -9.73 18.81
C GLU I 133 -20.91 -8.25 18.83
N ARG I 134 -21.91 -7.37 18.80
CA ARG I 134 -21.60 -5.94 18.87
C ARG I 134 -21.17 -5.54 20.27
N LEU I 135 -21.68 -6.20 21.30
CA LEU I 135 -21.26 -5.90 22.66
C LEU I 135 -19.81 -6.29 22.88
N GLU I 136 -19.43 -7.49 22.45
CA GLU I 136 -18.05 -7.91 22.61
C GLU I 136 -17.11 -7.25 21.62
N ASP I 137 -17.62 -6.53 20.62
CA ASP I 137 -16.74 -5.67 19.84
C ASP I 137 -16.56 -4.30 20.48
N LEU I 138 -17.64 -3.74 21.01
CA LEU I 138 -17.59 -2.45 21.68
C LEU I 138 -16.74 -2.48 22.95
N LYS I 139 -16.73 -3.61 23.65
CA LYS I 139 -15.88 -3.72 24.84
C LYS I 139 -14.40 -3.69 24.48
N GLU I 140 -14.02 -4.36 23.40
CA GLU I 140 -12.61 -4.35 22.99
C GLU I 140 -12.23 -3.03 22.35
N GLN I 141 -13.19 -2.30 21.79
CA GLN I 141 -12.87 -0.98 21.30
C GLN I 141 -12.77 0.04 22.44
N LEU I 142 -13.48 -0.20 23.55
CA LEU I 142 -13.42 0.72 24.67
C LEU I 142 -12.19 0.48 25.56
N ALA I 143 -11.76 -0.78 25.67
CA ALA I 143 -10.73 -1.14 26.65
C ALA I 143 -9.37 -0.45 26.52
N PRO I 144 -8.89 0.04 25.37
CA PRO I 144 -7.72 0.93 25.41
C PRO I 144 -8.00 2.28 26.04
N LEU I 145 -9.19 2.86 25.86
CA LEU I 145 -9.49 4.17 26.40
C LEU I 145 -9.73 4.15 27.90
N GLU I 146 -10.05 2.98 28.46
CA GLU I 146 -10.40 2.90 29.88
C GLU I 146 -9.18 3.17 30.77
N LYS I 147 -8.02 2.59 30.44
CA LYS I 147 -6.83 2.83 31.25
C LYS I 147 -6.32 4.24 31.14
N VAL I 148 -6.65 4.94 30.04
CA VAL I 148 -6.34 6.35 29.98
C VAL I 148 -7.35 7.14 30.81
N ARG I 149 -8.60 6.69 30.87
CA ARG I 149 -9.61 7.43 31.62
C ARG I 149 -9.38 7.32 33.12
N ILE I 150 -8.90 6.17 33.60
CA ILE I 150 -8.71 6.00 35.04
C ILE I 150 -7.56 6.88 35.54
N GLU I 151 -6.53 7.06 34.73
CA GLU I 151 -5.39 7.88 35.15
C GLU I 151 -5.63 9.37 35.05
N ILE I 152 -6.81 9.81 34.59
CA ILE I 152 -7.16 11.22 34.61
C ILE I 152 -8.09 11.43 35.79
N SER I 153 -8.88 10.42 36.10
CA SER I 153 -9.72 10.46 37.28
C SER I 153 -8.99 10.03 38.55
N ARG I 154 -7.66 9.92 38.51
CA ARG I 154 -6.87 9.75 39.72
C ARG I 154 -6.15 11.04 40.12
N LYS I 155 -5.71 11.84 39.15
CA LYS I 155 -5.20 13.16 39.47
C LYS I 155 -6.33 14.11 39.85
N ALA I 156 -7.48 13.97 39.20
CA ALA I 156 -8.61 14.84 39.49
C ALA I 156 -9.26 14.53 40.83
N GLU I 157 -8.98 13.37 41.42
CA GLU I 157 -9.47 13.09 42.76
C GLU I 157 -8.45 13.43 43.82
N LYS I 158 -7.16 13.46 43.48
CA LYS I 158 -6.16 13.91 44.43
C LYS I 158 -6.16 15.42 44.53
N ARG I 159 -6.47 16.11 43.43
CA ARG I 159 -6.61 17.55 43.52
C ARG I 159 -7.91 17.95 44.20
N THR I 160 -8.85 17.02 44.39
CA THR I 160 -10.08 17.32 45.10
C THR I 160 -9.93 17.00 46.58
N THR I 161 -9.10 16.03 46.92
CA THR I 161 -8.84 15.83 48.34
C THR I 161 -7.86 16.86 48.90
N LEU I 162 -7.05 17.49 48.05
CA LEU I 162 -6.29 18.64 48.56
C LEU I 162 -7.21 19.82 48.90
N VAL I 163 -8.28 20.04 48.14
CA VAL I 163 -9.21 21.10 48.49
C VAL I 163 -10.01 20.73 49.74
N LEU I 164 -10.43 19.46 49.83
CA LEU I 164 -11.22 19.04 50.99
C LEU I 164 -10.41 19.02 52.27
N TRP I 165 -9.11 18.73 52.21
CA TRP I 165 -8.33 18.87 53.43
C TRP I 165 -7.87 20.30 53.67
N GLY I 166 -7.73 21.11 52.63
CA GLY I 166 -7.35 22.48 52.93
C GLY I 166 -8.48 23.37 53.38
N GLY I 167 -9.71 22.90 53.27
CA GLY I 167 -10.79 23.64 53.90
C GLY I 167 -10.77 23.42 55.39
N LEU I 168 -10.51 22.18 55.80
CA LEU I 168 -10.37 21.88 57.22
C LEU I 168 -9.15 22.56 57.81
N ALA I 169 -8.06 22.63 57.05
CA ALA I 169 -6.89 23.35 57.54
C ALA I 169 -7.12 24.85 57.66
N TYR I 170 -7.93 25.43 56.77
CA TYR I 170 -8.26 26.86 56.89
C TYR I 170 -9.14 27.12 58.10
N MET I 171 -10.15 26.28 58.34
CA MET I 171 -10.99 26.48 59.51
C MET I 171 -10.21 26.28 60.81
N ALA I 172 -9.27 25.34 60.83
CA ALA I 172 -8.50 25.13 62.05
C ALA I 172 -7.48 26.24 62.28
N THR I 173 -6.98 26.87 61.22
CA THR I 173 -6.08 27.99 61.50
C THR I 173 -6.84 29.28 61.79
N GLN I 174 -8.08 29.40 61.35
CA GLN I 174 -8.88 30.56 61.76
C GLN I 174 -9.31 30.43 63.21
N PHE I 175 -9.64 29.21 63.63
CA PHE I 175 -9.87 28.93 65.06
C PHE I 175 -8.64 29.27 65.89
N GLY I 176 -7.45 28.89 65.42
CA GLY I 176 -6.27 29.17 66.22
C GLY I 176 -5.86 30.62 66.24
N ILE I 177 -6.20 31.37 65.18
CA ILE I 177 -5.96 32.81 65.18
C ILE I 177 -6.87 33.51 66.18
N LEU I 178 -8.17 33.21 66.14
CA LEU I 178 -9.08 33.92 67.03
C LEU I 178 -8.89 33.49 68.48
N ALA I 179 -8.58 32.21 68.71
CA ALA I 179 -8.36 31.76 70.08
C ALA I 179 -7.03 32.25 70.65
N ARG I 180 -6.06 32.56 69.80
CA ARG I 180 -4.87 33.21 70.34
C ARG I 180 -5.15 34.66 70.64
N LEU I 181 -5.83 35.34 69.74
CA LEU I 181 -5.96 36.78 69.85
C LEU I 181 -7.09 37.21 70.79
N THR I 182 -7.88 36.27 71.30
CA THR I 182 -8.96 36.58 72.23
C THR I 182 -8.54 36.48 73.69
N TRP I 183 -7.74 35.48 74.05
CA TRP I 183 -7.38 35.31 75.45
C TRP I 183 -6.02 35.86 75.82
N TRP I 184 -5.16 36.16 74.85
CA TRP I 184 -3.79 36.53 75.16
C TRP I 184 -3.49 38.00 74.90
N GLU I 185 -3.69 38.48 73.68
CA GLU I 185 -3.25 39.84 73.36
C GLU I 185 -4.36 40.87 73.57
N TYR I 186 -5.47 40.73 72.86
CA TYR I 186 -6.59 41.66 72.98
C TYR I 186 -7.73 40.94 73.68
N SER I 187 -8.67 41.70 74.22
CA SER I 187 -9.74 41.06 74.97
C SER I 187 -10.87 40.60 74.05
N TRP I 188 -11.84 39.89 74.63
CA TRP I 188 -12.99 39.44 73.86
C TRP I 188 -13.89 40.60 73.47
N ASP I 189 -13.95 41.65 74.30
CA ASP I 189 -14.72 42.84 73.95
C ASP I 189 -14.13 43.59 72.76
N ILE I 190 -12.86 43.35 72.45
CA ILE I 190 -12.25 43.94 71.26
C ILE I 190 -12.44 43.01 70.06
N MET I 191 -12.43 41.70 70.29
CA MET I 191 -12.40 40.72 69.20
C MET I 191 -13.72 39.99 69.02
N GLU I 192 -14.83 40.52 69.52
CA GLU I 192 -16.15 40.02 69.17
C GLU I 192 -16.67 40.48 67.80
N PRO I 193 -16.61 41.79 67.41
CA PRO I 193 -17.16 42.15 66.10
C PRO I 193 -16.40 41.58 64.92
N VAL I 194 -15.12 41.24 65.11
CA VAL I 194 -14.37 40.54 64.06
C VAL I 194 -14.99 39.19 63.77
N THR I 195 -15.37 38.46 64.81
CA THR I 195 -16.03 37.17 64.62
C THR I 195 -17.42 37.34 64.01
N TYR I 196 -18.15 38.37 64.43
CA TYR I 196 -19.47 38.58 63.85
C TYR I 196 -19.40 38.92 62.36
N PHE I 197 -18.45 39.76 61.96
CA PHE I 197 -18.37 40.06 60.54
C PHE I 197 -17.70 38.96 59.74
N ILE I 198 -16.91 38.09 60.37
CA ILE I 198 -16.49 36.85 59.72
C ILE I 198 -17.70 35.99 59.39
N THR I 199 -18.62 35.86 60.35
CA THR I 199 -19.83 35.06 60.16
C THR I 199 -20.72 35.67 59.07
N TYR I 200 -20.88 36.99 59.06
CA TYR I 200 -21.71 37.62 58.04
C TYR I 200 -21.06 37.59 56.66
N GLY I 201 -19.73 37.68 56.60
CA GLY I 201 -19.05 37.54 55.32
C GLY I 201 -19.14 36.14 54.76
N SER I 202 -19.13 35.13 55.64
CA SER I 202 -19.37 33.77 55.17
C SER I 202 -20.79 33.60 54.67
N ALA I 203 -21.76 34.21 55.35
CA ALA I 203 -23.15 34.16 54.88
C ALA I 203 -23.38 34.96 53.61
N MET I 204 -22.47 35.88 53.28
CA MET I 204 -22.52 36.57 52.00
C MET I 204 -21.81 35.81 50.89
N ALA I 205 -20.70 35.13 51.21
CA ALA I 205 -20.00 34.35 50.20
C ALA I 205 -20.79 33.10 49.81
N MET I 206 -21.56 32.54 50.72
CA MET I 206 -22.41 31.40 50.38
C MET I 206 -23.55 31.79 49.45
N TYR I 207 -23.94 33.06 49.44
CA TYR I 207 -24.92 33.53 48.47
C TYR I 207 -24.28 33.94 47.15
N ALA I 208 -23.06 34.47 47.19
CA ALA I 208 -22.33 34.74 45.96
C ALA I 208 -21.98 33.47 45.19
N TYR I 209 -21.81 32.34 45.90
CA TYR I 209 -21.63 31.06 45.21
C TYR I 209 -22.88 30.68 44.43
N PHE I 210 -24.05 30.99 44.97
CA PHE I 210 -25.29 30.66 44.28
C PHE I 210 -25.51 31.60 43.12
N VAL I 211 -25.16 32.87 43.30
CA VAL I 211 -25.37 33.83 42.23
C VAL I 211 -24.37 33.62 41.10
N MET I 212 -23.26 32.92 41.34
CA MET I 212 -22.35 32.66 40.23
C MET I 212 -22.52 31.30 39.61
N THR I 213 -23.01 30.29 40.34
CA THR I 213 -23.02 28.94 39.80
C THR I 213 -24.42 28.38 39.57
N ARG I 214 -25.46 29.11 39.97
CA ARG I 214 -26.87 28.68 39.90
C ARG I 214 -27.09 27.36 40.63
N GLN I 215 -26.37 27.18 41.73
CA GLN I 215 -26.36 25.95 42.47
C GLN I 215 -26.15 26.28 43.93
N GLU I 216 -26.90 25.64 44.81
CA GLU I 216 -26.84 25.97 46.23
C GLU I 216 -25.58 25.37 46.85
N TYR I 217 -24.96 26.12 47.75
CA TYR I 217 -23.70 25.69 48.34
C TYR I 217 -23.97 24.66 49.43
N VAL I 218 -23.96 23.39 49.04
CA VAL I 218 -23.86 22.30 49.98
C VAL I 218 -22.53 21.60 49.71
N TYR I 219 -22.15 20.70 50.63
CA TYR I 219 -20.83 20.08 50.55
C TYR I 219 -20.65 19.14 49.36
N PRO I 220 -21.45 18.07 49.19
CA PRO I 220 -21.08 17.10 48.15
C PRO I 220 -21.37 17.58 46.73
N GLU I 221 -22.32 18.49 46.54
CA GLU I 221 -22.53 19.02 45.20
C GLU I 221 -21.40 19.95 44.77
N ALA I 222 -20.89 20.76 45.71
CA ALA I 222 -19.72 21.57 45.41
C ALA I 222 -18.48 20.73 45.20
N ARG I 223 -18.35 19.62 45.93
CA ARG I 223 -17.24 18.71 45.70
C ARG I 223 -17.31 18.06 44.32
N ASP I 224 -18.51 17.64 43.90
CA ASP I 224 -18.66 17.04 42.57
C ASP I 224 -18.43 18.06 41.46
N ARG I 225 -18.85 19.31 41.68
CA ARG I 225 -18.62 20.35 40.69
C ARG I 225 -17.15 20.67 40.53
N GLN I 226 -16.42 20.79 41.65
CA GLN I 226 -14.99 21.04 41.58
C GLN I 226 -14.24 19.85 40.98
N TYR I 227 -14.70 18.62 41.26
CA TYR I 227 -14.09 17.45 40.67
C TYR I 227 -14.27 17.43 39.16
N LEU I 228 -15.46 17.77 38.68
CA LEU I 228 -15.70 17.79 37.25
C LEU I 228 -14.91 18.90 36.56
N LEU I 229 -14.73 20.03 37.22
CA LEU I 229 -13.90 21.09 36.65
C LEU I 229 -12.42 20.71 36.62
N PHE I 230 -11.97 19.90 37.57
CA PHE I 230 -10.61 19.37 37.49
C PHE I 230 -10.47 18.34 36.38
N PHE I 231 -11.48 17.48 36.23
CA PHE I 231 -11.41 16.41 35.24
C PHE I 231 -11.44 16.98 33.83
N HIS I 232 -12.25 18.00 33.59
CA HIS I 232 -12.37 18.50 32.23
C HIS I 232 -11.21 19.40 31.81
N LYS I 233 -10.21 19.59 32.66
CA LYS I 233 -8.93 20.16 32.24
C LYS I 233 -7.82 19.13 32.25
N GLY I 234 -7.90 18.12 33.11
CA GLY I 234 -6.98 17.00 33.00
C GLY I 234 -7.18 16.22 31.71
N ALA I 235 -8.42 16.07 31.28
CA ALA I 235 -8.74 15.38 30.03
C ALA I 235 -8.57 16.28 28.81
N LYS I 236 -8.23 17.55 29.00
CA LYS I 236 -7.87 18.43 27.90
C LYS I 236 -6.37 18.58 27.77
N LYS I 237 -5.64 18.58 28.88
CA LYS I 237 -4.18 18.68 28.81
C LYS I 237 -3.56 17.43 28.20
N SER I 238 -4.07 16.25 28.56
CA SER I 238 -3.47 15.00 28.16
C SER I 238 -3.94 14.49 26.81
N ARG I 239 -4.62 15.34 26.02
CA ARG I 239 -5.10 15.04 24.66
C ARG I 239 -6.02 13.82 24.64
N PHE I 240 -7.14 13.94 25.32
CA PHE I 240 -8.09 12.86 25.51
C PHE I 240 -9.46 13.30 25.02
N ASP I 241 -10.04 12.53 24.11
CA ASP I 241 -11.35 12.85 23.55
C ASP I 241 -12.42 12.24 24.44
N LEU I 242 -13.23 13.10 25.06
CA LEU I 242 -14.32 12.61 25.89
C LEU I 242 -15.53 12.22 25.08
N GLU I 243 -15.64 12.73 23.84
CA GLU I 243 -16.84 12.48 23.06
C GLU I 243 -16.88 11.04 22.55
N LYS I 244 -15.74 10.52 22.11
CA LYS I 244 -15.68 9.13 21.68
C LYS I 244 -15.84 8.17 22.85
N TYR I 245 -15.37 8.56 24.03
CA TYR I 245 -15.56 7.71 25.21
C TYR I 245 -17.01 7.72 25.67
N ASN I 246 -17.69 8.86 25.54
CA ASN I 246 -19.09 8.90 25.92
C ASN I 246 -19.97 8.18 24.91
N GLN I 247 -19.62 8.24 23.62
CA GLN I 247 -20.41 7.50 22.65
C GLN I 247 -20.02 6.03 22.59
N LEU I 248 -18.88 5.65 23.15
CA LEU I 248 -18.57 4.25 23.37
C LEU I 248 -19.10 3.74 24.69
N LYS I 249 -19.58 4.62 25.55
CA LYS I 249 -20.15 4.21 26.83
C LYS I 249 -21.66 4.21 26.82
N ASP I 250 -22.29 5.01 25.98
CA ASP I 250 -23.74 4.94 25.86
C ASP I 250 -24.19 3.87 24.87
N ALA I 251 -23.33 3.52 23.92
CA ALA I 251 -23.67 2.45 22.99
C ALA I 251 -23.62 1.09 23.66
N ILE I 252 -22.75 0.90 24.65
CA ILE I 252 -22.71 -0.36 25.40
C ILE I 252 -23.96 -0.51 26.26
N ALA I 253 -24.38 0.55 26.95
CA ALA I 253 -25.59 0.49 27.76
C ALA I 253 -26.83 0.32 26.89
N GLN I 254 -26.85 0.93 25.70
CA GLN I 254 -27.96 0.74 24.78
C GLN I 254 -27.99 -0.69 24.24
N ALA I 255 -26.83 -1.26 23.93
CA ALA I 255 -26.78 -2.60 23.40
C ALA I 255 -27.05 -3.67 24.45
N GLU I 256 -26.83 -3.38 25.72
CA GLU I 256 -27.10 -4.39 26.74
C GLU I 256 -28.42 -4.16 27.48
N MET I 257 -29.10 -3.03 27.25
CA MET I 257 -30.47 -2.90 27.71
C MET I 257 -31.42 -3.70 26.83
N ASP I 258 -31.16 -3.71 25.52
CA ASP I 258 -31.96 -4.50 24.60
C ASP I 258 -31.72 -5.98 24.78
N LEU I 259 -30.55 -6.37 25.29
CA LEU I 259 -30.28 -7.78 25.54
C LEU I 259 -31.10 -8.31 26.70
N LYS I 260 -31.43 -7.45 27.67
CA LYS I 260 -32.29 -7.86 28.76
C LYS I 260 -33.76 -7.56 28.50
N ARG I 261 -34.06 -6.77 27.46
CA ARG I 261 -35.43 -6.73 26.97
C ARG I 261 -35.81 -8.00 26.20
N LEU I 262 -34.82 -8.77 25.76
CA LEU I 262 -35.06 -10.06 25.12
C LEU I 262 -35.19 -11.20 26.13
N ARG I 263 -35.18 -10.90 27.42
CA ARG I 263 -35.38 -11.96 28.41
C ARG I 263 -36.82 -12.43 28.42
N ASP I 264 -37.78 -11.51 28.24
CA ASP I 264 -39.19 -11.88 28.22
C ASP I 264 -39.56 -12.84 27.09
N PRO I 265 -39.37 -12.52 25.80
CA PRO I 265 -39.90 -13.44 24.78
C PRO I 265 -39.00 -14.62 24.48
N LEU I 266 -37.85 -14.76 25.15
CA LEU I 266 -36.97 -15.89 24.92
C LEU I 266 -36.77 -16.76 26.15
N GLN I 267 -37.07 -16.28 27.34
CA GLN I 267 -36.89 -17.07 28.56
C GLN I 267 -38.21 -17.53 29.16
N VAL I 268 -39.22 -16.66 29.21
CA VAL I 268 -40.49 -16.97 29.83
C VAL I 268 -41.66 -16.88 28.85
N HIS I 269 -41.40 -16.47 27.60
CA HIS I 269 -42.39 -16.42 26.51
C HIS I 269 -43.56 -15.49 26.82
N LEU I 270 -43.23 -14.30 27.31
CA LEU I 270 -44.15 -13.20 27.48
C LEU I 270 -43.87 -12.13 26.43
N PRO I 271 -44.85 -11.31 26.06
CA PRO I 271 -44.57 -10.25 25.07
C PRO I 271 -43.69 -9.16 25.65
N LEU I 272 -42.70 -8.74 24.86
CA LEU I 272 -41.69 -7.83 25.34
C LEU I 272 -42.25 -6.42 25.46
N ARG I 273 -41.58 -5.61 26.27
CA ARG I 273 -42.06 -4.27 26.58
C ARG I 273 -41.51 -3.27 25.59
N GLN I 274 -42.26 -2.20 25.36
CA GLN I 274 -41.90 -1.20 24.36
C GLN I 274 -40.78 -0.31 24.88
N ILE I 275 -40.33 0.59 24.00
CA ILE I 275 -39.26 1.53 24.32
C ILE I 275 -39.86 2.60 25.23
N GLY I 276 -39.63 2.48 26.54
CA GLY I 276 -40.17 3.42 27.50
C GLY I 276 -41.15 2.78 28.48
N ASP J 1 -37.34 -35.48 -16.96
CA ASP J 1 -37.01 -34.51 -15.92
C ASP J 1 -37.83 -33.24 -16.07
N ASP J 2 -38.24 -32.68 -14.94
CA ASP J 2 -39.05 -31.47 -14.92
C ASP J 2 -38.84 -30.77 -13.59
N VAL J 3 -38.96 -29.45 -13.62
CA VAL J 3 -38.74 -28.64 -12.43
C VAL J 3 -40.01 -28.65 -11.59
N THR J 4 -39.88 -29.09 -10.33
CA THR J 4 -41.05 -29.29 -9.47
C THR J 4 -40.98 -28.38 -8.26
N VAL J 5 -42.07 -27.68 -7.97
CA VAL J 5 -42.18 -26.86 -6.75
C VAL J 5 -43.11 -27.57 -5.79
N VAL J 6 -42.62 -27.86 -4.59
CA VAL J 6 -43.37 -28.58 -3.56
C VAL J 6 -43.23 -27.79 -2.27
N TYR J 7 -44.35 -27.49 -1.61
CA TYR J 7 -44.30 -26.76 -0.36
C TYR J 7 -43.97 -27.72 0.77
N GLN J 8 -42.80 -27.55 1.39
CA GLN J 8 -42.37 -28.35 2.52
C GLN J 8 -42.03 -27.41 3.67
N ASN J 9 -42.61 -27.69 4.84
CA ASN J 9 -42.38 -26.96 6.09
C ASN J 9 -42.74 -25.48 5.98
N GLY J 10 -43.70 -25.15 5.12
CA GLY J 10 -44.08 -23.77 4.90
C GLY J 10 -43.20 -23.01 3.93
N LEU J 11 -42.22 -23.67 3.31
CA LEU J 11 -41.34 -23.02 2.36
C LEU J 11 -41.37 -23.75 1.03
N PRO J 12 -41.29 -23.04 -0.09
CA PRO J 12 -41.26 -23.73 -1.39
C PRO J 12 -39.90 -24.37 -1.62
N VAL J 13 -39.92 -25.64 -2.02
CA VAL J 13 -38.73 -26.37 -2.39
C VAL J 13 -38.82 -26.63 -3.89
N ILE J 14 -37.87 -26.08 -4.64
CA ILE J 14 -37.86 -26.19 -6.08
C ILE J 14 -36.76 -27.15 -6.50
N SER J 15 -37.12 -28.14 -7.30
CA SER J 15 -36.24 -29.22 -7.69
C SER J 15 -35.96 -29.09 -9.18
N VAL J 16 -34.69 -28.89 -9.51
CA VAL J 16 -34.25 -28.69 -10.89
C VAL J 16 -33.24 -29.77 -11.23
N ARG J 17 -32.86 -29.85 -12.50
CA ARG J 17 -31.82 -30.78 -12.95
C ARG J 17 -30.65 -29.98 -13.49
N LEU J 18 -29.47 -30.19 -12.90
CA LEU J 18 -28.27 -29.44 -13.24
C LEU J 18 -27.52 -30.12 -14.38
N PRO J 19 -26.92 -29.37 -15.30
CA PRO J 19 -26.47 -29.97 -16.55
C PRO J 19 -25.12 -30.67 -16.51
N SER J 20 -24.21 -30.32 -15.58
CA SER J 20 -22.85 -30.85 -15.65
C SER J 20 -22.81 -32.33 -15.26
N ARG J 21 -23.15 -32.62 -14.01
CA ARG J 21 -23.53 -33.97 -13.62
C ARG J 21 -25.04 -34.01 -13.68
N ARG J 22 -25.60 -34.88 -14.51
CA ARG J 22 -27.04 -34.86 -14.78
C ARG J 22 -27.75 -35.42 -13.54
N GLU J 23 -27.91 -34.55 -12.54
CA GLU J 23 -28.52 -34.90 -11.28
C GLU J 23 -29.44 -33.77 -10.86
N ARG J 24 -30.41 -34.10 -10.01
CA ARG J 24 -31.36 -33.11 -9.56
C ARG J 24 -30.87 -32.45 -8.27
N CYS J 25 -31.44 -31.28 -7.98
CA CYS J 25 -31.02 -30.48 -6.85
C CYS J 25 -32.23 -29.78 -6.27
N GLN J 26 -32.27 -29.71 -4.95
CA GLN J 26 -33.39 -29.16 -4.20
C GLN J 26 -32.99 -27.83 -3.58
N PHE J 27 -33.54 -26.73 -4.08
CA PHE J 27 -33.31 -25.41 -3.54
C PHE J 27 -34.46 -25.01 -2.65
N THR J 28 -34.16 -24.64 -1.42
CA THR J 28 -35.17 -24.19 -0.45
C THR J 28 -35.20 -22.67 -0.45
N LEU J 29 -36.28 -22.11 -1.00
CA LEU J 29 -36.42 -20.68 -1.17
C LEU J 29 -37.20 -20.07 -0.01
N LYS J 30 -36.83 -18.85 0.34
CA LYS J 30 -37.56 -18.11 1.37
C LYS J 30 -38.26 -16.95 0.70
N PRO J 31 -39.59 -16.97 0.57
CA PRO J 31 -40.25 -16.05 -0.37
C PRO J 31 -40.32 -14.62 0.10
N ILE J 32 -40.19 -14.35 1.40
CA ILE J 32 -40.34 -12.98 1.85
C ILE J 32 -39.05 -12.18 1.75
N SER J 33 -37.89 -12.84 1.67
CA SER J 33 -36.62 -12.12 1.70
C SER J 33 -35.67 -12.54 0.59
N ASP J 34 -36.15 -13.19 -0.46
CA ASP J 34 -35.32 -13.58 -1.58
C ASP J 34 -35.92 -13.04 -2.88
N SER J 35 -35.06 -12.54 -3.75
CA SER J 35 -35.46 -12.10 -5.07
C SER J 35 -35.14 -13.19 -6.08
N VAL J 36 -35.40 -12.89 -7.36
CA VAL J 36 -35.07 -13.82 -8.43
C VAL J 36 -33.56 -13.96 -8.57
N GLY J 37 -32.84 -12.84 -8.46
CA GLY J 37 -31.40 -12.82 -8.60
C GLY J 37 -30.63 -13.52 -7.51
N VAL J 38 -31.28 -13.84 -6.39
CA VAL J 38 -30.64 -14.68 -5.38
C VAL J 38 -30.77 -16.14 -5.74
N PHE J 39 -31.94 -16.54 -6.24
CA PHE J 39 -32.14 -17.92 -6.66
C PHE J 39 -31.31 -18.26 -7.90
N LEU J 40 -31.20 -17.32 -8.84
CA LEU J 40 -30.43 -17.61 -10.05
C LEU J 40 -28.93 -17.61 -9.80
N ARG J 41 -28.47 -17.05 -8.69
CA ARG J 41 -27.06 -17.17 -8.38
C ARG J 41 -26.77 -18.29 -7.40
N GLN J 42 -27.76 -18.73 -6.62
CA GLN J 42 -27.60 -20.03 -5.96
C GLN J 42 -27.57 -21.13 -6.99
N LEU J 43 -28.30 -20.94 -8.10
CA LEU J 43 -28.32 -21.92 -9.17
C LEU J 43 -27.02 -21.88 -9.96
N GLN J 44 -26.40 -20.71 -10.08
CA GLN J 44 -25.12 -20.70 -10.81
C GLN J 44 -23.96 -21.13 -9.92
N GLU J 45 -24.06 -20.92 -8.60
CA GLU J 45 -23.00 -21.34 -7.70
C GLU J 45 -23.12 -22.79 -7.28
N GLU J 46 -24.18 -23.48 -7.68
CA GLU J 46 -24.23 -24.90 -7.39
C GLU J 46 -23.63 -25.74 -8.50
N ASP J 47 -23.74 -25.32 -9.75
CA ASP J 47 -23.25 -26.11 -10.87
C ASP J 47 -22.01 -25.53 -11.53
N ARG J 48 -21.98 -24.22 -11.78
CA ARG J 48 -20.92 -23.41 -12.38
C ARG J 48 -20.70 -23.69 -13.87
N GLY J 49 -21.38 -24.67 -14.45
CA GLY J 49 -21.42 -24.79 -15.88
C GLY J 49 -22.58 -24.05 -16.48
N ILE J 50 -23.41 -23.45 -15.63
CA ILE J 50 -24.57 -22.67 -16.03
C ILE J 50 -24.09 -21.26 -16.32
N ASP J 51 -23.92 -20.91 -17.59
CA ASP J 51 -23.41 -19.59 -17.94
C ASP J 51 -24.50 -18.59 -18.28
N ARG J 52 -25.69 -19.04 -18.65
CA ARG J 52 -26.78 -18.14 -19.04
C ARG J 52 -28.09 -18.70 -18.48
N VAL J 53 -28.56 -18.13 -17.38
CA VAL J 53 -29.77 -18.59 -16.72
C VAL J 53 -30.73 -17.41 -16.60
N ALA J 54 -32.00 -17.65 -16.90
CA ALA J 54 -32.99 -16.57 -16.85
C ALA J 54 -34.36 -17.14 -16.53
N ILE J 55 -35.25 -16.26 -16.08
CA ILE J 55 -36.63 -16.61 -15.77
C ILE J 55 -37.54 -15.74 -16.62
N TYR J 56 -38.40 -16.36 -17.40
CA TYR J 56 -39.29 -15.66 -18.31
C TYR J 56 -40.74 -15.84 -17.88
N SER J 57 -41.54 -14.81 -18.09
CA SER J 57 -42.98 -14.92 -17.92
C SER J 57 -43.55 -15.81 -19.02
N PRO J 58 -44.73 -16.41 -18.81
CA PRO J 58 -45.31 -17.26 -19.86
C PRO J 58 -45.69 -16.51 -21.12
N ASP J 59 -45.85 -15.19 -21.07
CA ASP J 59 -46.02 -14.40 -22.29
C ASP J 59 -44.72 -14.26 -23.06
N GLY J 60 -43.57 -14.42 -22.40
CA GLY J 60 -42.28 -14.37 -23.06
C GLY J 60 -41.36 -13.26 -22.61
N VAL J 61 -41.79 -12.31 -21.79
CA VAL J 61 -40.91 -11.22 -21.38
C VAL J 61 -40.08 -11.69 -20.20
N ARG J 62 -38.90 -11.08 -20.03
CA ARG J 62 -38.01 -11.50 -18.96
C ARG J 62 -38.52 -10.94 -17.64
N VAL J 63 -38.08 -11.54 -16.54
CA VAL J 63 -38.40 -11.10 -15.19
C VAL J 63 -37.11 -10.64 -14.55
N ALA J 64 -37.08 -9.37 -14.11
CA ALA J 64 -35.86 -8.78 -13.62
C ALA J 64 -35.47 -9.35 -12.26
N ALA J 65 -34.18 -9.26 -11.94
CA ALA J 65 -33.60 -9.93 -10.79
C ALA J 65 -33.90 -9.27 -9.47
N SER J 66 -34.71 -8.21 -9.43
CA SER J 66 -35.17 -7.64 -8.18
C SER J 66 -36.60 -8.03 -7.85
N THR J 67 -37.27 -8.77 -8.73
CA THR J 67 -38.59 -9.29 -8.45
C THR J 67 -38.52 -10.35 -7.36
N GLY J 68 -39.36 -10.22 -6.34
CA GLY J 68 -39.37 -11.18 -5.26
C GLY J 68 -39.88 -12.54 -5.68
N ILE J 69 -39.50 -13.55 -4.91
CA ILE J 69 -39.91 -14.92 -5.20
C ILE J 69 -41.41 -15.09 -4.96
N ASP J 70 -41.93 -14.39 -3.95
CA ASP J 70 -43.36 -14.50 -3.62
C ASP J 70 -44.24 -13.89 -4.69
N LEU J 71 -43.74 -12.91 -5.44
CA LEU J 71 -44.47 -12.44 -6.60
C LEU J 71 -44.29 -13.35 -7.80
N LEU J 72 -43.22 -14.14 -7.82
CA LEU J 72 -42.95 -15.00 -8.96
C LEU J 72 -43.79 -16.26 -8.91
N LEU J 73 -44.00 -16.81 -7.71
CA LEU J 73 -44.70 -18.08 -7.54
C LEU J 73 -46.22 -17.94 -7.54
N LEU J 74 -46.77 -16.83 -8.01
CA LEU J 74 -48.21 -16.70 -8.15
C LEU J 74 -48.69 -17.05 -9.55
N ASP J 75 -47.80 -17.48 -10.44
CA ASP J 75 -48.16 -17.83 -11.81
C ASP J 75 -47.07 -18.76 -12.33
N ASP J 76 -47.32 -19.33 -13.50
CA ASP J 76 -46.33 -20.18 -14.15
C ASP J 76 -45.17 -19.32 -14.63
N PHE J 77 -44.05 -19.97 -14.92
CA PHE J 77 -42.94 -19.26 -15.57
C PHE J 77 -42.11 -20.27 -16.34
N LYS J 78 -41.10 -19.76 -17.04
CA LYS J 78 -40.16 -20.60 -17.76
C LYS J 78 -38.77 -20.34 -17.21
N LEU J 79 -38.00 -21.40 -17.04
CA LEU J 79 -36.65 -21.30 -16.50
C LEU J 79 -35.68 -21.79 -17.57
N VAL J 80 -34.80 -20.90 -18.02
CA VAL J 80 -33.78 -21.23 -19.01
C VAL J 80 -32.46 -21.41 -18.28
N ILE J 81 -31.82 -22.56 -18.48
CA ILE J 81 -30.63 -22.92 -17.72
C ILE J 81 -29.35 -22.83 -18.56
N ASN J 82 -29.30 -23.52 -19.70
CA ASN J 82 -28.33 -23.12 -20.71
C ASN J 82 -29.00 -22.80 -22.04
N ASP J 83 -29.71 -23.77 -22.59
CA ASP J 83 -30.51 -23.65 -23.80
C ASP J 83 -31.83 -24.37 -23.67
N LEU J 84 -32.04 -25.11 -22.59
CA LEU J 84 -33.25 -25.84 -22.34
C LEU J 84 -34.19 -24.99 -21.50
N THR J 85 -35.44 -24.87 -21.93
CA THR J 85 -36.44 -24.08 -21.25
C THR J 85 -37.38 -25.05 -20.54
N TYR J 86 -37.36 -25.04 -19.22
CA TYR J 86 -38.27 -25.85 -18.42
C TYR J 86 -39.47 -25.01 -18.02
N HIS J 87 -40.66 -25.50 -18.29
CA HIS J 87 -41.88 -24.76 -17.99
C HIS J 87 -42.30 -25.07 -16.55
N VAL J 88 -41.96 -24.19 -15.63
CA VAL J 88 -42.26 -24.41 -14.22
C VAL J 88 -43.69 -23.99 -13.94
N ARG J 89 -44.42 -24.87 -13.24
CA ARG J 89 -45.84 -24.71 -12.95
C ARG J 89 -46.00 -24.89 -11.45
N PRO J 90 -46.00 -23.81 -10.68
CA PRO J 90 -46.03 -23.95 -9.23
C PRO J 90 -47.42 -24.32 -8.74
N PRO J 91 -47.52 -24.98 -7.59
CA PRO J 91 -48.85 -25.29 -7.05
C PRO J 91 -49.48 -24.08 -6.41
N LYS J 92 -50.43 -23.47 -7.11
CA LYS J 92 -51.02 -22.21 -6.68
C LYS J 92 -52.40 -22.47 -6.09
N ARG J 93 -52.83 -21.56 -5.23
CA ARG J 93 -54.12 -21.69 -4.59
C ARG J 93 -55.14 -20.98 -5.50
N ASP J 94 -56.41 -21.07 -5.15
CA ASP J 94 -57.42 -20.45 -5.98
C ASP J 94 -57.40 -18.93 -5.84
N LEU J 95 -57.92 -18.26 -6.87
CA LEU J 95 -58.11 -16.83 -6.82
C LEU J 95 -59.56 -16.41 -7.02
N LEU J 96 -60.44 -17.41 -7.10
CA LEU J 96 -61.90 -17.17 -7.23
C LEU J 96 -62.49 -17.14 -5.82
N SER J 97 -62.17 -18.14 -5.00
CA SER J 97 -62.63 -18.21 -3.62
C SER J 97 -61.62 -17.57 -2.68
N HIS J 98 -60.75 -16.71 -3.22
CA HIS J 98 -59.73 -16.00 -2.46
C HIS J 98 -60.21 -14.65 -1.99
N GLU J 99 -61.51 -14.48 -1.76
CA GLU J 99 -61.97 -13.35 -0.99
C GLU J 99 -61.35 -13.46 0.40
N ASN J 100 -60.77 -12.37 0.87
CA ASN J 100 -59.89 -12.42 2.03
C ASN J 100 -60.62 -12.77 3.31
N ALA J 101 -61.91 -12.47 3.41
CA ALA J 101 -62.62 -12.90 4.61
C ALA J 101 -62.88 -14.40 4.60
N ALA J 102 -62.86 -15.03 3.42
CA ALA J 102 -62.99 -16.48 3.37
C ALA J 102 -61.65 -17.15 3.64
N THR J 103 -60.56 -16.52 3.20
CA THR J 103 -59.24 -17.07 3.47
C THR J 103 -58.92 -16.92 4.95
N LEU J 104 -59.38 -15.84 5.57
CA LEU J 104 -59.26 -15.71 7.02
C LEU J 104 -60.18 -16.68 7.75
N ASN J 105 -61.33 -17.05 7.16
CA ASN J 105 -62.11 -18.11 7.78
C ASN J 105 -61.46 -19.48 7.63
N ASP J 106 -60.58 -19.64 6.65
CA ASP J 106 -59.81 -20.87 6.56
C ASP J 106 -58.67 -20.88 7.58
N VAL J 107 -58.04 -19.73 7.80
CA VAL J 107 -56.98 -19.65 8.81
C VAL J 107 -57.57 -19.81 10.22
N LYS J 108 -58.75 -19.24 10.45
CA LYS J 108 -59.43 -19.41 11.74
C LYS J 108 -59.84 -20.87 11.99
N THR J 109 -60.40 -21.55 10.98
CA THR J 109 -60.76 -22.95 11.17
C THR J 109 -59.54 -23.83 11.40
N LEU J 110 -58.44 -23.56 10.69
CA LEU J 110 -57.25 -24.40 10.86
C LEU J 110 -56.59 -24.18 12.22
N VAL J 111 -56.49 -22.92 12.66
CA VAL J 111 -55.86 -22.68 13.96
C VAL J 111 -56.76 -23.16 15.10
N GLN J 112 -58.09 -23.04 14.98
CA GLN J 112 -58.95 -23.57 16.02
C GLN J 112 -59.02 -25.08 15.99
N GLN J 113 -58.64 -25.71 14.88
CA GLN J 113 -58.48 -27.16 14.90
C GLN J 113 -57.20 -27.55 15.61
N LEU J 114 -56.08 -26.87 15.28
CA LEU J 114 -54.81 -27.16 15.94
C LEU J 114 -54.79 -26.80 17.41
N TYR J 115 -55.62 -25.84 17.84
CA TYR J 115 -55.66 -25.43 19.24
C TYR J 115 -56.31 -26.49 20.13
N THR J 116 -57.17 -27.33 19.56
CA THR J 116 -57.80 -28.39 20.33
C THR J 116 -57.22 -29.78 20.06
N THR J 117 -56.62 -29.99 18.89
CA THR J 117 -55.95 -31.28 18.64
C THR J 117 -54.72 -31.44 19.51
N LEU J 118 -53.97 -30.36 19.71
CA LEU J 118 -52.94 -30.30 20.73
C LEU J 118 -53.52 -29.70 21.99
N CYS J 119 -53.18 -30.28 23.13
CA CYS J 119 -53.73 -29.80 24.41
C CYS J 119 -53.02 -28.51 24.79
N ILE J 120 -53.49 -27.41 24.21
CA ILE J 120 -52.84 -26.12 24.42
C ILE J 120 -53.35 -25.44 25.69
N GLU J 121 -54.61 -25.68 26.06
CA GLU J 121 -55.12 -25.19 27.34
C GLU J 121 -54.39 -25.87 28.50
N GLN J 122 -54.10 -27.16 28.35
CA GLN J 122 -53.31 -27.87 29.34
C GLN J 122 -51.88 -27.38 29.35
N HIS J 123 -51.35 -26.96 28.20
CA HIS J 123 -50.02 -26.39 28.15
C HIS J 123 -49.95 -25.06 28.90
N GLN J 124 -50.97 -24.22 28.73
CA GLN J 124 -51.00 -22.95 29.45
C GLN J 124 -51.22 -23.18 30.95
N LEU J 125 -52.02 -24.18 31.30
CA LEU J 125 -52.24 -24.50 32.71
C LEU J 125 -50.99 -25.03 33.37
N ASN J 126 -50.22 -25.86 32.66
CA ASN J 126 -48.95 -26.32 33.22
C ASN J 126 -47.91 -25.21 33.29
N LYS J 127 -47.92 -24.28 32.34
CA LYS J 127 -47.00 -23.14 32.42
C LYS J 127 -47.36 -22.22 33.59
N GLU J 128 -48.65 -22.11 33.89
CA GLU J 128 -49.06 -21.27 35.01
C GLU J 128 -48.80 -21.96 36.34
N ARG J 129 -49.01 -23.28 36.40
CA ARG J 129 -48.73 -24.00 37.63
C ARG J 129 -47.23 -24.09 37.90
N GLU J 130 -46.42 -24.13 36.85
CA GLU J 130 -44.98 -24.06 37.03
C GLU J 130 -44.54 -22.70 37.56
N LEU J 131 -45.13 -21.62 37.03
CA LEU J 131 -44.82 -20.30 37.58
C LEU J 131 -45.35 -20.11 38.99
N ILE J 132 -46.40 -20.83 39.38
CA ILE J 132 -46.84 -20.80 40.77
C ILE J 132 -45.85 -21.55 41.67
N GLU J 133 -45.50 -22.79 41.28
CA GLU J 133 -44.74 -23.64 42.18
C GLU J 133 -43.28 -23.21 42.28
N ARG J 134 -42.73 -22.57 41.24
CA ARG J 134 -41.38 -22.04 41.36
C ARG J 134 -41.34 -20.92 42.40
N LEU J 135 -42.34 -20.03 42.37
CA LEU J 135 -42.43 -18.97 43.36
C LEU J 135 -42.66 -19.53 44.76
N GLU J 136 -43.44 -20.61 44.86
CA GLU J 136 -43.69 -21.24 46.16
C GLU J 136 -42.42 -21.87 46.72
N ASP J 137 -41.67 -22.57 45.88
CA ASP J 137 -40.42 -23.20 46.29
C ASP J 137 -39.38 -22.15 46.66
N LEU J 138 -39.36 -21.04 45.93
CA LEU J 138 -38.39 -20.00 46.20
C LEU J 138 -38.74 -19.22 47.46
N LYS J 139 -40.03 -19.08 47.77
CA LYS J 139 -40.44 -18.43 49.01
C LYS J 139 -40.30 -19.32 50.24
N GLU J 140 -40.41 -20.65 50.08
CA GLU J 140 -40.16 -21.55 51.20
C GLU J 140 -38.70 -21.54 51.60
N GLN J 141 -37.80 -21.25 50.67
CA GLN J 141 -36.37 -21.12 50.93
C GLN J 141 -36.02 -19.87 51.72
N LEU J 142 -36.97 -18.95 51.92
CA LEU J 142 -36.67 -17.64 52.47
C LEU J 142 -36.84 -17.55 53.99
N ALA J 143 -37.83 -18.25 54.54
CA ALA J 143 -38.17 -18.10 55.95
C ALA J 143 -37.07 -18.47 56.96
N PRO J 144 -36.21 -19.48 56.74
CA PRO J 144 -35.03 -19.63 57.62
C PRO J 144 -34.02 -18.50 57.54
N LEU J 145 -34.08 -17.64 56.53
CA LEU J 145 -33.25 -16.44 56.54
C LEU J 145 -33.96 -15.23 57.13
N GLU J 146 -35.28 -15.14 56.94
CA GLU J 146 -36.05 -14.06 57.54
C GLU J 146 -36.06 -14.16 59.06
N LYS J 147 -36.16 -15.37 59.59
CA LYS J 147 -36.18 -15.49 61.05
C LYS J 147 -34.81 -15.27 61.68
N VAL J 148 -33.74 -15.15 60.91
CA VAL J 148 -32.49 -14.62 61.44
C VAL J 148 -32.38 -13.11 61.22
N ARG J 149 -32.88 -12.64 60.07
CA ARG J 149 -32.71 -11.23 59.73
C ARG J 149 -33.53 -10.34 60.66
N ILE J 150 -34.67 -10.84 61.16
CA ILE J 150 -35.48 -10.04 62.07
C ILE J 150 -34.74 -9.81 63.39
N GLU J 151 -34.10 -10.85 63.92
CA GLU J 151 -33.36 -10.69 65.16
C GLU J 151 -32.00 -10.02 64.98
N ILE J 152 -31.54 -9.84 63.74
CA ILE J 152 -30.38 -8.94 63.58
C ILE J 152 -30.82 -7.49 63.42
N SER J 153 -31.92 -7.24 62.71
CA SER J 153 -32.42 -5.87 62.58
C SER J 153 -32.93 -5.32 63.91
N ARG J 154 -33.41 -6.19 64.80
CA ARG J 154 -33.85 -5.74 66.11
C ARG J 154 -32.67 -5.23 66.94
N LYS J 155 -31.54 -5.92 66.86
CA LYS J 155 -30.35 -5.51 67.59
C LYS J 155 -29.78 -4.23 67.01
N ALA J 156 -29.79 -4.11 65.68
CA ALA J 156 -29.33 -2.89 65.02
C ALA J 156 -30.28 -1.72 65.21
N GLU J 157 -31.53 -1.97 65.59
CA GLU J 157 -32.42 -0.88 65.94
C GLU J 157 -32.25 -0.46 67.39
N LYS J 158 -32.07 -1.44 68.29
CA LYS J 158 -31.90 -1.13 69.69
C LYS J 158 -30.62 -0.34 69.95
N ARG J 159 -29.57 -0.55 69.14
CA ARG J 159 -28.39 0.28 69.34
C ARG J 159 -28.57 1.68 68.77
N THR J 160 -29.21 1.80 67.61
CA THR J 160 -29.32 3.11 66.98
C THR J 160 -30.38 3.99 67.62
N THR J 161 -31.23 3.46 68.50
CA THR J 161 -32.01 4.40 69.30
C THR J 161 -31.22 4.89 70.51
N LEU J 162 -30.31 4.07 71.03
CA LEU J 162 -29.49 4.52 72.16
C LEU J 162 -28.50 5.58 71.73
N VAL J 163 -28.06 5.56 70.47
CA VAL J 163 -27.21 6.64 69.97
C VAL J 163 -27.97 7.96 69.94
N LEU J 164 -29.24 7.92 69.53
CA LEU J 164 -30.06 9.13 69.45
C LEU J 164 -30.35 9.70 70.83
N TRP J 165 -30.70 8.84 71.79
CA TRP J 165 -30.96 9.34 73.13
C TRP J 165 -29.68 9.80 73.82
N GLY J 166 -28.54 9.19 73.50
CA GLY J 166 -27.30 9.68 74.05
C GLY J 166 -26.90 11.03 73.51
N GLY J 167 -27.23 11.30 72.24
CA GLY J 167 -27.02 12.63 71.69
C GLY J 167 -27.86 13.69 72.38
N LEU J 168 -29.13 13.36 72.65
CA LEU J 168 -29.99 14.31 73.36
C LEU J 168 -29.52 14.53 74.79
N ALA J 169 -29.04 13.48 75.45
CA ALA J 169 -28.49 13.62 76.79
C ALA J 169 -27.22 14.48 76.80
N TYR J 170 -26.40 14.37 75.75
CA TYR J 170 -25.20 15.19 75.66
C TYR J 170 -25.53 16.66 75.47
N MET J 171 -26.54 16.96 74.64
CA MET J 171 -26.93 18.36 74.47
C MET J 171 -27.52 18.93 75.75
N ALA J 172 -28.26 18.12 76.50
CA ALA J 172 -28.82 18.58 77.76
C ALA J 172 -27.74 18.85 78.81
N THR J 173 -26.73 17.99 78.90
CA THR J 173 -25.69 18.25 79.91
C THR J 173 -24.78 19.40 79.50
N GLN J 174 -24.61 19.66 78.19
CA GLN J 174 -23.87 20.85 77.79
C GLN J 174 -24.63 22.12 78.14
N PHE J 175 -25.96 22.09 77.96
CA PHE J 175 -26.81 23.18 78.44
C PHE J 175 -26.65 23.40 79.93
N GLY J 176 -26.61 22.31 80.70
CA GLY J 176 -26.48 22.46 82.15
C GLY J 176 -25.15 22.99 82.61
N ILE J 177 -24.07 22.64 81.90
CA ILE J 177 -22.74 23.18 82.23
C ILE J 177 -22.69 24.67 81.93
N LEU J 178 -23.10 25.05 80.72
CA LEU J 178 -22.99 26.46 80.34
C LEU J 178 -24.03 27.33 81.04
N ALA J 179 -25.08 26.74 81.59
CA ALA J 179 -26.03 27.52 82.37
C ALA J 179 -25.61 27.65 83.83
N ARG J 180 -24.90 26.67 84.37
CA ARG J 180 -24.44 26.84 85.74
C ARG J 180 -23.26 27.81 85.81
N LEU J 181 -22.31 27.69 84.87
CA LEU J 181 -21.13 28.53 84.94
C LEU J 181 -21.41 29.99 84.60
N THR J 182 -22.52 30.30 83.96
CA THR J 182 -22.81 31.67 83.58
C THR J 182 -23.36 32.48 84.75
N TRP J 183 -24.31 31.92 85.49
CA TRP J 183 -25.06 32.71 86.46
C TRP J 183 -24.65 32.46 87.91
N TRP J 184 -23.89 31.41 88.19
CA TRP J 184 -23.52 31.11 89.57
C TRP J 184 -22.03 31.32 89.83
N GLU J 185 -21.16 30.66 89.08
CA GLU J 185 -19.73 30.75 89.38
C GLU J 185 -19.10 31.98 88.73
N TYR J 186 -19.11 32.04 87.41
CA TYR J 186 -18.44 33.09 86.66
C TYR J 186 -19.47 34.10 86.18
N SER J 187 -19.04 35.00 85.31
CA SER J 187 -19.93 35.96 84.65
C SER J 187 -20.09 35.59 83.18
N TRP J 188 -21.01 36.30 82.52
CA TRP J 188 -21.18 36.12 81.09
C TRP J 188 -20.02 36.71 80.30
N ASP J 189 -19.36 37.72 80.87
CA ASP J 189 -18.17 38.30 80.26
C ASP J 189 -17.00 37.34 80.23
N ILE J 190 -17.03 36.29 81.03
CA ILE J 190 -16.07 35.21 80.91
C ILE J 190 -16.55 34.15 79.92
N MET J 191 -17.82 33.76 80.00
CA MET J 191 -18.32 32.59 79.30
C MET J 191 -18.85 32.87 77.90
N GLU J 192 -18.80 34.10 77.40
CA GLU J 192 -19.22 34.29 76.01
C GLU J 192 -18.23 33.72 74.98
N PRO J 193 -16.91 33.92 75.07
CA PRO J 193 -16.03 33.33 74.05
C PRO J 193 -16.01 31.81 74.03
N VAL J 194 -16.19 31.14 75.16
CA VAL J 194 -16.19 29.68 75.12
C VAL J 194 -17.45 29.17 74.44
N THR J 195 -18.56 29.92 74.54
CA THR J 195 -19.77 29.53 73.82
C THR J 195 -19.60 29.76 72.32
N TYR J 196 -18.94 30.86 71.93
CA TYR J 196 -18.68 31.08 70.52
C TYR J 196 -17.76 30.02 69.95
N PHE J 197 -16.73 29.62 70.70
CA PHE J 197 -15.82 28.62 70.18
C PHE J 197 -16.40 27.22 70.22
N ILE J 198 -17.36 26.95 71.11
CA ILE J 198 -18.09 25.70 71.04
C ILE J 198 -18.97 25.66 69.81
N THR J 199 -19.59 26.79 69.47
CA THR J 199 -20.38 26.88 68.24
C THR J 199 -19.51 26.69 67.00
N TYR J 200 -18.33 27.32 66.98
CA TYR J 200 -17.48 27.19 65.79
C TYR J 200 -16.82 25.82 65.70
N GLY J 201 -16.52 25.18 66.83
CA GLY J 201 -16.01 23.83 66.75
C GLY J 201 -17.07 22.81 66.41
N SER J 202 -18.33 23.12 66.69
CA SER J 202 -19.38 22.25 66.17
C SER J 202 -19.65 22.53 64.71
N ALA J 203 -19.31 23.72 64.23
CA ALA J 203 -19.35 23.95 62.79
C ALA J 203 -18.21 23.25 62.08
N MET J 204 -17.09 23.03 62.77
CA MET J 204 -16.00 22.26 62.19
C MET J 204 -16.24 20.75 62.25
N ALA J 205 -17.05 20.29 63.21
CA ALA J 205 -17.25 18.86 63.34
C ALA J 205 -18.13 18.31 62.24
N MET J 206 -19.15 19.05 61.82
CA MET J 206 -19.98 18.56 60.72
C MET J 206 -19.35 18.78 59.36
N TYR J 207 -18.17 19.40 59.29
CA TYR J 207 -17.36 19.38 58.09
C TYR J 207 -16.36 18.25 58.10
N ALA J 208 -15.84 17.92 59.27
CA ALA J 208 -15.03 16.70 59.39
C ALA J 208 -15.86 15.45 59.10
N TYR J 209 -17.15 15.46 59.47
CA TYR J 209 -18.06 14.40 59.09
C TYR J 209 -18.18 14.29 57.57
N PHE J 210 -18.18 15.42 56.88
CA PHE J 210 -18.30 15.37 55.43
C PHE J 210 -17.03 14.85 54.78
N VAL J 211 -15.86 15.28 55.26
CA VAL J 211 -14.64 14.78 54.65
C VAL J 211 -14.35 13.34 55.03
N MET J 212 -14.95 12.83 56.10
CA MET J 212 -14.73 11.42 56.42
C MET J 212 -15.78 10.48 55.84
N THR J 213 -17.00 10.93 55.63
CA THR J 213 -18.05 10.04 55.18
C THR J 213 -18.53 10.31 53.77
N ARG J 214 -18.02 11.36 53.12
CA ARG J 214 -18.38 11.77 51.75
C ARG J 214 -19.88 12.05 51.58
N GLN J 215 -20.54 12.45 52.67
CA GLN J 215 -21.93 12.86 52.59
C GLN J 215 -22.20 13.89 53.67
N GLU J 216 -23.22 14.70 53.45
CA GLU J 216 -23.50 15.82 54.33
C GLU J 216 -24.14 15.32 55.62
N TYR J 217 -23.89 16.05 56.70
CA TYR J 217 -24.42 15.66 58.01
C TYR J 217 -25.82 16.23 58.17
N VAL J 218 -26.82 15.41 57.91
CA VAL J 218 -28.18 15.68 58.33
C VAL J 218 -28.64 14.53 59.20
N TYR J 219 -29.79 14.70 59.84
CA TYR J 219 -30.22 13.72 60.84
C TYR J 219 -30.64 12.36 60.27
N PRO J 220 -31.58 12.25 59.31
CA PRO J 220 -32.02 10.90 58.92
C PRO J 220 -30.98 10.12 58.13
N GLU J 221 -30.15 10.80 57.34
CA GLU J 221 -29.09 10.10 56.61
C GLU J 221 -28.03 9.56 57.55
N ALA J 222 -27.68 10.32 58.58
CA ALA J 222 -26.71 9.82 59.55
C ALA J 222 -27.30 8.69 60.40
N ARG J 223 -28.60 8.76 60.69
CA ARG J 223 -29.25 7.66 61.41
C ARG J 223 -29.25 6.38 60.58
N ASP J 224 -29.56 6.49 59.29
CA ASP J 224 -29.56 5.30 58.44
C ASP J 224 -28.15 4.77 58.20
N ARG J 225 -27.14 5.64 58.17
CA ARG J 225 -25.78 5.16 57.99
C ARG J 225 -25.29 4.44 59.24
N GLN J 226 -25.64 4.94 60.42
CA GLN J 226 -25.33 4.23 61.65
C GLN J 226 -26.09 2.91 61.77
N TYR J 227 -27.33 2.87 61.27
CA TYR J 227 -28.09 1.62 61.26
C TYR J 227 -27.45 0.59 60.35
N LEU J 228 -26.96 1.02 59.19
CA LEU J 228 -26.34 0.07 58.27
C LEU J 228 -25.00 -0.42 58.81
N LEU J 229 -24.24 0.46 59.48
CA LEU J 229 -22.99 0.00 60.09
C LEU J 229 -23.22 -0.89 61.30
N PHE J 230 -24.39 -0.82 61.95
CA PHE J 230 -24.68 -1.78 63.01
C PHE J 230 -25.17 -3.11 62.45
N PHE J 231 -26.02 -3.06 61.42
CA PHE J 231 -26.56 -4.27 60.83
C PHE J 231 -25.48 -5.08 60.12
N HIS J 232 -24.55 -4.42 59.44
CA HIS J 232 -23.50 -5.15 58.74
C HIS J 232 -22.41 -5.63 59.67
N LYS J 233 -22.40 -5.22 60.93
CA LYS J 233 -21.53 -5.83 61.92
C LYS J 233 -22.20 -7.02 62.58
N GLY J 234 -23.50 -6.89 62.85
CA GLY J 234 -24.26 -8.04 63.35
C GLY J 234 -24.34 -9.17 62.34
N ALA J 235 -24.37 -8.85 61.05
CA ALA J 235 -24.41 -9.88 60.03
C ALA J 235 -23.07 -10.56 59.80
N LYS J 236 -21.97 -9.96 60.24
CA LYS J 236 -20.70 -10.66 60.25
C LYS J 236 -20.46 -11.42 61.54
N LYS J 237 -21.08 -10.98 62.64
CA LYS J 237 -20.94 -11.75 63.87
C LYS J 237 -21.74 -13.05 63.81
N SER J 238 -22.94 -13.02 63.23
CA SER J 238 -23.80 -14.18 63.16
C SER J 238 -23.53 -15.08 61.96
N ARG J 239 -22.69 -14.64 61.02
CA ARG J 239 -22.38 -15.33 59.76
C ARG J 239 -23.67 -15.59 58.96
N PHE J 240 -24.28 -14.50 58.52
CA PHE J 240 -25.68 -14.53 58.12
C PHE J 240 -25.88 -14.95 56.67
N ASP J 241 -24.83 -14.90 55.84
CA ASP J 241 -24.87 -15.20 54.39
C ASP J 241 -25.87 -14.27 53.68
N LEU J 242 -25.49 -13.00 53.67
CA LEU J 242 -26.38 -11.92 53.24
C LEU J 242 -26.71 -11.98 51.76
N GLU J 243 -25.78 -12.45 50.92
CA GLU J 243 -26.01 -12.33 49.49
C GLU J 243 -26.98 -13.36 48.96
N LYS J 244 -27.08 -14.53 49.61
CA LYS J 244 -28.14 -15.46 49.24
C LYS J 244 -29.50 -14.88 49.60
N TYR J 245 -29.56 -14.14 50.71
CA TYR J 245 -30.79 -13.45 51.10
C TYR J 245 -31.16 -12.38 50.07
N ASN J 246 -30.17 -11.60 49.62
CA ASN J 246 -30.45 -10.54 48.65
C ASN J 246 -30.84 -11.11 47.29
N GLN J 247 -30.19 -12.20 46.85
CA GLN J 247 -30.58 -12.73 45.55
C GLN J 247 -31.89 -13.49 45.59
N LEU J 248 -32.25 -14.08 46.73
CA LEU J 248 -33.61 -14.62 46.86
C LEU J 248 -34.65 -13.52 46.90
N LYS J 249 -34.34 -12.40 47.58
CA LYS J 249 -35.33 -11.34 47.68
C LYS J 249 -35.52 -10.64 46.34
N ASP J 250 -34.49 -10.59 45.50
CA ASP J 250 -34.69 -10.09 44.15
C ASP J 250 -35.37 -11.12 43.25
N ALA J 251 -35.08 -12.40 43.45
CA ALA J 251 -35.62 -13.44 42.59
C ALA J 251 -37.11 -13.64 42.82
N ILE J 252 -37.59 -13.53 44.05
CA ILE J 252 -39.04 -13.65 44.23
C ILE J 252 -39.77 -12.40 43.74
N ALA J 253 -39.11 -11.24 43.70
CA ALA J 253 -39.75 -10.08 43.11
C ALA J 253 -39.81 -10.20 41.60
N GLN J 254 -38.82 -10.87 41.01
CA GLN J 254 -38.87 -11.11 39.57
C GLN J 254 -39.89 -12.18 39.23
N ALA J 255 -40.01 -13.21 40.07
CA ALA J 255 -40.97 -14.26 39.79
C ALA J 255 -42.40 -13.78 40.03
N GLU J 256 -42.60 -12.83 40.94
CA GLU J 256 -43.93 -12.26 41.08
C GLU J 256 -44.23 -11.27 39.97
N MET J 257 -43.21 -10.60 39.45
CA MET J 257 -43.43 -9.65 38.36
C MET J 257 -43.83 -10.39 37.08
N ASP J 258 -43.08 -11.43 36.70
CA ASP J 258 -43.50 -12.12 35.49
C ASP J 258 -44.65 -13.09 35.71
N LEU J 259 -45.01 -13.42 36.96
CA LEU J 259 -46.26 -14.14 37.16
C LEU J 259 -47.44 -13.19 37.03
N LYS J 260 -47.32 -11.97 37.57
CA LYS J 260 -48.40 -11.00 37.46
C LYS J 260 -48.59 -10.49 36.05
N ARG J 261 -47.56 -10.53 35.20
CA ARG J 261 -47.72 -10.19 33.80
C ARG J 261 -48.22 -11.37 32.98
N LEU J 262 -48.39 -12.54 33.58
CA LEU J 262 -49.00 -13.68 32.89
C LEU J 262 -50.48 -13.78 33.18
N ARG J 263 -50.92 -13.36 34.36
CA ARG J 263 -52.35 -13.29 34.66
C ARG J 263 -52.91 -11.92 34.30
N ASP J 264 -52.66 -11.48 33.09
CA ASP J 264 -53.15 -10.18 32.67
C ASP J 264 -54.61 -10.32 32.28
N PRO J 265 -55.49 -9.43 32.73
CA PRO J 265 -56.89 -9.49 32.26
C PRO J 265 -57.05 -9.08 30.81
N LEU J 266 -56.09 -8.35 30.25
CA LEU J 266 -56.17 -7.94 28.86
C LEU J 266 -55.59 -8.99 27.92
N GLN J 267 -54.40 -9.48 28.20
CA GLN J 267 -53.81 -10.53 27.39
C GLN J 267 -54.51 -11.84 27.68
N VAL J 268 -54.94 -12.53 26.64
CA VAL J 268 -55.62 -13.82 26.80
C VAL J 268 -54.54 -14.90 26.83
N HIS J 269 -53.98 -15.11 28.03
CA HIS J 269 -52.94 -16.11 28.22
C HIS J 269 -53.47 -17.38 28.87
N LEU J 270 -54.56 -17.30 29.62
CA LEU J 270 -55.11 -18.42 30.34
C LEU J 270 -56.56 -18.67 29.93
N PRO J 271 -56.93 -19.90 29.62
CA PRO J 271 -58.30 -20.20 29.18
C PRO J 271 -59.22 -20.25 30.39
N LEU J 272 -60.52 -20.48 30.12
CA LEU J 272 -61.58 -20.56 31.13
C LEU J 272 -61.69 -19.28 31.96
N ARG J 273 -61.38 -18.15 31.33
CA ARG J 273 -61.38 -16.84 31.96
C ARG J 273 -61.69 -15.76 30.94
N ASP K 1 0.37 -25.97 35.85
CA ASP K 1 -0.47 -26.51 34.79
C ASP K 1 -1.69 -25.64 34.58
N ASP K 2 -2.13 -25.52 33.32
CA ASP K 2 -3.36 -24.80 33.01
C ASP K 2 -4.52 -25.76 33.18
N VAL K 3 -4.97 -25.90 34.42
CA VAL K 3 -6.15 -26.71 34.67
C VAL K 3 -7.42 -25.89 34.46
N THR K 4 -7.31 -24.56 34.45
CA THR K 4 -8.48 -23.71 34.41
C THR K 4 -8.19 -22.46 33.59
N VAL K 5 -9.28 -21.78 33.22
CA VAL K 5 -9.21 -20.47 32.61
C VAL K 5 -9.65 -19.46 33.66
N VAL K 6 -9.49 -18.18 33.36
CA VAL K 6 -9.91 -17.10 34.25
C VAL K 6 -10.97 -16.28 33.52
N TYR K 7 -12.06 -16.00 34.22
CA TYR K 7 -13.12 -15.13 33.71
C TYR K 7 -12.85 -13.69 34.12
N GLN K 8 -12.95 -12.78 33.16
CA GLN K 8 -12.74 -11.35 33.39
C GLN K 8 -13.84 -10.59 32.68
N ASN K 9 -14.80 -10.07 33.46
CA ASN K 9 -16.01 -9.33 33.05
C ASN K 9 -16.74 -9.90 31.84
N GLY K 10 -16.81 -11.23 31.75
CA GLY K 10 -17.49 -11.89 30.67
C GLY K 10 -16.61 -12.43 29.57
N LEU K 11 -15.29 -12.28 29.67
CA LEU K 11 -14.39 -12.79 28.66
C LEU K 11 -13.40 -13.79 29.26
N PRO K 12 -13.06 -14.85 28.54
CA PRO K 12 -12.11 -15.82 29.07
C PRO K 12 -10.67 -15.42 28.80
N VAL K 13 -9.77 -15.97 29.63
CA VAL K 13 -8.32 -15.87 29.41
C VAL K 13 -7.71 -17.21 29.83
N ILE K 14 -6.92 -17.79 28.94
CA ILE K 14 -6.23 -19.06 29.18
C ILE K 14 -4.82 -18.74 29.63
N SER K 15 -4.41 -19.34 30.77
CA SER K 15 -3.06 -19.16 31.27
C SER K 15 -2.22 -20.37 30.87
N VAL K 16 -1.85 -20.41 29.60
CA VAL K 16 -1.17 -21.59 29.06
C VAL K 16 0.33 -21.49 29.32
N ARG K 17 0.89 -22.53 29.94
CA ARG K 17 2.32 -22.54 30.15
C ARG K 17 2.98 -22.93 28.83
N LEU K 18 3.75 -22.01 28.25
CA LEU K 18 4.36 -22.20 26.94
C LEU K 18 5.50 -23.21 26.99
N PRO K 19 5.78 -23.93 25.86
CA PRO K 19 6.77 -25.02 25.88
C PRO K 19 8.21 -24.60 26.14
N SER K 20 8.74 -23.66 25.37
CA SER K 20 10.16 -23.33 25.42
C SER K 20 10.46 -22.08 26.23
N ARG K 21 9.47 -21.55 26.93
CA ARG K 21 9.69 -20.45 27.86
C ARG K 21 8.87 -20.74 29.10
N ARG K 22 9.55 -20.82 30.25
CA ARG K 22 8.96 -21.35 31.48
C ARG K 22 8.11 -20.29 32.18
N GLU K 23 6.99 -19.97 31.53
CA GLU K 23 6.12 -18.88 31.97
C GLU K 23 4.68 -19.27 31.71
N ARG K 24 3.77 -18.62 32.46
CA ARG K 24 2.33 -18.86 32.33
C ARG K 24 1.78 -17.71 31.50
N CYS K 25 1.81 -17.87 30.18
CA CYS K 25 1.37 -16.81 29.29
C CYS K 25 -0.14 -16.67 29.29
N GLN K 26 -0.62 -15.44 29.51
CA GLN K 26 -2.04 -15.16 29.50
C GLN K 26 -2.52 -15.02 28.07
N PHE K 27 -3.78 -15.37 27.84
CA PHE K 27 -4.37 -15.30 26.50
C PHE K 27 -5.85 -14.94 26.63
N THR K 28 -6.19 -13.67 26.44
CA THR K 28 -7.60 -13.31 26.44
C THR K 28 -8.23 -13.68 25.09
N LEU K 29 -9.53 -13.95 25.12
CA LEU K 29 -10.21 -14.44 23.93
C LEU K 29 -11.61 -13.85 23.81
N LYS K 30 -12.02 -13.63 22.56
CA LYS K 30 -13.42 -13.34 22.25
C LYS K 30 -14.15 -14.64 21.95
N PRO K 31 -15.18 -15.00 22.71
CA PRO K 31 -15.78 -16.33 22.52
C PRO K 31 -16.62 -16.44 21.26
N ILE K 32 -17.28 -15.37 20.83
CA ILE K 32 -18.22 -15.46 19.73
C ILE K 32 -17.53 -15.23 18.39
N SER K 33 -16.55 -14.31 18.34
CA SER K 33 -15.98 -13.88 17.07
C SER K 33 -14.60 -14.46 16.80
N ASP K 34 -14.30 -15.63 17.34
CA ASP K 34 -13.03 -16.33 17.13
C ASP K 34 -13.28 -17.82 17.02
N SER K 35 -12.40 -18.49 16.29
CA SER K 35 -12.47 -19.94 16.11
C SER K 35 -11.30 -20.59 16.84
N VAL K 36 -11.22 -21.92 16.75
CA VAL K 36 -10.12 -22.65 17.35
C VAL K 36 -8.83 -22.39 16.58
N GLY K 37 -8.91 -22.36 15.25
CA GLY K 37 -7.73 -22.14 14.42
C GLY K 37 -7.09 -20.79 14.61
N VAL K 38 -7.89 -19.77 14.94
CA VAL K 38 -7.34 -18.46 15.29
C VAL K 38 -6.53 -18.56 16.58
N PHE K 39 -7.04 -19.28 17.57
CA PHE K 39 -6.35 -19.42 18.84
C PHE K 39 -5.09 -20.26 18.73
N LEU K 40 -5.08 -21.24 17.83
CA LEU K 40 -3.85 -21.98 17.58
C LEU K 40 -2.88 -21.19 16.73
N ARG K 41 -3.39 -20.28 15.88
CA ARG K 41 -2.50 -19.42 15.11
C ARG K 41 -1.80 -18.41 16.00
N GLN K 42 -2.51 -17.83 16.96
CA GLN K 42 -1.93 -16.81 17.83
C GLN K 42 -1.30 -17.40 19.07
N LEU K 43 -1.50 -18.68 19.36
CA LEU K 43 -0.75 -19.31 20.44
C LEU K 43 0.68 -19.58 20.01
N GLN K 44 0.88 -20.02 18.77
CA GLN K 44 2.22 -20.30 18.28
C GLN K 44 2.96 -19.06 17.79
N GLU K 45 2.34 -17.88 17.80
CA GLU K 45 3.09 -16.67 17.49
C GLU K 45 4.02 -16.26 18.61
N GLU K 46 3.80 -16.78 19.83
CA GLU K 46 4.55 -16.30 20.99
C GLU K 46 5.97 -16.85 21.03
N ASP K 47 6.14 -18.16 20.87
CA ASP K 47 7.48 -18.73 21.06
C ASP K 47 8.06 -19.41 19.84
N ARG K 48 7.23 -20.08 19.04
CA ARG K 48 7.68 -20.98 17.96
C ARG K 48 8.66 -22.04 18.43
N GLY K 49 8.43 -22.57 19.63
CA GLY K 49 9.07 -23.79 20.04
C GLY K 49 8.03 -24.89 20.01
N ILE K 50 7.14 -24.78 19.04
CA ILE K 50 5.94 -25.60 18.92
C ILE K 50 6.03 -26.42 17.64
N ASP K 51 6.25 -27.71 17.79
CA ASP K 51 6.20 -28.66 16.68
C ASP K 51 4.88 -29.39 16.57
N ARG K 52 4.04 -29.30 17.61
CA ARG K 52 2.71 -29.90 17.58
C ARG K 52 1.83 -29.12 18.54
N VAL K 53 0.71 -28.59 18.04
CA VAL K 53 -0.33 -28.02 18.88
C VAL K 53 -1.70 -28.43 18.35
N ALA K 54 -2.55 -28.95 19.23
CA ALA K 54 -3.83 -29.50 18.79
C ALA K 54 -4.81 -29.54 19.96
N ILE K 55 -6.00 -29.02 19.75
CA ILE K 55 -7.04 -29.07 20.77
C ILE K 55 -7.88 -30.31 20.55
N TYR K 56 -8.00 -31.14 21.57
CA TYR K 56 -8.70 -32.41 21.48
C TYR K 56 -10.04 -32.33 22.20
N SER K 57 -10.71 -33.48 22.28
CA SER K 57 -11.92 -33.66 23.05
C SER K 57 -11.62 -34.49 24.29
N PRO K 58 -12.51 -34.52 25.29
CA PRO K 58 -12.36 -35.49 26.38
C PRO K 58 -12.39 -36.94 25.92
N ASP K 59 -13.13 -37.25 24.87
CA ASP K 59 -13.20 -38.61 24.37
C ASP K 59 -11.98 -39.01 23.56
N GLY K 60 -11.23 -38.05 23.03
CA GLY K 60 -10.00 -38.34 22.31
C GLY K 60 -10.04 -38.06 20.83
N VAL K 61 -11.16 -37.61 20.28
CA VAL K 61 -11.22 -37.28 18.87
C VAL K 61 -10.78 -35.83 18.70
N ARG K 62 -10.21 -35.53 17.55
CA ARG K 62 -9.74 -34.18 17.29
C ARG K 62 -10.90 -33.21 17.09
N VAL K 63 -10.71 -31.99 17.55
CA VAL K 63 -11.67 -30.91 17.33
C VAL K 63 -11.23 -30.11 16.12
N ALA K 64 -12.17 -29.81 15.22
CA ALA K 64 -11.87 -29.07 14.01
C ALA K 64 -11.43 -27.66 14.32
N ALA K 65 -10.60 -27.12 13.43
CA ALA K 65 -10.01 -25.80 13.63
C ALA K 65 -10.94 -24.67 13.22
N SER K 66 -12.22 -24.95 12.97
CA SER K 66 -13.16 -23.93 12.58
C SER K 66 -14.32 -23.77 13.56
N THR K 67 -14.39 -24.60 14.59
CA THR K 67 -15.44 -24.45 15.59
C THR K 67 -15.15 -23.24 16.45
N GLY K 68 -16.19 -22.50 16.81
CA GLY K 68 -16.01 -21.33 17.64
C GLY K 68 -15.63 -21.67 19.06
N ILE K 69 -15.03 -20.70 19.75
CA ILE K 69 -14.55 -20.95 21.10
C ILE K 69 -15.69 -20.98 22.11
N ASP K 70 -16.82 -20.33 21.81
CA ASP K 70 -17.97 -20.45 22.68
C ASP K 70 -18.57 -21.85 22.62
N LEU K 71 -18.52 -22.50 21.47
CA LEU K 71 -18.93 -23.90 21.37
C LEU K 71 -17.89 -24.83 21.96
N LEU K 72 -16.63 -24.38 22.06
CA LEU K 72 -15.61 -25.20 22.69
C LEU K 72 -15.67 -25.09 24.20
N LEU K 73 -15.94 -23.91 24.72
CA LEU K 73 -15.92 -23.65 26.16
C LEU K 73 -17.22 -24.04 26.86
N LEU K 74 -18.09 -24.80 26.19
CA LEU K 74 -19.26 -25.35 26.88
C LEU K 74 -18.83 -26.44 27.85
N ASP K 75 -18.14 -27.46 27.35
CA ASP K 75 -17.61 -28.52 28.18
C ASP K 75 -16.12 -28.29 28.42
N ASP K 76 -15.48 -29.25 29.07
CA ASP K 76 -14.05 -29.28 29.27
C ASP K 76 -13.36 -29.93 28.08
N PHE K 77 -12.04 -29.83 28.01
CA PHE K 77 -11.34 -30.35 26.84
C PHE K 77 -9.89 -30.64 27.20
N LYS K 78 -9.09 -31.00 26.20
CA LYS K 78 -7.66 -31.19 26.34
C LYS K 78 -6.95 -30.30 25.34
N LEU K 79 -5.80 -29.76 25.75
CA LEU K 79 -4.94 -29.01 24.84
C LEU K 79 -3.63 -29.77 24.79
N VAL K 80 -3.32 -30.34 23.64
CA VAL K 80 -2.09 -31.11 23.46
C VAL K 80 -1.04 -30.18 22.88
N ILE K 81 -0.05 -29.87 23.71
CA ILE K 81 1.20 -29.30 23.26
C ILE K 81 2.17 -30.47 23.09
N ASN K 82 3.29 -30.23 22.42
CA ASN K 82 4.09 -31.25 21.73
C ASN K 82 4.60 -32.40 22.58
N ASP K 83 4.50 -32.35 23.91
CA ASP K 83 4.79 -33.56 24.65
C ASP K 83 3.77 -33.86 25.75
N LEU K 84 3.15 -32.82 26.29
CA LEU K 84 2.25 -32.94 27.43
C LEU K 84 0.85 -32.46 27.06
N THR K 85 -0.15 -33.12 27.62
CA THR K 85 -1.56 -32.88 27.35
C THR K 85 -2.20 -32.20 28.54
N TYR K 86 -2.32 -30.87 28.49
CA TYR K 86 -2.94 -30.12 29.58
C TYR K 86 -4.46 -30.30 29.51
N HIS K 87 -5.01 -31.02 30.48
CA HIS K 87 -6.45 -31.11 30.63
C HIS K 87 -6.98 -29.77 31.14
N VAL K 88 -7.94 -29.20 30.44
CA VAL K 88 -8.52 -27.90 30.78
C VAL K 88 -9.96 -28.13 31.20
N ARG K 89 -10.33 -27.61 32.37
CA ARG K 89 -11.70 -27.64 32.87
C ARG K 89 -12.16 -26.21 33.15
N PRO K 90 -12.84 -25.56 32.20
CA PRO K 90 -13.28 -24.19 32.41
C PRO K 90 -14.44 -24.15 33.39
N PRO K 91 -14.68 -23.02 34.05
CA PRO K 91 -15.83 -22.93 34.96
C PRO K 91 -17.14 -22.97 34.21
N LYS K 92 -18.13 -23.63 34.81
CA LYS K 92 -19.40 -23.87 34.16
C LYS K 92 -20.23 -22.59 34.15
N ARG K 93 -20.84 -22.30 33.02
CA ARG K 93 -21.72 -21.15 32.88
C ARG K 93 -23.16 -21.63 32.80
N ASP K 94 -24.09 -20.68 32.83
CA ASP K 94 -25.50 -20.98 32.73
C ASP K 94 -26.00 -20.90 31.28
N LEU K 95 -25.91 -19.71 30.69
CA LEU K 95 -26.37 -19.46 29.33
C LEU K 95 -25.82 -18.11 28.88
N LEU K 96 -25.47 -18.02 27.59
CA LEU K 96 -25.19 -16.74 26.95
C LEU K 96 -26.19 -16.43 25.85
N SER K 97 -26.38 -17.35 24.92
CA SER K 97 -27.40 -17.25 23.87
C SER K 97 -28.45 -18.32 24.12
N HIS K 98 -29.72 -17.93 24.14
CA HIS K 98 -30.82 -18.88 24.31
C HIS K 98 -31.19 -19.46 22.95
N GLU K 99 -30.27 -20.27 22.42
CA GLU K 99 -30.41 -20.85 21.11
C GLU K 99 -30.09 -22.33 21.17
N ASN K 100 -30.97 -23.15 20.60
CA ASN K 100 -30.77 -24.58 20.45
C ASN K 100 -31.68 -25.05 19.32
N ALA K 101 -31.92 -26.35 19.25
CA ALA K 101 -32.73 -26.92 18.18
C ALA K 101 -34.22 -26.72 18.47
N ALA K 102 -35.07 -27.24 17.58
CA ALA K 102 -36.51 -27.08 17.75
C ALA K 102 -37.04 -27.97 18.87
N THR K 103 -38.20 -27.59 19.39
CA THR K 103 -38.82 -28.29 20.51
C THR K 103 -40.33 -28.32 20.23
N LEU K 104 -41.03 -29.29 20.82
CA LEU K 104 -42.48 -29.30 20.75
C LEU K 104 -43.09 -28.15 21.54
N ASN K 105 -42.39 -27.64 22.55
CA ASN K 105 -42.89 -26.48 23.27
C ASN K 105 -42.88 -25.22 22.41
N ASP K 106 -41.97 -25.16 21.44
CA ASP K 106 -41.94 -24.00 20.54
C ASP K 106 -43.15 -23.98 19.63
N VAL K 107 -43.52 -25.12 19.06
CA VAL K 107 -44.69 -25.15 18.18
C VAL K 107 -45.96 -25.04 19.01
N LYS K 108 -45.97 -25.55 20.24
CA LYS K 108 -47.14 -25.37 21.10
C LYS K 108 -47.29 -23.94 21.60
N THR K 109 -46.22 -23.16 21.65
CA THR K 109 -46.37 -21.74 21.94
C THR K 109 -46.56 -20.91 20.69
N LEU K 110 -46.28 -21.48 19.52
CA LEU K 110 -46.54 -20.80 18.28
C LEU K 110 -48.02 -20.85 17.94
N VAL K 111 -48.65 -22.01 18.11
CA VAL K 111 -50.10 -22.05 17.87
C VAL K 111 -50.84 -21.32 18.98
N GLN K 112 -50.21 -21.13 20.14
CA GLN K 112 -50.80 -20.31 21.19
C GLN K 112 -50.83 -18.85 20.80
N GLN K 113 -49.74 -18.34 20.24
CA GLN K 113 -49.74 -16.95 19.78
C GLN K 113 -50.59 -16.77 18.53
N LEU K 114 -50.66 -17.78 17.67
CA LEU K 114 -51.55 -17.71 16.52
C LEU K 114 -53.02 -17.77 16.92
N TYR K 115 -53.33 -18.39 18.06
CA TYR K 115 -54.68 -18.33 18.58
C TYR K 115 -54.95 -17.02 19.30
N THR K 116 -53.91 -16.42 19.88
CA THR K 116 -54.08 -15.16 20.59
C THR K 116 -54.38 -14.02 19.63
N THR K 117 -53.62 -13.91 18.55
CA THR K 117 -53.82 -12.77 17.66
C THR K 117 -55.05 -12.88 16.78
N LEU K 118 -55.80 -13.97 16.79
CA LEU K 118 -57.08 -13.97 16.10
C LEU K 118 -58.23 -13.49 16.97
N CYS K 119 -58.14 -13.62 18.29
CA CYS K 119 -59.26 -13.29 19.15
C CYS K 119 -58.92 -12.19 20.16
N ILE K 120 -57.75 -11.55 20.03
CA ILE K 120 -57.42 -10.53 21.01
C ILE K 120 -58.18 -9.24 20.77
N GLU K 121 -58.66 -8.99 19.54
CA GLU K 121 -59.43 -7.77 19.31
C GLU K 121 -60.84 -7.92 19.85
N GLN K 122 -61.49 -9.07 19.56
CA GLN K 122 -62.82 -9.36 20.08
C GLN K 122 -62.82 -9.66 21.57
N HIS K 123 -61.66 -9.84 22.19
CA HIS K 123 -61.62 -9.92 23.64
C HIS K 123 -61.31 -8.57 24.27
N GLN K 124 -60.47 -7.76 23.63
CA GLN K 124 -60.13 -6.44 24.17
C GLN K 124 -61.30 -5.46 24.04
N LEU K 125 -62.10 -5.55 22.97
CA LEU K 125 -63.28 -4.70 22.90
C LEU K 125 -64.34 -5.13 23.91
N ASN K 126 -64.49 -6.43 24.13
CA ASN K 126 -65.40 -6.91 25.16
C ASN K 126 -64.88 -6.62 26.56
N LYS K 127 -63.60 -6.33 26.71
CA LYS K 127 -63.08 -5.87 28.00
C LYS K 127 -63.23 -4.36 28.17
N GLU K 128 -63.04 -3.59 27.10
CA GLU K 128 -63.26 -2.14 27.18
C GLU K 128 -64.72 -1.79 27.41
N ARG K 129 -65.64 -2.58 26.86
CA ARG K 129 -67.05 -2.39 27.16
C ARG K 129 -67.36 -2.63 28.63
N GLU K 130 -66.65 -3.56 29.27
CA GLU K 130 -66.83 -3.76 30.70
C GLU K 130 -66.20 -2.63 31.50
N LEU K 131 -65.06 -2.13 31.04
CA LEU K 131 -64.34 -1.09 31.77
C LEU K 131 -65.09 0.24 31.75
N ILE K 132 -65.69 0.60 30.62
CA ILE K 132 -66.41 1.86 30.54
C ILE K 132 -67.73 1.85 31.31
N GLU K 133 -68.21 0.68 31.74
CA GLU K 133 -69.35 0.59 32.63
C GLU K 133 -68.92 0.52 34.09
N ARG K 134 -67.83 -0.20 34.33
CA ARG K 134 -67.29 -0.34 35.68
C ARG K 134 -66.76 0.97 36.22
N LEU K 135 -66.12 1.78 35.37
CA LEU K 135 -65.63 3.09 35.83
C LEU K 135 -66.76 4.02 36.22
N GLU K 136 -67.85 4.09 35.44
CA GLU K 136 -68.95 4.95 35.82
C GLU K 136 -69.70 4.41 37.03
N ASP K 137 -69.66 3.09 37.25
CA ASP K 137 -70.27 2.55 38.46
C ASP K 137 -69.43 2.89 39.68
N LEU K 138 -68.10 2.84 39.54
CA LEU K 138 -67.26 3.14 40.69
C LEU K 138 -67.35 4.62 41.01
N LYS K 139 -67.41 5.47 39.98
CA LYS K 139 -67.46 6.91 40.17
C LYS K 139 -68.81 7.37 40.70
N GLU K 140 -69.87 6.58 40.53
CA GLU K 140 -71.12 6.95 41.17
C GLU K 140 -71.31 6.27 42.51
N GLN K 141 -70.54 5.22 42.80
CA GLN K 141 -70.56 4.65 44.13
C GLN K 141 -69.84 5.56 45.12
N LEU K 142 -68.90 6.37 44.64
CA LEU K 142 -68.05 7.19 45.48
C LEU K 142 -68.69 8.53 45.85
N ALA K 143 -69.73 8.96 45.14
CA ALA K 143 -70.39 10.24 45.32
C ALA K 143 -70.89 10.59 46.73
N PRO K 144 -71.33 9.66 47.58
CA PRO K 144 -71.57 10.06 48.98
C PRO K 144 -70.30 10.30 49.78
N LEU K 145 -69.19 9.64 49.44
CA LEU K 145 -68.00 9.72 50.27
C LEU K 145 -67.21 11.00 50.04
N GLU K 146 -67.23 11.54 48.82
CA GLU K 146 -66.47 12.76 48.55
C GLU K 146 -67.09 13.97 49.23
N LYS K 147 -68.40 13.93 49.44
CA LYS K 147 -69.10 15.02 50.12
C LYS K 147 -68.73 15.08 51.60
N VAL K 148 -68.33 13.96 52.18
CA VAL K 148 -67.93 13.93 53.56
C VAL K 148 -66.44 14.21 53.70
N ARG K 149 -65.65 13.69 52.74
CA ARG K 149 -64.20 13.86 52.82
C ARG K 149 -63.81 15.31 52.57
N ILE K 150 -64.61 16.06 51.80
CA ILE K 150 -64.29 17.47 51.61
C ILE K 150 -64.56 18.25 52.90
N GLU K 151 -65.63 17.91 53.61
CA GLU K 151 -65.92 18.57 54.87
C GLU K 151 -64.96 18.15 55.98
N ILE K 152 -64.27 17.02 55.84
CA ILE K 152 -63.25 16.70 56.83
C ILE K 152 -61.93 17.38 56.47
N SER K 153 -61.58 17.40 55.18
CA SER K 153 -60.34 18.01 54.74
C SER K 153 -60.42 19.53 54.65
N ARG K 154 -61.56 20.12 54.98
CA ARG K 154 -61.62 21.56 55.16
C ARG K 154 -61.49 21.97 56.61
N LYS K 155 -61.91 21.09 57.53
CA LYS K 155 -61.68 21.34 58.94
C LYS K 155 -60.21 21.15 59.29
N ALA K 156 -59.58 20.12 58.72
CA ALA K 156 -58.17 19.90 59.02
C ALA K 156 -57.29 21.01 58.44
N GLU K 157 -57.68 21.55 57.28
CA GLU K 157 -56.98 22.69 56.71
C GLU K 157 -57.19 23.94 57.53
N LYS K 158 -58.41 24.19 57.99
CA LYS K 158 -58.62 25.39 58.79
C LYS K 158 -58.05 25.28 60.20
N ARG K 159 -57.67 24.08 60.65
CA ARG K 159 -56.92 24.00 61.90
C ARG K 159 -55.42 24.15 61.69
N THR K 160 -54.86 23.55 60.63
CA THR K 160 -53.43 23.72 60.40
C THR K 160 -53.06 25.14 59.96
N THR K 161 -54.03 25.88 59.38
CA THR K 161 -53.80 27.30 59.10
C THR K 161 -53.60 28.10 60.37
N LEU K 162 -54.45 27.86 61.38
CA LEU K 162 -54.29 28.49 62.67
C LEU K 162 -53.02 28.06 63.37
N VAL K 163 -52.56 26.83 63.15
CA VAL K 163 -51.27 26.42 63.73
C VAL K 163 -50.12 27.20 63.10
N LEU K 164 -50.15 27.41 61.78
CA LEU K 164 -49.12 28.19 61.10
C LEU K 164 -49.09 29.64 61.58
N TRP K 165 -50.25 30.31 61.55
CA TRP K 165 -50.27 31.71 61.98
C TRP K 165 -50.02 31.86 63.48
N GLY K 166 -50.33 30.84 64.28
CA GLY K 166 -50.01 30.90 65.68
C GLY K 166 -48.52 30.78 65.95
N GLY K 167 -47.83 29.96 65.14
CA GLY K 167 -46.38 29.92 65.24
C GLY K 167 -45.73 31.24 64.86
N LEU K 168 -46.27 31.90 63.83
CA LEU K 168 -45.76 33.22 63.47
C LEU K 168 -46.03 34.25 64.57
N ALA K 169 -47.19 34.18 65.21
CA ALA K 169 -47.49 35.09 66.30
C ALA K 169 -46.62 34.83 67.53
N TYR K 170 -46.24 33.57 67.78
CA TYR K 170 -45.33 33.28 68.88
C TYR K 170 -43.94 33.83 68.62
N MET K 171 -43.41 33.61 67.41
CA MET K 171 -42.09 34.15 67.17
C MET K 171 -42.09 35.65 66.93
N ALA K 172 -43.27 36.27 66.78
CA ALA K 172 -43.33 37.72 66.82
C ALA K 172 -43.56 38.29 68.22
N THR K 173 -44.12 37.52 69.16
CA THR K 173 -44.19 38.03 70.52
C THR K 173 -42.87 37.88 71.26
N GLN K 174 -42.09 36.84 70.94
CA GLN K 174 -40.77 36.67 71.57
C GLN K 174 -39.86 37.85 71.25
N PHE K 175 -39.95 38.35 70.00
CA PHE K 175 -39.25 39.56 69.59
C PHE K 175 -39.65 40.75 70.45
N GLY K 176 -40.95 40.93 70.68
CA GLY K 176 -41.42 42.07 71.45
C GLY K 176 -40.98 42.00 72.90
N ILE K 177 -41.00 40.80 73.49
CA ILE K 177 -40.55 40.63 74.87
C ILE K 177 -39.07 40.97 75.00
N LEU K 178 -38.24 40.41 74.12
CA LEU K 178 -36.80 40.63 74.22
C LEU K 178 -36.44 42.07 73.87
N ALA K 179 -37.12 42.68 72.90
CA ALA K 179 -36.82 44.06 72.56
C ALA K 179 -37.37 45.05 73.57
N ARG K 180 -38.32 44.63 74.41
CA ARG K 180 -38.71 45.49 75.52
C ARG K 180 -37.72 45.38 76.65
N LEU K 181 -37.16 44.19 76.87
CA LEU K 181 -36.26 44.03 78.01
C LEU K 181 -34.89 44.67 77.80
N THR K 182 -34.35 44.67 76.58
CA THR K 182 -32.96 45.09 76.41
C THR K 182 -32.78 46.59 76.32
N TRP K 183 -33.84 47.35 76.17
CA TRP K 183 -33.69 48.76 75.88
C TRP K 183 -34.42 49.67 76.86
N TRP K 184 -35.56 49.24 77.39
CA TRP K 184 -36.28 50.04 78.36
C TRP K 184 -35.93 49.64 79.79
N GLU K 185 -36.21 48.38 80.14
CA GLU K 185 -36.17 47.97 81.54
C GLU K 185 -34.76 47.60 81.99
N TYR K 186 -34.18 46.57 81.38
CA TYR K 186 -32.83 46.11 81.65
C TYR K 186 -31.93 46.49 80.47
N SER K 187 -30.71 45.98 80.47
CA SER K 187 -29.78 46.26 79.40
C SER K 187 -29.30 44.97 78.75
N TRP K 188 -28.51 45.13 77.69
CA TRP K 188 -28.03 43.99 76.91
C TRP K 188 -27.03 43.13 77.68
N ASP K 189 -26.37 43.70 78.69
CA ASP K 189 -25.49 42.93 79.55
C ASP K 189 -26.25 41.94 80.42
N ILE K 190 -27.55 42.14 80.61
CA ILE K 190 -28.37 41.16 81.29
C ILE K 190 -28.98 40.17 80.32
N MET K 191 -29.52 40.67 79.21
CA MET K 191 -30.30 39.86 78.28
C MET K 191 -29.49 39.17 77.18
N GLU K 192 -28.17 39.24 77.21
CA GLU K 192 -27.46 38.43 76.21
C GLU K 192 -27.44 36.93 76.53
N PRO K 193 -27.24 36.45 77.78
CA PRO K 193 -27.27 34.99 77.98
C PRO K 193 -28.65 34.38 77.80
N VAL K 194 -29.72 35.11 78.09
CA VAL K 194 -31.06 34.60 77.84
C VAL K 194 -31.30 34.43 76.35
N THR K 195 -30.78 35.35 75.55
CA THR K 195 -30.81 35.23 74.09
C THR K 195 -30.04 34.00 73.61
N TYR K 196 -28.87 33.74 74.21
CA TYR K 196 -28.09 32.58 73.77
C TYR K 196 -28.77 31.28 74.16
N PHE K 197 -29.33 31.21 75.36
CA PHE K 197 -29.93 29.97 75.78
C PHE K 197 -31.29 29.72 75.15
N ILE K 198 -31.97 30.78 74.71
CA ILE K 198 -33.17 30.58 73.89
C ILE K 198 -32.80 30.01 72.53
N THR K 199 -31.71 30.51 71.94
CA THR K 199 -31.26 29.94 70.66
C THR K 199 -30.82 28.49 70.80
N TYR K 200 -30.12 28.16 71.89
CA TYR K 200 -29.70 26.78 72.10
C TYR K 200 -30.87 25.87 72.46
N GLY K 201 -31.88 26.38 73.17
CA GLY K 201 -33.06 25.61 73.43
C GLY K 201 -33.87 25.32 72.18
N SER K 202 -33.90 26.26 71.24
CA SER K 202 -34.55 25.99 69.97
C SER K 202 -33.79 24.96 69.17
N ALA K 203 -32.45 25.03 69.20
CA ALA K 203 -31.65 24.02 68.50
C ALA K 203 -31.71 22.65 69.17
N MET K 204 -32.06 22.60 70.45
CA MET K 204 -32.28 21.31 71.11
C MET K 204 -33.67 20.75 70.81
N ALA K 205 -34.68 21.62 70.75
CA ALA K 205 -36.03 21.16 70.46
C ALA K 205 -36.17 20.68 69.02
N MET K 206 -35.41 21.27 68.08
CA MET K 206 -35.45 20.79 66.72
C MET K 206 -34.81 19.42 66.55
N TYR K 207 -33.94 19.01 67.48
CA TYR K 207 -33.40 17.66 67.48
C TYR K 207 -34.33 16.69 68.20
N ALA K 208 -34.98 17.14 69.26
CA ALA K 208 -35.97 16.29 69.93
C ALA K 208 -37.17 15.98 69.04
N TYR K 209 -37.51 16.91 68.14
CA TYR K 209 -38.52 16.62 67.12
C TYR K 209 -38.09 15.48 66.21
N PHE K 210 -36.81 15.44 65.85
CA PHE K 210 -36.31 14.36 65.01
C PHE K 210 -36.29 13.04 65.75
N VAL K 211 -35.95 13.07 67.05
CA VAL K 211 -35.92 11.84 67.82
C VAL K 211 -37.34 11.28 67.99
N MET K 212 -38.33 12.14 68.17
CA MET K 212 -39.67 11.62 68.37
C MET K 212 -40.36 11.22 67.06
N THR K 213 -40.25 12.03 66.01
CA THR K 213 -41.05 11.79 64.82
C THR K 213 -40.30 11.03 63.74
N ARG K 214 -39.01 10.73 63.95
CA ARG K 214 -38.15 9.97 63.03
C ARG K 214 -38.06 10.62 61.66
N GLN K 215 -38.15 11.95 61.62
CA GLN K 215 -37.96 12.70 60.39
C GLN K 215 -37.40 14.06 60.74
N GLU K 216 -36.79 14.71 59.76
CA GLU K 216 -36.14 15.98 59.98
C GLU K 216 -37.19 17.07 60.11
N TYR K 217 -36.85 18.12 60.86
CA TYR K 217 -37.78 19.23 61.06
C TYR K 217 -37.55 20.25 59.97
N VAL K 218 -38.28 20.10 58.87
CA VAL K 218 -38.37 21.13 57.86
C VAL K 218 -39.82 21.61 57.84
N TYR K 219 -40.02 22.77 57.23
CA TYR K 219 -41.34 23.40 57.31
C TYR K 219 -42.44 22.67 56.51
N PRO K 220 -42.31 22.39 55.22
CA PRO K 220 -43.46 21.81 54.50
C PRO K 220 -43.68 20.33 54.77
N GLU K 221 -42.83 19.68 55.55
CA GLU K 221 -43.11 18.32 56.00
C GLU K 221 -43.71 18.30 57.40
N ALA K 222 -43.26 19.19 58.27
CA ALA K 222 -43.91 19.34 59.57
C ALA K 222 -45.28 19.98 59.46
N ARG K 223 -45.58 20.65 58.35
CA ARG K 223 -46.95 21.09 58.13
C ARG K 223 -47.84 19.93 57.73
N ASP K 224 -47.36 19.10 56.80
CA ASP K 224 -48.19 18.00 56.28
C ASP K 224 -48.39 16.91 57.30
N ARG K 225 -47.42 16.69 58.20
CA ARG K 225 -47.57 15.70 59.25
C ARG K 225 -48.69 16.09 60.19
N GLN K 226 -48.70 17.35 60.63
CA GLN K 226 -49.76 17.83 61.51
C GLN K 226 -51.10 17.90 60.80
N TYR K 227 -51.10 18.13 59.49
CA TYR K 227 -52.34 18.09 58.74
C TYR K 227 -52.91 16.68 58.69
N LEU K 228 -52.05 15.68 58.50
CA LEU K 228 -52.53 14.30 58.48
C LEU K 228 -52.98 13.85 59.86
N LEU K 229 -52.35 14.37 60.92
CA LEU K 229 -52.83 14.04 62.26
C LEU K 229 -54.19 14.67 62.54
N PHE K 230 -54.42 15.89 62.05
CA PHE K 230 -55.74 16.51 62.20
C PHE K 230 -56.78 15.79 61.37
N PHE K 231 -56.40 15.30 60.19
CA PHE K 231 -57.35 14.60 59.34
C PHE K 231 -57.74 13.27 59.94
N HIS K 232 -56.76 12.48 60.40
CA HIS K 232 -57.09 11.18 60.94
C HIS K 232 -57.75 11.26 62.31
N LYS K 233 -57.53 12.34 63.07
CA LYS K 233 -58.28 12.45 64.31
C LYS K 233 -59.67 13.03 64.07
N GLY K 234 -59.86 13.74 62.96
CA GLY K 234 -61.16 14.31 62.66
C GLY K 234 -62.07 13.35 61.95
N ALA K 235 -61.50 12.44 61.16
CA ALA K 235 -62.25 11.43 60.45
C ALA K 235 -62.64 10.25 61.34
N LYS K 236 -62.17 10.21 62.58
CA LYS K 236 -62.60 9.20 63.52
C LYS K 236 -63.75 9.69 64.39
N LYS K 237 -63.86 11.00 64.58
CA LYS K 237 -64.98 11.58 65.29
C LYS K 237 -66.09 12.01 64.34
N SER K 238 -66.12 11.46 63.13
CA SER K 238 -67.18 11.71 62.17
C SER K 238 -67.68 10.43 61.53
N ARG K 239 -67.18 9.28 61.99
CA ARG K 239 -67.57 7.93 61.52
C ARG K 239 -67.36 7.78 60.01
N PHE K 240 -66.16 8.13 59.55
CA PHE K 240 -65.80 8.06 58.15
C PHE K 240 -64.76 6.97 57.97
N ASP K 241 -65.10 5.94 57.19
CA ASP K 241 -64.21 4.81 56.94
C ASP K 241 -63.29 5.13 55.76
N LEU K 242 -62.00 5.27 56.04
CA LEU K 242 -61.05 5.53 54.96
C LEU K 242 -60.71 4.27 54.18
N GLU K 243 -60.92 3.09 54.75
CA GLU K 243 -60.58 1.85 54.08
C GLU K 243 -61.48 1.56 52.90
N LYS K 244 -62.66 2.19 52.84
CA LYS K 244 -63.51 2.10 51.66
C LYS K 244 -63.12 3.16 50.63
N TYR K 245 -62.84 4.38 51.09
CA TYR K 245 -62.55 5.49 50.19
C TYR K 245 -61.23 5.28 49.46
N ASN K 246 -60.22 4.77 50.16
CA ASN K 246 -58.91 4.57 49.54
C ASN K 246 -58.97 3.46 48.50
N GLN K 247 -59.70 2.38 48.80
CA GLN K 247 -59.80 1.31 47.83
C GLN K 247 -60.73 1.66 46.68
N LEU K 248 -61.63 2.63 46.87
CA LEU K 248 -62.39 3.11 45.73
C LEU K 248 -61.53 3.97 44.82
N LYS K 249 -60.70 4.84 45.40
CA LYS K 249 -59.90 5.73 44.56
C LYS K 249 -58.79 4.98 43.83
N ASP K 250 -58.12 4.03 44.49
CA ASP K 250 -57.12 3.26 43.76
C ASP K 250 -57.75 2.30 42.75
N ALA K 251 -58.96 1.79 43.01
CA ALA K 251 -59.61 0.94 42.02
C ALA K 251 -60.03 1.77 40.80
N ILE K 252 -60.47 3.01 41.01
CA ILE K 252 -60.80 3.90 39.90
C ILE K 252 -59.56 4.21 39.07
N ALA K 253 -58.43 4.48 39.74
CA ALA K 253 -57.20 4.77 39.02
C ALA K 253 -56.67 3.55 38.27
N GLN K 254 -56.84 2.36 38.84
CA GLN K 254 -56.38 1.15 38.15
C GLN K 254 -57.24 0.87 36.91
N ALA K 255 -58.56 1.10 37.01
CA ALA K 255 -59.42 0.92 35.84
C ALA K 255 -59.12 1.95 34.77
N GLU K 256 -58.83 3.19 35.17
CA GLU K 256 -58.49 4.22 34.18
C GLU K 256 -57.14 3.95 33.55
N MET K 257 -56.19 3.42 34.33
CA MET K 257 -54.88 3.09 33.79
C MET K 257 -54.98 1.94 32.79
N ASP K 258 -55.79 0.92 33.09
CA ASP K 258 -55.97 -0.16 32.13
C ASP K 258 -56.74 0.28 30.89
N LEU K 259 -57.63 1.26 31.05
CA LEU K 259 -58.37 1.78 29.90
C LEU K 259 -57.46 2.58 28.98
N LYS K 260 -56.64 3.46 29.56
CA LYS K 260 -55.72 4.23 28.75
C LYS K 260 -54.58 3.38 28.22
N ARG K 261 -54.31 2.23 28.84
CA ARG K 261 -53.28 1.34 28.35
C ARG K 261 -53.77 0.44 27.23
N LEU K 262 -55.08 0.19 27.13
CA LEU K 262 -55.55 -0.58 25.99
C LEU K 262 -56.13 0.26 24.87
N ARG K 263 -56.59 1.48 25.15
CA ARG K 263 -57.31 2.23 24.12
C ARG K 263 -56.37 2.79 23.06
N ASP K 264 -55.14 3.13 23.41
CA ASP K 264 -54.18 3.63 22.44
C ASP K 264 -53.62 2.55 21.50
N PRO K 265 -53.42 1.29 21.94
CA PRO K 265 -53.21 0.22 20.94
C PRO K 265 -54.36 0.01 19.97
N LEU K 266 -55.59 0.39 20.34
CA LEU K 266 -56.67 0.36 19.35
C LEU K 266 -56.53 1.51 18.35
N GLN K 267 -55.89 2.61 18.74
CA GLN K 267 -55.62 3.69 17.79
C GLN K 267 -54.47 3.36 16.86
N VAL K 268 -53.29 3.10 17.42
CA VAL K 268 -52.06 3.07 16.62
C VAL K 268 -51.56 1.67 16.32
N HIS K 269 -52.30 0.64 16.74
CA HIS K 269 -52.06 -0.77 16.39
C HIS K 269 -50.68 -1.26 16.84
N LEU K 270 -50.23 -0.78 17.99
CA LEU K 270 -49.00 -1.24 18.61
C LEU K 270 -49.32 -2.14 19.78
N PRO K 271 -48.34 -2.89 20.30
CA PRO K 271 -48.57 -3.60 21.57
C PRO K 271 -48.74 -2.63 22.73
N LEU K 272 -49.21 -3.17 23.85
CA LEU K 272 -49.80 -2.35 24.90
C LEU K 272 -48.73 -1.65 25.75
N ARG K 273 -47.90 -2.43 26.42
CA ARG K 273 -46.92 -1.88 27.35
C ARG K 273 -45.66 -1.46 26.63
N ASP L 1 -13.93 -44.83 8.71
CA ASP L 1 -14.83 -45.77 9.34
C ASP L 1 -16.28 -45.43 9.02
N ASP L 2 -16.91 -44.67 9.92
CA ASP L 2 -18.32 -44.35 9.82
C ASP L 2 -18.50 -42.90 10.22
N VAL L 3 -19.67 -42.35 9.94
CA VAL L 3 -19.98 -40.97 10.28
C VAL L 3 -21.11 -40.98 11.29
N THR L 4 -20.85 -40.49 12.49
CA THR L 4 -21.82 -40.48 13.57
C THR L 4 -22.25 -39.06 13.88
N VAL L 5 -23.52 -38.91 14.26
CA VAL L 5 -24.08 -37.64 14.68
C VAL L 5 -24.66 -37.84 16.07
N VAL L 6 -24.18 -37.07 17.04
CA VAL L 6 -24.74 -37.10 18.39
C VAL L 6 -25.08 -35.68 18.82
N TYR L 7 -26.05 -35.56 19.70
CA TYR L 7 -26.47 -34.26 20.21
C TYR L 7 -25.80 -34.04 21.55
N GLN L 8 -25.06 -32.93 21.67
CA GLN L 8 -24.45 -32.51 22.92
C GLN L 8 -24.86 -31.07 23.18
N ASN L 9 -25.44 -30.83 24.36
CA ASN L 9 -25.92 -29.52 24.80
C ASN L 9 -26.93 -28.92 23.82
N GLY L 10 -27.75 -29.78 23.23
CA GLY L 10 -28.71 -29.36 22.24
C GLY L 10 -28.14 -29.03 20.88
N LEU L 11 -26.86 -29.33 20.64
CA LEU L 11 -26.20 -29.01 19.39
C LEU L 11 -25.72 -30.27 18.69
N PRO L 12 -25.86 -30.36 17.37
CA PRO L 12 -25.36 -31.54 16.65
C PRO L 12 -23.85 -31.53 16.52
N VAL L 13 -23.28 -32.72 16.69
CA VAL L 13 -21.84 -32.96 16.66
C VAL L 13 -21.62 -34.13 15.72
N ILE L 14 -20.96 -33.86 14.60
CA ILE L 14 -20.72 -34.84 13.55
C ILE L 14 -19.25 -35.24 13.59
N SER L 15 -18.98 -36.54 13.67
CA SER L 15 -17.60 -37.01 13.76
C SER L 15 -17.25 -37.76 12.49
N VAL L 16 -16.35 -37.19 11.70
CA VAL L 16 -16.06 -37.65 10.34
C VAL L 16 -14.64 -38.19 10.29
N ARG L 17 -14.46 -39.31 9.60
CA ARG L 17 -13.11 -39.80 9.29
C ARG L 17 -12.60 -39.13 8.02
N LEU L 18 -11.43 -38.53 8.09
CA LEU L 18 -10.92 -37.75 6.98
C LEU L 18 -9.98 -38.58 6.11
N PRO L 19 -9.94 -38.32 4.79
CA PRO L 19 -9.18 -39.23 3.92
C PRO L 19 -7.67 -39.09 4.03
N SER L 20 -7.15 -37.87 4.10
CA SER L 20 -5.71 -37.68 3.94
C SER L 20 -4.96 -38.02 5.22
N ARG L 21 -5.39 -37.47 6.34
CA ARG L 21 -4.66 -37.62 7.60
C ARG L 21 -5.13 -38.81 8.43
N ARG L 22 -6.33 -39.31 8.16
CA ARG L 22 -6.88 -40.56 8.72
C ARG L 22 -6.98 -40.51 10.25
N GLU L 23 -7.49 -39.39 10.75
CA GLU L 23 -7.89 -39.28 12.15
C GLU L 23 -9.31 -38.74 12.21
N ARG L 24 -10.03 -39.12 13.25
CA ARG L 24 -11.44 -38.79 13.37
C ARG L 24 -11.58 -37.35 13.83
N CYS L 25 -12.01 -36.47 12.93
CA CYS L 25 -12.24 -35.09 13.30
C CYS L 25 -13.69 -34.91 13.72
N GLN L 26 -13.97 -33.78 14.35
CA GLN L 26 -15.28 -33.52 14.95
C GLN L 26 -15.72 -32.10 14.68
N PHE L 27 -16.96 -31.95 14.19
CA PHE L 27 -17.53 -30.67 13.80
C PHE L 27 -18.82 -30.46 14.56
N THR L 28 -18.89 -29.40 15.35
CA THR L 28 -20.12 -29.06 16.07
C THR L 28 -20.78 -27.87 15.39
N LEU L 29 -22.08 -27.98 15.16
CA LEU L 29 -22.77 -27.08 14.23
C LEU L 29 -23.97 -26.42 14.88
N LYS L 30 -24.16 -25.13 14.59
CA LYS L 30 -25.32 -24.40 15.07
C LYS L 30 -26.52 -24.74 14.21
N PRO L 31 -27.64 -25.20 14.79
CA PRO L 31 -28.70 -25.76 13.97
C PRO L 31 -29.58 -24.78 13.23
N ILE L 32 -29.52 -23.48 13.48
CA ILE L 32 -30.37 -22.51 12.79
C ILE L 32 -29.58 -21.65 11.80
N SER L 33 -28.46 -21.07 12.23
CA SER L 33 -27.77 -20.10 11.40
C SER L 33 -26.81 -20.74 10.40
N ASP L 34 -26.36 -21.95 10.66
CA ASP L 34 -25.45 -22.60 9.73
C ASP L 34 -26.22 -23.14 8.54
N SER L 35 -25.48 -23.63 7.56
CA SER L 35 -26.04 -24.11 6.31
C SER L 35 -25.39 -25.43 5.97
N VAL L 36 -25.74 -25.97 4.81
CA VAL L 36 -24.99 -27.11 4.29
C VAL L 36 -23.64 -26.64 3.78
N GLY L 37 -23.59 -25.49 3.12
CA GLY L 37 -22.35 -25.00 2.54
C GLY L 37 -21.30 -24.63 3.56
N VAL L 38 -21.71 -24.19 4.75
CA VAL L 38 -20.77 -23.89 5.82
C VAL L 38 -20.11 -25.17 6.32
N PHE L 39 -20.89 -26.23 6.51
CA PHE L 39 -20.34 -27.52 6.91
C PHE L 39 -19.45 -28.11 5.82
N LEU L 40 -19.82 -27.92 4.55
CA LEU L 40 -19.02 -28.45 3.46
C LEU L 40 -17.69 -27.71 3.33
N ARG L 41 -17.68 -26.40 3.52
CA ARG L 41 -16.40 -25.74 3.43
C ARG L 41 -15.60 -25.81 4.72
N GLN L 42 -16.20 -26.22 5.83
CA GLN L 42 -15.38 -26.57 6.99
C GLN L 42 -14.72 -27.92 6.80
N LEU L 43 -15.42 -28.85 6.14
CA LEU L 43 -14.82 -30.13 5.79
C LEU L 43 -13.71 -29.94 4.78
N GLN L 44 -13.94 -29.05 3.83
CA GLN L 44 -13.01 -28.89 2.72
C GLN L 44 -11.77 -28.12 3.15
N GLU L 45 -11.91 -27.18 4.09
CA GLU L 45 -10.73 -26.49 4.60
C GLU L 45 -10.07 -27.23 5.75
N GLU L 46 -10.66 -28.33 6.23
CA GLU L 46 -10.07 -29.02 7.37
C GLU L 46 -8.80 -29.77 7.00
N ASP L 47 -8.85 -30.63 5.99
CA ASP L 47 -7.70 -31.46 5.67
C ASP L 47 -7.13 -31.31 4.27
N ARG L 48 -7.75 -30.52 3.39
CA ARG L 48 -7.25 -30.08 2.10
C ARG L 48 -7.10 -31.19 1.05
N GLY L 49 -7.31 -32.45 1.40
CA GLY L 49 -7.25 -33.51 0.43
C GLY L 49 -8.58 -33.83 -0.20
N ILE L 50 -9.60 -33.06 0.15
CA ILE L 50 -10.95 -33.25 -0.34
C ILE L 50 -11.16 -32.25 -1.47
N ASP L 51 -11.29 -32.75 -2.69
CA ASP L 51 -11.54 -31.89 -3.84
C ASP L 51 -13.00 -31.83 -4.23
N ARG L 52 -13.77 -32.86 -3.91
CA ARG L 52 -15.21 -32.88 -4.11
C ARG L 52 -15.87 -33.37 -2.84
N VAL L 53 -16.83 -32.61 -2.33
CA VAL L 53 -17.65 -33.02 -1.21
C VAL L 53 -19.08 -32.58 -1.51
N ALA L 54 -20.04 -33.45 -1.18
CA ALA L 54 -21.44 -33.15 -1.46
C ALA L 54 -22.33 -33.88 -0.48
N ILE L 55 -23.56 -33.39 -0.32
CA ILE L 55 -24.55 -34.02 0.54
C ILE L 55 -25.79 -34.32 -0.28
N TYR L 56 -26.19 -35.58 -0.30
CA TYR L 56 -27.32 -36.06 -1.08
C TYR L 56 -28.45 -36.51 -0.16
N SER L 57 -29.67 -36.37 -0.64
CA SER L 57 -30.82 -36.96 0.02
C SER L 57 -30.77 -38.47 -0.20
N PRO L 58 -31.47 -39.26 0.65
CA PRO L 58 -31.39 -40.73 0.48
C PRO L 58 -32.14 -41.27 -0.72
N ASP L 59 -32.87 -40.44 -1.46
CA ASP L 59 -33.52 -40.88 -2.69
C ASP L 59 -32.82 -40.35 -3.94
N GLY L 60 -31.56 -39.95 -3.81
CA GLY L 60 -30.76 -39.64 -4.97
C GLY L 60 -30.44 -38.18 -5.20
N VAL L 61 -31.38 -37.28 -4.90
CA VAL L 61 -31.17 -35.86 -5.20
C VAL L 61 -30.21 -35.27 -4.17
N ARG L 62 -29.64 -34.13 -4.51
CA ARG L 62 -28.69 -33.46 -3.62
C ARG L 62 -29.34 -32.22 -3.02
N VAL L 63 -28.94 -31.91 -1.80
CA VAL L 63 -29.39 -30.70 -1.15
C VAL L 63 -28.46 -29.56 -1.54
N ALA L 64 -28.99 -28.35 -1.60
CA ALA L 64 -28.21 -27.20 -1.99
C ALA L 64 -27.39 -26.70 -0.81
N ALA L 65 -26.45 -25.80 -1.10
CA ALA L 65 -25.56 -25.28 -0.07
C ALA L 65 -26.19 -24.16 0.74
N SER L 66 -27.35 -23.66 0.36
CA SER L 66 -28.07 -22.67 1.12
C SER L 66 -29.19 -23.25 1.96
N THR L 67 -29.41 -24.56 1.87
CA THR L 67 -30.39 -25.22 2.73
C THR L 67 -29.93 -25.18 4.18
N GLY L 68 -30.82 -24.77 5.07
CA GLY L 68 -30.50 -24.77 6.48
C GLY L 68 -30.28 -26.18 7.00
N ILE L 69 -29.56 -26.27 8.11
CA ILE L 69 -29.14 -27.58 8.57
C ILE L 69 -30.19 -28.26 9.44
N ASP L 70 -31.10 -27.50 10.06
CA ASP L 70 -32.20 -28.14 10.79
C ASP L 70 -33.21 -28.78 9.85
N LEU L 71 -33.26 -28.36 8.59
CA LEU L 71 -34.03 -29.10 7.59
C LEU L 71 -33.29 -30.33 7.12
N LEU L 72 -31.96 -30.31 7.19
CA LEU L 72 -31.16 -31.43 6.74
C LEU L 72 -31.20 -32.56 7.75
N LEU L 73 -31.15 -32.23 9.04
CA LEU L 73 -30.96 -33.22 10.09
C LEU L 73 -32.24 -33.90 10.52
N LEU L 74 -33.29 -33.89 9.71
CA LEU L 74 -34.51 -34.60 10.06
C LEU L 74 -34.53 -36.02 9.52
N ASP L 75 -34.11 -36.21 8.28
CA ASP L 75 -34.01 -37.52 7.67
C ASP L 75 -32.55 -37.94 7.58
N ASP L 76 -32.31 -39.13 7.04
CA ASP L 76 -30.96 -39.57 6.75
C ASP L 76 -30.39 -38.78 5.58
N PHE L 77 -29.08 -38.88 5.37
CA PHE L 77 -28.51 -38.35 4.14
C PHE L 77 -27.27 -39.15 3.77
N LYS L 78 -26.68 -38.79 2.64
CA LYS L 78 -25.44 -39.38 2.17
C LYS L 78 -24.40 -38.28 2.05
N LEU L 79 -23.24 -38.50 2.64
CA LEU L 79 -22.14 -37.55 2.59
C LEU L 79 -21.10 -38.14 1.64
N VAL L 80 -20.94 -37.51 0.48
CA VAL L 80 -19.96 -37.96 -0.51
C VAL L 80 -18.69 -37.17 -0.26
N ILE L 81 -17.64 -37.87 0.18
CA ILE L 81 -16.32 -37.29 0.38
C ILE L 81 -15.41 -37.99 -0.62
N ASN L 82 -15.15 -37.31 -1.73
CA ASN L 82 -14.01 -37.47 -2.63
C ASN L 82 -14.04 -38.75 -3.46
N ASP L 83 -14.61 -39.83 -2.94
CA ASP L 83 -14.93 -41.02 -3.72
C ASP L 83 -16.11 -41.74 -3.09
N LEU L 84 -16.32 -41.50 -1.79
CA LEU L 84 -16.97 -42.45 -0.91
C LEU L 84 -18.25 -41.84 -0.37
N THR L 85 -19.34 -42.59 -0.44
CA THR L 85 -20.62 -42.16 0.09
C THR L 85 -20.80 -42.79 1.47
N TYR L 86 -20.64 -41.99 2.51
CA TYR L 86 -20.96 -42.43 3.85
C TYR L 86 -22.44 -42.19 4.07
N HIS L 87 -23.14 -43.17 4.62
CA HIS L 87 -24.55 -43.01 4.90
C HIS L 87 -24.71 -42.56 6.34
N VAL L 88 -25.32 -41.40 6.52
CA VAL L 88 -25.45 -40.76 7.83
C VAL L 88 -26.89 -40.86 8.27
N ARG L 89 -27.10 -41.35 9.49
CA ARG L 89 -28.43 -41.50 10.07
C ARG L 89 -28.50 -40.72 11.37
N PRO L 90 -29.10 -39.55 11.36
CA PRO L 90 -29.18 -38.73 12.58
C PRO L 90 -30.18 -39.32 13.57
N PRO L 91 -30.10 -38.92 14.85
CA PRO L 91 -31.10 -39.38 15.81
C PRO L 91 -32.44 -38.69 15.55
N LYS L 92 -33.51 -39.48 15.62
CA LYS L 92 -34.84 -38.94 15.41
C LYS L 92 -35.25 -38.10 16.62
N ARG L 93 -36.08 -37.10 16.34
CA ARG L 93 -36.52 -36.13 17.32
C ARG L 93 -37.97 -36.34 17.75
N ASP L 94 -38.35 -35.54 18.74
CA ASP L 94 -39.71 -35.44 19.23
C ASP L 94 -40.44 -34.43 18.34
N LEU L 95 -41.39 -34.91 17.56
CA LEU L 95 -41.94 -34.08 16.49
C LEU L 95 -43.45 -33.98 16.52
N LEU L 96 -44.00 -33.36 15.48
CA LEU L 96 -45.43 -33.30 15.21
C LEU L 96 -45.84 -34.57 14.47
N SER L 97 -47.13 -34.86 14.51
CA SER L 97 -47.63 -35.98 13.71
C SER L 97 -47.65 -35.59 12.23
N HIS L 98 -47.97 -36.55 11.37
CA HIS L 98 -48.03 -36.21 9.95
C HIS L 98 -49.33 -35.52 9.55
N GLU L 99 -50.30 -35.44 10.46
CA GLU L 99 -51.53 -34.70 10.20
C GLU L 99 -51.52 -33.30 10.80
N ASN L 100 -50.73 -33.07 11.84
CA ASN L 100 -50.57 -31.74 12.41
C ASN L 100 -49.55 -30.92 11.65
N ALA L 101 -48.50 -31.58 11.14
CA ALA L 101 -47.47 -30.85 10.40
C ALA L 101 -47.99 -30.34 9.07
N ALA L 102 -48.90 -31.07 8.43
CA ALA L 102 -49.51 -30.56 7.21
C ALA L 102 -50.44 -29.38 7.50
N THR L 103 -51.11 -29.38 8.64
CA THR L 103 -51.97 -28.25 9.01
C THR L 103 -51.16 -27.01 9.32
N LEU L 104 -50.06 -27.17 10.06
CA LEU L 104 -49.19 -26.03 10.34
C LEU L 104 -48.51 -25.54 9.08
N ASN L 105 -48.15 -26.46 8.17
CA ASN L 105 -47.59 -26.08 6.88
C ASN L 105 -48.59 -25.30 6.06
N ASP L 106 -49.85 -25.70 6.08
CA ASP L 106 -50.87 -24.99 5.32
C ASP L 106 -51.17 -23.62 5.91
N VAL L 107 -51.10 -23.48 7.23
CA VAL L 107 -51.23 -22.16 7.86
C VAL L 107 -50.06 -21.27 7.48
N LYS L 108 -48.84 -21.81 7.53
CA LYS L 108 -47.65 -21.02 7.22
C LYS L 108 -47.59 -20.60 5.76
N THR L 109 -48.17 -21.40 4.86
CA THR L 109 -48.19 -20.98 3.46
C THR L 109 -49.48 -20.26 3.10
N LEU L 110 -50.46 -20.21 3.99
CA LEU L 110 -51.68 -19.47 3.74
C LEU L 110 -51.62 -18.05 4.27
N VAL L 111 -50.85 -17.82 5.33
CA VAL L 111 -50.60 -16.45 5.78
C VAL L 111 -49.70 -15.73 4.77
N GLN L 112 -48.68 -16.42 4.27
CA GLN L 112 -47.69 -15.79 3.41
C GLN L 112 -48.23 -15.50 2.01
N GLN L 113 -49.25 -16.24 1.56
CA GLN L 113 -49.90 -15.86 0.31
C GLN L 113 -50.92 -14.76 0.47
N LEU L 114 -51.18 -14.33 1.70
CA LEU L 114 -51.99 -13.13 1.94
C LEU L 114 -51.12 -11.91 2.20
N TYR L 115 -49.90 -12.10 2.68
CA TYR L 115 -48.95 -11.01 2.86
C TYR L 115 -48.46 -10.45 1.53
N THR L 116 -48.64 -11.18 0.43
CA THR L 116 -48.17 -10.77 -0.88
C THR L 116 -49.28 -10.18 -1.74
N THR L 117 -50.44 -10.82 -1.80
CA THR L 117 -51.50 -10.33 -2.67
C THR L 117 -52.23 -9.12 -2.10
N LEU L 118 -52.09 -8.86 -0.80
CA LEU L 118 -52.66 -7.65 -0.22
C LEU L 118 -51.67 -6.49 -0.16
N CYS L 119 -50.40 -6.75 -0.50
CA CYS L 119 -49.33 -5.75 -0.55
C CYS L 119 -49.14 -5.07 0.81
N ILE L 120 -48.75 -5.89 1.79
CA ILE L 120 -48.72 -5.45 3.18
C ILE L 120 -47.48 -4.61 3.49
N GLU L 121 -46.36 -4.88 2.81
CA GLU L 121 -45.12 -4.14 3.07
C GLU L 121 -45.27 -2.66 2.69
N GLN L 122 -45.89 -2.38 1.55
CA GLN L 122 -46.16 -1.00 1.19
C GLN L 122 -47.19 -0.36 2.11
N HIS L 123 -48.07 -1.15 2.71
CA HIS L 123 -49.00 -0.63 3.71
C HIS L 123 -48.27 -0.21 4.98
N GLN L 124 -47.28 -0.99 5.41
CA GLN L 124 -46.51 -0.61 6.59
C GLN L 124 -45.62 0.61 6.32
N LEU L 125 -45.01 0.68 5.14
CA LEU L 125 -44.22 1.86 4.82
C LEU L 125 -45.08 3.09 4.61
N ASN L 126 -46.32 2.90 4.13
CA ASN L 126 -47.27 3.99 4.09
C ASN L 126 -47.64 4.46 5.49
N LYS L 127 -47.73 3.52 6.43
CA LYS L 127 -48.02 3.89 7.82
C LYS L 127 -46.89 4.69 8.44
N GLU L 128 -45.63 4.30 8.22
CA GLU L 128 -44.56 5.11 8.78
C GLU L 128 -44.40 6.43 8.03
N ARG L 129 -44.78 6.49 6.75
CA ARG L 129 -44.72 7.76 6.04
C ARG L 129 -45.78 8.72 6.56
N GLU L 130 -46.94 8.18 6.93
CA GLU L 130 -47.98 8.99 7.56
C GLU L 130 -47.54 9.48 8.93
N LEU L 131 -46.83 8.64 9.70
CA LEU L 131 -46.33 9.07 11.00
C LEU L 131 -45.25 10.15 10.87
N ILE L 132 -44.34 9.99 9.91
CA ILE L 132 -43.29 10.98 9.70
C ILE L 132 -43.89 12.30 9.23
N GLU L 133 -44.91 12.24 8.37
CA GLU L 133 -45.53 13.47 7.90
C GLU L 133 -46.31 14.16 9.01
N ARG L 134 -46.97 13.40 9.89
CA ARG L 134 -47.67 14.03 11.01
C ARG L 134 -46.70 14.65 12.00
N LEU L 135 -45.56 13.99 12.23
CA LEU L 135 -44.55 14.55 13.12
C LEU L 135 -43.93 15.83 12.55
N GLU L 136 -43.55 15.81 11.26
CA GLU L 136 -42.94 17.01 10.70
C GLU L 136 -43.97 18.08 10.32
N ASP L 137 -45.26 17.81 10.40
CA ASP L 137 -46.27 18.87 10.32
C ASP L 137 -46.74 19.36 11.68
N LEU L 138 -46.47 18.63 12.76
CA LEU L 138 -46.64 19.23 14.09
C LEU L 138 -45.51 20.18 14.42
N LYS L 139 -44.33 19.96 13.85
CA LYS L 139 -43.22 20.90 14.01
C LYS L 139 -43.32 22.09 13.07
N GLU L 140 -44.35 22.15 12.23
CA GLU L 140 -44.52 23.27 11.33
C GLU L 140 -45.23 24.43 12.02
N GLN L 141 -46.27 24.14 12.81
CA GLN L 141 -46.98 25.18 13.52
C GLN L 141 -46.42 25.44 14.92
N LEU L 142 -45.23 24.92 15.22
CA LEU L 142 -44.56 25.24 16.47
C LEU L 142 -43.51 26.34 16.29
N ALA L 143 -42.86 26.39 15.14
CA ALA L 143 -41.80 27.36 14.91
C ALA L 143 -42.21 28.83 14.94
N PRO L 144 -43.45 29.23 14.62
CA PRO L 144 -43.87 30.60 15.00
C PRO L 144 -43.91 30.83 16.49
N LEU L 145 -44.27 29.83 17.29
CA LEU L 145 -44.49 30.07 18.71
C LEU L 145 -43.18 30.13 19.51
N GLU L 146 -42.18 29.34 19.14
CA GLU L 146 -40.93 29.39 19.89
C GLU L 146 -40.15 30.68 19.65
N LYS L 147 -40.38 31.37 18.53
CA LYS L 147 -39.75 32.66 18.33
C LYS L 147 -40.28 33.70 19.31
N VAL L 148 -41.52 33.54 19.75
CA VAL L 148 -42.04 34.40 20.81
C VAL L 148 -41.61 33.90 22.18
N ARG L 149 -41.59 32.58 22.36
CA ARG L 149 -41.31 32.00 23.67
C ARG L 149 -39.86 32.26 24.09
N ILE L 150 -38.94 32.22 23.13
CA ILE L 150 -37.53 32.48 23.43
C ILE L 150 -37.34 33.93 23.84
N GLU L 151 -38.09 34.83 23.22
CA GLU L 151 -38.04 36.25 23.58
C GLU L 151 -38.57 36.48 24.98
N ILE L 152 -39.68 35.83 25.33
CA ILE L 152 -40.28 36.01 26.65
C ILE L 152 -39.38 35.41 27.74
N SER L 153 -38.84 34.21 27.49
CA SER L 153 -37.95 33.60 28.47
C SER L 153 -36.65 34.38 28.63
N ARG L 154 -36.15 35.00 27.56
CA ARG L 154 -34.94 35.80 27.66
C ARG L 154 -35.18 37.07 28.47
N LYS L 155 -36.28 37.77 28.19
CA LYS L 155 -36.53 38.97 28.98
C LYS L 155 -37.21 38.69 30.31
N ALA L 156 -37.41 37.42 30.68
CA ALA L 156 -37.71 37.08 32.06
C ALA L 156 -36.46 36.69 32.85
N GLU L 157 -35.51 35.98 32.23
CA GLU L 157 -34.26 35.72 32.93
C GLU L 157 -33.45 37.00 33.12
N LYS L 158 -33.56 37.95 32.18
CA LYS L 158 -32.90 39.23 32.34
C LYS L 158 -33.46 40.05 33.50
N ARG L 159 -34.69 39.77 33.94
CA ARG L 159 -35.22 40.39 35.14
C ARG L 159 -34.98 39.58 36.39
N THR L 160 -34.79 38.26 36.28
CA THR L 160 -34.44 37.47 37.45
C THR L 160 -33.02 37.75 37.94
N THR L 161 -32.08 37.93 37.00
CA THR L 161 -30.72 38.27 37.41
C THR L 161 -30.63 39.65 38.09
N LEU L 162 -31.57 40.54 37.78
CA LEU L 162 -31.61 41.83 38.46
C LEU L 162 -31.91 41.68 39.95
N VAL L 163 -32.87 40.83 40.30
CA VAL L 163 -33.17 40.69 41.72
C VAL L 163 -32.10 39.84 42.43
N LEU L 164 -31.39 38.96 41.71
CA LEU L 164 -30.27 38.25 42.33
C LEU L 164 -29.13 39.20 42.69
N TRP L 165 -28.71 40.03 41.73
CA TRP L 165 -27.66 41.00 42.01
C TRP L 165 -28.12 42.07 42.98
N GLY L 166 -29.43 42.36 43.01
CA GLY L 166 -29.93 43.31 43.99
C GLY L 166 -29.89 42.76 45.40
N GLY L 167 -30.15 41.47 45.57
CA GLY L 167 -30.00 40.87 46.89
C GLY L 167 -28.56 40.85 47.37
N LEU L 168 -27.63 40.60 46.45
CA LEU L 168 -26.21 40.68 46.82
C LEU L 168 -25.80 42.10 47.20
N ALA L 169 -26.28 43.09 46.45
CA ALA L 169 -25.98 44.48 46.78
C ALA L 169 -26.61 44.92 48.10
N TYR L 170 -27.78 44.37 48.43
CA TYR L 170 -28.39 44.67 49.71
C TYR L 170 -27.60 44.10 50.87
N MET L 171 -27.11 42.86 50.73
CA MET L 171 -26.28 42.30 51.80
C MET L 171 -24.97 43.07 51.97
N ALA L 172 -24.40 43.56 50.87
CA ALA L 172 -23.21 44.40 50.97
C ALA L 172 -23.51 45.74 51.64
N THR L 173 -24.69 46.30 51.37
CA THR L 173 -25.07 47.58 51.98
C THR L 173 -25.29 47.43 53.48
N GLN L 174 -25.89 46.31 53.89
CA GLN L 174 -26.08 46.05 55.32
C GLN L 174 -24.76 45.81 56.03
N PHE L 175 -23.81 45.15 55.34
CA PHE L 175 -22.44 45.03 55.87
C PHE L 175 -21.82 46.40 56.09
N GLY L 176 -21.97 47.30 55.13
CA GLY L 176 -21.38 48.63 55.28
C GLY L 176 -22.00 49.45 56.40
N ILE L 177 -23.34 49.39 56.53
CA ILE L 177 -24.04 50.13 57.57
C ILE L 177 -23.66 49.59 58.96
N LEU L 178 -23.63 48.27 59.12
CA LEU L 178 -23.26 47.74 60.42
C LEU L 178 -21.75 47.78 60.67
N ALA L 179 -20.94 48.04 59.66
CA ALA L 179 -19.50 48.12 59.90
C ALA L 179 -19.05 49.53 60.22
N ARG L 180 -19.79 50.54 59.76
CA ARG L 180 -19.41 51.91 60.08
C ARG L 180 -19.64 52.24 61.54
N LEU L 181 -20.78 51.83 62.11
CA LEU L 181 -21.13 52.27 63.45
C LEU L 181 -20.37 51.57 64.57
N THR L 182 -19.97 50.31 64.39
CA THR L 182 -19.33 49.62 65.50
C THR L 182 -17.91 50.08 65.73
N TRP L 183 -17.27 50.71 64.76
CA TRP L 183 -15.89 51.12 64.96
C TRP L 183 -15.68 52.63 64.88
N TRP L 184 -16.39 53.32 63.99
CA TRP L 184 -16.17 54.76 63.86
C TRP L 184 -17.00 55.56 64.85
N GLU L 185 -18.32 55.48 64.77
CA GLU L 185 -19.17 56.36 65.56
C GLU L 185 -19.48 55.80 66.95
N TYR L 186 -20.14 54.65 67.01
CA TYR L 186 -20.55 54.09 68.28
C TYR L 186 -19.59 52.97 68.67
N SER L 187 -19.95 52.21 69.68
CA SER L 187 -19.16 51.07 70.12
C SER L 187 -19.92 49.79 69.80
N TRP L 188 -19.28 48.66 70.10
CA TRP L 188 -19.94 47.38 69.92
C TRP L 188 -21.01 47.15 70.98
N ASP L 189 -20.87 47.79 72.14
CA ASP L 189 -21.84 47.66 73.22
C ASP L 189 -23.16 48.37 72.92
N ILE L 190 -23.21 49.20 71.89
CA ILE L 190 -24.46 49.78 71.42
C ILE L 190 -25.04 48.99 70.26
N MET L 191 -24.20 48.52 69.35
CA MET L 191 -24.68 47.91 68.12
C MET L 191 -24.82 46.39 68.19
N GLU L 192 -24.43 45.75 69.28
CA GLU L 192 -24.62 44.30 69.34
C GLU L 192 -26.09 43.86 69.45
N PRO L 193 -26.95 44.46 70.28
CA PRO L 193 -28.37 44.01 70.25
C PRO L 193 -29.10 44.37 68.98
N VAL L 194 -28.70 45.43 68.28
CA VAL L 194 -29.30 45.74 66.99
C VAL L 194 -28.98 44.66 65.98
N THR L 195 -27.75 44.19 65.99
CA THR L 195 -27.37 43.19 65.02
C THR L 195 -27.81 41.79 65.44
N TYR L 196 -28.21 41.59 66.69
CA TYR L 196 -28.93 40.35 66.99
C TYR L 196 -30.36 40.40 66.47
N PHE L 197 -31.05 41.53 66.71
CA PHE L 197 -32.45 41.58 66.31
C PHE L 197 -32.64 41.64 64.82
N ILE L 198 -31.63 42.10 64.07
CA ILE L 198 -31.66 41.98 62.61
C ILE L 198 -31.64 40.51 62.19
N THR L 199 -30.81 39.71 62.85
CA THR L 199 -30.75 38.27 62.58
C THR L 199 -32.07 37.58 62.90
N TYR L 200 -32.66 37.93 64.04
CA TYR L 200 -33.94 37.31 64.40
C TYR L 200 -35.08 37.79 63.50
N GLY L 201 -35.01 39.02 63.00
CA GLY L 201 -35.99 39.46 62.02
C GLY L 201 -35.85 38.75 60.69
N SER L 202 -34.62 38.43 60.29
CA SER L 202 -34.43 37.63 59.09
C SER L 202 -34.96 36.22 59.26
N ALA L 203 -34.78 35.66 60.46
CA ALA L 203 -35.35 34.35 60.75
C ALA L 203 -36.87 34.37 60.82
N MET L 204 -37.46 35.51 61.17
CA MET L 204 -38.92 35.63 61.09
C MET L 204 -39.39 35.76 59.64
N ALA L 205 -38.65 36.51 58.83
CA ALA L 205 -39.05 36.71 57.44
C ALA L 205 -38.95 35.43 56.62
N MET L 206 -37.95 34.59 56.91
CA MET L 206 -37.84 33.32 56.20
C MET L 206 -38.94 32.34 56.59
N TYR L 207 -39.57 32.51 57.74
CA TYR L 207 -40.72 31.71 58.10
C TYR L 207 -42.02 32.27 57.53
N ALA L 208 -42.14 33.60 57.47
CA ALA L 208 -43.31 34.20 56.84
C ALA L 208 -43.35 33.89 55.35
N TYR L 209 -42.18 33.70 54.74
CA TYR L 209 -42.11 33.22 53.36
C TYR L 209 -42.72 31.82 53.24
N PHE L 210 -42.49 30.96 54.23
CA PHE L 210 -43.06 29.62 54.19
C PHE L 210 -44.55 29.63 54.42
N VAL L 211 -45.03 30.47 55.33
CA VAL L 211 -46.48 30.50 55.59
C VAL L 211 -47.22 31.06 54.39
N MET L 212 -46.66 32.06 53.76
CA MET L 212 -47.34 32.73 52.66
C MET L 212 -47.20 31.97 51.34
N THR L 213 -46.04 31.35 51.08
CA THR L 213 -45.75 30.78 49.78
C THR L 213 -45.93 29.27 49.72
N ARG L 214 -46.18 28.62 50.87
CA ARG L 214 -46.35 27.17 51.02
C ARG L 214 -45.14 26.37 50.54
N GLN L 215 -43.95 26.97 50.55
CA GLN L 215 -42.73 26.23 50.28
C GLN L 215 -41.58 26.89 51.01
N GLU L 216 -40.53 26.12 51.25
CA GLU L 216 -39.43 26.60 52.06
C GLU L 216 -38.55 27.57 51.28
N TYR L 217 -37.83 28.41 52.01
CA TYR L 217 -36.99 29.43 51.38
C TYR L 217 -35.58 28.87 51.20
N VAL L 218 -35.34 28.30 50.03
CA VAL L 218 -33.99 27.98 49.59
C VAL L 218 -33.77 28.70 48.28
N TYR L 219 -32.49 28.90 47.94
CA TYR L 219 -32.15 29.75 46.80
C TYR L 219 -32.57 29.20 45.44
N PRO L 220 -32.21 27.97 45.01
CA PRO L 220 -32.54 27.57 43.65
C PRO L 220 -34.01 27.21 43.43
N GLU L 221 -34.85 27.26 44.45
CA GLU L 221 -36.29 27.12 44.24
C GLU L 221 -37.01 28.46 44.27
N ALA L 222 -36.55 29.39 45.10
CA ALA L 222 -37.06 30.75 45.04
C ALA L 222 -36.71 31.42 43.72
N ARG L 223 -35.54 31.12 43.15
CA ARG L 223 -35.20 31.67 41.84
C ARG L 223 -36.12 31.12 40.75
N ASP L 224 -36.42 29.83 40.79
CA ASP L 224 -37.30 29.25 39.77
C ASP L 224 -38.73 29.73 39.92
N ARG L 225 -39.21 29.91 41.15
CA ARG L 225 -40.56 30.41 41.33
C ARG L 225 -40.67 31.85 40.84
N GLN L 226 -39.69 32.69 41.17
CA GLN L 226 -39.68 34.07 40.70
C GLN L 226 -39.58 34.14 39.18
N TYR L 227 -38.83 33.22 38.58
CA TYR L 227 -38.72 33.16 37.12
C TYR L 227 -40.05 32.79 36.50
N LEU L 228 -40.77 31.85 37.10
CA LEU L 228 -42.07 31.46 36.56
C LEU L 228 -43.09 32.59 36.72
N LEU L 229 -43.00 33.36 37.79
CA LEU L 229 -43.92 34.49 37.94
C LEU L 229 -43.62 35.58 36.93
N PHE L 230 -42.35 35.85 36.66
CA PHE L 230 -41.98 36.81 35.62
C PHE L 230 -42.42 36.34 34.24
N PHE L 231 -42.26 35.04 33.96
CA PHE L 231 -42.66 34.48 32.68
C PHE L 231 -44.16 34.54 32.50
N HIS L 232 -44.92 34.19 33.52
CA HIS L 232 -46.37 34.20 33.37
C HIS L 232 -46.96 35.59 33.45
N LYS L 233 -46.21 36.58 33.94
CA LYS L 233 -46.67 37.95 33.75
C LYS L 233 -46.40 38.40 32.32
N GLY L 234 -45.21 38.11 31.80
CA GLY L 234 -44.86 38.54 30.46
C GLY L 234 -45.64 37.84 29.36
N ALA L 235 -46.03 36.58 29.59
CA ALA L 235 -46.81 35.86 28.58
C ALA L 235 -48.23 36.37 28.52
N LYS L 236 -48.74 36.93 29.61
CA LYS L 236 -50.06 37.56 29.57
C LYS L 236 -49.96 38.99 29.06
N LYS L 237 -48.81 39.63 29.25
CA LYS L 237 -48.65 40.98 28.73
C LYS L 237 -48.51 40.98 27.22
N SER L 238 -47.82 39.99 26.67
CA SER L 238 -47.62 39.89 25.23
C SER L 238 -48.71 39.08 24.54
N ARG L 239 -49.75 38.68 25.29
CA ARG L 239 -50.91 37.93 24.78
C ARG L 239 -50.49 36.62 24.12
N PHE L 240 -49.57 35.92 24.76
CA PHE L 240 -49.06 34.66 24.24
C PHE L 240 -50.08 33.54 24.43
N ASP L 241 -50.12 32.63 23.46
CA ASP L 241 -51.09 31.53 23.45
C ASP L 241 -50.40 30.30 24.06
N LEU L 242 -50.40 30.25 25.39
CA LEU L 242 -49.59 29.26 26.10
C LEU L 242 -50.18 27.85 25.98
N GLU L 243 -51.51 27.73 25.93
CA GLU L 243 -52.13 26.42 25.97
C GLU L 243 -51.91 25.65 24.68
N LYS L 244 -51.94 26.35 23.54
CA LYS L 244 -51.60 25.73 22.26
C LYS L 244 -50.15 25.30 22.23
N TYR L 245 -49.27 26.09 22.87
CA TYR L 245 -47.86 25.71 22.95
C TYR L 245 -47.67 24.45 23.78
N ASN L 246 -48.39 24.33 24.89
CA ASN L 246 -48.27 23.12 25.71
C ASN L 246 -48.86 21.91 25.01
N GLN L 247 -49.95 22.12 24.25
CA GLN L 247 -50.55 21.02 23.49
C GLN L 247 -49.61 20.54 22.39
N LEU L 248 -48.93 21.47 21.71
CA LEU L 248 -47.98 21.07 20.68
C LEU L 248 -46.76 20.39 21.28
N LYS L 249 -46.29 20.88 22.42
CA LYS L 249 -45.12 20.26 23.05
C LYS L 249 -45.45 18.91 23.66
N ASP L 250 -46.70 18.63 23.97
CA ASP L 250 -47.06 17.27 24.36
C ASP L 250 -47.25 16.36 23.15
N ALA L 251 -47.89 16.87 22.08
CA ALA L 251 -48.19 16.05 20.92
C ALA L 251 -46.94 15.66 20.14
N ILE L 252 -45.93 16.54 20.09
CA ILE L 252 -44.68 16.19 19.44
C ILE L 252 -43.95 15.10 20.22
N ALA L 253 -43.94 15.22 21.55
CA ALA L 253 -43.28 14.21 22.37
C ALA L 253 -44.04 12.89 22.39
N GLN L 254 -45.33 12.90 22.04
CA GLN L 254 -46.04 11.63 21.89
C GLN L 254 -45.83 11.03 20.50
N ALA L 255 -45.81 11.86 19.46
CA ALA L 255 -45.60 11.34 18.11
C ALA L 255 -44.18 10.82 17.92
N GLU L 256 -43.19 11.43 18.57
CA GLU L 256 -41.83 10.90 18.49
C GLU L 256 -41.71 9.55 19.19
N MET L 257 -42.44 9.37 20.29
CA MET L 257 -42.43 8.09 20.98
C MET L 257 -43.15 7.02 20.17
N ASP L 258 -44.23 7.39 19.50
CA ASP L 258 -44.92 6.43 18.62
C ASP L 258 -44.06 6.04 17.43
N LEU L 259 -43.30 7.00 16.89
CA LEU L 259 -42.40 6.68 15.79
C LEU L 259 -41.24 5.82 16.25
N LYS L 260 -40.72 6.08 17.45
CA LYS L 260 -39.66 5.25 18.00
C LYS L 260 -40.14 3.84 18.31
N ARG L 261 -41.41 3.68 18.68
CA ARG L 261 -41.93 2.35 18.90
C ARG L 261 -42.28 1.65 17.60
N LEU L 262 -42.52 2.38 16.52
CA LEU L 262 -42.82 1.75 15.25
C LEU L 262 -41.57 1.15 14.62
N ARG L 263 -40.44 1.87 14.66
CA ARG L 263 -39.20 1.40 14.04
C ARG L 263 -38.30 0.66 15.02
N ASP L 264 -38.88 -0.02 16.00
CA ASP L 264 -38.16 -0.80 17.00
C ASP L 264 -37.39 -1.93 16.33
N PRO L 265 -36.06 -2.01 16.50
CA PRO L 265 -35.29 -3.05 15.81
C PRO L 265 -35.54 -4.45 16.29
N LEU L 266 -36.05 -4.64 17.51
CA LEU L 266 -36.34 -5.98 17.98
C LEU L 266 -37.68 -6.50 17.50
N GLN L 267 -38.51 -5.69 16.89
CA GLN L 267 -39.75 -6.12 16.27
C GLN L 267 -39.63 -6.08 14.75
N VAL L 268 -40.66 -6.54 14.06
CA VAL L 268 -40.62 -6.71 12.61
C VAL L 268 -41.71 -5.86 11.98
N HIS L 269 -42.00 -4.71 12.60
CA HIS L 269 -43.03 -3.81 12.13
C HIS L 269 -42.74 -3.26 10.74
N LEU L 270 -41.48 -3.04 10.41
CA LEU L 270 -41.09 -2.53 9.11
C LEU L 270 -39.97 -3.38 8.53
N PRO L 271 -39.97 -3.59 7.21
CA PRO L 271 -38.89 -4.34 6.59
C PRO L 271 -37.58 -3.57 6.62
N LEU L 272 -36.48 -4.31 6.70
CA LEU L 272 -35.16 -3.70 6.78
C LEU L 272 -34.60 -3.33 5.41
N ARG L 273 -35.26 -3.74 4.33
CA ARG L 273 -34.86 -3.51 2.93
C ARG L 273 -33.48 -4.10 2.64
N VAL M 1 -37.32 23.27 38.86
CA VAL M 1 -37.24 23.09 37.42
C VAL M 1 -38.23 24.06 36.80
N ILE M 2 -38.02 24.41 35.53
CA ILE M 2 -38.86 25.39 34.83
C ILE M 2 -39.81 24.71 33.87
N VAL M 3 -39.32 23.75 33.09
CA VAL M 3 -40.12 23.09 32.06
C VAL M 3 -40.38 21.65 32.49
N THR M 4 -41.36 21.05 31.81
CA THR M 4 -41.74 19.66 32.07
C THR M 4 -40.79 18.76 31.28
N ARG M 5 -41.06 17.46 31.21
CA ARG M 5 -40.18 16.55 30.49
C ARG M 5 -40.31 16.74 28.98
N SER M 6 -41.52 17.03 28.50
CA SER M 6 -41.73 17.23 27.08
C SER M 6 -41.23 18.59 26.62
N GLY M 7 -41.27 19.59 27.50
CA GLY M 7 -40.83 20.92 27.14
C GLY M 7 -41.85 21.98 27.49
N ALA M 8 -43.03 21.56 27.93
CA ALA M 8 -44.08 22.48 28.32
C ALA M 8 -43.70 23.22 29.58
N ILE M 9 -44.20 24.44 29.73
CA ILE M 9 -43.89 25.27 30.90
C ILE M 9 -44.83 24.92 32.03
N LEU M 10 -44.27 24.84 33.24
CA LEU M 10 -45.06 24.63 34.44
C LEU M 10 -46.02 25.79 34.66
N PRO M 11 -47.17 25.56 35.31
CA PRO M 11 -48.15 26.63 35.48
C PRO M 11 -47.70 27.72 36.45
N LYS M 12 -48.52 28.75 36.53
CA LYS M 12 -48.21 29.91 37.34
C LYS M 12 -48.30 29.57 38.82
N PRO M 13 -47.31 29.93 39.63
CA PRO M 13 -47.35 29.59 41.06
C PRO M 13 -48.37 30.45 41.79
N VAL M 14 -49.17 29.81 42.62
CA VAL M 14 -50.27 30.49 43.30
C VAL M 14 -49.72 31.31 44.46
N LYS M 15 -50.26 32.51 44.63
CA LYS M 15 -49.89 33.41 45.71
C LYS M 15 -51.12 33.80 46.50
N MET M 16 -50.92 34.14 47.77
CA MET M 16 -52.04 34.50 48.63
C MET M 16 -52.49 35.91 48.32
N SER M 17 -53.81 36.08 48.25
CA SER M 17 -54.38 37.40 48.03
C SER M 17 -54.19 38.28 49.26
N PHE M 18 -53.64 39.48 49.04
CA PHE M 18 -53.20 40.41 50.09
C PHE M 18 -52.28 39.72 51.09
N GLY M 19 -51.30 38.99 50.55
CA GLY M 19 -50.49 38.14 51.40
C GLY M 19 -49.50 38.89 52.27
N LEU M 20 -49.10 40.09 51.87
CA LEU M 20 -48.18 40.84 52.70
C LEU M 20 -48.87 41.66 53.76
N LEU M 21 -50.14 42.01 53.55
CA LEU M 21 -50.85 42.83 54.52
C LEU M 21 -51.20 42.01 55.76
N ARG M 22 -51.58 40.75 55.55
CA ARG M 22 -51.96 39.90 56.67
C ARG M 22 -50.77 39.30 57.40
N VAL M 23 -49.54 39.55 56.96
CA VAL M 23 -48.38 39.20 57.76
C VAL M 23 -48.07 40.32 58.76
N PHE M 24 -48.08 41.57 58.30
CA PHE M 24 -47.92 42.68 59.22
C PHE M 24 -49.14 42.88 60.10
N SER M 25 -50.28 42.35 59.69
CA SER M 25 -51.50 42.44 60.48
C SER M 25 -51.45 41.58 61.73
N ILE M 26 -50.54 40.62 61.81
CA ILE M 26 -50.37 39.88 63.05
C ILE M 26 -48.99 40.10 63.67
N VAL M 27 -47.96 40.48 62.91
CA VAL M 27 -46.70 40.75 63.61
C VAL M 27 -46.71 42.10 64.31
N ILE M 28 -47.54 43.06 63.91
CA ILE M 28 -47.57 44.32 64.67
C ILE M 28 -48.32 44.22 66.01
N PRO M 29 -49.56 43.67 66.08
CA PRO M 29 -50.19 43.62 67.41
C PRO M 29 -49.57 42.61 68.33
N PHE M 30 -49.10 41.48 67.82
CA PHE M 30 -48.49 40.51 68.71
C PHE M 30 -47.08 40.90 69.13
N LEU M 31 -46.52 41.97 68.57
CA LEU M 31 -45.31 42.55 69.13
C LEU M 31 -45.65 43.58 70.20
N TYR M 32 -46.75 44.32 70.00
CA TYR M 32 -47.21 45.22 71.06
C TYR M 32 -47.63 44.46 72.31
N VAL M 33 -48.26 43.30 72.13
CA VAL M 33 -48.62 42.44 73.27
C VAL M 33 -47.38 41.92 73.98
N GLY M 34 -46.32 41.60 73.22
CA GLY M 34 -45.10 41.15 73.86
C GLY M 34 -44.41 42.22 74.68
N THR M 35 -44.45 43.47 74.20
CA THR M 35 -43.89 44.54 75.03
C THR M 35 -44.76 44.83 76.24
N LEU M 36 -46.08 44.67 76.11
CA LEU M 36 -46.96 44.93 77.24
C LEU M 36 -46.76 43.88 78.34
N ILE M 37 -46.72 42.60 77.96
CA ILE M 37 -46.52 41.54 78.95
C ILE M 37 -45.07 41.42 79.41
N SER M 38 -44.14 42.16 78.81
CA SER M 38 -42.84 42.24 79.44
C SER M 38 -42.72 43.43 80.38
N LYS M 39 -43.33 44.55 80.00
CA LYS M 39 -43.35 45.75 80.84
C LYS M 39 -44.07 45.50 82.16
N ASN M 40 -45.25 44.87 82.09
CA ASN M 40 -45.99 44.62 83.33
C ASN M 40 -45.33 43.55 84.18
N PHE M 41 -44.63 42.59 83.56
CA PHE M 41 -43.93 41.57 84.33
C PHE M 41 -42.73 42.15 85.07
N ALA M 42 -41.99 43.05 84.42
CA ALA M 42 -40.87 43.69 85.12
C ALA M 42 -41.35 44.68 86.17
N ALA M 43 -42.48 45.35 85.93
CA ALA M 43 -43.03 46.23 86.95
C ALA M 43 -43.67 45.47 88.10
N LEU M 44 -44.01 44.19 87.89
CA LEU M 44 -44.47 43.37 89.00
C LEU M 44 -43.31 42.74 89.76
N LEU M 45 -42.18 42.55 89.10
CA LEU M 45 -41.02 42.00 89.78
C LEU M 45 -40.31 43.06 90.62
N GLU M 46 -40.22 44.30 90.11
CA GLU M 46 -39.53 45.36 90.84
C GLU M 46 -40.29 45.78 92.10
N GLU M 47 -41.63 45.68 92.07
CA GLU M 47 -42.44 46.14 93.19
C GLU M 47 -42.26 45.25 94.43
N HIS M 48 -42.14 43.95 94.23
CA HIS M 48 -42.07 42.98 95.32
C HIS M 48 -40.65 42.66 95.71
N ASP M 49 -39.68 43.25 95.00
CA ASP M 49 -38.25 43.29 95.33
C ASP M 49 -37.64 41.88 95.38
N ILE M 50 -37.66 41.26 94.22
CA ILE M 50 -37.17 39.90 94.02
C ILE M 50 -35.71 39.96 93.58
N PHE M 51 -35.50 40.41 92.34
CA PHE M 51 -34.18 40.59 91.75
C PHE M 51 -34.29 41.71 90.71
N VAL M 52 -34.01 42.94 91.15
CA VAL M 52 -33.97 44.10 90.29
C VAL M 52 -32.54 44.63 90.28
N PRO M 53 -31.93 44.80 89.11
CA PRO M 53 -30.58 45.37 89.05
C PRO M 53 -30.58 46.89 88.95
N GLU M 54 -29.47 47.46 89.39
CA GLU M 54 -29.24 48.90 89.33
C GLU M 54 -28.22 49.26 88.28
N VAL N 1 -23.09 13.72 41.97
CA VAL N 1 -22.90 12.60 41.05
C VAL N 1 -21.98 13.08 39.92
N ILE N 2 -21.08 12.20 39.47
CA ILE N 2 -20.09 12.56 38.47
C ILE N 2 -20.22 11.75 37.19
N VAL N 3 -21.15 10.80 37.11
CA VAL N 3 -21.38 9.99 35.92
C VAL N 3 -22.87 9.96 35.62
N THR N 4 -23.20 9.41 34.46
CA THR N 4 -24.58 9.21 34.06
C THR N 4 -25.05 7.82 34.49
N ARG N 5 -26.16 7.33 33.95
CA ARG N 5 -26.56 5.95 34.17
C ARG N 5 -25.62 4.97 33.47
N SER N 6 -24.99 5.42 32.39
CA SER N 6 -23.86 4.72 31.80
C SER N 6 -22.60 5.16 32.54
N GLY N 7 -21.43 4.86 31.99
CA GLY N 7 -20.23 5.41 32.59
C GLY N 7 -19.83 6.76 32.02
N ALA N 8 -20.67 7.38 31.19
CA ALA N 8 -20.26 8.59 30.48
C ALA N 8 -20.16 9.77 31.44
N ILE N 9 -19.06 10.50 31.33
CA ILE N 9 -18.79 11.60 32.24
C ILE N 9 -19.72 12.77 31.93
N LEU N 10 -20.20 13.42 32.98
CA LEU N 10 -21.06 14.58 32.83
C LEU N 10 -20.30 15.73 32.15
N PRO N 11 -21.00 16.63 31.47
CA PRO N 11 -20.33 17.74 30.79
C PRO N 11 -19.73 18.72 31.78
N LYS N 12 -18.94 19.64 31.23
CA LYS N 12 -18.23 20.62 32.04
C LYS N 12 -19.23 21.55 32.72
N PRO N 13 -18.99 21.90 33.99
CA PRO N 13 -19.86 22.88 34.66
C PRO N 13 -19.70 24.26 34.04
N VAL N 14 -20.83 24.91 33.79
CA VAL N 14 -20.83 26.20 33.12
C VAL N 14 -20.34 27.28 34.06
N LYS N 15 -19.08 27.67 33.92
CA LYS N 15 -18.60 28.81 34.67
C LYS N 15 -19.18 30.10 34.10
N MET N 16 -19.20 31.12 34.95
CA MET N 16 -19.62 32.45 34.52
C MET N 16 -18.39 33.24 34.12
N SER N 17 -18.49 33.98 33.02
CA SER N 17 -17.37 34.77 32.52
C SER N 17 -17.12 35.95 33.43
N PHE N 18 -15.89 36.02 33.96
CA PHE N 18 -15.45 37.00 34.96
C PHE N 18 -16.38 37.04 36.17
N GLY N 19 -16.57 35.88 36.78
CA GLY N 19 -17.53 35.79 37.87
C GLY N 19 -17.05 36.46 39.14
N LEU N 20 -15.77 36.33 39.43
CA LEU N 20 -15.24 36.92 40.66
C LEU N 20 -15.14 38.43 40.54
N LEU N 21 -14.81 38.92 39.35
CA LEU N 21 -14.77 40.36 39.14
C LEU N 21 -16.17 40.94 39.12
N ARG N 22 -17.15 40.20 38.60
CA ARG N 22 -18.54 40.67 38.63
C ARG N 22 -19.11 40.67 40.03
N VAL N 23 -18.58 39.83 40.93
CA VAL N 23 -19.06 39.91 42.31
C VAL N 23 -18.34 41.01 43.07
N PHE N 24 -17.03 41.15 42.88
CA PHE N 24 -16.30 42.17 43.59
C PHE N 24 -16.49 43.57 43.03
N SER N 25 -17.12 43.70 41.86
CA SER N 25 -17.51 45.01 41.37
C SER N 25 -18.91 45.40 41.78
N ILE N 26 -19.64 44.51 42.44
CA ILE N 26 -20.96 44.81 42.97
C ILE N 26 -20.98 44.79 44.49
N VAL N 27 -19.96 44.22 45.13
CA VAL N 27 -19.88 44.23 46.58
C VAL N 27 -19.25 45.51 47.09
N ILE N 28 -18.09 45.88 46.55
CA ILE N 28 -17.30 47.02 47.03
C ILE N 28 -17.98 48.37 46.85
N PRO N 29 -18.48 48.78 45.66
CA PRO N 29 -19.10 50.12 45.60
C PRO N 29 -20.46 50.19 46.28
N PHE N 30 -21.04 49.07 46.70
CA PHE N 30 -22.22 49.14 47.55
C PHE N 30 -21.86 49.12 49.02
N LEU N 31 -20.76 48.47 49.39
CA LEU N 31 -20.27 48.58 50.75
C LEU N 31 -19.81 50.01 51.06
N TYR N 32 -19.29 50.71 50.05
CA TYR N 32 -18.88 52.10 50.26
C TYR N 32 -20.08 53.01 50.50
N VAL N 33 -21.15 52.86 49.72
CA VAL N 33 -22.32 53.70 49.93
C VAL N 33 -23.05 53.27 51.20
N GLY N 34 -22.93 52.00 51.59
CA GLY N 34 -23.44 51.61 52.90
C GLY N 34 -22.66 52.19 54.05
N THR N 35 -21.38 52.50 53.82
CA THR N 35 -20.64 53.26 54.82
C THR N 35 -21.11 54.71 54.86
N LEU N 36 -21.26 55.32 53.68
CA LEU N 36 -21.60 56.75 53.58
C LEU N 36 -22.99 57.05 54.13
N ILE N 37 -23.95 56.14 53.90
CA ILE N 37 -25.32 56.33 54.37
C ILE N 37 -25.35 56.35 55.89
N SER N 38 -24.66 55.39 56.49
CA SER N 38 -24.63 55.31 57.94
C SER N 38 -23.86 56.44 58.58
N LYS N 39 -22.79 56.92 57.92
CA LYS N 39 -22.05 58.06 58.43
C LYS N 39 -22.89 59.33 58.41
N ASN N 40 -23.57 59.60 57.29
CA ASN N 40 -24.40 60.79 57.20
C ASN N 40 -25.62 60.71 58.12
N PHE N 41 -26.18 59.52 58.31
CA PHE N 41 -27.32 59.39 59.22
C PHE N 41 -26.89 59.60 60.66
N ALA N 42 -25.73 59.07 61.04
CA ALA N 42 -25.23 59.26 62.40
C ALA N 42 -24.91 60.73 62.66
N ALA N 43 -24.32 61.42 61.69
CA ALA N 43 -24.00 62.83 61.88
C ALA N 43 -25.27 63.68 61.92
N LEU N 44 -26.26 63.36 61.08
CA LEU N 44 -27.51 64.11 61.05
C LEU N 44 -28.33 63.89 62.32
N LEU N 45 -28.26 62.70 62.91
CA LEU N 45 -28.97 62.47 64.16
C LEU N 45 -28.21 63.04 65.35
N GLU N 46 -26.87 63.10 65.26
CA GLU N 46 -26.09 63.66 66.36
C GLU N 46 -26.21 65.18 66.41
N GLU N 47 -26.31 65.84 65.24
CA GLU N 47 -26.29 67.30 65.20
C GLU N 47 -27.56 67.91 65.80
N HIS N 48 -28.69 67.21 65.72
CA HIS N 48 -29.94 67.72 66.24
C HIS N 48 -30.19 67.33 67.69
N ASP N 49 -29.17 66.79 68.37
CA ASP N 49 -29.17 66.51 69.82
C ASP N 49 -30.28 65.51 70.20
N ILE N 50 -30.31 64.39 69.50
CA ILE N 50 -31.23 63.30 69.79
C ILE N 50 -30.52 62.13 70.46
N PHE N 51 -29.53 61.55 69.79
CA PHE N 51 -28.77 60.44 70.34
C PHE N 51 -27.28 60.79 70.33
N VAL N 52 -26.75 61.17 71.48
CA VAL N 52 -25.32 61.33 71.68
C VAL N 52 -24.89 60.37 72.80
N PRO N 53 -23.93 59.48 72.55
CA PRO N 53 -23.56 58.50 73.58
C PRO N 53 -22.73 59.13 74.69
N GLU N 54 -21.71 59.89 74.30
CA GLU N 54 -20.69 60.35 75.23
C GLU N 54 -20.87 61.83 75.54
N VAL O 1 -32.47 5.69 52.94
CA VAL O 1 -33.25 4.50 53.24
C VAL O 1 -32.32 3.38 53.64
N ILE O 2 -32.88 2.20 53.91
CA ILE O 2 -32.07 1.05 54.25
C ILE O 2 -32.27 -0.13 53.29
N VAL O 3 -33.38 -0.20 52.57
CA VAL O 3 -33.66 -1.32 51.68
C VAL O 3 -33.83 -0.80 50.26
N THR O 4 -33.78 -1.72 49.30
CA THR O 4 -34.01 -1.39 47.90
C THR O 4 -35.51 -1.39 47.63
N ARG O 5 -35.90 -1.38 46.36
CA ARG O 5 -37.32 -1.43 46.03
C ARG O 5 -37.89 -2.82 46.29
N SER O 6 -37.05 -3.85 46.26
CA SER O 6 -37.39 -5.15 46.78
C SER O 6 -36.97 -5.20 48.24
N GLY O 7 -36.93 -6.37 48.83
CA GLY O 7 -36.55 -6.41 50.23
C GLY O 7 -35.08 -6.54 50.53
N ALA O 8 -34.20 -6.33 49.55
CA ALA O 8 -32.78 -6.55 49.76
C ALA O 8 -32.20 -5.45 50.65
N ILE O 9 -30.98 -5.67 51.11
CA ILE O 9 -30.32 -4.76 52.04
C ILE O 9 -29.23 -4.00 51.28
N LEU O 10 -29.16 -2.70 51.52
CA LEU O 10 -28.11 -1.88 50.97
C LEU O 10 -26.76 -2.28 51.55
N PRO O 11 -25.67 -2.15 50.78
CA PRO O 11 -24.36 -2.65 51.27
C PRO O 11 -23.78 -1.79 52.38
N LYS O 12 -22.65 -2.24 52.93
CA LYS O 12 -22.04 -1.54 54.04
C LYS O 12 -21.43 -0.23 53.56
N PRO O 13 -21.70 0.89 54.24
CA PRO O 13 -21.12 2.17 53.81
C PRO O 13 -19.62 2.19 54.01
N VAL O 14 -18.91 2.78 53.04
CA VAL O 14 -17.46 2.77 53.05
C VAL O 14 -16.93 3.65 54.19
N LYS O 15 -15.81 3.23 54.74
CA LYS O 15 -15.23 3.87 55.91
C LYS O 15 -13.82 4.34 55.58
N MET O 16 -13.54 5.60 55.90
CA MET O 16 -12.19 6.10 55.75
C MET O 16 -11.30 5.49 56.84
N SER O 17 -10.18 4.90 56.44
CA SER O 17 -9.35 4.16 57.38
C SER O 17 -8.59 5.11 58.28
N PHE O 18 -8.73 4.90 59.59
CA PHE O 18 -8.19 5.75 60.66
C PHE O 18 -8.62 7.20 60.45
N GLY O 19 -9.93 7.42 60.53
CA GLY O 19 -10.47 8.72 60.20
C GLY O 19 -10.19 9.79 61.23
N LEU O 20 -10.35 9.46 62.51
CA LEU O 20 -10.18 10.47 63.55
C LEU O 20 -8.73 10.89 63.71
N LEU O 21 -7.79 9.98 63.57
CA LEU O 21 -6.39 10.40 63.66
C LEU O 21 -5.94 11.15 62.42
N ARG O 22 -6.61 10.95 61.28
CA ARG O 22 -6.28 11.73 60.09
C ARG O 22 -6.88 13.11 60.16
N VAL O 23 -8.01 13.26 60.87
CA VAL O 23 -8.56 14.58 61.07
C VAL O 23 -7.76 15.34 62.12
N PHE O 24 -7.44 14.67 63.24
CA PHE O 24 -6.78 15.33 64.34
C PHE O 24 -5.29 15.53 64.11
N SER O 25 -4.71 14.92 63.09
CA SER O 25 -3.32 15.24 62.75
C SER O 25 -3.22 16.37 61.76
N ILE O 26 -4.33 17.00 61.39
CA ILE O 26 -4.30 18.13 60.49
C ILE O 26 -5.09 19.27 61.13
N VAL O 27 -5.84 18.96 62.18
CA VAL O 27 -6.52 20.02 62.92
C VAL O 27 -5.56 20.68 63.91
N ILE O 28 -4.80 19.89 64.64
CA ILE O 28 -3.94 20.38 65.72
C ILE O 28 -2.75 21.22 65.22
N PRO O 29 -1.89 20.78 64.28
CA PRO O 29 -0.76 21.65 63.92
C PRO O 29 -1.15 22.88 63.11
N PHE O 30 -2.31 22.89 62.46
CA PHE O 30 -2.72 24.12 61.81
C PHE O 30 -3.31 25.09 62.81
N LEU O 31 -3.90 24.57 63.88
CA LEU O 31 -4.33 25.41 64.99
C LEU O 31 -3.13 26.04 65.67
N TYR O 32 -2.04 25.27 65.81
CA TYR O 32 -0.84 25.78 66.44
C TYR O 32 -0.16 26.85 65.58
N VAL O 33 -0.09 26.65 64.27
CA VAL O 33 0.49 27.71 63.44
C VAL O 33 -0.47 28.88 63.28
N GLY O 34 -1.76 28.71 63.52
CA GLY O 34 -2.64 29.86 63.62
C GLY O 34 -2.35 30.71 64.83
N THR O 35 -2.10 30.08 65.98
CA THR O 35 -1.69 30.82 67.17
C THR O 35 -0.33 31.50 66.96
N LEU O 36 0.58 30.83 66.24
CA LEU O 36 1.88 31.45 65.99
C LEU O 36 1.78 32.67 65.08
N ILE O 37 0.95 32.56 64.03
CA ILE O 37 0.74 33.68 63.11
C ILE O 37 0.12 34.86 63.85
N SER O 38 -0.88 34.60 64.69
CA SER O 38 -1.54 35.69 65.40
C SER O 38 -0.63 36.33 66.46
N LYS O 39 0.18 35.52 67.15
CA LYS O 39 1.12 36.06 68.13
C LYS O 39 2.16 36.95 67.48
N ASN O 40 2.77 36.48 66.39
CA ASN O 40 3.79 37.29 65.72
C ASN O 40 3.20 38.53 65.07
N PHE O 41 1.97 38.44 64.55
CA PHE O 41 1.35 39.62 63.95
C PHE O 41 1.00 40.66 65.00
N ALA O 42 0.50 40.24 66.16
CA ALA O 42 0.20 41.20 67.21
C ALA O 42 1.46 41.81 67.80
N ALA O 43 2.53 41.02 67.91
CA ALA O 43 3.81 41.56 68.40
C ALA O 43 4.40 42.56 67.42
N LEU O 44 4.27 42.28 66.11
CA LEU O 44 4.73 43.22 65.11
C LEU O 44 3.90 44.50 65.11
N LEU O 45 2.59 44.37 65.28
CA LEU O 45 1.74 45.56 65.29
C LEU O 45 1.94 46.41 66.53
N GLU O 46 2.33 45.78 67.65
CA GLU O 46 2.61 46.56 68.84
C GLU O 46 3.99 47.18 68.79
N GLU O 47 4.96 46.51 68.16
CA GLU O 47 6.34 47.00 68.17
C GLU O 47 6.54 48.22 67.28
N HIS O 48 5.70 48.41 66.26
CA HIS O 48 5.80 49.53 65.35
C HIS O 48 4.90 50.68 65.73
N ASP O 49 4.30 50.62 66.92
CA ASP O 49 3.52 51.70 67.54
C ASP O 49 2.32 52.09 66.69
N ILE O 50 1.55 51.09 66.28
CA ILE O 50 0.32 51.30 65.52
C ILE O 50 -0.91 51.02 66.38
N PHE O 51 -1.07 49.79 66.85
CA PHE O 51 -2.12 49.42 67.79
C PHE O 51 -1.52 48.82 69.06
N VAL O 52 -1.47 49.60 70.13
CA VAL O 52 -0.99 49.15 71.43
C VAL O 52 -2.19 49.05 72.35
N PRO O 53 -2.44 47.90 72.99
CA PRO O 53 -3.56 47.78 73.93
C PRO O 53 -3.29 48.56 75.20
N GLU O 54 -4.19 49.49 75.52
CA GLU O 54 -4.03 50.36 76.69
C GLU O 54 -5.29 50.38 77.53
N VAL P 1 -46.26 15.80 51.09
CA VAL P 1 -47.39 15.44 50.26
C VAL P 1 -48.44 14.80 51.16
N ILE P 2 -49.70 14.82 50.73
CA ILE P 2 -50.79 14.26 51.54
C ILE P 2 -51.62 13.23 50.80
N VAL P 3 -51.54 13.13 49.48
CA VAL P 3 -52.26 12.13 48.72
C VAL P 3 -51.27 11.30 47.92
N THR P 4 -51.74 10.15 47.46
CA THR P 4 -50.91 9.24 46.69
C THR P 4 -51.03 9.65 45.21
N ARG P 5 -50.56 8.80 44.28
CA ARG P 5 -50.75 9.06 42.85
C ARG P 5 -52.23 9.08 42.50
N SER P 6 -52.92 7.97 42.73
CA SER P 6 -54.37 8.01 42.92
C SER P 6 -54.65 8.85 44.16
N GLY P 7 -55.65 9.73 44.08
CA GLY P 7 -55.90 10.57 45.23
C GLY P 7 -56.46 9.76 46.39
N ALA P 8 -55.60 9.47 47.35
CA ALA P 8 -55.97 8.63 48.47
C ALA P 8 -55.17 9.10 49.65
N ILE P 9 -55.81 9.16 50.82
CA ILE P 9 -55.17 9.75 51.98
C ILE P 9 -54.10 8.81 52.51
N LEU P 10 -52.94 9.38 52.84
CA LEU P 10 -51.83 8.64 53.40
C LEU P 10 -52.20 8.11 54.78
N PRO P 11 -51.52 7.07 55.26
CA PRO P 11 -51.82 6.55 56.60
C PRO P 11 -51.49 7.54 57.70
N LYS P 12 -52.06 7.28 58.87
CA LYS P 12 -51.80 8.13 60.02
C LYS P 12 -50.35 8.00 60.44
N PRO P 13 -49.60 9.10 60.55
CA PRO P 13 -48.17 9.01 60.85
C PRO P 13 -47.93 8.49 62.26
N VAL P 14 -46.92 7.63 62.39
CA VAL P 14 -46.70 6.90 63.63
C VAL P 14 -46.26 7.87 64.72
N LYS P 15 -46.71 7.61 65.93
CA LYS P 15 -46.50 8.50 67.07
C LYS P 15 -45.76 7.77 68.17
N MET P 16 -44.70 8.38 68.68
CA MET P 16 -44.02 7.81 69.85
C MET P 16 -44.93 7.98 71.06
N SER P 17 -45.31 6.87 71.67
CA SER P 17 -46.24 6.89 72.80
C SER P 17 -45.55 7.47 74.04
N PHE P 18 -46.22 8.46 74.66
CA PHE P 18 -45.67 9.31 75.72
C PHE P 18 -44.35 9.93 75.30
N GLY P 19 -44.43 10.74 74.26
CA GLY P 19 -43.22 11.34 73.71
C GLY P 19 -42.64 12.42 74.58
N LEU P 20 -43.46 13.39 74.99
CA LEU P 20 -42.97 14.52 75.77
C LEU P 20 -42.51 14.10 77.16
N LEU P 21 -43.16 13.07 77.75
CA LEU P 21 -42.69 12.57 79.03
C LEU P 21 -41.34 11.90 78.88
N ARG P 22 -41.14 11.13 77.81
CA ARG P 22 -39.86 10.47 77.60
C ARG P 22 -38.77 11.45 77.21
N VAL P 23 -39.12 12.60 76.64
CA VAL P 23 -38.11 13.62 76.37
C VAL P 23 -37.75 14.37 77.64
N PHE P 24 -38.76 14.81 78.39
CA PHE P 24 -38.50 15.60 79.59
C PHE P 24 -38.02 14.78 80.77
N SER P 25 -38.05 13.45 80.69
CA SER P 25 -37.46 12.63 81.73
C SER P 25 -36.02 12.26 81.40
N ILE P 26 -35.50 12.73 80.27
CA ILE P 26 -34.11 12.53 79.90
C ILE P 26 -33.38 13.85 79.67
N VAL P 27 -34.11 14.95 79.52
CA VAL P 27 -33.46 16.26 79.44
C VAL P 27 -33.08 16.75 80.82
N ILE P 28 -34.05 16.77 81.75
CA ILE P 28 -33.88 17.36 83.08
C ILE P 28 -32.90 16.57 83.96
N PRO P 29 -32.93 15.22 84.07
CA PRO P 29 -31.91 14.54 84.89
C PRO P 29 -30.51 14.65 84.33
N PHE P 30 -30.33 14.99 83.06
CA PHE P 30 -28.99 15.27 82.56
C PHE P 30 -28.63 16.73 82.68
N LEU P 31 -29.62 17.64 82.64
CA LEU P 31 -29.34 19.05 82.86
C LEU P 31 -28.91 19.33 84.30
N TYR P 32 -29.42 18.55 85.25
CA TYR P 32 -29.01 18.76 86.63
C TYR P 32 -27.60 18.23 86.87
N VAL P 33 -27.27 17.10 86.25
CA VAL P 33 -25.91 16.58 86.28
C VAL P 33 -24.95 17.56 85.60
N GLY P 34 -25.41 18.21 84.53
CA GLY P 34 -24.63 19.25 83.88
C GLY P 34 -24.32 20.43 84.78
N THR P 35 -25.28 20.81 85.64
CA THR P 35 -24.96 21.90 86.56
C THR P 35 -24.01 21.43 87.67
N LEU P 36 -24.25 20.25 88.24
CA LEU P 36 -23.45 19.84 89.40
C LEU P 36 -22.01 19.50 89.02
N ILE P 37 -21.79 19.00 87.79
CA ILE P 37 -20.43 18.69 87.34
C ILE P 37 -19.60 19.96 87.25
N SER P 38 -20.15 20.99 86.61
CA SER P 38 -19.41 22.24 86.50
C SER P 38 -19.28 22.95 87.84
N LYS P 39 -20.23 22.78 88.75
CA LYS P 39 -20.09 23.37 90.09
C LYS P 39 -18.93 22.73 90.84
N ASN P 40 -18.86 21.39 90.84
CA ASN P 40 -17.79 20.69 91.51
C ASN P 40 -16.45 20.97 90.87
N PHE P 41 -16.42 21.11 89.53
CA PHE P 41 -15.17 21.38 88.83
C PHE P 41 -14.66 22.79 89.12
N ALA P 42 -15.56 23.77 89.22
CA ALA P 42 -15.11 25.12 89.54
C ALA P 42 -14.71 25.24 91.00
N ALA P 43 -15.34 24.47 91.88
CA ALA P 43 -14.89 24.46 93.27
C ALA P 43 -13.56 23.72 93.40
N LEU P 44 -13.29 22.77 92.49
CA LEU P 44 -11.99 22.12 92.47
C LEU P 44 -10.92 23.09 91.99
N LEU P 45 -11.26 23.97 91.08
CA LEU P 45 -10.24 24.86 90.53
C LEU P 45 -9.94 26.01 91.48
N GLU P 46 -10.96 26.49 92.20
CA GLU P 46 -10.75 27.63 93.09
C GLU P 46 -9.96 27.25 94.34
N GLU P 47 -9.93 25.97 94.73
CA GLU P 47 -9.16 25.57 95.89
C GLU P 47 -7.73 25.16 95.58
N HIS P 48 -7.41 24.90 94.31
CA HIS P 48 -6.05 24.59 93.92
C HIS P 48 -5.35 25.77 93.27
N ASP P 49 -6.02 26.92 93.18
CA ASP P 49 -5.49 28.20 92.72
C ASP P 49 -4.98 28.13 91.28
N ILE P 50 -5.88 27.72 90.38
CA ILE P 50 -5.65 27.81 88.95
C ILE P 50 -6.48 28.91 88.31
N PHE P 51 -7.75 29.04 88.72
CA PHE P 51 -8.57 30.17 88.32
C PHE P 51 -9.43 30.61 89.49
N VAL P 52 -9.49 31.92 89.70
CA VAL P 52 -10.38 32.56 90.66
C VAL P 52 -11.18 33.58 89.86
N PRO P 53 -12.48 33.74 90.10
CA PRO P 53 -13.23 34.83 89.45
C PRO P 53 -12.66 36.18 89.85
N GLU P 54 -12.12 36.89 88.87
CA GLU P 54 -11.35 38.10 89.12
C GLU P 54 -12.26 39.30 89.34
C1 CDL Q . 45.93 15.04 -14.09
O1 CDL Q . 45.68 15.90 -15.20
CA2 CDL Q . 46.06 13.61 -14.57
OA2 CDL Q . 47.15 13.52 -15.53
PA1 CDL Q . 47.54 12.08 -16.11
OA3 CDL Q . 47.60 11.09 -14.99
OA4 CDL Q . 46.63 11.83 -17.29
OA5 CDL Q . 49.03 12.31 -16.68
CA3 CDL Q . 49.47 13.65 -16.98
CA4 CDL Q . 50.83 13.89 -16.36
OA6 CDL Q . 50.85 14.99 -15.40
CA5 CDL Q . 50.40 16.21 -15.72
OA7 CDL Q . 50.21 16.68 -16.82
C11 CDL Q . 50.14 17.06 -14.51
C12 CDL Q . 49.76 18.46 -14.88
C13 CDL Q . 50.83 19.46 -14.53
C14 CDL Q . 51.78 19.79 -15.67
C15 CDL Q . 53.20 19.98 -15.22
C16 CDL Q . 54.02 20.89 -16.11
C17 CDL Q . 55.03 21.72 -15.35
C18 CDL Q . 56.41 21.74 -15.95
C19 CDL Q . 57.44 22.43 -15.09
C20 CDL Q . 58.84 21.91 -15.22
C21 CDL Q . 59.88 22.73 -14.50
C22 CDL Q . 59.71 24.22 -14.68
C23 CDL Q . 60.98 24.97 -15.00
C24 CDL Q . 61.14 26.27 -14.26
C25 CDL Q . 62.16 27.21 -14.87
C26 CDL Q . 62.66 28.29 -13.93
C27 CDL Q . 62.86 29.62 -14.60
CA6 CDL Q . 51.95 14.04 -17.37
OA8 CDL Q . 53.16 14.40 -16.68
CA7 CDL Q . 53.84 15.42 -17.20
OA9 CDL Q . 53.61 15.89 -18.28
C31 CDL Q . 54.96 15.86 -16.31
C32 CDL Q . 55.91 16.80 -16.98
C33 CDL Q . 57.04 17.25 -16.08
C34 CDL Q . 58.18 16.27 -15.98
C35 CDL Q . 59.50 16.89 -15.58
C36 CDL Q . 60.05 17.86 -16.58
C37 CDL Q . 61.53 18.13 -16.45
C38 CDL Q . 61.90 19.59 -16.39
C39 CDL Q . 63.35 19.85 -16.08
C40 CDL Q . 63.58 20.81 -14.93
C41 CDL Q . 64.68 21.82 -15.16
C42 CDL Q . 64.84 22.83 -14.05
C43 CDL Q . 65.70 24.01 -14.40
C44 CDL Q . 67.05 24.06 -13.72
C45 CDL Q . 68.23 24.08 -14.66
C46 CDL Q . 69.50 24.65 -14.09
C47 CDL Q . 70.26 23.69 -13.20
CB2 CDL Q . 44.85 15.22 -13.05
OB2 CDL Q . 43.57 15.29 -13.72
PB2 CDL Q . 42.39 16.14 -13.02
OB3 CDL Q . 42.41 15.82 -11.56
OB4 CDL Q . 41.13 16.01 -13.83
OB5 CDL Q . 42.96 17.63 -13.20
CB3 CDL Q . 42.73 18.35 -14.45
CB4 CDL Q . 43.73 19.49 -14.50
OB6 CDL Q . 44.99 18.96 -15.00
CB5 CDL Q . 45.46 19.39 -16.18
OB7 CDL Q . 46.11 18.67 -16.90
C51 CDL Q . 45.17 20.82 -16.55
C52 CDL Q . 46.40 21.59 -16.93
C53 CDL Q . 46.47 22.94 -16.24
C54 CDL Q . 47.83 23.31 -15.71
C55 CDL Q . 47.91 24.66 -15.01
C56 CDL Q . 46.91 25.69 -15.51
C57 CDL Q . 47.41 27.11 -15.44
C58 CDL Q . 46.40 28.13 -15.94
C59 CDL Q . 46.51 29.49 -15.30
C60 CDL Q . 45.37 30.42 -15.64
C61 CDL Q . 45.60 31.29 -16.85
C62 CDL Q . 44.85 32.60 -16.83
C63 CDL Q . 44.86 33.35 -18.14
C64 CDL Q . 45.13 34.82 -18.02
C65 CDL Q . 44.57 35.64 -19.16
C66 CDL Q . 45.35 36.89 -19.50
C67 CDL Q . 44.90 37.56 -20.77
CB6 CDL Q . 43.91 20.13 -13.14
OB8 CDL Q . 45.30 20.40 -12.89
CB7 CDL Q . 45.79 19.87 -11.77
OB9 CDL Q . 45.11 19.54 -10.85
C71 CDL Q . 47.30 19.78 -11.79
C72 CDL Q . 47.87 19.81 -10.40
C73 CDL Q . 49.39 19.92 -10.40
C74 CDL Q . 49.96 20.97 -11.31
C75 CDL Q . 51.22 21.63 -10.79
C76 CDL Q . 52.39 21.57 -11.74
C77 CDL Q . 53.71 21.29 -11.07
C78 CDL Q . 54.79 22.29 -11.38
C79 CDL Q . 55.40 22.95 -10.17
C80 CDL Q . 56.80 23.48 -10.38
C81 CDL Q . 57.78 23.06 -9.31
C82 CDL Q . 59.21 22.95 -9.80
C83 CDL Q . 60.27 22.96 -8.72
C84 CDL Q . 59.82 23.48 -7.36
C85 CDL Q . 60.95 23.76 -6.40
C86 CDL Q . 60.76 23.32 -4.97
C87 CDL Q . 59.35 22.93 -4.56
C23 PLX R . 40.33 23.00 -14.79
C22 PLX R . 40.38 23.19 -16.29
C21 PLX R . 41.65 23.95 -16.66
C20 PLX R . 41.38 24.78 -17.92
C19 PLX R . 42.52 25.79 -18.17
C18 PLX R . 43.84 25.01 -18.35
C17 PLX R . 44.91 25.90 -19.03
C16 PLX R . 46.17 25.03 -19.22
C15 PLX R . 47.28 25.75 -19.99
C14 PLX R . 48.24 24.69 -20.50
C13 PLX R . 47.55 23.85 -21.55
C12 PLX R . 48.08 22.42 -21.54
C11 PLX R . 49.22 22.32 -22.51
C10 PLX R . 48.95 21.19 -23.50
C9 PLX R . 49.59 21.51 -24.86
C8 PLX R . 51.09 21.89 -24.70
C7 PLX R . 51.66 22.35 -26.05
C6 PLX R . 52.59 21.23 -26.59
O7 PLX R . 51.82 20.18 -27.04
O6 PLX R . 53.37 21.70 -27.66
C4 PLX R . 54.59 21.02 -27.78
C3 PLX R . 55.03 21.00 -29.23
O4 PLX R . 56.43 20.75 -29.27
P1 PLX R . 56.99 19.80 -30.50
O1 PLX R . 55.83 18.66 -30.88
C2 PLX R . 56.23 17.32 -30.94
C1 PLX R . 55.17 16.52 -31.72
N1 PLX R . 54.57 15.48 -30.90
C1C PLX R . 55.58 14.56 -30.41
C1B PLX R . 53.88 16.07 -29.80
C1A PLX R . 53.63 14.74 -31.70
O2 PLX R . 58.24 19.17 -30.15
C5 PLX R . 55.64 21.72 -26.94
O8 PLX R . 55.97 20.88 -25.86
C24 PLX R . 55.94 21.56 -24.63
O9 PLX R . 56.95 22.52 -24.62
C25 PLX R . 56.17 20.55 -23.50
C26 PLX R . 54.81 19.95 -23.08
C27 PLX R . 54.92 18.41 -23.02
C28 PLX R . 53.52 17.85 -22.75
C29 PLX R . 53.45 17.29 -21.34
C30 PLX R . 52.00 16.90 -21.03
C31 PLX R . 51.29 18.08 -20.37
C32 PLX R . 49.82 18.06 -20.76
C33 PLX R . 49.03 17.09 -19.88
C34 PLX R . 47.55 17.17 -20.21
C35 PLX R . 47.32 16.69 -21.65
C36 PLX R . 46.53 17.73 -22.44
C37 PLX R . 46.74 17.50 -23.94
C38 PLX R . 46.28 18.72 -24.74
C39 PLX R . 46.74 18.55 -26.19
O3 PLX R . 57.37 20.58 -31.67
C23 PLX S . 55.31 28.70 -40.70
C22 PLX S . 55.07 29.86 -39.78
C21 PLX S . 56.12 30.92 -40.02
C20 PLX S . 56.38 31.73 -38.74
C19 PLX S . 57.31 32.90 -39.09
C18 PLX S . 57.75 33.67 -37.82
C17 PLX S . 58.97 34.55 -38.20
C16 PLX S . 59.42 35.38 -36.98
C15 PLX S . 60.78 36.04 -37.29
C14 PLX S . 60.58 37.22 -38.22
C13 PLX S . 61.68 38.24 -37.96
C12 PLX S . 61.10 39.64 -38.05
C11 PLX S . 60.96 40.21 -36.65
C10 PLX S . 62.21 41.02 -36.31
C9 PLX S . 61.76 42.41 -35.83
C8 PLX S . 62.82 42.94 -34.83
C7 PLX S . 64.15 43.18 -35.57
C6 PLX S . 64.84 44.48 -35.08
O7 PLX S . 64.04 45.14 -34.16
O6 PLX S . 66.07 44.16 -34.48
C4 PLX S . 67.18 44.80 -35.07
C3 PLX S . 67.93 45.59 -33.99
O4 PLX S . 67.21 46.76 -33.67
P1 PLX S . 67.25 47.33 -32.10
O1 PLX S . 66.15 48.57 -31.92
C2 PLX S . 64.81 48.24 -31.61
C1 PLX S . 64.23 49.29 -30.64
N1 PLX S . 63.22 50.15 -31.27
C1C PLX S . 62.69 51.06 -30.29
C1B PLX S . 63.80 50.92 -32.34
C1A PLX S . 62.12 49.35 -31.79
O2 PLX S . 67.00 46.27 -31.16
C5 PLX S . 68.09 43.76 -35.71
O3 PLX S . 68.58 47.74 -31.70
CA CA T . 74.44 29.21 -32.47
CA CA U . 78.93 33.23 -32.12
CA CA V . 70.67 25.27 -32.92
C1 CDL W . 40.01 23.86 -46.45
O1 CDL W . 38.70 24.28 -46.08
CA2 CDL W . 41.11 23.92 -45.43
OA2 CDL W . 40.43 23.26 -44.32
PA1 CDL W . 41.22 22.82 -43.00
OA3 CDL W . 42.00 21.57 -43.31
OA4 CDL W . 40.13 22.72 -41.96
OA5 CDL W . 42.10 24.06 -42.52
CA3 CDL W . 43.21 23.83 -41.62
CA4 CDL W . 44.11 25.03 -41.50
OA6 CDL W . 44.43 25.62 -42.80
CA5 CDL W . 43.65 26.62 -43.25
OA7 CDL W . 42.53 26.79 -42.87
C11 CDL W . 44.27 27.55 -44.23
C12 CDL W . 45.49 27.03 -44.90
C13 CDL W . 46.74 27.61 -44.28
C14 CDL W . 47.88 27.85 -45.23
C15 CDL W . 48.80 28.96 -44.80
C16 CDL W . 48.08 30.12 -44.16
C17 CDL W . 48.71 31.48 -44.31
C18 CDL W . 48.39 32.41 -43.19
C19 CDL W . 48.43 33.88 -43.53
C20 CDL W . 47.14 34.41 -44.12
C21 CDL W . 46.83 35.83 -43.74
C22 CDL W . 45.63 35.97 -42.83
C23 CDL W . 45.51 37.33 -42.19
C24 CDL W . 45.92 37.37 -40.75
C25 CDL W . 46.73 38.58 -40.36
C26 CDL W . 47.91 38.27 -39.47
C27 CDL W . 49.09 37.69 -40.21
CA6 CDL W . 45.40 24.70 -40.77
OA8 CDL W . 45.79 25.82 -39.95
CA7 CDL W . 46.93 26.43 -40.28
OA9 CDL W . 47.68 25.99 -41.11
C31 CDL W . 47.17 27.66 -39.48
C32 CDL W . 48.62 27.86 -39.16
C33 CDL W . 48.92 29.30 -38.81
C34 CDL W . 48.49 29.71 -37.42
C35 CDL W . 49.61 29.69 -36.40
C36 CDL W . 50.84 30.45 -36.85
C37 CDL W . 51.51 31.24 -35.77
C38 CDL W . 52.69 32.05 -36.24
C39 CDL W . 53.12 33.12 -35.26
C40 CDL W . 53.00 34.52 -35.81
C41 CDL W . 53.88 35.53 -35.10
C42 CDL W . 54.12 36.80 -35.88
C43 CDL W . 55.57 37.12 -36.11
C44 CDL W . 56.06 38.33 -35.33
C45 CDL W . 57.20 38.04 -34.39
C46 CDL W . 58.05 39.24 -34.07
C47 CDL W . 57.89 39.73 -32.64
CB2 CDL W . 40.24 23.19 -47.78
OB2 CDL W . 39.23 23.40 -48.82
PB2 CDL W . 38.66 24.85 -49.21
OB3 CDL W . 37.65 25.32 -48.20
OB4 CDL W . 38.15 24.62 -50.61
OB5 CDL W . 39.95 25.77 -49.44
CB3 CDL W . 40.46 25.85 -50.80
CB4 CDL W . 41.59 26.83 -50.97
OB6 CDL W . 42.01 26.77 -52.36
CB5 CDL W . 41.22 27.38 -53.26
OB7 CDL W . 40.47 28.26 -52.96
C51 CDL W . 41.40 26.91 -54.69
C52 CDL W . 40.41 27.53 -55.64
C53 CDL W . 40.69 27.20 -57.10
C54 CDL W . 41.85 27.95 -57.69
C55 CDL W . 42.84 27.12 -58.49
C56 CDL W . 42.61 27.06 -59.98
C57 CDL W . 43.68 26.25 -60.68
C58 CDL W . 43.23 25.44 -61.88
C59 CDL W . 43.43 23.96 -61.68
C60 CDL W . 42.68 23.08 -62.65
C61 CDL W . 41.27 22.77 -62.25
C62 CDL W . 40.58 21.64 -63.01
C63 CDL W . 39.68 22.01 -64.18
C64 CDL W . 40.25 21.99 -65.59
C65 CDL W . 41.30 23.00 -65.93
C66 CDL W . 42.19 22.58 -67.07
C67 CDL W . 42.88 23.72 -67.76
CB6 CDL W . 42.72 26.56 -50.00
OB8 CDL W . 43.56 25.49 -50.47
CB7 CDL W . 44.63 25.23 -49.73
OB9 CDL W . 44.64 24.42 -48.84
C71 CDL W . 45.83 26.03 -50.14
C72 CDL W . 46.25 27.03 -49.11
C73 CDL W . 46.86 28.29 -49.69
C74 CDL W . 47.76 29.01 -48.72
C75 CDL W . 48.85 29.87 -49.33
C76 CDL W . 49.85 30.33 -48.31
C77 CDL W . 51.26 30.57 -48.81
C78 CDL W . 52.08 31.45 -47.90
C79 CDL W . 53.11 30.71 -47.07
C80 CDL W . 53.29 31.29 -45.69
C81 CDL W . 54.47 32.20 -45.53
C82 CDL W . 55.59 31.62 -44.70
C83 CDL W . 56.43 32.65 -43.96
C84 CDL W . 57.91 32.47 -44.12
C85 CDL W . 58.59 33.55 -44.92
C86 CDL W . 60.07 33.66 -44.70
C87 CDL W . 60.46 34.65 -43.63
C23 PLX X . 43.57 24.37 -56.29
C22 PLX X . 44.69 23.72 -55.52
C21 PLX X . 45.46 24.75 -54.69
C20 PLX X . 46.74 25.18 -55.42
C19 PLX X . 47.67 25.65 -54.29
C18 PLX X . 48.96 26.33 -54.78
C17 PLX X . 50.00 26.09 -53.65
C16 PLX X . 49.47 26.57 -52.28
C15 PLX X . 50.62 26.48 -51.25
C14 PLX X . 50.10 25.58 -50.14
C13 PLX X . 51.25 24.95 -49.38
C12 PLX X . 50.83 23.54 -49.01
C11 PLX X . 51.16 23.29 -47.56
C10 PLX X . 52.18 22.17 -47.52
C9 PLX X . 53.44 22.67 -46.82
C8 PLX X . 54.35 21.45 -46.49
C7 PLX X . 55.48 21.93 -45.55
C6 PLX X . 55.53 21.05 -44.27
O7 PLX X . 54.94 19.83 -44.53
O6 PLX X . 56.86 20.84 -43.91
C4 PLX X . 57.15 21.20 -42.59
C3 PLX X . 58.34 20.38 -42.10
O4 PLX X . 58.11 20.02 -40.76
P1 PLX X . 59.05 18.80 -40.16
O1 PLX X . 58.16 17.40 -40.03
C2 PLX X . 56.84 17.52 -39.56
C1 PLX X . 55.89 16.67 -40.42
N1 PLX X . 55.43 15.48 -39.71
C1C PLX X . 54.75 15.84 -38.49
C1B PLX X . 54.52 14.76 -40.55
C1A PLX X . 56.53 14.60 -39.40
O2 PLX X . 59.66 19.18 -38.91
C5 PLX X . 57.52 22.67 -42.53
O8 PLX X . 56.77 23.28 -41.51
C24 PLX X . 55.72 24.08 -42.00
O9 PLX X . 56.16 25.39 -42.10
C25 PLX X . 54.54 24.00 -41.02
C26 PLX X . 53.23 24.16 -41.80
C27 PLX X . 52.28 22.99 -41.42
C28 PLX X . 50.90 23.57 -41.15
C29 PLX X . 49.89 22.92 -42.09
C30 PLX X . 49.36 24.00 -43.04
C31 PLX X . 48.93 23.37 -44.36
C32 PLX X . 47.58 22.70 -44.20
C33 PLX X . 46.93 22.58 -45.58
C34 PLX X . 46.29 21.20 -45.69
C35 PLX X . 46.80 20.51 -46.95
C36 PLX X . 48.29 20.16 -46.79
C37 PLX X . 48.64 18.88 -47.56
C38 PLX X . 50.15 18.71 -47.59
C39 PLX X . 50.53 17.36 -46.96
O3 PLX X . 60.22 18.60 -41.00
C23 PLX Y . 70.35 14.86 -47.34
C22 PLX Y . 70.32 15.85 -48.48
C21 PLX Y . 70.39 17.27 -47.92
C20 PLX Y . 71.34 18.11 -48.80
C19 PLX Y . 71.34 19.57 -48.31
C18 PLX Y . 72.64 20.26 -48.77
C17 PLX Y . 72.85 21.56 -47.96
C16 PLX Y . 74.26 22.12 -48.25
C15 PLX Y . 74.24 23.64 -48.07
C14 PLX Y . 75.30 24.28 -48.98
C13 PLX Y . 76.53 24.60 -48.17
C12 PLX Y . 77.69 25.01 -49.09
C11 PLX Y . 77.26 26.18 -49.94
C10 PLX Y . 77.80 27.47 -49.36
C9 PLX Y . 78.01 28.45 -50.52
C8 PLX Y . 78.31 29.87 -49.96
C7 PLX Y . 79.84 30.11 -50.03
C6 PLX Y . 80.09 31.49 -50.70
O7 PLX Y . 79.21 31.66 -51.74
O6 PLX Y . 79.89 32.52 -49.76
C4 PLX Y . 81.08 33.14 -49.33
C3 PLX Y . 81.60 34.09 -50.41
O4 PLX Y . 80.53 34.76 -51.03
P1 PLX Y . 80.86 36.08 -51.99
O1 PLX Y . 80.61 35.70 -53.60
C2 PLX Y . 81.01 34.43 -54.08
C1 PLX Y . 80.30 34.13 -55.42
N1 PLX Y . 80.57 32.79 -55.92
C1C PLX Y . 81.98 32.64 -56.18
C1B PLX Y . 79.84 32.58 -57.13
C1A PLX Y . 80.16 31.78 -54.95
O2 PLX Y . 80.05 37.23 -51.60
C5 PLX Y . 80.80 33.93 -48.05
O3 PLX Y . 82.20 36.58 -51.77
C1 CDL Z . 63.84 4.05 -56.17
O1 CDL Z . 63.29 3.07 -55.28
CA2 CDL Z . 62.76 4.70 -56.99
OA2 CDL Z . 61.37 4.67 -56.51
PA1 CDL Z . 60.96 5.18 -55.04
OA3 CDL Z . 59.46 5.10 -55.11
OA4 CDL Z . 61.66 4.47 -53.92
OA5 CDL Z . 61.43 6.71 -55.04
CA3 CDL Z . 62.20 7.22 -53.91
CA4 CDL Z . 63.16 8.25 -54.45
OA6 CDL Z . 64.54 7.96 -54.09
CA5 CDL Z . 65.39 7.79 -55.12
OA7 CDL Z . 65.04 7.20 -56.10
C11 CDL Z . 66.75 8.42 -55.01
C12 CDL Z . 67.73 7.63 -54.19
C13 CDL Z . 68.64 8.50 -53.33
C14 CDL Z . 68.79 9.93 -53.81
C15 CDL Z . 69.35 10.90 -52.80
C16 CDL Z . 69.75 12.23 -53.40
C17 CDL Z . 69.23 13.44 -52.69
C18 CDL Z . 70.31 14.41 -52.27
C19 CDL Z . 70.70 15.40 -53.35
C20 CDL Z . 71.21 16.72 -52.84
C21 CDL Z . 72.56 17.11 -53.40
C22 CDL Z . 73.41 17.94 -52.47
C23 CDL Z . 74.69 18.44 -53.08
C24 CDL Z . 75.58 19.22 -52.15
C25 CDL Z . 77.00 19.38 -52.63
C26 CDL Z . 77.87 20.25 -51.76
C27 CDL Z . 79.22 20.58 -52.36
CA6 CDL Z . 62.83 9.65 -54.00
OA8 CDL Z . 63.26 9.85 -52.63
CA7 CDL Z . 64.18 10.79 -52.39
OA9 CDL Z . 65.03 10.67 -51.54
C31 CDL Z . 64.02 12.06 -53.18
C32 CDL Z . 65.19 12.97 -52.98
C33 CDL Z . 65.03 14.33 -53.62
C34 CDL Z . 64.99 15.46 -52.62
C35 CDL Z . 65.81 16.68 -53.00
C36 CDL Z . 66.29 17.47 -51.81
C37 CDL Z . 66.66 18.90 -52.09
C38 CDL Z . 67.97 19.30 -51.48
C39 CDL Z . 68.21 20.79 -51.41
C40 CDL Z . 69.13 21.31 -52.50
C41 CDL Z . 70.51 21.68 -52.01
C42 CDL Z . 71.18 22.76 -52.83
C43 CDL Z . 72.01 23.72 -52.02
C44 CDL Z . 72.49 24.93 -52.78
C45 CDL Z . 72.69 26.16 -51.94
C46 CDL Z . 73.14 27.38 -52.70
C47 CDL Z . 72.47 28.66 -52.26
CB2 CDL Z . 64.94 3.39 -56.98
OB2 CDL Z . 64.55 2.02 -57.32
PB2 CDL Z . 64.90 1.40 -58.77
OB3 CDL Z . 64.33 2.29 -59.84
OB4 CDL Z . 64.53 -0.05 -58.73
OB5 CDL Z . 66.50 1.45 -58.86
CB3 CDL Z . 67.28 0.91 -57.77
CB4 CDL Z . 68.77 1.11 -58.01
OB6 CDL Z . 69.65 0.29 -57.18
CB5 CDL Z . 69.93 0.60 -55.88
OB7 CDL Z . 71.05 0.38 -55.53
C51 CDL Z . 68.96 0.97 -54.76
C52 CDL Z . 69.34 2.26 -54.12
C53 CDL Z . 69.83 2.14 -52.69
C54 CDL Z . 69.41 3.28 -51.78
C55 CDL Z . 69.84 4.68 -52.19
C56 CDL Z . 71.28 4.80 -52.67
C57 CDL Z . 71.78 6.20 -52.88
C58 CDL Z . 72.61 6.36 -54.13
C59 CDL Z . 73.33 7.69 -54.29
C60 CDL Z . 73.53 8.46 -53.01
C61 CDL Z . 74.93 9.01 -52.83
C62 CDL Z . 75.30 9.28 -51.40
C63 CDL Z . 74.30 10.12 -50.65
C64 CDL Z . 74.73 11.56 -50.46
C65 CDL Z . 73.70 12.43 -49.78
C66 CDL Z . 73.75 13.87 -50.22
C67 CDL Z . 74.20 14.82 -49.14
CB6 CDL Z . 69.19 2.56 -57.86
OB8 CDL Z . 69.35 3.22 -59.13
CB7 CDL Z . 69.52 4.54 -59.01
OB9 CDL Z . 70.31 5.03 -58.25
C71 CDL Z . 68.58 5.32 -59.88
C72 CDL Z . 69.08 6.72 -60.11
C73 CDL Z . 68.59 7.34 -61.41
C74 CDL Z . 69.10 8.74 -61.61
C75 CDL Z . 68.25 9.61 -62.50
C76 CDL Z . 68.92 10.90 -62.88
C77 CDL Z . 68.11 12.14 -62.63
C78 CDL Z . 68.94 13.32 -62.18
C79 CDL Z . 68.62 14.62 -62.89
C80 CDL Z . 69.25 15.83 -62.25
C81 CDL Z . 68.40 17.07 -62.30
C82 CDL Z . 68.49 17.85 -63.58
C83 CDL Z . 67.32 18.78 -63.82
C84 CDL Z . 67.64 20.24 -63.62
C85 CDL Z . 66.81 21.18 -64.46
C86 CDL Z . 66.94 22.63 -64.09
C87 CDL Z . 67.34 23.53 -65.23
C23 PLX AA . 73.47 -3.20 -55.71
C22 PLX AA . 73.12 -3.22 -54.24
C21 PLX AA . 72.69 -1.82 -53.81
C20 PLX AA . 73.73 -1.19 -52.88
C19 PLX AA . 73.41 0.31 -52.69
C18 PLX AA . 74.22 0.87 -51.51
C17 PLX AA . 73.75 2.32 -51.21
C16 PLX AA . 74.36 2.82 -49.88
C15 PLX AA . 73.73 4.16 -49.50
C14 PLX AA . 72.23 3.97 -49.24
C13 PLX AA . 71.64 5.25 -48.66
C12 PLX AA . 70.27 4.98 -48.08
C11 PLX AA . 69.94 6.04 -47.05
C10 PLX AA . 69.16 5.43 -45.91
C9 PLX AA . 68.53 6.56 -45.08
C8 PLX AA . 69.63 7.17 -44.17
C7 PLX AA . 69.11 7.27 -42.73
C6 PLX AA . 68.06 8.41 -42.64
O7 PLX AA . 67.09 8.05 -41.73
O6 PLX AA . 68.69 9.59 -42.19
C4 PLX AA . 67.79 10.65 -42.00
C3 PLX AA . 67.80 11.07 -40.53
O4 PLX AA . 66.54 11.63 -40.24
P1 PLX AA . 66.24 12.05 -38.66
O1 PLX AA . 65.01 11.09 -38.07
C2 PLX AA . 63.80 11.10 -38.78
C1 PLX AA . 62.95 9.88 -38.36
N1 PLX AA . 61.84 9.66 -39.29
C1C PLX AA . 60.94 10.77 -39.27
C1B PLX AA . 62.34 9.44 -40.61
C1A PLX AA . 61.12 8.48 -38.87
O2 PLX AA . 65.91 13.45 -38.54
C5 PLX AA . 68.22 11.83 -42.86
O8 PLX AA . 68.31 11.41 -44.21
C24 PLX AA . 67.44 12.08 -45.09
O9 PLX AA . 66.17 12.06 -44.56
C25 PLX AA . 67.45 11.36 -46.44
C26 PLX AA . 66.34 10.30 -46.49
C27 PLX AA . 65.37 10.63 -47.65
C28 PLX AA . 65.10 9.37 -48.46
C29 PLX AA . 66.40 8.88 -49.10
C30 PLX AA . 66.08 7.90 -50.23
C31 PLX AA . 65.68 6.54 -49.65
C32 PLX AA . 65.62 5.52 -50.79
C33 PLX AA . 65.89 4.15 -50.17
C34 PLX AA . 64.75 3.81 -49.22
C35 PLX AA . 65.17 2.58 -48.41
C36 PLX AA . 66.08 3.04 -47.27
C37 PLX AA . 66.12 1.96 -46.18
C38 PLX AA . 65.40 2.49 -44.95
C39 PLX AA . 66.29 3.57 -44.31
O3 PLX AA . 67.43 11.95 -37.86
C23 PLX BA . 75.85 7.80 -23.83
C22 PLX BA . 75.71 9.10 -24.61
C21 PLX BA . 74.78 8.87 -25.80
C20 PLX BA . 74.84 10.09 -26.73
C19 PLX BA . 74.89 9.62 -28.19
C18 PLX BA . 76.37 9.44 -28.60
C17 PLX BA . 76.97 10.82 -28.99
C16 PLX BA . 78.50 10.76 -28.87
C15 PLX BA . 79.12 12.02 -29.52
C14 PLX BA . 79.45 13.04 -28.44
C13 PLX BA . 80.27 14.17 -29.04
C12 PLX BA . 81.34 14.58 -28.04
C11 PLX BA . 82.58 15.03 -28.79
C10 PLX BA . 83.62 15.52 -27.79
C9 PLX BA . 85.00 14.95 -28.18
C8 PLX BA . 85.69 15.91 -29.18
C7 PLX BA . 87.20 15.97 -28.87
C6 PLX BA . 87.88 17.10 -29.68
O7 PLX BA . 86.93 18.02 -30.07
O6 PLX BA . 88.82 17.75 -28.84
C4 PLX BA . 90.09 17.94 -29.39
C3 PLX BA . 90.05 19.13 -30.35
O4 PLX BA . 91.11 19.09 -31.29
P1 PLX BA . 92.46 20.05 -31.07
O1 PLX BA . 93.18 20.33 -32.55
C2 PLX BA . 94.45 20.94 -32.58
C1 PLX BA . 94.83 21.19 -34.07
N1 PLX BA . 95.94 20.34 -34.50
C1C PLX BA . 96.16 20.58 -35.91
C1B PLX BA . 97.13 20.67 -33.77
C1A PLX BA . 95.66 18.93 -34.32
O2 PLX BA . 92.14 21.29 -30.39
C5 PLX BA . 91.06 18.20 -28.24
O3 PLX BA . 93.42 19.44 -30.16
C1 CDL CA . 68.52 -7.04 -25.01
O1 CDL CA . 69.17 -8.17 -25.59
CA2 CDL CA . 68.47 -5.74 -25.78
OA2 CDL CA . 68.04 -6.34 -27.02
PA1 CDL CA . 67.29 -5.50 -28.16
OA3 CDL CA . 66.17 -4.73 -27.50
OA4 CDL CA . 66.91 -6.55 -29.15
OA5 CDL CA . 68.28 -4.58 -29.01
CA3 CDL CA . 68.22 -3.14 -28.91
CA4 CDL CA . 69.56 -2.53 -28.54
OA6 CDL CA . 69.96 -2.67 -27.15
CA5 CDL CA . 71.27 -2.71 -26.86
OA7 CDL CA . 72.13 -2.20 -27.53
C11 CDL CA . 71.59 -3.39 -25.55
C12 CDL CA . 72.25 -2.51 -24.51
C13 CDL CA . 71.92 -1.01 -24.63
C14 CDL CA . 73.00 -0.16 -25.27
C15 CDL CA . 73.33 1.10 -24.53
C16 CDL CA . 73.55 2.29 -25.44
C17 CDL CA . 74.99 2.67 -25.66
C18 CDL CA . 75.17 3.74 -26.72
C19 CDL CA . 76.08 4.87 -26.31
C20 CDL CA . 77.15 5.24 -27.31
C21 CDL CA . 78.50 5.50 -26.70
C22 CDL CA . 79.47 6.22 -27.59
C23 CDL CA . 80.54 6.97 -26.86
C24 CDL CA . 80.97 8.27 -27.51
C25 CDL CA . 82.41 8.62 -27.31
C26 CDL CA . 82.92 9.73 -28.20
C27 CDL CA . 84.30 10.22 -27.84
CA6 CDL CA . 69.59 -1.10 -29.05
OA8 CDL CA . 70.90 -0.80 -29.61
CA7 CDL CA . 71.16 0.48 -29.80
OA9 CDL CA . 70.32 1.33 -29.89
C31 CDL CA . 72.64 0.74 -29.89
C32 CDL CA . 72.95 2.15 -30.31
C33 CDL CA . 74.22 2.28 -31.12
C34 CDL CA . 74.79 3.68 -31.09
C35 CDL CA . 75.80 3.97 -32.18
C36 CDL CA . 75.68 5.37 -32.73
C37 CDL CA . 76.39 6.42 -31.93
C38 CDL CA . 77.88 6.50 -32.18
C39 CDL CA . 78.39 7.90 -32.39
C40 CDL CA . 79.66 8.23 -31.64
C41 CDL CA . 80.87 7.45 -32.09
C42 CDL CA . 82.18 7.93 -31.52
C43 CDL CA . 83.38 7.16 -32.03
C44 CDL CA . 84.70 7.88 -31.87
C45 CDL CA . 85.84 7.24 -32.62
C46 CDL CA . 86.72 8.21 -33.35
C47 CDL CA . 87.79 7.54 -34.21
CB2 CDL CA . 67.94 -7.12 -23.63
OB2 CDL CA . 68.84 -7.63 -22.62
PB2 CDL CA . 68.24 -8.81 -21.71
OB3 CDL CA . 66.75 -8.58 -21.66
OB4 CDL CA . 68.78 -10.09 -22.27
OB5 CDL CA . 68.82 -8.62 -20.23
CB3 CDL CA . 70.13 -8.05 -20.01
CB4 CDL CA . 70.07 -6.61 -19.56
OB6 CDL CA . 69.44 -5.74 -20.54
CB5 CDL CA . 69.08 -4.47 -20.20
OB7 CDL CA . 69.30 -4.00 -19.11
C51 CDL CA . 68.45 -3.74 -21.38
C52 CDL CA . 69.17 -2.47 -21.82
C53 CDL CA . 69.29 -1.40 -20.74
C54 CDL CA . 70.71 -1.09 -20.36
C55 CDL CA . 71.32 0.15 -20.94
C56 CDL CA . 72.80 0.24 -20.68
C57 CDL CA . 73.35 1.64 -20.52
C58 CDL CA . 72.69 2.72 -21.33
C59 CDL CA . 73.31 4.07 -21.10
C60 CDL CA . 73.26 4.51 -19.66
C61 CDL CA . 74.43 5.35 -19.23
C62 CDL CA . 74.81 5.17 -17.78
C63 CDL CA . 76.09 5.86 -17.39
C64 CDL CA . 76.72 5.32 -16.13
C65 CDL CA . 77.07 3.86 -16.21
C66 CDL CA . 78.54 3.52 -16.27
C67 CDL CA . 79.45 4.45 -15.48
CB6 CDL CA . 71.48 -6.15 -19.25
OB8 CDL CA . 72.38 -6.82 -20.16
CB7 CDL CA . 73.28 -6.10 -20.83
OB9 CDL CA . 74.02 -5.33 -20.30
C71 CDL CA . 73.25 -6.44 -22.28
C72 CDL CA . 74.12 -5.57 -23.13
C73 CDL CA . 74.87 -6.38 -24.17
C74 CDL CA . 76.03 -5.68 -24.82
C75 CDL CA . 76.92 -6.60 -25.64
C76 CDL CA . 78.37 -6.19 -25.64
C77 CDL CA . 79.06 -6.27 -26.97
C78 CDL CA . 80.09 -5.19 -27.18
C79 CDL CA . 80.35 -4.83 -28.62
C80 CDL CA . 81.66 -4.12 -28.83
C81 CDL CA . 82.87 -4.99 -28.66
C82 CDL CA . 84.18 -4.37 -29.10
C83 CDL CA . 85.36 -5.29 -28.96
C84 CDL CA . 86.08 -5.58 -30.26
C85 CDL CA . 87.54 -5.15 -30.25
C86 CDL CA . 87.94 -4.25 -31.39
C87 CDL CA . 88.74 -4.96 -32.45
C23 PLX DA . 68.17 -3.71 -15.98
C22 PLX DA . 68.58 -3.06 -14.69
C21 PLX DA . 68.09 -1.61 -14.65
C20 PLX DA . 69.02 -0.74 -15.50
C19 PLX DA . 68.91 0.70 -14.99
C18 PLX DA . 69.79 1.65 -15.83
C17 PLX DA . 69.01 2.20 -17.05
C16 PLX DA . 70.02 2.86 -18.01
C15 PLX DA . 69.30 3.72 -19.06
C14 PLX DA . 68.93 2.89 -20.29
C13 PLX DA . 68.10 3.73 -21.24
C12 PLX DA . 66.98 2.90 -21.84
C11 PLX DA . 65.77 3.79 -22.03
C10 PLX DA . 66.06 4.78 -23.14
C9 PLX DA . 65.57 6.17 -22.72
C8 PLX DA . 66.07 7.24 -23.73
C7 PLX DA . 64.90 8.17 -24.10
C6 PLX DA . 65.10 8.75 -25.53
O7 PLX DA . 63.88 9.09 -26.06
O6 PLX DA . 65.91 9.90 -25.46
C4 PLX DA . 66.23 10.44 -26.70
C3 PLX DA . 65.72 11.87 -26.79
O4 PLX DA . 64.35 11.85 -27.10
P1 PLX DA . 63.89 12.30 -28.63
O1 PLX DA . 63.18 11.00 -29.38
C2 PLX DA . 62.09 11.26 -30.23
C1 PLX DA . 60.85 10.47 -29.74
N1 PLX DA . 60.56 9.29 -30.55
C1C PLX DA . 60.44 9.61 -31.94
C1B PLX DA . 61.58 8.31 -30.35
C1A PLX DA . 59.30 8.74 -30.10
O2 PLX DA . 65.04 12.80 -29.38
C5 PLX DA . 67.75 10.48 -26.83
O8 PLX DA . 68.20 9.28 -27.40
C24 PLX DA . 68.93 8.47 -26.54
O9 PLX DA . 70.18 9.04 -26.31
C25 PLX DA . 69.12 7.07 -27.15
C26 PLX DA . 68.07 6.83 -28.22
C27 PLX DA . 67.51 5.40 -28.05
C28 PLX DA . 68.47 4.45 -28.77
C29 PLX DA . 68.86 3.35 -27.80
C30 PLX DA . 67.65 2.46 -27.56
C31 PLX DA . 67.78 1.80 -26.19
C32 PLX DA . 66.63 0.81 -26.04
C33 PLX DA . 67.05 -0.39 -25.20
C34 PLX DA . 65.80 -1.20 -24.93
C35 PLX DA . 65.13 -0.65 -23.66
C36 PLX DA . 63.67 -0.29 -23.92
C37 PLX DA . 63.51 1.22 -24.13
C38 PLX DA . 62.69 1.82 -22.99
C39 PLX DA . 61.90 3.02 -23.51
O3 PLX DA . 63.02 13.45 -28.63
C23 PLX EA . 57.74 22.01 -20.23
C22 PLX EA . 59.15 22.55 -20.17
C21 PLX EA . 59.84 22.00 -18.94
C20 PLX EA . 61.35 22.28 -19.00
C19 PLX EA . 61.63 23.76 -18.71
C18 PLX EA . 63.14 23.92 -18.39
C17 PLX EA . 63.49 25.43 -18.30
C16 PLX EA . 64.95 25.62 -18.76
C15 PLX EA . 65.83 25.96 -17.56
C14 PLX EA . 66.96 26.89 -18.00
C13 PLX EA . 66.52 28.34 -17.93
C12 PLX EA . 67.53 29.26 -17.25
C11 PLX EA . 68.45 28.56 -16.27
C10 PLX EA . 69.12 29.60 -15.38
C9 PLX EA . 70.45 30.01 -16.02
C8 PLX EA . 71.56 29.91 -14.95
C7 PLX EA . 71.90 31.33 -14.46
C6 PLX EA . 73.23 31.33 -13.63
O7 PLX EA . 73.39 30.10 -13.05
O6 PLX EA . 74.34 31.60 -14.45
C4 PLX EA . 74.88 32.89 -14.26
C3 PLX EA . 75.50 33.04 -12.85
O4 PLX EA . 76.32 31.95 -12.47
P1 PLX EA . 77.98 32.11 -12.42
O1 PLX EA . 78.42 32.68 -10.90
C2 PLX EA . 79.71 32.50 -10.35
C1 PLX EA . 79.96 31.05 -9.85
N1 PLX EA . 79.88 30.84 -8.40
C1C PLX EA . 78.53 30.43 -8.06
C1B PLX EA . 80.22 32.00 -7.61
C1A PLX EA . 80.80 29.79 -8.05
O2 PLX EA . 78.64 30.86 -12.79
C5 PLX EA . 75.90 33.19 -15.37
O3 PLX EA . 78.50 33.00 -13.44
CA CA FA . -21.48 39.96 73.42
CA CA GA . -23.21 36.54 69.47
C1 CDL HA . -12.82 28.20 39.71
O1 CDL HA . -12.57 27.34 40.82
CA2 CDL HA . -14.23 27.96 39.20
OA2 CDL HA . -15.18 28.24 40.26
PA1 CDL HA . -16.74 28.13 39.93
OA3 CDL HA . -17.03 28.83 38.64
OA4 CDL HA . -17.13 26.69 40.11
OA5 CDL HA . -17.42 28.97 41.12
CA3 CDL HA . -16.68 29.18 42.35
CA4 CDL HA . -16.73 30.64 42.75
OA6 CDL HA . -15.42 31.28 42.80
CA5 CDL HA . -14.41 30.77 43.55
OA7 CDL HA . -14.50 29.97 44.45
C11 CDL HA . -13.09 31.34 43.18
C12 CDL HA . -12.01 30.85 44.08
C13 CDL HA . -11.47 31.95 44.99
C14 CDL HA . -12.11 32.01 46.35
C15 CDL HA . -12.32 33.42 46.85
C16 CDL HA . -12.34 33.56 48.34
C17 CDL HA . -11.73 34.84 48.84
C18 CDL HA . -12.54 35.57 49.88
C19 CDL HA . -11.99 36.93 50.23
C20 CDL HA . -13.03 37.95 50.65
C21 CDL HA . -12.45 39.23 51.18
C22 CDL HA . -11.29 39.05 52.13
C23 CDL HA . -11.35 39.88 53.39
C24 CDL HA . -10.03 40.50 53.79
C25 CDL HA . -9.97 40.96 55.22
C26 CDL HA . -8.89 41.96 55.52
C27 CDL HA . -8.22 41.76 56.86
CA6 CDL HA . -17.52 30.91 44.00
OA8 CDL HA . -17.40 32.31 44.35
CA7 CDL HA . -17.10 32.56 45.62
OA9 CDL HA . -17.16 31.73 46.49
C31 CDL HA . -16.78 34.01 45.84
C32 CDL HA . -16.73 34.38 47.29
C33 CDL HA . -16.39 35.84 47.52
C34 CDL HA . -17.57 36.77 47.38
C35 CDL HA . -17.43 38.08 48.13
C36 CDL HA . -17.34 37.93 49.63
C37 CDL HA . -17.65 39.19 50.40
C38 CDL HA . -16.62 39.57 51.43
C39 CDL HA . -16.84 40.92 52.06
C40 CDL HA . -15.63 41.83 52.02
C41 CDL HA . -15.38 42.59 53.30
C42 CDL HA . -14.12 43.43 53.28
C43 CDL HA . -13.69 43.93 54.63
C44 CDL HA . -13.86 45.42 54.86
C45 CDL HA . -14.76 45.77 56.02
C46 CDL HA . -14.55 47.15 56.59
C47 CDL HA . -15.19 48.27 55.79
CB2 CDL HA . -11.77 27.98 38.65
OB2 CDL HA . -11.51 26.56 38.51
PB2 CDL HA . -10.05 26.09 38.04
OB3 CDL HA . -9.62 26.98 36.92
OB4 CDL HA . -10.03 24.59 37.88
OB5 CDL HA . -9.18 26.48 39.33
CB3 CDL HA . -9.11 25.56 40.46
CB4 CDL HA . -8.63 26.36 41.65
OB6 CDL HA . -9.78 27.03 42.23
CB5 CDL HA . -10.18 26.69 43.48
OB7 CDL HA . -11.33 26.75 43.79
C51 CDL HA . -9.11 26.28 44.46
C52 CDL HA . -9.16 27.05 45.74
C53 CDL HA . -7.80 27.57 46.15
C54 CDL HA . -7.79 29.00 46.68
C55 CDL HA . -6.44 29.52 47.10
C56 CDL HA . -5.46 28.46 47.58
C57 CDL HA . -4.49 28.94 48.64
C58 CDL HA . -3.53 27.87 49.11
C59 CDL HA . -2.20 28.40 49.58
C60 CDL HA . -1.16 27.33 49.84
C61 CDL HA . -1.14 26.80 51.25
C62 CDL HA . 0.20 26.26 51.69
C63 CDL HA . 0.17 25.49 52.98
C64 CDL HA . 1.29 25.82 53.94
C65 CDL HA . 1.63 24.71 54.90
C66 CDL HA . 2.14 25.17 56.25
C67 CDL HA . 2.27 24.05 57.26
CB6 CDL HA . -7.56 27.35 41.27
OB8 CDL HA . -7.78 28.62 41.93
CB7 CDL HA . -7.87 29.66 41.12
OB9 CDL HA . -7.41 29.67 40.00
C71 CDL HA . -8.54 30.84 41.76
C72 CDL HA . -8.09 32.15 41.18
C73 CDL HA . -8.62 33.35 41.95
C74 CDL HA . -8.43 33.28 43.44
C75 CDL HA . -8.16 34.61 44.10
C76 CDL HA . -9.11 34.96 45.22
C77 CDL HA . -9.53 36.41 45.23
C78 CDL HA . -9.32 37.10 46.56
C79 CDL HA . -8.47 38.35 46.46
C80 CDL HA . -8.70 39.34 47.57
C81 CDL HA . -8.94 40.76 47.10
C82 CDL HA . -9.81 41.59 48.00
C83 CDL HA . -9.72 43.09 47.82
C84 CDL HA . -8.50 43.57 47.07
C85 CDL HA . -8.27 45.06 47.15
C86 CDL HA . -7.86 45.77 45.87
C87 CDL HA . -7.43 44.90 44.72
C23 PLX IA . -4.66 23.59 42.38
C22 PLX IA . -5.23 22.72 43.47
C21 PLX IA . -5.30 23.53 44.77
C20 PLX IA . -5.11 22.56 45.95
C19 PLX IA . -4.90 23.35 47.26
C18 PLX IA . -6.12 24.26 47.52
C17 PLX IA . -6.15 24.71 49.00
C16 PLX IA . -7.42 25.57 49.18
C15 PLX IA . -7.65 25.99 50.63
C14 PLX IA . -9.12 26.41 50.76
C13 PLX IA . -10.00 25.19 50.60
C12 PLX IA . -11.33 25.58 49.95
C11 PLX IA . -12.32 25.88 51.05
C10 PLX IA . -13.57 25.03 50.87
C9 PLX IA . -14.21 24.71 52.23
C8 PLX IA . -14.42 26.00 53.06
C7 PLX IA . -14.91 25.65 54.47
C6 PLX IA . -16.42 26.01 54.56
O7 PLX IA . -17.16 25.09 53.85
O6 PLX IA . -16.85 25.99 55.90
C4 PLX IA . -17.92 26.86 56.13
C3 PLX IA . -18.80 26.32 57.25
O4 PLX IA . -19.57 27.39 57.78
P1 PLX IA . -21.12 27.05 58.24
O1 PLX IA . -21.73 25.87 57.25
C2 PLX IA . -22.98 26.11 56.66
C1 PLX IA . -23.56 24.76 56.17
N1 PLX IA . -23.77 24.76 54.72
C1C PLX IA . -24.66 25.82 54.33
C1B PLX IA . -22.51 24.90 54.06
C1A PLX IA . -24.35 23.50 54.35
O2 PLX IA . -21.95 28.24 58.22
C5 PLX IA . -17.40 28.23 56.52
O8 PLX IA . -17.68 29.13 55.47
C24 PLX IA . -16.56 29.88 55.08
O9 PLX IA . -16.18 30.70 56.13
C25 PLX IA . -16.91 30.71 53.84
C26 PLX IA . -16.66 29.87 52.59
C27 PLX IA . -17.89 29.95 51.66
C28 PLX IA . -17.66 28.99 50.48
C29 PLX IA . -17.41 29.78 49.20
C30 PLX IA . -17.01 28.80 48.09
C31 PLX IA . -15.48 28.68 48.05
C32 PLX IA . -15.10 27.28 47.61
C33 PLX IA . -15.15 27.16 46.08
C34 PLX IA . -14.65 25.80 45.65
C35 PLX IA . -15.62 24.71 46.17
C36 PLX IA . -14.85 23.65 46.94
C37 PLX IA . -15.81 22.89 47.85
C38 PLX IA . -15.05 22.08 48.90
C39 PLX IA . -16.04 21.54 49.94
O3 PLX IA . -21.19 26.67 59.64
C23 PLX JA . -18.19 19.78 69.40
C22 PLX JA . -16.74 20.19 69.42
C21 PLX JA . -16.44 20.91 70.71
C20 PLX JA . -15.30 21.93 70.51
C19 PLX JA . -14.90 22.48 71.88
C18 PLX JA . -13.88 23.63 71.75
C17 PLX JA . -13.84 24.40 73.10
C16 PLX JA . -12.79 25.52 73.04
C15 PLX JA . -12.95 26.43 74.28
C14 PLX JA . -12.37 25.74 75.50
C13 PLX JA . -11.87 26.80 76.47
C12 PLX JA . -10.58 26.34 77.11
C11 PLX JA . -9.42 27.10 76.51
C10 PLX JA . -9.12 28.32 77.36
C9 PLX JA . -7.62 28.31 77.70
C8 PLX JA . -7.14 29.77 77.88
C7 PLX JA . -7.83 30.38 79.13
C6 PLX JA . -6.83 31.26 79.92
O7 PLX JA . -5.58 31.21 79.37
O6 PLX JA . -7.30 32.59 79.93
C4 PLX JA . -7.50 33.13 81.22
C3 PLX JA . -6.68 34.41 81.36
O4 PLX JA . -5.32 34.08 81.54
P1 PLX JA . -4.14 35.09 80.90
O1 PLX JA . -2.65 34.37 81.02
C2 PLX JA . -2.24 33.49 80.00
C1 PLX JA . -0.72 33.65 79.75
N1 PLX JA . 0.06 32.50 80.21
C1C PLX JA . 1.45 32.71 79.89
C1B PLX JA . -0.07 32.34 81.63
C1A PLX JA . -0.38 31.29 79.54
O2 PLX JA . -4.44 35.43 79.53
C5 PLX JA . -8.99 33.43 81.41
O3 PLX JA . -4.16 36.40 81.53
CA CA KA . -19.89 43.89 77.79
C1 CDL LA . -18.65 4.03 62.98
O1 CDL LA . -17.63 3.24 62.39
CA2 CDL LA . -18.56 5.53 62.89
OA2 CDL LA . -18.30 5.64 61.45
PA1 CDL LA . -18.34 7.06 60.70
OA3 CDL LA . -19.77 7.44 60.51
OA4 CDL LA . -17.50 6.84 59.48
OA5 CDL LA . -17.48 8.09 61.57
CA3 CDL LA . -17.68 9.51 61.38
CA4 CDL LA . -17.03 10.34 62.46
OA6 CDL LA . -17.30 9.81 63.79
CA5 CDL LA . -16.41 8.96 64.33
OA7 CDL LA . -15.65 8.31 63.67
C11 CDL LA . -16.37 8.88 65.82
C12 CDL LA . -17.59 9.42 66.51
C13 CDL LA . -17.32 10.81 67.05
C14 CDL LA . -18.04 11.13 68.33
C15 CDL LA . -17.32 12.17 69.17
C16 CDL LA . -15.82 12.03 69.12
C17 CDL LA . -15.08 12.47 70.35
C18 CDL LA . -13.67 12.94 70.05
C19 CDL LA . -12.69 12.81 71.19
C20 CDL LA . -12.04 11.45 71.28
C21 CDL LA . -10.62 11.48 71.76
C22 CDL LA . -9.61 11.09 70.71
C23 CDL LA . -8.18 11.43 71.07
C24 CDL LA . -7.64 12.65 70.36
C25 CDL LA . -6.83 13.57 71.24
C26 CDL LA . -7.12 15.03 71.04
C27 CDL LA . -8.39 15.49 71.70
CA6 CDL LA . -17.45 11.79 62.40
OA8 CDL LA . -16.34 12.65 62.73
CA7 CDL LA . -16.47 13.35 63.85
OA9 CDL LA . -17.50 13.43 64.46
C31 CDL LA . -15.21 14.09 64.20
C32 CDL LA . -15.48 15.43 64.80
C33 CDL LA . -14.30 15.93 65.60
C34 CDL LA . -13.16 16.45 64.77
C35 CDL LA . -13.13 17.95 64.62
C36 CDL LA . -13.23 18.68 65.95
C37 CDL LA . -12.37 19.90 66.06
C38 CDL LA . -12.42 20.58 67.40
C39 CDL LA . -11.28 21.55 67.63
C40 CDL LA . -10.38 21.18 68.78
C41 CDL LA . -9.60 22.32 69.36
C42 CDL LA . -9.05 22.08 70.75
C43 CDL LA . -9.48 23.10 71.77
C44 CDL LA . -8.36 24.00 72.24
C45 CDL LA . -8.59 25.47 72.01
C46 CDL LA . -7.83 26.39 72.93
C47 CDL LA . -6.72 27.14 72.24
CB2 CDL LA . -19.90 3.38 63.53
OB2 CDL LA . -19.82 1.95 63.86
PB2 CDL LA . -18.62 1.31 64.72
OB3 CDL LA . -17.39 1.15 63.88
OB4 CDL LA . -19.27 0.05 65.23
OB5 CDL LA . -18.52 2.22 66.03
CB3 CDL LA . -19.30 1.80 67.19
CB4 CDL LA . -19.05 2.62 68.43
OB6 CDL LA . -19.92 2.10 69.48
CB5 CDL LA . -19.54 0.94 70.05
OB7 CDL LA . -18.40 0.56 70.05
C51 CDL LA . -20.64 0.20 70.76
C52 CDL LA . -20.21 -1.15 71.27
C53 CDL LA . -21.26 -1.83 72.14
C54 CDL LA . -21.41 -1.24 73.53
C55 CDL LA . -22.82 -0.99 73.98
C56 CDL LA . -23.49 -2.07 74.79
C57 CDL LA . -24.88 -1.68 75.25
C58 CDL LA . -25.90 -2.80 75.30
C59 CDL LA . -27.05 -2.57 74.36
C60 CDL LA . -27.92 -3.78 74.10
C61 CDL LA . -27.41 -4.67 72.99
C62 CDL LA . -28.38 -5.71 72.46
C63 CDL LA . -28.28 -7.13 73.01
C64 CDL LA . -29.18 -7.54 74.16
C65 CDL LA . -28.96 -6.88 75.50
C66 CDL LA . -30.18 -6.89 76.38
C67 CDL LA . -29.87 -6.72 77.85
CB6 CDL LA . -19.24 4.10 68.17
OB8 CDL LA . -20.65 4.43 68.19
CB7 CDL LA . -20.94 5.73 68.08
OB9 CDL LA . -21.16 6.25 67.01
C71 CDL LA . -20.97 6.45 69.40
C72 CDL LA . -19.85 7.44 69.53
C73 CDL LA . -19.38 7.61 70.97
C74 CDL LA . -18.71 8.94 71.21
C75 CDL LA . -18.75 9.46 72.63
C76 CDL LA . -18.30 10.90 72.74
C77 CDL LA . -18.91 11.70 73.86
C78 CDL LA . -18.10 12.94 74.20
C79 CDL LA . -18.70 14.23 73.69
C80 CDL LA . -17.67 15.24 73.24
C81 CDL LA . -17.35 16.31 74.26
C82 CDL LA . -17.86 17.68 73.89
C83 CDL LA . -17.03 18.82 74.44
C84 CDL LA . -17.83 19.90 75.13
C85 CDL LA . -17.62 19.99 76.62
C86 CDL LA . -18.02 21.30 77.24
C87 CDL LA . -16.89 22.30 77.33
C23 PLX MA . -24.28 0.83 71.21
C22 PLX MA . -24.87 2.16 70.85
C21 PLX MA . -23.98 3.31 71.30
C20 PLX MA . -24.48 3.90 72.63
C19 PLX MA . -23.95 5.33 72.64
C18 PLX MA . -24.15 6.07 73.97
C17 PLX MA . -24.22 7.58 73.59
C16 PLX MA . -22.98 8.02 72.76
C15 PLX MA . -23.03 9.54 72.59
C14 PLX MA . -23.02 9.79 71.08
C13 PLX MA . -23.61 11.14 70.75
C12 PLX MA . -24.39 10.99 69.46
C11 PLX MA . -24.04 12.13 68.53
C10 PLX MA . -25.31 12.92 68.30
C9 PLX MA . -25.09 14.37 68.74
C8 PLX MA . -26.25 15.25 68.22
C7 PLX MA . -25.88 16.73 68.44
C6 PLX MA . -25.99 17.52 67.11
O7 PLX MA . -26.85 16.86 66.26
O6 PLX MA . -26.52 18.78 67.37
C4 PLX MA . -25.73 19.83 66.89
C3 PLX MA . -26.61 21.05 66.63
O4 PLX MA . -26.19 21.67 65.45
P1 PLX MA . -27.24 22.74 64.76
O1 PLX MA . -27.93 22.07 63.41
C2 PLX MA . -27.10 21.33 62.56
C1 PLX MA . -27.80 20.02 62.15
N1 PLX MA . -28.22 20.05 60.75
C1C PLX MA . -27.10 20.27 59.87
C1B PLX MA . -28.83 18.79 60.42
C1A PLX MA . -29.21 21.08 60.53
O2 PLX MA . -26.60 24.01 64.48
C5 PLX MA . -24.69 20.21 67.93
O8 PLX MA . -23.43 20.26 67.29
C24 PLX MA . -22.61 19.17 67.59
O9 PLX MA . -21.80 19.49 68.67
C25 PLX MA . -21.75 18.82 66.38
C26 PLX MA . -21.48 17.32 66.36
C27 PLX MA . -21.84 16.76 64.95
C28 PLX MA . -20.71 15.85 64.49
C29 PLX MA . -21.26 14.45 64.23
C30 PLX MA . -20.65 13.49 65.24
C31 PLX MA . -21.61 12.33 65.51
C32 PLX MA . -21.52 11.33 64.35
C33 PLX MA . -22.01 9.98 64.84
C34 PLX MA . -22.89 9.35 63.79
C35 PLX MA . -24.24 8.97 64.40
C36 PLX MA . -25.02 10.23 64.78
C37 PLX MA . -26.53 9.99 64.65
C38 PLX MA . -27.28 11.17 65.28
C39 PLX MA . -28.19 11.81 64.22
O3 PLX MA . -28.25 23.14 65.72
C23 PLX NA . -38.18 27.16 72.23
C22 PLX NA . -37.91 26.47 73.54
C21 PLX NA . -36.56 26.92 74.09
C20 PLX NA . -36.68 27.15 75.61
C19 PLX NA . -35.30 27.51 76.18
C18 PLX NA . -35.48 28.27 77.50
C17 PLX NA . -34.15 28.98 77.88
C16 PLX NA . -34.40 29.93 79.07
C15 PLX NA . -33.11 30.07 79.88
C14 PLX NA . -33.45 30.37 81.34
C13 PLX NA . -33.30 31.86 81.60
C12 PLX NA . -33.86 32.23 82.98
C11 PLX NA . -33.17 31.40 84.04
C10 PLX NA . -32.09 32.23 84.71
C9 PLX NA . -31.94 31.72 86.15
C8 PLX NA . -30.68 32.34 86.80
C7 PLX NA . -31.12 33.51 87.70
C6 PLX NA . -30.44 33.35 89.09
O7 PLX NA . -30.45 32.02 89.45
O6 PLX NA . -29.11 33.80 89.03
C4 PLX NA . -28.89 35.02 89.69
C3 PLX NA . -28.85 34.81 91.20
O4 PLX NA . -28.18 33.60 91.50
P1 PLX NA . -27.72 33.31 93.08
O1 PLX NA . -28.68 32.12 93.76
C2 PLX NA . -30.05 32.10 93.47
C1 PLX NA . -30.65 30.72 93.82
N1 PLX NA . -32.05 30.59 93.44
C1C PLX NA . -32.85 31.53 94.18
C1B PLX NA . -32.50 29.26 93.74
C1A PLX NA . -32.24 30.82 92.02
O2 PLX NA . -26.31 32.96 93.16
C5 PLX NA . -27.56 35.61 89.23
O3 PLX NA . -27.75 34.53 93.87
C1 CDL OA . -48.28 16.27 68.20
O1 CDL OA . -48.41 16.35 66.79
CA2 CDL OA . -47.73 14.93 68.63
OA2 CDL OA . -46.97 14.13 67.67
PA1 CDL OA . -45.72 14.71 66.83
OA3 CDL OA . -45.23 13.48 66.13
OA4 CDL OA . -46.03 15.94 66.00
OA5 CDL OA . -44.70 15.15 67.99
CA3 CDL OA . -44.06 16.46 67.94
CA4 CDL OA . -43.89 16.93 69.36
OA6 CDL OA . -44.50 18.23 69.60
CA5 CDL OA . -45.45 18.27 70.55
OA7 CDL OA . -46.23 17.36 70.66
C11 CDL OA . -45.43 19.42 71.50
C12 CDL OA . -46.06 20.67 70.95
C13 CDL OA . -45.33 21.94 71.36
C14 CDL OA . -44.48 21.82 72.61
C15 CDL OA . -43.46 22.92 72.82
C16 CDL OA . -42.87 22.91 74.21
C17 CDL OA . -41.36 22.97 74.25
C18 CDL OA . -40.82 24.11 75.09
C19 CDL OA . -40.70 23.80 76.56
C20 CDL OA . -39.62 24.56 77.27
C21 CDL OA . -40.10 25.28 78.51
C22 CDL OA . -39.35 26.56 78.81
C23 CDL OA . -39.75 27.22 80.11
C24 CDL OA . -39.05 28.52 80.40
C25 CDL OA . -39.71 29.36 81.47
C26 CDL OA . -38.96 30.61 81.86
C27 CDL OA . -39.50 31.31 83.08
CA6 CDL OA . -42.43 16.99 69.78
OA8 CDL OA . -41.81 18.17 69.23
CA7 CDL OA . -41.31 19.08 70.07
OA9 CDL OA . -41.36 20.25 69.86
C31 CDL OA . -40.62 18.51 71.28
C32 CDL OA . -40.26 19.58 72.25
C33 CDL OA . -39.43 19.11 73.43
C34 CDL OA . -38.06 19.73 73.47
C35 CDL OA . -37.59 20.18 74.83
C36 CDL OA . -36.60 21.31 74.77
C37 CDL OA . -35.74 21.48 76.00
C38 CDL OA . -35.66 22.91 76.47
C39 CDL OA . -34.55 23.19 77.45
C40 CDL OA . -35.01 23.27 78.90
C41 CDL OA . -35.03 24.67 79.46
C42 CDL OA . -34.83 24.74 80.95
C43 CDL OA . -34.02 25.93 81.41
C44 CDL OA . -33.61 25.88 82.86
C45 CDL OA . -32.31 26.60 83.17
C46 CDL OA . -31.89 26.52 84.62
C47 CDL OA . -30.41 26.30 84.81
CB2 CDL OA . -49.61 16.62 68.83
OB2 CDL OA . -50.70 16.06 68.04
PB2 CDL OA . -52.01 15.43 68.76
OB3 CDL OA . -51.58 14.35 69.70
OB4 CDL OA . -52.99 15.11 67.66
OB5 CDL OA . -52.65 16.65 69.58
CB3 CDL OA . -52.87 17.91 68.92
CB4 CDL OA . -53.41 18.94 69.89
OB6 CDL OA . -54.03 20.11 69.27
CB5 CDL OA . -53.27 21.14 68.77
OB7 CDL OA . -53.73 22.24 68.93
C51 CDL OA . -52.08 21.07 67.81
C52 CDL OA . -50.91 21.81 68.37
C53 CDL OA . -50.53 23.07 67.62
C54 CDL OA . -49.04 23.33 67.54
C55 CDL OA . -48.29 23.47 68.86
C56 CDL OA . -48.99 24.32 69.92
C57 CDL OA . -48.17 24.63 71.14
C58 CDL OA . -48.97 24.53 72.43
C59 CDL OA . -48.28 25.04 73.67
C60 CDL OA . -47.14 26.01 73.42
C61 CDL OA . -47.18 27.25 74.29
C62 CDL OA . -46.44 28.42 73.72
C63 CDL OA . -45.03 28.12 73.28
C64 CDL OA . -43.97 28.62 74.24
C65 CDL OA . -42.56 28.25 73.86
C66 CDL OA . -41.65 28.06 75.05
C67 CDL OA . -40.57 29.12 75.14
CB6 CDL OA . -52.36 19.42 70.88
OB8 CDL OA . -52.50 18.79 72.16
CB7 CDL OA . -51.47 19.04 72.97
OB9 CDL OA . -51.03 20.14 73.16
C71 CDL OA . -50.88 17.80 73.58
C72 CDL OA . -50.09 18.09 74.81
C73 CDL OA . -50.02 16.93 75.78
C74 CDL OA . -49.19 17.26 77.00
C75 CDL OA . -48.59 16.07 77.71
C76 CDL OA . -48.02 16.41 79.06
C77 CDL OA . -46.59 15.97 79.28
C78 CDL OA . -45.79 16.94 80.10
C79 CDL OA . -44.97 16.30 81.19
C80 CDL OA . -43.95 17.23 81.82
C81 CDL OA . -42.65 16.56 82.21
C82 CDL OA . -42.67 15.88 83.56
C83 CDL OA . -41.59 14.85 83.73
C84 CDL OA . -40.47 15.26 84.65
C85 CDL OA . -39.79 14.12 85.37
C86 CDL OA . -38.52 14.50 86.08
C87 CDL OA . -38.51 14.14 87.54
C23 PLX PA . -57.60 23.92 67.98
C22 PLX PA . -56.79 24.54 66.86
C21 PLX PA . -55.32 24.51 67.25
C20 PLX PA . -54.79 25.92 67.52
C19 PLX PA . -53.39 25.84 68.16
C18 PLX PA . -52.71 27.21 68.13
C17 PLX PA . -51.25 27.07 68.61
C16 PLX PA . -50.47 28.38 68.36
C15 PLX PA . -48.98 28.16 68.64
C14 PLX PA . -48.41 27.12 67.66
C13 PLX PA . -46.91 27.06 67.79
C12 PLX PA . -46.31 26.33 66.60
C11 PLX PA . -44.85 26.73 66.45
C10 PLX PA . -44.49 26.79 64.99
C9 PLX PA . -42.96 26.84 64.85
C8 PLX PA . -42.50 28.28 65.17
C7 PLX PA . -41.53 28.75 64.06
C6 PLX PA . -40.17 28.02 64.21
O7 PLX PA . -39.64 27.79 62.95
O6 PLX PA . -39.28 28.82 64.94
C4 PLX PA . -38.00 28.26 65.05
C3 PLX PA . -36.98 29.18 64.36
O4 PLX PA . -35.90 28.39 63.94
P1 PLX PA . -34.71 29.12 63.04
O1 PLX PA . -34.71 28.49 61.50
C2 PLX PA . -34.55 27.09 61.39
C1 PLX PA . -34.99 26.64 59.98
N1 PLX PA . -35.16 25.19 59.92
C1C PLX PA . -33.92 24.52 60.17
C1B PLX PA . -36.15 24.76 60.86
C1A PLX PA . -35.61 24.83 58.60
O2 PLX PA . -33.41 28.98 63.67
C5 PLX PA . -37.63 28.12 66.52
O8 PLX PA . -38.64 27.35 67.16
C24 PLX PA . -38.18 26.15 67.72
O9 PLX PA . -37.44 25.46 66.78
C25 PLX PA . -39.38 25.30 68.15
C26 PLX PA . -39.80 24.36 67.02
C27 PLX PA . -39.70 22.90 67.50
C28 PLX PA . -40.97 22.15 67.12
C29 PLX PA . -42.18 22.77 67.84
C30 PLX PA . -43.34 21.79 67.81
C31 PLX PA . -43.99 21.78 66.42
C32 PLX PA . -45.30 21.01 66.49
C33 PLX PA . -46.21 21.56 65.40
C34 PLX PA . -45.59 21.23 64.04
C35 PLX PA . -46.34 22.01 62.97
C36 PLX PA . -45.80 23.44 62.95
C37 PLX PA . -46.17 24.11 61.62
C38 PLX PA . -44.89 24.32 60.81
C39 PLX PA . -44.08 25.43 61.48
O3 PLX PA . -34.88 30.55 63.03
C23 PLX QA . -34.92 45.65 55.48
C22 PLX QA . -34.21 45.11 56.71
C21 PLX QA . -34.57 43.64 56.89
C20 PLX QA . -34.07 43.15 58.26
C19 PLX QA . -35.14 42.29 58.93
C18 PLX QA . -36.06 43.20 59.77
C17 PLX QA . -35.39 43.48 61.14
C16 PLX QA . -35.99 44.77 61.75
C15 PLX QA . -35.54 44.89 63.22
C14 PLX QA . -34.36 45.85 63.31
C13 PLX QA . -34.07 46.17 64.77
C12 PLX QA . -33.69 47.64 64.88
C11 PLX QA . -34.18 48.17 66.21
C10 PLX QA . -33.74 49.63 66.36
C9 PLX QA . -34.91 50.46 66.91
C8 PLX QA . -34.90 50.42 68.46
C7 PLX QA . -35.31 51.81 69.00
C6 PLX QA . -35.05 51.89 70.53
O7 PLX QA . -34.13 50.93 70.89
O6 PLX QA . -34.51 53.17 70.83
C4 PLX QA . -35.13 53.84 71.90
C3 PLX QA . -34.61 53.26 73.22
O4 PLX QA . -35.51 53.53 74.28
P1 PLX QA . -35.19 54.75 75.36
O1 PLX QA . -35.93 54.44 76.82
C2 PLX QA . -35.96 55.44 77.80
C1 PLX QA . -36.61 54.83 79.07
N1 PLX QA . -37.93 55.42 79.36
C1C PLX QA . -38.49 54.74 80.50
C1B PLX QA . -37.80 56.82 79.65
C1A PLX QA . -38.85 55.26 78.25
O2 PLX QA . -33.76 54.96 75.54
C5 PLX QA . -34.77 55.32 71.77
O3 PLX QA . -35.62 56.05 74.86
C1 CDL RA . -44.31 38.64 43.73
O1 CDL RA . -45.73 38.77 43.70
CA2 CDL RA . -43.62 38.18 44.99
OA2 CDL RA . -44.51 37.05 45.21
PA1 CDL RA . -44.08 35.79 46.10
OA3 CDL RA . -42.72 35.35 45.63
OA4 CDL RA . -45.24 34.85 45.92
OA5 CDL RA . -44.15 36.10 47.67
CA3 CDL RA . -42.94 36.16 48.46
CA4 CDL RA . -42.82 37.46 49.22
OA6 CDL RA . -42.43 38.63 48.44
CA5 CDL RA . -42.85 39.83 48.84
OA7 CDL RA . -43.10 40.12 49.98
C11 CDL RA . -42.89 40.86 47.73
C12 CDL RA . -41.97 42.05 47.91
C13 CDL RA . -40.72 41.76 48.76
C14 CDL RA . -40.76 42.26 50.19
C15 CDL RA . -39.56 43.01 50.65
C16 CDL RA . -39.13 42.67 52.06
C17 CDL RA . -39.50 43.68 53.11
C18 CDL RA . -39.22 43.22 54.52
C19 CDL RA . -38.49 44.22 55.37
C20 CDL RA . -39.10 44.47 56.73
C21 CDL RA . -39.13 45.92 57.12
C22 CDL RA . -39.37 46.16 58.60
C23 CDL RA . -38.85 47.49 59.09
C24 CDL RA . -38.31 47.46 60.50
C25 CDL RA . -38.50 48.75 61.26
C26 CDL RA . -38.24 48.64 62.75
C27 CDL RA . -38.24 49.97 63.46
CA6 CDL RA . -41.94 37.22 50.44
OA8 CDL RA . -42.47 37.91 51.58
CA7 CDL RA . -41.65 38.06 52.62
OA9 CDL RA . -40.70 37.35 52.80
C31 CDL RA . -42.08 39.17 53.53
C32 CDL RA . -41.28 39.21 54.79
C33 CDL RA . -42.06 39.72 55.98
C34 CDL RA . -41.17 40.25 57.09
C35 CDL RA . -41.85 40.39 58.43
C36 CDL RA . -40.95 40.01 59.59
C37 CDL RA . -40.02 41.09 60.06
C38 CDL RA . -40.67 42.11 60.96
C39 CDL RA . -39.86 42.44 62.19
C40 CDL RA . -39.75 43.91 62.51
C41 CDL RA . -41.06 44.57 62.89
C42 CDL RA . -40.93 45.97 63.41
C43 CDL RA . -42.24 46.58 63.84
C44 CDL RA . -42.12 47.75 64.79
C45 CDL RA . -43.44 48.16 65.41
C46 CDL RA . -43.37 48.44 66.89
C47 CDL RA . -44.70 48.74 67.53
CB2 CDL RA . -43.50 39.03 42.52
OB2 CDL RA . -43.78 40.34 41.98
PB2 CDL RA . -44.05 40.38 40.41
OB3 CDL RA . -43.27 39.24 39.81
OB4 CDL RA . -45.54 40.42 40.24
OB5 CDL RA . -43.44 41.75 39.85
CB3 CDL RA . -43.40 42.94 40.67
CB4 CDL RA . -42.03 43.22 41.24
OB6 CDL RA . -41.55 42.14 42.10
CB5 CDL RA . -40.25 42.11 42.49
OB7 CDL RA . -39.45 42.96 42.18
C51 CDL RA . -39.97 40.93 43.39
C52 CDL RA . -39.47 41.27 44.80
C53 CDL RA . -38.16 42.05 44.81
C54 CDL RA . -38.29 43.42 45.43
C55 CDL RA . -37.84 43.58 46.84
C56 CDL RA . -38.22 44.93 47.42
C57 CDL RA . -37.26 45.51 48.42
C58 CDL RA . -36.52 44.52 49.30
C59 CDL RA . -35.59 45.20 50.27
C60 CDL RA . -34.55 46.05 49.59
C61 CDL RA . -34.15 47.27 50.38
C62 CDL RA . -33.76 48.45 49.53
C63 CDL RA . -33.54 49.72 50.29
C64 CDL RA . -33.63 50.97 49.45
C65 CDL RA . -34.96 51.15 48.77
C66 CDL RA . -35.83 52.26 49.29
C67 CDL RA . -35.09 53.49 49.78
CB6 CDL RA . -42.08 44.54 41.97
OB8 CDL RA . -43.40 44.67 42.57
CB7 CDL RA . -43.49 44.99 43.85
OB9 CDL RA . -42.93 45.93 44.34
C71 CDL RA . -44.45 44.07 44.56
C72 CDL RA . -44.48 44.26 46.04
C73 CDL RA . -45.91 44.21 46.55
C74 CDL RA . -46.12 44.74 47.95
C75 CDL RA . -47.57 44.92 48.32
C76 CDL RA . -47.83 46.08 49.24
C77 CDL RA . -48.78 45.81 50.38
C78 CDL RA . -48.43 46.53 51.65
C79 CDL RA . -48.93 45.86 52.91
C80 CDL RA . -48.98 46.79 54.10
C81 CDL RA . -50.08 47.83 54.02
C82 CDL RA . -50.30 48.62 55.28
C83 CDL RA . -51.44 49.60 55.18
C84 CDL RA . -52.55 49.38 56.17
C85 CDL RA . -52.79 50.53 57.11
C86 CDL RA . -52.77 50.19 58.57
C87 CDL RA . -54.15 50.15 59.20
C23 PLX SA . -37.32 44.00 39.84
C22 PLX SA . -36.35 45.14 39.60
C21 PLX SA . -35.01 44.83 40.24
C20 PLX SA . -35.08 45.07 41.75
C19 PLX SA . -33.65 45.34 42.25
C18 PLX SA . -33.65 45.55 43.78
C17 PLX SA . -33.48 44.21 44.53
C16 PLX SA . -33.81 44.44 46.02
C15 PLX SA . -33.33 43.26 46.88
C14 PLX SA . -34.42 42.20 46.98
C13 PLX SA . -33.87 40.98 47.71
C12 PLX SA . -34.37 39.70 47.06
C11 PLX SA . -33.28 38.65 47.16
C10 PLX SA . -33.12 38.23 48.61
C9 PLX SA . -31.63 38.15 48.97
C8 PLX SA . -31.46 37.96 50.49
C7 PLX SA . -30.44 36.84 50.75
C6 PLX SA . -30.73 36.15 52.12
O7 PLX SA . -30.22 34.87 52.09
O6 PLX SA . -30.09 36.86 53.14
C4 PLX SA . -30.38 36.38 54.42
C3 PLX SA . -29.09 35.97 55.11
O4 PLX SA . -28.71 34.69 54.66
P1 PLX SA . -28.89 33.41 55.70
O1 PLX SA . -29.99 32.35 55.04
C2 PLX SA . -29.75 30.98 55.24
C1 PLX SA . -29.66 30.27 53.86
N1 PLX SA . -30.85 29.51 53.52
C1C PLX SA . -31.20 28.57 54.56
C1B PLX SA . -31.94 30.40 53.28
C1A PLX SA . -30.58 28.77 52.30
O2 PLX SA . -29.30 33.88 57.01
C5 PLX SA . -31.01 37.51 55.24
O8 PLX SA . -32.41 37.47 55.08
C24 PLX SA . -32.93 38.56 54.37
O9 PLX SA . -32.87 39.69 55.16
C25 PLX SA . -34.40 38.28 54.00
C26 PLX SA . -34.67 36.78 54.05
C27 PLX SA . -35.50 36.40 52.81
C28 PLX SA . -36.97 36.69 53.13
C29 PLX SA . -37.54 37.55 52.02
C30 PLX SA . -37.65 36.71 50.75
C31 PLX SA . -37.59 37.63 49.54
C32 PLX SA . -37.85 36.79 48.30
C33 PLX SA . -38.57 37.60 47.23
C34 PLX SA . -38.59 36.74 45.98
C35 PLX SA . -37.29 37.01 45.19
C36 PLX SA . -36.55 35.70 44.89
C37 PLX SA . -35.40 35.50 45.87
C38 PLX SA . -34.06 35.57 45.13
C39 PLX SA . -33.05 34.66 45.82
O3 PLX SA . -27.64 32.76 55.99
C23 PLX TA . -14.86 34.00 53.39
C22 PLX TA . -14.96 35.17 54.35
C21 PLX TA . -15.09 36.45 53.55
C20 PLX TA . -15.49 37.61 54.47
C19 PLX TA . -14.30 38.06 55.32
C18 PLX TA . -14.61 39.46 55.91
C17 PLX TA . -13.52 39.84 56.94
C16 PLX TA . -14.16 40.71 58.04
C15 PLX TA . -13.67 42.16 57.90
C14 PLX TA . -13.59 42.81 59.27
C13 PLX TA . -12.24 42.55 59.91
C12 PLX TA . -11.59 43.80 60.51
C11 PLX TA . -12.05 45.10 59.88
C10 PLX TA . -11.08 46.21 60.27
C9 PLX TA . -11.57 46.88 61.55
C8 PLX TA . -11.59 48.42 61.32
C7 PLX TA . -10.37 49.03 62.04
C6 PLX TA . -10.51 50.58 62.13
O7 PLX TA . -11.28 51.03 61.07
O6 PLX TA . -11.12 50.98 63.34
C4 PLX TA . -10.23 51.56 64.26
C3 PLX TA . -9.69 52.91 63.75
O4 PLX TA . -10.69 53.76 63.22
P1 PLX TA . -11.20 55.11 64.05
O1 PLX TA . -10.21 56.40 63.65
C2 PLX TA . -10.61 57.75 63.79
C1 PLX TA . -11.62 58.21 62.70
N1 PLX TA . -11.07 59.02 61.61
C1C PLX TA . -10.71 58.15 60.51
C1B PLX TA . -9.93 59.82 61.97
C1A PLX TA . -12.10 59.93 61.16
O2 PLX TA . -12.61 55.36 63.83
C5 PLX TA . -10.90 51.70 65.62
O3 PLX TA . -11.18 54.92 65.50
#